data_6C04
#
_entry.id   6C04
#
_cell.length_a   1
_cell.length_b   1
_cell.length_c   1
_cell.angle_alpha   90.00
_cell.angle_beta   90.00
_cell.angle_gamma   90.00
#
_symmetry.space_group_name_H-M   'P 1'
#
loop_
_entity.id
_entity.type
_entity.pdbx_description
1 polymer 'DNA-directed RNA polymerase subunit alpha'
2 polymer 'DNA-directed RNA polymerase subunit beta'
3 polymer "DNA-directed RNA polymerase subunit beta'"
4 polymer 'DNA-directed RNA polymerase subunit omega'
5 polymer 'RNA polymerase sigma factor SigA'
6 polymer 'RNA polymerase-binding protein RbpA'
7 polymer 'DNA (31-MER)'
8 polymer 'DNA (26-MER)'
9 non-polymer 'ZINC ION'
10 non-polymer 'MAGNESIUM ION'
#
loop_
_entity_poly.entity_id
_entity_poly.type
_entity_poly.pdbx_seq_one_letter_code
_entity_poly.pdbx_strand_id
1 'polypeptide(L)'
;MLISQRPTLSEDVLTDNRSQFVIEPLEPGFGYTLGNSLRRTLLSSIPGAAVTSIRIDGVLHEFTTVPGVKEDVTEIILNL
KSLVVSSEEDEPVTMYLRKQGPGEVTAGDIVPPAGVTVHNPGMHIATLNDKGKLEVELVVERGRGYVPAVQNRASGAEIG
RIPVDSIYSPVLKVTYKVDATRVEQRTDFDKLILDVETKNSISPRDALASAGKTLVELFGLARELNVEAEGIEIGPSPAE
ADHIASFALPIDDLDLTVRSYNCLKREGVHTVGELVARTESDLLDIRNFGQKSIDEVKIKLHQLGLSLKDSPPSFDPSEV
AGYDVATGTWSTEGAYDEQDYAETEQL
;
A,B
2 'polypeptide(L)'
;MADSRQSKTAASPSPSRPQSSSNNSVPGAPNRVSFAKLREPLEVPGLLDVQTDSFEWLIGSPRWRESAAERGDVNPVGGL
EEVLYELSPIEDFSGSMSLSFSDPRFDDVKAPVDECKDKDMTYAAPLFVTAEFINNNTGEIKSQTVFMGDFPMMTEKGTF
IINGTERVVVSQLVRSPGVYFDETIDKSTDKTLHSVKVIPSRGAWLEFDVDKRDTVGVRIDRKRRQPVTVLLKALGWTSE
QIVERFGFSEIMRSTLEKDNTVGTDEALLDIYRKLRPGEPPTKESAQTLLENLFFKEKRYDLARVGRYKVNKKLGLHVGE
PITSSTLTEEDVVATIEYLVRLHEGQTTMTVPGGVEVPVETDDIDHFGNRRLRTVGELIQNQIRVGMSRMERVVRERMTT
QDVEAITPQTLINIRPVVAAIKEFFGTSQLSQFMDQNNPLSGLTHKRRLSALGPGGLSRERAGLEVRDVHPSHYGRMCPI
ETPEGPNIGLIGSLSVYARVNPFGFIETPYRKVVDGVVSDEIVYLTADEEDRHVVAQANSPIDADGRFVEPRVLVRRKAG
EVEYVPSSEVDYMDVSPRQMVSVATAMIPFLEHDDANRALMGANMQRQAVPLVRSEAPLVGTGMELRAAIDAGDVVVAEE
SGVIEEVSADYITVMHDNGTRRTYRMRKFARSNHGTCANQCPIVDAGDRVEAGQVIADGPCTDDGEMALGKNLLVAIMPW
EGHNYEDAIILSNRLVEEDVLTSIHIEEHEIDARDTKLGAEEITRDIPNISDEVLADLDERGIVRIGAEVRDGDILVGKV
TPKGETELTPEERLLRAIFGEKAREVRDTSLKVPHGESGKVIGIRVFSREDEDELPAGVNELVRVYVAQKRKISDGDKLA
GRHGNKGVIGKILPVEDMPFLADGTPVDIILNTHGVPRRMNIGQILETHLGWCAHSGWKVDAAKGVPDWAARLPDELLEA
QPNAIVSTPVFDGAQEAELQGLLSCTLPNRDGDVLVDADGKAMLFDGRSGEPFPYPVTVGYMYIMKLHHLVDDKIHARST
GPYSMITQQPLGGKAQFGGQRFGEMECWAMQAYGAAYTLQELLTIKSDDTVGRVKVYEAIVKGENIPEPGIPESFKVLLK
ELQSLCLNVEVLSSDGAAIELREGEDEDLERAAANLGINLSRNESASVEDLALARHGGS
;
C
3 'polypeptide(L)'
;GAMLDVNFFDELRIGLATAEDIRQWSYGEVKKPETINYRTLKPEKDGLFCEKIFGPTRDWECYCGKYKRVRFKGIICERC
GVEVTRAKVRRERMGHIELAAPVTHIWYFKGVPSRLGYLLDLAPKDLEKIIYFAAYVITSVDEEMRHNELSTLEAEMAVE
RKAVEDQRDGELEARAQKLEADLAELEAEGAKADARRKVRDGGEREMRQIRDRAQRELDRLEDIWSTFTKLAPKQLIVDE
NLYRELVDRYGEYFTGAMGAESIQKLIENFDIDAEAESLRDVIRNGKGQKKLRALKRLKVVAAFQQSGNSPMGMVLDAVP
VIPPELRPMVQLDGGRFATSDLNDLYRRVINRNNRLKRLIDLGAPEIIVNNEKRMLQESVDALFDNGRRGRPVTGPGNRP
LKSLSDLLKGKQGRFRQNLLGKRVDYSGRSVIVVGPQLKLHQCGLPKLMALELFKPFVMKRLVDLNHAQNIKSAKRMVER
QRPQVWDVLEEVIAEHPVLLNRAPTLHRLGIQAFEPMLVEGKAIQLHPLVCEAFNADFDGDQMAVHLPLSAEAQAEARIL
MLSSNNILSPASGRPLAMPRLDMVTGLYYLTTEVPGDTGEYQPASGDHPETGVYSSPAEAIMAADRGVLSVRAKIKVRLT
QLRPPVEIEAELFGHSGWQPGDAWMAETTLGRVMFNELLPLGYPFVNKQMHKKVQAAIINDLAERYPMIVVAQTVDKLKD
AGFYWATRSGVTVSMADVLVPPRKKEILDHYEERADKVEKQFQRGALNHDERNEALVEIWKEATDEVGQALREHYPDDNP
IITIVDSGATGNFTQTRTLAGMKGLVTNPKGEFIPRPVKSSFREGLTVLEYFINTHGARKGLADTALRTADSGYLTRRLV
DVSQDVIVREHDCQTERGIVVELAERAPDGTLIRDPYIETSAYARTLGTDAVDEAGNVIVERGQDLGDPEIDALLAAGIT
QVKVRSVLTCATSTGVCATCYGRSMATGKLVDIGEAVGIVAAQSIGEPGTQLTMRTFHQGGVGEDITGGLPRVQELFEAR
VPRGKAPIADVTGRVRLEDGERFYKITIVPDDGGEEVVYDKISKRQRLRVFKHEDGSERVLSDGDHVEVGQQLMEGSADP
HEVLRVQGPREVQIHLVREVQEVYRAQGVSIHDKHIEVIVRQMLRRVTIIDSGSTEFLPGSLIDRAEFEAENRRVVAEGG
EPAAGRPVLMGITKASLATDSWLSAASFQETTRVLTDAAINCRSDKLNGLKENVIIGKLIPAGTGINRYRNIAVQPTEEA
RAAAYTIPSYEDQYYSPDFGAATGAAVPLDDYGYSDYRHHHHHHHH
;
D
4 'polypeptide(L)'
;GSISQSDASLAAVPAVDQFDPSSGASGGYDTPLGITNPPIDELLDRVSSKYALVIYAAKRARQINDYYNQLGEGILEYVG
PLVEPGLQEKPLSIALREIHADLLEHTEGE
;
E
5 'polypeptide(L)'
;GPHMAATKASTATDEPVKRTATKSPAASASGAKTGAKRTAAKSASGSPPAKRATKPAARSVKPASAPQDTTTSTIPKRKT
RAAAKSAAAKAPSARGHATKPRAPKDAQHEAATDPEDALDSVEELDAEPDLDVEPGEDLDLDAADLNLDDLEDDVAPDAD
DDLDSGDDEDHEDLEAEAAVAPGQTADDDEEIAEPTEKDKASGDFVWDEDESEALRQARKDAELTASADSVRAYLKQIGK
VALLNAEEEVELAKRIEAGLYATQLMTELSERGEKLPAAQRRDMMWICRDGDRAKNHLLEANLRLVVSLAKRYTGRGMAF
LDLIQEGNLGLIRAVEKFDYTKGYKFSTYATWWIRQAITRAMADQARTIRIPVHMVEVINKLGRIQRELLQDLGREPTPE
ELAKEMDITPEKVLEIQQYAREPISLDQTIGDEGDSQLGDFIEDSEAVVAVDAVSFTLLQDQLQSVLDTLSEREAGVVRL
RFGLTDGQPRTLDEIGQVYGVTRERIRQIESKTMSKLRHPSRSQVLRDYLD
;
F
6 'polypeptide(L)'
;MADRVLRGSRLGAVSYETDRNHDLAPRQIARYRTDNGEEFEVPFADDAEIPGTWLCRNGMEGTLIEGDLPEPKKVKPPRT
HWDMLLERRSIEELEELLKERLELIRSRRRG
;
J
7 'polydeoxyribonucleotide'
;(DG)(DC)(DT)(DT)(DG)(DA)(DC)(DA)(DA)(DA)(DA)(DG)(DT)(DG)(DT)(DT)(DA)(DA)(DA)(DT)
(DT)(DG)(DT)(DG)(DC)(DT)(DA)(DT)(DA)(DC)(DT)
;
O,H
8 'polydeoxyribonucleotide'
;(DA)(DG)(DC)(DA)(DC)(DA)(DA)(DT)(DT)(DT)(DA)(DA)(DC)(DA)(DC)(DT)(DT)(DT)(DT)(DG)
(DT)(DC)(DA)(DA)(DG)(DC)
;
P,G
#
# COMPACT_ATOMS: atom_id res chain seq x y z
N MET A 1 32.64 35.31 56.90
CA MET A 1 31.30 34.83 57.00
C MET A 1 31.27 33.37 56.68
N LEU A 2 32.27 32.88 55.98
CA LEU A 2 32.23 31.48 55.61
C LEU A 2 32.24 30.72 56.86
N ILE A 3 31.39 29.73 56.90
CA ILE A 3 31.33 28.86 58.00
C ILE A 3 32.60 28.02 57.87
N SER A 4 33.61 28.20 58.72
CA SER A 4 34.75 27.33 58.43
C SER A 4 34.62 26.10 59.31
N GLN A 5 33.83 25.14 58.84
CA GLN A 5 33.74 23.84 59.49
C GLN A 5 33.42 22.81 58.43
N ARG A 6 33.98 21.65 58.59
CA ARG A 6 33.85 20.64 57.57
C ARG A 6 32.62 19.78 57.83
N PRO A 7 31.99 19.25 56.78
CA PRO A 7 30.85 18.37 56.99
C PRO A 7 31.28 17.02 57.51
N THR A 8 30.45 16.43 58.37
CA THR A 8 30.72 15.13 58.96
C THR A 8 29.63 14.16 58.54
N LEU A 9 30.00 12.90 58.37
CA LEU A 9 29.07 11.85 57.99
C LEU A 9 28.76 10.98 59.20
N SER A 10 27.47 10.78 59.48
CA SER A 10 27.03 9.90 60.55
C SER A 10 26.00 8.93 59.99
N GLU A 11 25.73 7.86 60.74
CA GLU A 11 25.00 6.73 60.21
C GLU A 11 23.97 6.21 61.22
N ASP A 12 22.76 5.91 60.73
CA ASP A 12 21.75 5.19 61.48
C ASP A 12 21.49 3.86 60.80
N VAL A 13 21.46 2.78 61.57
CA VAL A 13 21.17 1.45 61.04
C VAL A 13 19.73 1.12 61.37
N LEU A 14 18.91 0.92 60.34
CA LEU A 14 17.50 0.63 60.55
C LEU A 14 17.24 -0.86 60.64
N THR A 15 17.50 -1.58 59.56
CA THR A 15 17.48 -3.03 59.56
C THR A 15 18.87 -3.53 59.22
N ASP A 16 18.98 -4.82 58.96
CA ASP A 16 20.27 -5.42 58.68
C ASP A 16 20.80 -5.04 57.30
N ASN A 17 19.90 -4.78 56.34
CA ASN A 17 20.31 -4.59 54.95
C ASN A 17 19.93 -3.22 54.41
N ARG A 18 19.60 -2.26 55.27
CA ARG A 18 19.43 -0.89 54.81
C ARG A 18 19.82 0.05 55.92
N SER A 19 20.21 1.26 55.55
CA SER A 19 20.64 2.24 56.54
C SER A 19 20.45 3.63 55.98
N GLN A 20 20.61 4.62 56.85
CA GLN A 20 20.54 6.02 56.49
C GLN A 20 21.83 6.72 56.89
N PHE A 21 22.22 7.71 56.09
CA PHE A 21 23.44 8.46 56.33
C PHE A 21 23.12 9.94 56.32
N VAL A 22 23.53 10.65 57.37
CA VAL A 22 23.31 12.08 57.45
C VAL A 22 24.64 12.78 57.25
N ILE A 23 24.69 13.65 56.25
CA ILE A 23 25.85 14.48 55.93
C ILE A 23 25.44 15.92 56.15
N GLU A 24 26.19 16.63 57.00
CA GLU A 24 25.85 18.00 57.37
C GLU A 24 27.11 18.67 57.88
N PRO A 25 27.22 20.00 57.72
CA PRO A 25 26.38 20.89 56.93
C PRO A 25 27.00 21.27 55.60
N LEU A 26 26.16 21.46 54.59
CA LEU A 26 26.60 21.76 53.24
C LEU A 26 26.22 23.19 52.87
N GLU A 27 26.55 23.57 51.66
CA GLU A 27 26.20 24.89 51.18
C GLU A 27 24.73 24.90 50.73
N PRO A 28 24.06 26.05 50.77
CA PRO A 28 22.66 26.08 50.36
C PRO A 28 22.50 25.88 48.87
N GLY A 29 21.82 24.80 48.51
CA GLY A 29 21.70 24.38 47.12
C GLY A 29 22.60 23.24 46.74
N PHE A 30 23.21 22.56 47.72
CA PHE A 30 24.18 21.51 47.46
C PHE A 30 23.77 20.17 48.05
N GLY A 31 22.58 20.07 48.64
CA GLY A 31 22.14 18.77 49.14
C GLY A 31 21.72 17.84 48.02
N TYR A 32 20.91 18.36 47.10
CA TYR A 32 20.31 17.55 46.04
C TYR A 32 21.36 17.04 45.08
N THR A 33 22.32 17.87 44.72
CA THR A 33 23.34 17.48 43.75
C THR A 33 24.28 16.44 44.33
N LEU A 34 24.63 16.58 45.62
CA LEU A 34 25.49 15.61 46.27
C LEU A 34 24.79 14.27 46.44
N GLY A 35 23.53 14.30 46.87
CA GLY A 35 22.77 13.07 47.00
C GLY A 35 22.55 12.37 45.68
N ASN A 36 22.33 13.13 44.62
CA ASN A 36 22.14 12.50 43.32
C ASN A 36 23.45 12.00 42.73
N SER A 37 24.56 12.70 42.98
CA SER A 37 25.84 12.20 42.51
C SER A 37 26.28 10.96 43.27
N LEU A 38 25.80 10.78 44.50
CA LEU A 38 26.04 9.51 45.17
C LEU A 38 25.08 8.42 44.72
N ARG A 39 23.83 8.77 44.41
CA ARG A 39 22.87 7.77 43.96
C ARG A 39 23.23 7.22 42.59
N ARG A 40 23.62 8.10 41.66
CA ARG A 40 23.95 7.68 40.32
C ARG A 40 25.22 6.85 40.25
N THR A 41 26.11 6.97 41.23
CA THR A 41 27.25 6.07 41.30
C THR A 41 26.93 4.80 42.07
N LEU A 42 26.01 4.87 43.02
CA LEU A 42 25.63 3.66 43.77
C LEU A 42 24.83 2.71 42.88
N LEU A 43 23.90 3.22 42.11
CA LEU A 43 22.98 2.38 41.36
C LEU A 43 23.56 1.81 40.08
N SER A 44 24.83 2.08 39.76
CA SER A 44 25.34 1.63 38.48
C SER A 44 26.72 1.00 38.54
N SER A 45 27.54 1.36 39.52
CA SER A 45 28.96 1.05 39.49
C SER A 45 29.43 0.51 40.83
N ILE A 46 28.69 -0.44 41.39
CA ILE A 46 29.12 -1.17 42.58
C ILE A 46 29.37 -2.61 42.15
N PRO A 47 30.59 -3.12 42.24
CA PRO A 47 30.86 -4.46 41.73
C PRO A 47 30.37 -5.55 42.66
N GLY A 48 29.83 -6.60 42.06
CA GLY A 48 29.35 -7.75 42.78
C GLY A 48 29.56 -9.01 41.97
N ALA A 49 28.79 -10.06 42.23
CA ALA A 49 28.96 -11.32 41.54
C ALA A 49 27.60 -11.90 41.16
N ALA A 50 27.55 -12.55 40.01
CA ALA A 50 26.31 -13.19 39.58
C ALA A 50 26.63 -14.39 38.72
N VAL A 51 25.63 -15.28 38.59
CA VAL A 51 25.80 -16.49 37.81
C VAL A 51 25.77 -16.14 36.33
N THR A 52 26.79 -16.57 35.59
CA THR A 52 26.91 -16.25 34.18
C THR A 52 26.21 -17.26 33.29
N SER A 53 26.48 -18.54 33.46
CA SER A 53 25.92 -19.55 32.59
C SER A 53 25.68 -20.82 33.38
N ILE A 54 24.60 -21.52 33.04
CA ILE A 54 24.28 -22.79 33.68
C ILE A 54 24.31 -23.89 32.62
N ARG A 55 24.35 -25.12 33.10
CA ARG A 55 24.30 -26.29 32.22
C ARG A 55 23.62 -27.42 32.95
N ILE A 56 22.54 -27.94 32.37
CA ILE A 56 21.79 -29.06 32.93
C ILE A 56 22.16 -30.30 32.15
N ASP A 57 21.96 -31.47 32.78
CA ASP A 57 22.52 -32.70 32.21
C ASP A 57 21.72 -33.21 31.03
N GLY A 58 20.39 -33.20 31.12
CA GLY A 58 19.61 -33.81 30.09
C GLY A 58 19.23 -32.93 28.92
N VAL A 59 19.50 -31.64 28.99
CA VAL A 59 18.99 -30.70 28.00
C VAL A 59 20.11 -30.27 27.07
N LEU A 60 19.71 -29.76 25.91
CA LEU A 60 20.61 -29.24 24.90
C LEU A 60 20.50 -27.74 24.71
N HIS A 61 19.33 -27.18 24.98
CA HIS A 61 19.12 -25.75 24.82
C HIS A 61 18.23 -25.19 25.92
N GLU A 62 17.77 -23.97 25.71
CA GLU A 62 16.99 -23.23 26.69
C GLU A 62 15.49 -23.48 26.58
N PHE A 63 15.03 -23.97 25.43
CA PHE A 63 13.61 -24.03 25.10
C PHE A 63 13.04 -25.44 25.20
N THR A 64 13.44 -26.22 26.20
CA THR A 64 12.91 -27.57 26.33
C THR A 64 12.35 -27.82 27.72
N THR A 65 12.03 -29.07 28.03
CA THR A 65 11.56 -29.47 29.36
C THR A 65 12.47 -30.56 29.91
N VAL A 66 12.59 -30.60 31.22
CA VAL A 66 13.30 -31.65 31.93
C VAL A 66 12.26 -32.67 32.40
N PRO A 67 12.49 -33.97 32.18
CA PRO A 67 11.46 -34.97 32.55
C PRO A 67 11.35 -35.13 34.06
N GLY A 68 10.16 -34.87 34.58
CA GLY A 68 9.89 -35.06 35.99
C GLY A 68 9.57 -33.79 36.74
N VAL A 69 10.20 -32.67 36.36
CA VAL A 69 10.01 -31.42 37.06
C VAL A 69 8.73 -30.73 36.59
N LYS A 70 8.30 -29.70 37.31
CA LYS A 70 7.06 -29.00 36.98
C LYS A 70 7.29 -27.82 36.04
N GLU A 71 8.46 -27.19 36.10
CA GLU A 71 8.75 -26.03 35.28
C GLU A 71 9.60 -26.41 34.07
N ASP A 72 9.46 -25.65 33.00
CA ASP A 72 10.35 -25.84 31.87
C ASP A 72 11.69 -25.15 32.15
N VAL A 73 12.60 -25.22 31.19
CA VAL A 73 13.97 -24.76 31.43
C VAL A 73 14.02 -23.24 31.48
N THR A 74 13.20 -22.56 30.67
CA THR A 74 13.22 -21.10 30.67
C THR A 74 12.62 -20.52 31.96
N GLU A 75 11.74 -21.26 32.62
CA GLU A 75 11.26 -20.84 33.92
C GLU A 75 12.33 -21.00 34.98
N ILE A 76 13.16 -22.04 34.87
CA ILE A 76 14.28 -22.19 35.80
C ILE A 76 15.33 -21.12 35.54
N ILE A 77 15.46 -20.66 34.29
CA ILE A 77 16.34 -19.52 34.00
C ILE A 77 15.81 -18.26 34.69
N LEU A 78 14.52 -18.00 34.57
CA LEU A 78 13.93 -16.81 35.21
C LEU A 78 13.93 -16.92 36.73
N ASN A 79 13.93 -18.13 37.28
CA ASN A 79 14.05 -18.28 38.72
C ASN A 79 15.48 -18.19 39.20
N LEU A 80 16.44 -18.60 38.39
CA LEU A 80 17.85 -18.47 38.74
C LEU A 80 18.39 -17.08 38.51
N LYS A 81 17.66 -16.23 37.77
CA LYS A 81 18.07 -14.85 37.56
C LYS A 81 17.76 -13.95 38.76
N SER A 82 17.40 -14.52 39.90
CA SER A 82 17.18 -13.75 41.12
C SER A 82 18.05 -14.25 42.27
N LEU A 83 19.03 -15.09 42.00
CA LEU A 83 19.98 -15.52 43.02
C LEU A 83 20.87 -14.37 43.43
N VAL A 84 21.24 -14.33 44.71
CA VAL A 84 22.23 -13.39 45.22
C VAL A 84 23.41 -14.21 45.72
N VAL A 85 24.60 -13.93 45.16
CA VAL A 85 25.77 -14.75 45.40
C VAL A 85 26.99 -13.83 45.38
N SER A 86 27.81 -13.90 46.43
CA SER A 86 28.97 -13.04 46.58
C SER A 86 30.23 -13.88 46.44
N SER A 87 30.92 -13.72 45.31
CA SER A 87 32.16 -14.43 45.07
C SER A 87 33.34 -13.68 45.68
N GLU A 88 34.53 -14.29 45.55
CA GLU A 88 35.73 -13.71 46.11
C GLU A 88 36.96 -13.85 45.21
N GLU A 89 36.85 -14.51 44.07
CA GLU A 89 38.02 -14.73 43.23
C GLU A 89 37.69 -14.39 41.78
N ASP A 90 38.76 -14.23 41.00
CA ASP A 90 38.63 -13.65 39.66
C ASP A 90 38.13 -14.66 38.65
N GLU A 91 38.58 -15.91 38.77
CA GLU A 91 38.22 -16.92 37.80
C GLU A 91 36.74 -17.31 37.94
N PRO A 92 36.10 -17.70 36.85
CA PRO A 92 34.76 -18.28 36.95
C PRO A 92 34.80 -19.62 37.68
N VAL A 93 34.12 -19.68 38.82
CA VAL A 93 34.03 -20.91 39.59
C VAL A 93 32.71 -21.58 39.27
N THR A 94 32.61 -22.86 39.58
CA THR A 94 31.38 -23.60 39.32
C THR A 94 30.78 -24.11 40.62
N MET A 95 29.46 -24.09 40.69
CA MET A 95 28.73 -24.65 41.81
C MET A 95 27.72 -25.67 41.27
N TYR A 96 27.33 -26.62 42.11
CA TYR A 96 26.58 -27.77 41.63
C TYR A 96 25.24 -27.87 42.34
N LEU A 97 24.28 -28.51 41.67
CA LEU A 97 22.94 -28.72 42.21
C LEU A 97 22.47 -30.10 41.79
N ARG A 98 22.45 -31.03 42.73
CA ARG A 98 22.03 -32.40 42.47
C ARG A 98 20.88 -32.74 43.40
N LYS A 99 19.75 -33.12 42.81
CA LYS A 99 18.59 -33.55 43.59
C LYS A 99 17.88 -34.68 42.86
N GLN A 100 17.43 -35.66 43.62
CA GLN A 100 16.76 -36.83 43.08
C GLN A 100 15.60 -37.18 43.98
N GLY A 101 14.42 -37.36 43.40
CA GLY A 101 13.26 -37.75 44.15
C GLY A 101 12.27 -36.62 44.29
N PRO A 102 11.11 -36.90 44.88
CA PRO A 102 10.09 -35.87 45.03
C PRO A 102 10.46 -34.87 46.11
N GLY A 103 10.08 -33.62 45.87
CA GLY A 103 10.39 -32.56 46.82
C GLY A 103 10.39 -31.22 46.13
N GLU A 104 11.08 -30.27 46.76
CA GLU A 104 11.17 -28.90 46.24
C GLU A 104 12.64 -28.51 46.19
N VAL A 105 13.18 -28.35 45.00
CA VAL A 105 14.56 -27.89 44.84
C VAL A 105 14.57 -26.40 45.12
N THR A 106 15.19 -26.03 46.23
CA THR A 106 15.35 -24.66 46.65
C THR A 106 16.78 -24.21 46.40
N ALA A 107 17.09 -22.99 46.80
CA ALA A 107 18.43 -22.45 46.63
C ALA A 107 19.36 -22.82 47.77
N GLY A 108 18.87 -23.50 48.80
CA GLY A 108 19.73 -24.00 49.86
C GLY A 108 20.32 -25.36 49.61
N ASP A 109 20.09 -25.92 48.42
CA ASP A 109 20.68 -27.20 48.04
C ASP A 109 21.91 -27.04 47.17
N ILE A 110 22.28 -25.82 46.84
CA ILE A 110 23.48 -25.55 46.05
C ILE A 110 24.70 -25.71 46.94
N VAL A 111 25.63 -26.58 46.53
CA VAL A 111 26.90 -26.73 47.21
C VAL A 111 27.91 -25.82 46.53
N PRO A 112 28.43 -24.78 47.20
CA PRO A 112 29.35 -23.88 46.55
C PRO A 112 30.79 -24.28 46.81
N PRO A 113 31.74 -23.83 45.98
CA PRO A 113 33.15 -24.07 46.30
C PRO A 113 33.67 -23.16 47.38
N ALA A 114 34.97 -23.22 47.64
CA ALA A 114 35.58 -22.36 48.65
C ALA A 114 35.75 -20.96 48.08
N GLY A 115 35.15 -19.97 48.76
CA GLY A 115 35.28 -18.58 48.39
C GLY A 115 33.96 -17.89 48.13
N VAL A 116 32.98 -18.62 47.59
CA VAL A 116 31.70 -18.04 47.23
C VAL A 116 30.63 -18.57 48.19
N THR A 117 29.51 -17.88 48.21
CA THR A 117 28.40 -18.27 49.07
C THR A 117 27.08 -17.82 48.46
N VAL A 118 26.01 -18.44 48.92
CA VAL A 118 24.65 -18.13 48.49
C VAL A 118 23.93 -17.48 49.66
N HIS A 119 23.23 -16.38 49.39
CA HIS A 119 22.69 -15.54 50.45
C HIS A 119 21.18 -15.61 50.60
N ASN A 120 20.52 -16.63 50.04
CA ASN A 120 19.10 -16.85 50.30
C ASN A 120 18.79 -18.33 50.19
N PRO A 121 18.85 -19.06 51.31
CA PRO A 121 18.46 -20.48 51.28
C PRO A 121 16.96 -20.72 51.23
N GLY A 122 16.13 -19.71 50.99
CA GLY A 122 14.70 -19.91 50.92
C GLY A 122 14.10 -19.64 49.56
N MET A 123 14.93 -19.34 48.57
CA MET A 123 14.44 -19.13 47.21
C MET A 123 13.99 -20.45 46.62
N HIS A 124 12.82 -20.46 45.99
CA HIS A 124 12.31 -21.65 45.34
C HIS A 124 12.75 -21.67 43.88
N ILE A 125 13.34 -22.79 43.46
CA ILE A 125 13.81 -22.95 42.09
C ILE A 125 12.90 -23.86 41.29
N ALA A 126 12.62 -25.07 41.78
CA ALA A 126 11.78 -26.00 41.04
C ALA A 126 11.10 -26.96 41.99
N THR A 127 10.18 -27.77 41.46
CA THR A 127 9.51 -28.78 42.25
C THR A 127 9.45 -30.10 41.50
N LEU A 128 9.78 -31.19 42.20
CA LEU A 128 10.01 -32.49 41.61
C LEU A 128 9.05 -33.53 42.18
N ASN A 129 8.77 -34.55 41.37
CA ASN A 129 8.03 -35.73 41.78
C ASN A 129 8.96 -36.94 41.68
N ASP A 130 8.37 -38.14 41.83
CA ASP A 130 9.15 -39.37 41.98
C ASP A 130 9.91 -39.78 40.73
N LYS A 131 9.61 -39.20 39.58
CA LYS A 131 10.29 -39.55 38.34
C LYS A 131 11.31 -38.50 37.92
N GLY A 132 11.60 -37.53 38.76
CA GLY A 132 12.39 -36.39 38.37
C GLY A 132 13.77 -36.36 39.02
N LYS A 133 14.75 -35.91 38.25
CA LYS A 133 16.12 -35.74 38.74
C LYS A 133 16.66 -34.46 38.15
N LEU A 134 17.10 -33.54 39.00
CA LEU A 134 17.64 -32.26 38.57
C LEU A 134 19.12 -32.22 38.87
N GLU A 135 19.94 -32.12 37.83
CA GLU A 135 21.39 -32.08 37.95
C GLU A 135 21.88 -30.95 37.09
N VAL A 136 22.29 -29.85 37.72
CA VAL A 136 22.61 -28.62 37.01
C VAL A 136 23.81 -27.96 37.66
N GLU A 137 24.78 -27.54 36.85
CA GLU A 137 25.89 -26.74 37.37
C GLU A 137 25.75 -25.29 36.93
N LEU A 138 26.31 -24.40 37.73
CA LEU A 138 26.25 -22.96 37.55
C LEU A 138 27.65 -22.39 37.55
N VAL A 139 27.84 -21.28 36.82
CA VAL A 139 29.14 -20.64 36.70
C VAL A 139 29.02 -19.25 37.28
N VAL A 140 29.75 -18.98 38.37
CA VAL A 140 29.65 -17.72 39.09
C VAL A 140 30.88 -16.87 38.77
N GLU A 141 30.65 -15.68 38.26
CA GLU A 141 31.70 -14.79 37.80
C GLU A 141 31.66 -13.49 38.59
N ARG A 142 32.59 -12.60 38.30
CA ARG A 142 32.71 -11.32 38.99
C ARG A 142 32.66 -10.18 37.99
N GLY A 143 31.92 -9.14 38.32
CA GLY A 143 31.81 -8.02 37.41
C GLY A 143 31.05 -6.86 38.02
N ARG A 144 30.62 -5.94 37.16
CA ARG A 144 29.83 -4.80 37.59
C ARG A 144 28.87 -4.40 36.50
N GLY A 145 27.81 -3.71 36.89
CA GLY A 145 26.80 -3.27 35.96
C GLY A 145 25.85 -4.37 35.55
N TYR A 146 25.52 -4.41 34.26
CA TYR A 146 24.65 -5.44 33.71
C TYR A 146 25.13 -5.72 32.29
N VAL A 147 25.39 -6.99 31.99
CA VAL A 147 25.84 -7.34 30.65
C VAL A 147 25.00 -8.51 30.15
N PRO A 148 24.43 -8.42 28.94
CA PRO A 148 23.58 -9.50 28.43
C PRO A 148 24.34 -10.78 28.13
N ALA A 149 23.62 -11.79 27.66
CA ALA A 149 24.18 -13.14 27.54
C ALA A 149 25.21 -13.21 26.43
N VAL A 150 26.45 -13.51 26.81
CA VAL A 150 27.53 -13.70 25.85
C VAL A 150 27.24 -14.95 25.02
N GLN A 151 27.26 -14.79 23.70
CA GLN A 151 26.78 -15.84 22.81
C GLN A 151 27.69 -17.06 22.84
N ASN A 152 27.11 -18.21 22.47
CA ASN A 152 27.87 -19.44 22.40
C ASN A 152 28.79 -19.44 21.18
N ARG A 153 28.36 -18.79 20.10
CA ARG A 153 29.19 -18.70 18.90
C ARG A 153 30.39 -17.79 19.13
N ALA A 154 30.22 -16.76 19.96
CA ALA A 154 31.30 -15.85 20.34
C ALA A 154 32.10 -16.37 21.52
N SER A 155 32.04 -17.68 21.77
CA SER A 155 32.85 -18.34 22.77
C SER A 155 33.22 -19.71 22.23
N GLY A 156 33.98 -20.45 23.02
CA GLY A 156 34.39 -21.78 22.63
C GLY A 156 33.58 -22.92 23.22
N ALA A 157 32.42 -22.62 23.81
CA ALA A 157 31.68 -23.64 24.53
C ALA A 157 30.92 -24.54 23.56
N GLU A 158 30.52 -25.71 24.08
CA GLU A 158 29.82 -26.70 23.29
C GLU A 158 28.31 -26.45 23.31
N ILE A 159 27.57 -27.46 22.87
CA ILE A 159 26.11 -27.35 22.72
C ILE A 159 25.43 -27.21 24.07
N GLY A 160 25.96 -27.83 25.12
CA GLY A 160 25.25 -27.91 26.38
C GLY A 160 25.15 -26.62 27.17
N ARG A 161 26.08 -25.69 26.96
CA ARG A 161 26.17 -24.50 27.80
C ARG A 161 25.06 -23.51 27.44
N ILE A 162 24.42 -22.97 28.48
CA ILE A 162 23.30 -22.03 28.33
C ILE A 162 23.74 -20.68 28.86
N PRO A 163 23.92 -19.66 28.02
CA PRO A 163 24.23 -18.33 28.54
C PRO A 163 23.03 -17.68 29.19
N VAL A 164 23.25 -17.09 30.36
CA VAL A 164 22.24 -16.39 31.13
C VAL A 164 22.70 -14.95 31.28
N ASP A 165 21.75 -14.01 31.25
CA ASP A 165 22.04 -12.62 31.57
C ASP A 165 22.52 -12.48 33.00
N SER A 166 23.35 -11.48 33.25
CA SER A 166 24.00 -11.30 34.54
C SER A 166 23.72 -9.90 35.05
N ILE A 167 23.36 -9.80 36.32
CA ILE A 167 23.13 -8.52 36.97
C ILE A 167 24.10 -8.45 38.15
N TYR A 168 25.28 -7.89 37.92
CA TYR A 168 26.21 -7.67 39.01
C TYR A 168 25.90 -6.31 39.62
N SER A 169 24.98 -6.29 40.57
CA SER A 169 24.70 -5.06 41.30
C SER A 169 24.12 -5.44 42.65
N PRO A 170 24.81 -5.14 43.75
CA PRO A 170 24.27 -5.52 45.06
C PRO A 170 23.21 -4.59 45.58
N VAL A 171 23.18 -3.34 45.16
CA VAL A 171 22.29 -2.37 45.77
C VAL A 171 20.91 -2.49 45.13
N LEU A 172 19.87 -2.21 45.93
CA LEU A 172 18.49 -2.36 45.52
C LEU A 172 17.77 -1.04 45.37
N LYS A 173 17.86 -0.15 46.36
CA LYS A 173 17.09 1.08 46.31
C LYS A 173 17.77 2.18 47.09
N VAL A 174 17.91 3.35 46.49
CA VAL A 174 18.65 4.47 47.05
C VAL A 174 17.81 5.73 46.88
N THR A 175 17.60 6.49 47.97
CA THR A 175 16.87 7.74 47.87
C THR A 175 17.44 8.76 48.85
N TYR A 176 16.87 9.96 48.87
CA TYR A 176 17.32 11.00 49.78
C TYR A 176 16.23 12.03 49.99
N LYS A 177 16.50 12.95 50.92
CA LYS A 177 15.73 14.16 51.14
C LYS A 177 16.62 15.11 51.95
N VAL A 178 16.43 16.41 51.72
CA VAL A 178 17.25 17.41 52.39
C VAL A 178 16.41 18.17 53.40
N ASP A 179 17.10 18.84 54.32
CA ASP A 179 16.48 19.72 55.31
C ASP A 179 17.11 21.09 55.15
N ALA A 180 16.59 21.88 54.22
CA ALA A 180 17.13 23.20 53.94
C ALA A 180 16.64 24.15 55.02
N THR A 181 17.48 24.41 56.02
CA THR A 181 17.13 25.27 57.14
C THR A 181 16.90 26.72 56.69
N ARG A 182 17.98 27.38 56.26
CA ARG A 182 17.95 28.69 55.59
C ARG A 182 17.22 29.75 56.40
N VAL A 183 17.79 30.08 57.56
CA VAL A 183 17.21 31.13 58.40
C VAL A 183 17.47 32.50 57.76
N GLU A 184 16.62 33.47 58.12
CA GLU A 184 16.64 34.77 57.47
C GLU A 184 17.57 35.76 58.17
N GLN A 185 18.79 35.32 58.45
CA GLN A 185 19.89 36.24 58.72
C GLN A 185 21.16 35.75 58.02
N ARG A 186 20.99 34.87 57.02
CA ARG A 186 22.04 34.43 56.09
C ARG A 186 23.15 33.66 56.79
N THR A 187 22.77 32.75 57.68
CA THR A 187 23.60 31.64 58.13
C THR A 187 22.85 30.38 57.72
N ASP A 188 23.04 29.96 56.47
CA ASP A 188 22.27 28.89 55.87
C ASP A 188 23.14 27.66 55.65
N PHE A 189 22.50 26.50 55.65
CA PHE A 189 23.17 25.25 55.37
C PHE A 189 22.13 24.23 54.94
N ASP A 190 22.62 23.06 54.55
CA ASP A 190 21.79 21.93 54.14
C ASP A 190 22.04 20.75 55.07
N LYS A 191 21.29 19.67 54.83
CA LYS A 191 21.42 18.48 55.63
C LYS A 191 20.93 17.31 54.77
N LEU A 192 21.86 16.54 54.22
CA LEU A 192 21.52 15.47 53.30
C LEU A 192 21.33 14.16 54.07
N ILE A 193 20.24 13.46 53.77
CA ILE A 193 19.91 12.20 54.44
C ILE A 193 19.78 11.14 53.34
N LEU A 194 20.86 10.43 53.07
CA LEU A 194 20.84 9.31 52.14
C LEU A 194 20.19 8.10 52.77
N ASP A 195 19.57 7.27 51.93
CA ASP A 195 18.89 6.05 52.38
C ASP A 195 19.25 4.96 51.39
N VAL A 196 20.08 4.00 51.82
CA VAL A 196 20.62 2.96 50.96
C VAL A 196 20.09 1.61 51.42
N GLU A 197 19.67 0.79 50.46
CA GLU A 197 19.17 -0.56 50.74
C GLU A 197 19.74 -1.52 49.72
N THR A 198 20.43 -2.56 50.19
CA THR A 198 21.12 -3.52 49.35
C THR A 198 20.50 -4.90 49.45
N LYS A 199 20.91 -5.78 48.53
CA LYS A 199 20.36 -7.14 48.41
C LYS A 199 21.18 -8.16 49.16
N ASN A 200 21.47 -7.96 50.45
CA ASN A 200 22.09 -8.94 51.35
C ASN A 200 23.49 -9.40 50.96
N SER A 201 24.05 -8.88 49.86
CA SER A 201 25.36 -9.31 49.41
C SER A 201 26.45 -8.53 50.13
N ILE A 202 26.32 -7.21 50.17
CA ILE A 202 27.22 -6.35 50.92
C ILE A 202 26.41 -5.49 51.86
N SER A 203 27.05 -5.04 52.93
CA SER A 203 26.42 -4.10 53.85
C SER A 203 26.29 -2.74 53.18
N PRO A 204 25.38 -1.88 53.66
CA PRO A 204 25.25 -0.55 53.04
C PRO A 204 26.47 0.33 53.18
N ARG A 205 27.21 0.23 54.28
CA ARG A 205 28.41 1.01 54.41
C ARG A 205 29.54 0.49 53.54
N ASP A 206 29.49 -0.78 53.15
CA ASP A 206 30.41 -1.29 52.13
C ASP A 206 29.95 -0.95 50.72
N ALA A 207 28.69 -0.56 50.55
CA ALA A 207 28.22 -0.08 49.27
C ALA A 207 28.48 1.40 49.09
N LEU A 208 28.44 2.19 50.16
CA LEU A 208 28.76 3.60 50.09
C LEU A 208 30.25 3.87 50.00
N ALA A 209 31.08 2.98 50.57
CA ALA A 209 32.52 3.19 50.54
C ALA A 209 33.08 3.03 49.15
N SER A 210 32.55 2.10 48.36
CA SER A 210 33.06 1.93 47.00
C SER A 210 32.59 3.05 46.09
N ALA A 211 31.40 3.60 46.33
CA ALA A 211 30.95 4.76 45.58
C ALA A 211 31.77 5.99 45.91
N GLY A 212 32.09 6.17 47.19
CA GLY A 212 33.00 7.23 47.59
C GLY A 212 34.40 7.05 47.02
N LYS A 213 34.87 5.80 46.90
CA LYS A 213 36.17 5.54 46.30
C LYS A 213 36.18 5.87 44.83
N THR A 214 35.10 5.53 44.11
CA THR A 214 35.01 5.84 42.69
C THR A 214 34.96 7.34 42.46
N LEU A 215 34.20 8.07 43.28
CA LEU A 215 34.14 9.51 43.10
C LEU A 215 35.42 10.22 43.53
N VAL A 216 36.12 9.70 44.54
CA VAL A 216 37.42 10.27 44.90
C VAL A 216 38.43 10.02 43.79
N GLU A 217 38.36 8.85 43.16
CA GLU A 217 39.26 8.54 42.05
C GLU A 217 38.98 9.41 40.83
N LEU A 218 37.71 9.71 40.55
CA LEU A 218 37.37 10.47 39.36
C LEU A 218 37.48 11.98 39.53
N PHE A 219 37.00 12.53 40.65
CA PHE A 219 37.08 13.97 40.86
C PHE A 219 38.49 14.44 41.17
N GLY A 220 39.42 13.54 41.49
CA GLY A 220 40.81 13.91 41.60
C GLY A 220 41.47 14.22 40.27
N LEU A 221 40.86 13.79 39.17
CA LEU A 221 41.42 14.10 37.85
C LEU A 221 41.25 15.58 37.52
N ALA A 222 40.20 16.21 38.02
CA ALA A 222 39.99 17.64 37.84
C ALA A 222 40.84 18.48 38.78
N ARG A 223 41.65 17.87 39.63
CA ARG A 223 42.60 18.58 40.48
C ARG A 223 43.84 18.96 39.68
N GLU A 224 44.93 19.28 40.38
CA GLU A 224 46.08 19.98 39.79
C GLU A 224 46.86 19.21 38.73
N LEU A 225 46.38 18.04 38.29
CA LEU A 225 46.70 17.56 36.96
C LEU A 225 46.42 18.64 35.91
N ASN A 226 45.25 19.26 35.98
CA ASN A 226 44.95 20.48 35.25
C ASN A 226 43.88 21.27 35.99
N MET B 1 38.08 -3.22 40.65
CA MET B 1 37.84 -3.21 39.22
C MET B 1 38.82 -2.29 38.50
N LEU B 2 38.63 -2.15 37.20
CA LEU B 2 39.49 -1.33 36.37
C LEU B 2 38.67 -0.62 35.32
N ILE B 3 39.09 0.59 34.98
CA ILE B 3 38.27 1.47 34.15
C ILE B 3 38.35 1.08 32.68
N SER B 4 39.47 0.47 32.26
CA SER B 4 39.75 0.02 30.89
C SER B 4 39.75 1.17 29.87
N GLN B 5 39.99 2.39 30.35
CA GLN B 5 40.23 3.58 29.54
C GLN B 5 40.88 4.61 30.44
N ARG B 6 40.93 5.87 29.98
CA ARG B 6 41.31 6.95 30.89
C ARG B 6 40.75 8.28 30.42
N PRO B 7 40.01 8.98 31.26
CA PRO B 7 39.61 10.35 30.93
C PRO B 7 40.78 11.32 31.04
N THR B 8 40.69 12.40 30.26
CA THR B 8 41.73 13.41 30.22
C THR B 8 41.08 14.79 30.26
N LEU B 9 41.57 15.64 31.16
CA LEU B 9 41.10 17.02 31.25
C LEU B 9 42.02 17.91 30.43
N SER B 10 41.50 18.46 29.34
CA SER B 10 42.30 19.21 28.39
C SER B 10 41.67 20.56 28.14
N GLU B 11 42.36 21.62 28.55
CA GLU B 11 41.80 22.97 28.49
C GLU B 11 41.93 23.57 27.10
N ASP B 12 40.86 24.20 26.64
CA ASP B 12 40.87 25.05 25.45
C ASP B 12 40.64 26.49 25.90
N VAL B 13 41.57 27.37 25.57
CA VAL B 13 41.59 28.72 26.12
C VAL B 13 40.93 29.66 25.11
N LEU B 14 39.76 30.18 25.47
CA LEU B 14 39.14 31.33 24.83
C LEU B 14 39.72 32.60 25.42
N THR B 15 38.99 33.70 25.33
CA THR B 15 39.32 34.99 25.94
C THR B 15 39.76 34.89 27.41
N ASP B 16 40.55 35.87 27.85
CA ASP B 16 41.47 35.85 29.00
C ASP B 16 40.98 35.15 30.26
N ASN B 17 39.67 35.22 30.53
CA ASN B 17 39.08 34.55 31.68
C ASN B 17 37.80 33.84 31.28
N ARG B 18 37.84 33.09 30.18
CA ARG B 18 36.67 32.34 29.72
C ARG B 18 37.05 31.00 29.13
N SER B 19 37.89 30.23 29.83
CA SER B 19 38.35 28.96 29.28
C SER B 19 37.23 27.93 29.21
N GLN B 20 37.45 26.90 28.41
CA GLN B 20 36.45 25.85 28.17
C GLN B 20 37.15 24.50 28.29
N PHE B 21 36.58 23.61 29.08
CA PHE B 21 37.21 22.33 29.36
C PHE B 21 36.45 21.18 28.73
N VAL B 22 37.16 20.09 28.46
CA VAL B 22 36.53 18.86 27.99
C VAL B 22 37.12 17.70 28.76
N ILE B 23 36.27 16.73 29.07
CA ILE B 23 36.67 15.51 29.77
C ILE B 23 36.15 14.34 28.95
N GLU B 24 37.06 13.52 28.44
CA GLU B 24 36.65 12.42 27.57
C GLU B 24 37.67 11.30 27.67
N PRO B 25 37.26 10.04 27.52
CA PRO B 25 35.89 9.52 27.46
C PRO B 25 35.43 8.84 28.76
N LEU B 26 34.30 9.28 29.29
CA LEU B 26 33.75 8.71 30.51
C LEU B 26 32.75 7.61 30.17
N GLU B 27 32.78 6.53 30.95
CA GLU B 27 31.91 5.40 30.68
C GLU B 27 30.47 5.75 31.04
N PRO B 28 29.48 5.25 30.29
CA PRO B 28 28.13 5.79 30.42
C PRO B 28 27.44 5.31 31.68
N GLY B 29 26.66 6.21 32.30
CA GLY B 29 26.64 7.62 31.96
C GLY B 29 27.23 8.37 33.12
N PHE B 30 28.46 8.84 32.95
CA PHE B 30 29.15 9.54 34.02
C PHE B 30 29.31 11.01 33.74
N GLY B 31 28.77 11.51 32.63
CA GLY B 31 28.80 12.94 32.39
C GLY B 31 27.93 13.69 33.36
N TYR B 32 26.77 13.13 33.69
CA TYR B 32 25.81 13.80 34.53
C TYR B 32 26.07 13.64 36.02
N THR B 33 26.74 12.57 36.43
CA THR B 33 27.00 12.41 37.86
C THR B 33 28.09 13.34 38.32
N LEU B 34 28.96 13.79 37.41
CA LEU B 34 30.05 14.66 37.82
C LEU B 34 29.96 16.07 37.25
N GLY B 35 29.26 16.27 36.15
CA GLY B 35 29.19 17.61 35.57
C GLY B 35 28.37 18.58 36.40
N ASN B 36 27.22 18.13 36.89
CA ASN B 36 26.37 19.00 37.69
C ASN B 36 27.02 19.31 39.03
N SER B 37 27.70 18.32 39.61
CA SER B 37 28.44 18.55 40.85
C SER B 37 29.61 19.49 40.63
N LEU B 38 30.29 19.38 39.49
CA LEU B 38 31.41 20.26 39.21
C LEU B 38 30.95 21.70 38.99
N ARG B 39 29.81 21.87 38.32
CA ARG B 39 29.24 23.21 38.15
C ARG B 39 28.82 23.82 39.48
N ARG B 40 28.14 23.04 40.33
CA ARG B 40 27.68 23.59 41.61
C ARG B 40 28.84 23.89 42.54
N THR B 41 29.86 23.03 42.57
CA THR B 41 31.00 23.30 43.43
C THR B 41 31.90 24.38 42.87
N LEU B 42 31.88 24.62 41.56
CA LEU B 42 32.51 25.82 41.03
C LEU B 42 31.78 27.07 41.50
N LEU B 43 30.44 27.02 41.51
CA LEU B 43 29.69 28.24 41.78
C LEU B 43 29.62 28.57 43.27
N SER B 44 29.50 27.58 44.15
CA SER B 44 29.10 27.83 45.52
C SER B 44 30.12 27.38 46.55
N SER B 45 31.38 27.17 46.17
CA SER B 45 32.31 26.62 47.13
C SER B 45 33.71 27.22 47.10
N ILE B 46 33.97 28.22 46.27
CA ILE B 46 35.27 28.90 46.24
C ILE B 46 35.16 30.15 47.08
N PRO B 47 36.04 30.35 48.06
CA PRO B 47 35.94 31.55 48.91
C PRO B 47 36.36 32.80 48.15
N GLY B 48 35.91 33.93 48.66
CA GLY B 48 36.22 35.19 48.04
C GLY B 48 35.46 36.29 48.76
N ALA B 49 35.88 37.52 48.50
CA ALA B 49 35.33 38.66 49.19
C ALA B 49 34.53 39.53 48.23
N ALA B 50 33.62 40.31 48.79
CA ALA B 50 32.87 41.31 48.03
C ALA B 50 32.33 42.36 49.00
N VAL B 51 31.61 43.32 48.43
CA VAL B 51 31.02 44.41 49.19
C VAL B 51 29.65 43.98 49.69
N THR B 52 29.39 44.19 50.98
CA THR B 52 28.13 43.82 51.60
C THR B 52 27.17 44.99 51.75
N SER B 53 27.63 46.09 52.34
CA SER B 53 26.74 47.20 52.62
C SER B 53 27.49 48.50 52.44
N ILE B 54 26.79 49.49 51.86
CA ILE B 54 27.37 50.81 51.64
C ILE B 54 26.48 51.86 52.29
N ARG B 55 27.08 53.00 52.58
CA ARG B 55 26.34 54.14 53.11
C ARG B 55 26.84 55.43 52.45
N ILE B 56 25.90 56.27 52.04
CA ILE B 56 26.17 57.53 51.38
C ILE B 56 25.61 58.63 52.27
N ASP B 57 26.37 59.72 52.42
CA ASP B 57 25.92 60.80 53.29
C ASP B 57 24.77 61.58 52.65
N GLY B 58 23.84 61.99 53.49
CA GLY B 58 22.72 62.81 53.04
C GLY B 58 21.73 62.09 52.15
N VAL B 59 21.62 60.76 52.31
CA VAL B 59 20.66 59.96 51.56
C VAL B 59 19.82 59.19 52.56
N LEU B 60 18.68 59.76 52.97
CA LEU B 60 17.76 59.00 53.81
C LEU B 60 16.34 58.93 53.25
N HIS B 61 15.77 60.07 52.86
CA HIS B 61 14.33 60.12 52.64
C HIS B 61 13.95 59.60 51.25
N GLU B 62 14.81 59.83 50.27
CA GLU B 62 14.52 59.44 48.89
C GLU B 62 15.73 58.67 48.39
N PHE B 63 15.58 57.36 48.26
CA PHE B 63 16.69 56.48 47.91
C PHE B 63 16.94 56.40 46.41
N THR B 64 16.38 57.32 45.61
CA THR B 64 16.85 57.50 44.24
C THR B 64 17.03 59.00 44.02
N THR B 65 18.13 59.55 44.58
CA THR B 65 18.62 60.91 44.37
C THR B 65 19.97 61.03 45.06
N VAL B 66 20.98 61.51 44.34
CA VAL B 66 22.23 61.95 44.95
C VAL B 66 22.49 63.38 44.49
N PRO B 67 22.65 64.34 45.39
CA PRO B 67 22.80 65.74 44.98
C PRO B 67 24.18 66.01 44.38
N GLY B 68 24.22 66.26 43.07
CA GLY B 68 25.42 66.65 42.40
C GLY B 68 25.91 65.71 41.33
N VAL B 69 25.52 64.43 41.37
CA VAL B 69 26.03 63.44 40.44
C VAL B 69 24.90 63.02 39.49
N LYS B 70 25.28 62.37 38.39
CA LYS B 70 24.31 61.98 37.39
C LYS B 70 23.42 60.83 37.87
N GLU B 71 24.04 59.73 38.28
CA GLU B 71 23.31 58.50 38.56
C GLU B 71 22.57 58.57 39.89
N ASP B 72 21.38 57.98 39.91
CA ASP B 72 20.68 57.78 41.16
C ASP B 72 21.32 56.63 41.94
N VAL B 73 20.81 56.38 43.14
CA VAL B 73 21.43 55.38 44.02
C VAL B 73 21.25 53.98 43.48
N THR B 74 20.18 53.73 42.72
CA THR B 74 19.95 52.41 42.15
C THR B 74 20.86 52.12 40.95
N GLU B 75 21.74 53.04 40.58
CA GLU B 75 22.80 52.79 39.61
C GLU B 75 24.18 52.77 40.25
N ILE B 76 24.40 53.59 41.28
CA ILE B 76 25.66 53.55 42.00
C ILE B 76 25.76 52.27 42.81
N ILE B 77 24.62 51.70 43.21
CA ILE B 77 24.64 50.39 43.88
C ILE B 77 25.11 49.31 42.92
N LEU B 78 24.49 49.20 41.75
CA LEU B 78 24.90 48.14 40.85
C LEU B 78 26.14 48.47 40.04
N ASN B 79 26.72 49.66 40.22
CA ASN B 79 28.09 49.86 39.77
C ASN B 79 29.10 49.45 40.83
N LEU B 80 28.65 49.14 42.05
CA LEU B 80 29.54 48.69 43.10
C LEU B 80 29.50 47.19 43.32
N LYS B 81 28.43 46.51 42.89
CA LYS B 81 28.39 45.06 43.02
C LYS B 81 29.36 44.39 42.06
N SER B 82 29.65 45.03 40.93
CA SER B 82 30.65 44.53 40.00
C SER B 82 32.02 45.15 40.29
N LEU B 83 32.46 45.05 41.53
CA LEU B 83 33.76 45.54 41.97
C LEU B 83 34.50 44.37 42.59
N VAL B 84 35.41 43.78 41.82
CA VAL B 84 36.13 42.58 42.29
C VAL B 84 37.19 43.00 43.28
N VAL B 85 37.17 42.40 44.46
CA VAL B 85 38.09 42.77 45.53
C VAL B 85 38.39 41.54 46.38
N SER B 86 39.67 41.26 46.59
CA SER B 86 40.11 40.15 47.43
C SER B 86 40.58 40.66 48.78
N SER B 87 40.06 40.07 49.85
CA SER B 87 40.39 40.47 51.21
C SER B 87 41.00 39.30 51.98
N GLU B 88 41.64 39.63 53.10
CA GLU B 88 42.28 38.63 53.94
C GLU B 88 41.82 38.66 55.39
N GLU B 89 41.16 39.72 55.83
CA GLU B 89 40.62 39.80 57.18
C GLU B 89 39.22 39.20 57.16
N ASP B 90 39.06 38.04 57.81
CA ASP B 90 37.77 37.34 57.83
C ASP B 90 36.86 37.98 58.87
N GLU B 91 36.47 39.23 58.59
CA GLU B 91 35.72 40.15 59.43
C GLU B 91 35.43 41.39 58.58
N PRO B 92 34.35 42.13 58.87
CA PRO B 92 34.02 43.31 58.05
C PRO B 92 35.04 44.43 58.21
N VAL B 93 35.73 44.75 57.12
CA VAL B 93 36.68 45.84 57.07
C VAL B 93 36.14 46.89 56.11
N THR B 94 36.07 48.14 56.57
CA THR B 94 35.46 49.21 55.80
C THR B 94 36.50 49.96 54.99
N MET B 95 36.06 50.46 53.83
CA MET B 95 36.84 51.33 52.97
C MET B 95 36.08 52.63 52.76
N TYR B 96 36.77 53.65 52.26
CA TYR B 96 36.16 54.94 52.00
C TYR B 96 36.42 55.35 50.55
N LEU B 97 35.54 56.20 50.04
CA LEU B 97 35.65 56.71 48.68
C LEU B 97 35.12 58.14 48.68
N ARG B 98 36.02 59.10 48.66
CA ARG B 98 35.63 60.52 48.71
C ARG B 98 36.30 61.25 47.55
N LYS B 99 35.53 62.07 46.84
CA LYS B 99 36.07 62.81 45.71
C LYS B 99 35.25 64.07 45.50
N GLN B 100 35.93 65.19 45.33
CA GLN B 100 35.29 66.48 45.09
C GLN B 100 35.56 66.92 43.66
N GLY B 101 34.80 67.92 43.22
CA GLY B 101 35.03 68.56 41.95
C GLY B 101 34.43 67.82 40.78
N PRO B 102 34.38 68.47 39.62
CA PRO B 102 33.85 67.81 38.43
C PRO B 102 34.83 66.76 37.90
N GLY B 103 34.28 65.68 37.39
CA GLY B 103 35.11 64.63 36.80
C GLY B 103 34.48 63.26 37.01
N GLU B 104 35.08 62.28 36.35
CA GLU B 104 34.55 60.92 36.35
C GLU B 104 35.28 60.10 37.41
N VAL B 105 34.54 59.64 38.41
CA VAL B 105 35.10 58.83 39.47
C VAL B 105 35.24 57.40 38.99
N THR B 106 36.42 56.83 39.17
CA THR B 106 36.69 55.44 38.84
C THR B 106 36.87 54.64 40.14
N ALA B 107 37.15 53.34 39.98
CA ALA B 107 37.34 52.48 41.13
C ALA B 107 38.70 52.67 41.79
N GLY B 108 39.67 53.21 41.06
CA GLY B 108 40.99 53.45 41.60
C GLY B 108 41.08 54.63 42.54
N ASP B 109 40.01 55.41 42.66
CA ASP B 109 39.95 56.49 43.64
C ASP B 109 39.71 55.99 45.04
N ILE B 110 39.38 54.72 45.21
CA ILE B 110 39.14 54.14 46.52
C ILE B 110 40.47 53.94 47.23
N VAL B 111 40.45 54.01 48.56
CA VAL B 111 41.66 53.85 49.36
C VAL B 111 41.60 52.47 50.03
N PRO B 112 42.42 51.52 49.61
CA PRO B 112 42.39 50.21 50.23
C PRO B 112 43.17 50.21 51.52
N PRO B 113 42.60 49.68 52.59
CA PRO B 113 43.37 49.46 53.82
C PRO B 113 44.33 48.30 53.73
N ALA B 114 44.92 47.91 54.85
CA ALA B 114 45.88 46.82 54.87
C ALA B 114 45.20 45.49 54.61
N GLY B 115 45.54 44.86 53.49
CA GLY B 115 45.09 43.52 53.20
C GLY B 115 44.23 43.39 51.95
N VAL B 116 43.29 44.31 51.77
CA VAL B 116 42.38 44.23 50.65
C VAL B 116 43.07 44.79 49.41
N THR B 117 42.50 44.50 48.24
CA THR B 117 43.03 45.00 46.99
C THR B 117 41.93 44.98 45.95
N VAL B 118 41.91 45.99 45.10
CA VAL B 118 40.94 46.11 44.03
C VAL B 118 41.62 45.71 42.73
N HIS B 119 41.05 44.75 42.02
CA HIS B 119 41.67 44.17 40.85
C HIS B 119 41.23 44.81 39.55
N ASN B 120 40.52 45.94 39.60
CA ASN B 120 40.26 46.75 38.41
C ASN B 120 40.16 48.21 38.82
N PRO B 121 41.25 48.95 38.76
CA PRO B 121 41.19 50.38 39.11
C PRO B 121 40.57 51.25 38.03
N GLY B 122 40.32 50.71 36.84
CA GLY B 122 39.77 51.50 35.76
C GLY B 122 38.31 51.21 35.49
N MET B 123 37.53 51.04 36.54
CA MET B 123 36.09 50.78 36.42
C MET B 123 35.33 52.03 36.83
N HIS B 124 34.62 52.63 35.89
CA HIS B 124 33.87 53.85 36.16
C HIS B 124 32.66 53.56 37.02
N ILE B 125 32.40 54.44 37.98
CA ILE B 125 31.28 54.29 38.91
C ILE B 125 30.31 55.46 38.83
N ALA B 126 30.82 56.69 38.77
CA ALA B 126 29.96 57.86 38.72
C ALA B 126 30.63 58.97 37.92
N THR B 127 29.84 59.97 37.54
CA THR B 127 30.33 61.15 36.83
C THR B 127 29.87 62.38 37.59
N LEU B 128 30.75 62.94 38.41
CA LEU B 128 30.46 64.13 39.19
C LEU B 128 30.35 65.33 38.25
N ASN B 129 29.18 65.96 38.24
CA ASN B 129 28.86 67.03 37.30
C ASN B 129 29.71 68.28 37.49
N ASP B 130 29.51 68.98 38.61
CA ASP B 130 30.25 70.20 38.94
C ASP B 130 30.07 70.54 40.40
N LYS B 131 31.19 70.59 41.15
CA LYS B 131 31.24 71.05 42.54
C LYS B 131 30.33 70.24 43.45
N GLY B 132 30.35 68.92 43.28
CA GLY B 132 29.62 68.04 44.18
C GLY B 132 30.49 66.91 44.69
N LYS B 133 30.77 66.91 45.97
CA LYS B 133 31.69 65.93 46.55
C LYS B 133 30.92 64.70 46.98
N LEU B 134 31.33 63.54 46.48
CA LEU B 134 30.72 62.26 46.83
C LEU B 134 31.56 61.59 47.90
N GLU B 135 30.89 61.04 48.92
CA GLU B 135 31.54 60.39 50.05
C GLU B 135 30.80 59.09 50.36
N VAL B 136 31.38 57.96 49.98
CA VAL B 136 30.80 56.64 50.17
C VAL B 136 31.67 55.87 51.15
N GLU B 137 31.03 54.97 51.91
CA GLU B 137 31.72 54.07 52.80
C GLU B 137 31.32 52.65 52.47
N LEU B 138 32.29 51.80 52.18
CA LEU B 138 32.07 50.42 51.77
C LEU B 138 32.44 49.46 52.88
N VAL B 139 31.84 48.28 52.85
CA VAL B 139 32.15 47.21 53.79
C VAL B 139 32.49 45.96 52.96
N VAL B 140 33.70 45.46 53.12
CA VAL B 140 34.20 44.34 52.33
C VAL B 140 34.40 43.14 53.26
N GLU B 141 33.90 41.97 52.85
CA GLU B 141 34.08 40.77 53.65
C GLU B 141 34.03 39.54 52.77
N ARG B 142 34.43 38.38 53.33
CA ARG B 142 34.53 37.10 52.59
C ARG B 142 33.45 36.12 52.72
N GLY B 143 33.32 35.14 51.85
CA GLY B 143 32.23 34.19 51.91
C GLY B 143 32.15 33.32 50.68
N ARG B 144 31.00 32.84 50.23
CA ARG B 144 30.95 32.05 49.02
C ARG B 144 29.61 32.05 48.42
N GLY B 145 29.45 31.89 47.14
CA GLY B 145 28.15 31.82 46.51
C GLY B 145 27.55 33.14 46.55
N TYR B 146 26.35 33.40 46.12
CA TYR B 146 25.81 34.69 46.14
C TYR B 146 24.83 34.83 47.24
N VAL B 147 25.03 35.57 48.31
CA VAL B 147 24.08 35.63 49.42
C VAL B 147 23.35 36.89 49.36
N PRO B 148 22.07 36.94 49.27
CA PRO B 148 21.30 38.15 48.95
C PRO B 148 21.37 39.22 50.03
N ALA B 149 20.53 40.25 49.91
CA ALA B 149 20.56 41.39 50.82
C ALA B 149 20.17 41.01 52.24
N VAL B 150 21.17 40.88 53.11
CA VAL B 150 20.91 40.64 54.53
C VAL B 150 20.38 41.91 55.16
N GLN B 151 19.24 41.82 55.82
CA GLN B 151 18.57 43.02 56.32
C GLN B 151 19.30 43.62 57.51
N ASN B 152 19.10 44.92 57.68
CA ASN B 152 19.77 45.71 58.72
C ASN B 152 19.15 45.38 60.07
N ARG B 153 19.75 44.41 60.75
CA ARG B 153 19.24 44.01 62.06
C ARG B 153 19.94 44.77 63.18
N ALA B 154 20.73 45.79 62.83
CA ALA B 154 21.29 46.67 63.85
C ALA B 154 20.22 47.52 64.52
N SER B 155 19.27 48.05 63.72
CA SER B 155 18.03 48.68 64.17
C SER B 155 18.30 49.90 65.05
N GLY B 156 18.92 50.90 64.43
CA GLY B 156 19.12 52.19 65.06
C GLY B 156 20.53 52.72 64.97
N ALA B 157 21.55 51.86 64.91
CA ALA B 157 22.92 52.33 64.79
C ALA B 157 23.23 52.77 63.37
N GLU B 158 22.52 52.21 62.39
CA GLU B 158 22.75 52.48 60.98
C GLU B 158 21.58 53.30 60.46
N ILE B 159 21.81 54.58 60.21
CA ILE B 159 20.73 55.46 59.77
C ILE B 159 20.55 55.38 58.26
N GLY B 160 21.58 55.75 57.50
CA GLY B 160 21.47 55.81 56.06
C GLY B 160 22.16 54.66 55.36
N ARG B 161 22.59 53.66 56.14
CA ARG B 161 23.26 52.49 55.59
C ARG B 161 22.25 51.61 54.86
N ILE B 162 22.61 51.17 53.66
CA ILE B 162 21.76 50.28 52.87
C ILE B 162 22.52 49.01 52.57
N PRO B 163 21.87 47.86 52.64
CA PRO B 163 22.57 46.60 52.29
C PRO B 163 22.38 46.23 50.84
N VAL B 164 23.43 45.75 50.19
CA VAL B 164 23.36 45.33 48.81
C VAL B 164 23.61 43.83 48.74
N ASP B 165 23.35 43.27 47.56
CA ASP B 165 23.58 41.85 47.36
C ASP B 165 25.07 41.57 47.25
N SER B 166 25.46 40.35 47.58
CA SER B 166 26.85 39.96 47.65
C SER B 166 27.15 38.87 46.62
N ILE B 167 28.03 39.17 45.67
CA ILE B 167 28.53 38.17 44.74
C ILE B 167 29.91 37.75 45.28
N TYR B 168 29.92 36.71 46.10
CA TYR B 168 31.17 36.23 46.68
C TYR B 168 31.94 35.29 45.77
N SER B 169 31.30 34.73 44.77
CA SER B 169 31.93 33.72 43.95
C SER B 169 32.93 34.34 42.99
N PRO B 170 34.16 33.82 42.92
CA PRO B 170 35.07 34.30 41.87
C PRO B 170 34.65 33.88 40.47
N VAL B 171 33.92 32.79 40.30
CA VAL B 171 33.38 32.46 39.00
C VAL B 171 32.03 33.14 38.85
N LEU B 172 31.57 33.26 37.61
CA LEU B 172 30.35 33.99 37.31
C LEU B 172 29.30 33.17 36.59
N LYS B 173 29.70 32.37 35.63
CA LYS B 173 28.73 31.68 34.78
C LYS B 173 29.36 30.41 34.26
N VAL B 174 28.83 29.27 34.70
CA VAL B 174 29.32 27.96 34.32
C VAL B 174 28.17 27.20 33.68
N THR B 175 28.40 26.65 32.49
CA THR B 175 27.41 25.83 31.83
C THR B 175 28.08 24.57 31.30
N TYR B 176 27.31 23.51 31.17
CA TYR B 176 27.85 22.22 30.80
C TYR B 176 26.85 21.50 29.89
N LYS B 177 27.38 20.56 29.10
CA LYS B 177 26.57 19.65 28.31
C LYS B 177 27.43 18.44 27.97
N VAL B 178 26.80 17.31 27.72
CA VAL B 178 27.53 16.09 27.42
C VAL B 178 27.25 15.66 25.98
N ASP B 179 28.09 14.75 25.48
CA ASP B 179 27.96 14.22 24.13
C ASP B 179 28.16 12.71 24.19
N ALA B 180 28.30 12.08 23.01
CA ALA B 180 28.22 10.63 22.88
C ALA B 180 29.31 10.08 21.97
N THR B 181 30.57 10.40 22.28
CA THR B 181 31.68 10.06 21.41
C THR B 181 31.95 8.55 21.32
N ARG B 182 32.15 8.09 20.08
CA ARG B 182 32.70 6.77 19.73
C ARG B 182 31.84 5.63 20.26
N VAL B 183 30.65 5.51 19.66
CA VAL B 183 29.65 4.56 20.12
C VAL B 183 29.95 3.10 19.81
N GLU B 184 30.96 2.79 18.99
CA GLU B 184 31.23 1.43 18.57
C GLU B 184 32.55 0.88 19.08
N GLN B 185 33.65 1.59 18.82
CA GLN B 185 34.94 1.16 19.35
C GLN B 185 35.02 1.40 20.85
N ARG B 186 34.67 2.60 21.29
CA ARG B 186 34.64 2.92 22.70
C ARG B 186 33.30 2.62 23.36
N THR B 187 32.30 2.17 22.59
CA THR B 187 31.01 1.64 23.07
C THR B 187 30.24 2.64 23.93
N ASP B 188 29.83 3.74 23.28
CA ASP B 188 28.82 4.70 23.75
C ASP B 188 29.25 5.42 25.02
N PHE B 189 30.41 6.06 24.94
CA PHE B 189 30.96 6.79 26.06
C PHE B 189 30.39 8.20 26.11
N ASP B 190 30.95 9.05 26.96
CA ASP B 190 30.48 10.42 27.15
C ASP B 190 31.60 11.41 26.90
N LYS B 191 31.24 12.69 26.89
CA LYS B 191 32.23 13.76 26.77
C LYS B 191 31.64 14.99 27.45
N LEU B 192 32.09 15.27 28.66
CA LEU B 192 31.61 16.42 29.41
C LEU B 192 32.34 17.68 28.96
N ILE B 193 31.59 18.72 28.62
CA ILE B 193 32.15 19.96 28.10
C ILE B 193 31.81 21.08 29.08
N LEU B 194 32.74 21.43 29.95
CA LEU B 194 32.51 22.56 30.83
C LEU B 194 32.82 23.87 30.12
N ASP B 195 32.25 24.96 30.65
CA ASP B 195 32.44 26.28 30.06
C ASP B 195 32.34 27.31 31.19
N VAL B 196 33.47 27.63 31.79
CA VAL B 196 33.53 28.41 33.02
C VAL B 196 34.08 29.80 32.70
N GLU B 197 33.34 30.83 33.10
CA GLU B 197 33.78 32.21 33.00
C GLU B 197 34.03 32.76 34.41
N THR B 198 35.17 33.40 34.59
CA THR B 198 35.56 33.95 35.88
C THR B 198 35.57 35.47 35.82
N LYS B 199 35.52 36.10 36.99
CA LYS B 199 36.00 37.46 37.06
C LYS B 199 37.52 37.45 37.16
N ASN B 200 38.16 38.61 37.03
CA ASN B 200 39.60 38.65 36.84
C ASN B 200 40.40 38.49 38.13
N SER B 201 39.80 37.96 39.20
CA SER B 201 40.54 37.70 40.42
C SER B 201 41.41 36.46 40.28
N ILE B 202 40.84 35.34 39.82
CA ILE B 202 41.58 34.12 39.57
C ILE B 202 41.26 33.59 38.18
N SER B 203 42.15 32.77 37.66
CA SER B 203 42.00 32.18 36.36
C SER B 203 40.92 31.09 36.41
N PRO B 204 40.31 30.75 35.27
CA PRO B 204 39.39 29.60 35.26
C PRO B 204 40.09 28.27 35.36
N ARG B 205 41.41 28.21 35.24
CA ARG B 205 42.15 26.99 35.50
C ARG B 205 42.42 26.78 36.98
N ASP B 206 42.70 27.87 37.71
CA ASP B 206 42.87 27.78 39.15
C ASP B 206 41.55 27.62 39.88
N ALA B 207 40.43 27.99 39.27
CA ALA B 207 39.13 27.84 39.89
C ALA B 207 38.54 26.46 39.67
N LEU B 208 39.07 25.69 38.72
CA LEU B 208 38.66 24.31 38.58
C LEU B 208 39.37 23.41 39.59
N ALA B 209 40.61 23.73 39.94
CA ALA B 209 41.37 22.88 40.85
C ALA B 209 40.91 23.04 42.29
N SER B 210 40.43 24.22 42.66
CA SER B 210 39.95 24.42 44.04
C SER B 210 38.66 23.66 44.29
N ALA B 211 37.76 23.61 43.32
CA ALA B 211 36.55 22.82 43.50
C ALA B 211 36.85 21.33 43.41
N GLY B 212 37.87 20.94 42.65
CA GLY B 212 38.32 19.56 42.69
C GLY B 212 38.85 19.17 44.06
N LYS B 213 39.55 20.09 44.72
CA LYS B 213 40.03 19.83 46.07
C LYS B 213 38.89 19.75 47.07
N THR B 214 37.94 20.68 47.00
CA THR B 214 36.81 20.63 47.92
C THR B 214 35.85 19.48 47.63
N LEU B 215 35.91 18.88 46.45
CA LEU B 215 35.11 17.69 46.19
C LEU B 215 35.83 16.41 46.58
N VAL B 216 37.14 16.33 46.37
CA VAL B 216 37.85 15.13 46.79
C VAL B 216 38.02 15.10 48.30
N GLU B 217 37.86 16.24 48.98
CA GLU B 217 37.74 16.22 50.43
C GLU B 217 36.32 15.96 50.89
N LEU B 218 35.35 15.91 49.99
CA LEU B 218 33.95 15.74 50.31
C LEU B 218 33.45 14.32 50.11
N PHE B 219 33.91 13.64 49.07
CA PHE B 219 33.63 12.22 48.89
C PHE B 219 34.59 11.35 49.69
N GLY B 220 35.63 11.93 50.26
CA GLY B 220 36.45 11.18 51.20
C GLY B 220 35.82 10.97 52.55
N LEU B 221 34.73 11.67 52.83
CA LEU B 221 33.94 11.37 54.03
C LEU B 221 33.23 10.04 53.88
N ALA B 222 32.88 9.66 52.65
CA ALA B 222 32.24 8.38 52.42
C ALA B 222 33.25 7.27 52.20
N ARG B 223 34.41 7.60 51.63
CA ARG B 223 35.46 6.61 51.41
C ARG B 223 36.11 6.18 52.73
N GLU B 224 36.04 7.01 53.76
CA GLU B 224 36.55 6.63 55.08
C GLU B 224 35.47 5.99 55.93
N LEU B 225 34.79 5.01 55.36
CA LEU B 225 33.93 4.09 56.09
C LEU B 225 34.46 2.67 56.03
N ASN B 226 35.03 2.28 54.89
CA ASN B 226 35.70 1.00 54.73
C ASN B 226 36.76 1.21 53.67
N VAL B 227 38.03 1.21 54.08
CA VAL B 227 39.10 1.65 53.19
C VAL B 227 39.36 0.61 52.11
N GLU B 228 39.39 -0.67 52.48
CA GLU B 228 39.69 -1.73 51.51
C GLU B 228 38.41 -2.28 50.89
N ALA B 229 37.59 -1.38 50.38
CA ALA B 229 36.46 -1.73 49.53
C ALA B 229 36.85 -1.54 48.07
N GLU B 230 36.18 -2.25 47.19
CA GLU B 230 36.59 -2.36 45.79
C GLU B 230 35.74 -1.43 44.95
N GLY B 231 36.37 -0.39 44.41
CA GLY B 231 35.69 0.49 43.46
C GLY B 231 36.46 0.60 42.17
N ILE B 232 35.97 1.41 41.25
CA ILE B 232 36.61 1.59 39.95
C ILE B 232 37.85 2.46 40.13
N GLU B 233 39.01 1.89 39.82
CA GLU B 233 40.28 2.60 39.90
C GLU B 233 40.67 3.08 38.50
N ILE B 234 41.34 4.22 38.44
CA ILE B 234 41.68 4.83 37.16
C ILE B 234 43.08 4.41 36.71
N GLY B 235 44.08 4.62 37.54
CA GLY B 235 45.45 4.39 37.16
C GLY B 235 46.25 5.68 37.24
N PRO B 236 47.58 5.56 37.25
CA PRO B 236 48.45 6.74 37.34
C PRO B 236 48.53 7.47 36.00
N SER B 237 49.36 8.51 35.97
CA SER B 237 49.50 9.37 34.80
C SER B 237 50.15 8.64 33.62
N ASN C 24 -17.39 -15.43 38.52
CA ASN C 24 -18.74 -15.88 38.81
C ASN C 24 -19.09 -17.11 37.98
N SER C 25 -19.55 -18.16 38.68
CA SER C 25 -19.99 -19.43 38.10
C SER C 25 -18.90 -20.13 37.30
N VAL C 26 -17.64 -19.89 37.67
CA VAL C 26 -16.48 -20.64 37.16
C VAL C 26 -15.73 -21.06 38.42
N PRO C 27 -15.41 -22.35 38.59
CA PRO C 27 -15.04 -22.82 39.94
C PRO C 27 -13.67 -22.37 40.41
N GLY C 28 -12.70 -22.25 39.53
CA GLY C 28 -11.36 -21.89 39.97
C GLY C 28 -10.95 -20.49 39.58
N ALA C 29 -11.87 -19.56 39.64
CA ALA C 29 -11.60 -18.22 39.16
C ALA C 29 -10.88 -17.41 40.22
N PRO C 30 -10.03 -16.46 39.81
CA PRO C 30 -9.50 -15.49 40.77
C PRO C 30 -10.56 -14.50 41.20
N ASN C 31 -10.53 -14.15 42.47
CA ASN C 31 -11.54 -13.27 43.06
C ASN C 31 -11.25 -11.84 42.64
N ARG C 32 -11.92 -11.40 41.59
CA ARG C 32 -11.75 -10.07 41.05
C ARG C 32 -13.01 -9.27 41.34
N VAL C 33 -12.87 -8.24 42.18
CA VAL C 33 -14.02 -7.47 42.64
C VAL C 33 -14.51 -6.57 41.51
N SER C 34 -15.80 -6.30 41.52
CA SER C 34 -16.43 -5.56 40.43
C SER C 34 -17.07 -4.28 40.93
N PHE C 35 -17.04 -3.25 40.09
CA PHE C 35 -17.68 -1.98 40.35
C PHE C 35 -19.08 -1.91 39.79
N ALA C 36 -19.65 -3.04 39.37
CA ALA C 36 -20.93 -3.04 38.70
C ALA C 36 -22.06 -2.71 39.65
N LYS C 37 -22.85 -1.70 39.29
CA LYS C 37 -23.98 -1.27 40.08
C LYS C 37 -25.27 -1.99 39.73
N LEU C 38 -25.27 -2.80 38.67
CA LEU C 38 -26.45 -3.53 38.24
C LEU C 38 -26.16 -5.02 38.27
N ARG C 39 -27.22 -5.81 38.23
CA ARG C 39 -27.11 -7.25 38.02
C ARG C 39 -27.66 -7.57 36.64
N GLU C 40 -27.29 -8.72 36.10
CA GLU C 40 -27.74 -9.08 34.77
C GLU C 40 -28.47 -10.42 34.81
N PRO C 41 -29.60 -10.55 34.12
CA PRO C 41 -30.33 -11.81 34.14
C PRO C 41 -29.70 -12.90 33.29
N LEU C 42 -29.22 -12.55 32.10
CA LEU C 42 -28.69 -13.51 31.15
C LEU C 42 -27.17 -13.43 31.15
N GLU C 43 -26.52 -14.57 31.29
CA GLU C 43 -25.07 -14.60 31.27
C GLU C 43 -24.58 -14.76 29.83
N VAL C 44 -23.28 -14.55 29.66
CA VAL C 44 -22.65 -14.52 28.33
C VAL C 44 -22.68 -15.93 27.72
N PRO C 45 -23.14 -16.08 26.47
CA PRO C 45 -23.30 -17.42 25.90
C PRO C 45 -21.99 -18.10 25.55
N GLY C 46 -22.12 -19.25 24.90
CA GLY C 46 -20.97 -20.02 24.48
C GLY C 46 -20.36 -19.43 23.23
N LEU C 47 -19.51 -18.42 23.40
CA LEU C 47 -19.01 -17.48 22.38
C LEU C 47 -18.65 -18.04 21.02
N LEU C 48 -18.28 -19.32 20.94
CA LEU C 48 -18.06 -19.99 19.68
C LEU C 48 -19.27 -20.77 19.18
N ASP C 49 -20.49 -20.31 19.48
CA ASP C 49 -21.67 -21.00 18.98
C ASP C 49 -22.10 -20.54 17.60
N VAL C 50 -21.50 -19.46 17.08
CA VAL C 50 -21.78 -19.08 15.71
C VAL C 50 -21.17 -20.08 14.75
N GLN C 51 -20.02 -20.64 15.09
CA GLN C 51 -19.32 -21.59 14.25
C GLN C 51 -19.82 -23.02 14.42
N THR C 52 -19.90 -23.51 15.65
CA THR C 52 -20.11 -24.95 15.84
C THR C 52 -21.57 -25.35 15.67
N ASP C 53 -22.51 -24.45 15.96
CA ASP C 53 -23.91 -24.82 15.82
C ASP C 53 -24.34 -24.85 14.36
N SER C 54 -23.58 -24.18 13.49
CA SER C 54 -23.89 -24.23 12.07
C SER C 54 -23.24 -25.41 11.38
N PHE C 55 -22.26 -26.05 12.02
CA PHE C 55 -21.67 -27.24 11.43
C PHE C 55 -22.46 -28.48 11.81
N GLU C 56 -22.89 -28.57 13.06
CA GLU C 56 -23.66 -29.74 13.46
C GLU C 56 -25.13 -29.60 13.09
N TRP C 57 -25.51 -28.54 12.38
CA TRP C 57 -26.73 -28.57 11.59
C TRP C 57 -26.46 -29.22 10.24
N LEU C 58 -25.28 -28.98 9.69
CA LEU C 58 -24.92 -29.52 8.37
C LEU C 58 -24.73 -31.03 8.45
N ILE C 59 -24.13 -31.50 9.53
CA ILE C 59 -23.96 -32.93 9.76
C ILE C 59 -25.32 -33.56 10.07
N GLY C 60 -26.03 -32.99 11.02
CA GLY C 60 -27.21 -33.61 11.54
C GLY C 60 -26.88 -34.36 12.81
N SER C 61 -26.10 -33.73 13.67
CA SER C 61 -25.78 -34.29 14.96
C SER C 61 -27.04 -34.29 15.83
N PRO C 62 -27.15 -35.23 16.79
CA PRO C 62 -28.33 -35.27 17.65
C PRO C 62 -28.50 -34.06 18.57
N ARG C 63 -27.42 -33.29 18.80
CA ARG C 63 -27.55 -32.03 19.53
C ARG C 63 -28.47 -31.07 18.82
N TRP C 64 -28.21 -30.84 17.53
CA TRP C 64 -29.08 -29.97 16.74
C TRP C 64 -30.46 -30.59 16.56
N ARG C 65 -30.51 -31.91 16.42
CA ARG C 65 -31.77 -32.61 16.22
C ARG C 65 -32.70 -32.43 17.42
N GLU C 66 -32.12 -32.37 18.62
CA GLU C 66 -32.91 -32.03 19.79
C GLU C 66 -33.21 -30.53 19.86
N SER C 67 -32.19 -29.68 19.66
CA SER C 67 -32.34 -28.25 19.86
C SER C 67 -33.22 -27.56 18.83
N ALA C 68 -33.46 -28.19 17.68
CA ALA C 68 -34.43 -27.63 16.74
C ALA C 68 -35.85 -27.87 17.24
N ALA C 69 -36.12 -29.07 17.75
CA ALA C 69 -37.45 -29.36 18.31
C ALA C 69 -37.66 -28.60 19.61
N GLU C 70 -36.57 -28.22 20.28
CA GLU C 70 -36.69 -27.45 21.52
C GLU C 70 -37.19 -26.03 21.28
N ARG C 71 -37.14 -25.53 20.04
CA ARG C 71 -37.74 -24.26 19.66
C ARG C 71 -38.38 -24.42 18.28
N GLY C 72 -39.66 -24.81 18.27
CA GLY C 72 -40.39 -24.96 17.03
C GLY C 72 -39.88 -26.13 16.19
N ASP C 73 -39.87 -25.94 14.88
CA ASP C 73 -39.22 -26.81 13.89
C ASP C 73 -39.78 -28.24 13.95
N VAL C 74 -41.02 -28.35 13.49
CA VAL C 74 -41.80 -29.59 13.58
C VAL C 74 -41.09 -30.74 12.88
N ASN C 75 -40.55 -30.48 11.70
CA ASN C 75 -39.75 -31.49 10.99
C ASN C 75 -38.39 -30.88 10.63
N PRO C 76 -37.34 -31.18 11.40
CA PRO C 76 -36.02 -30.63 11.09
C PRO C 76 -35.23 -31.51 10.12
N VAL C 77 -34.65 -30.87 9.12
CA VAL C 77 -33.84 -31.54 8.11
C VAL C 77 -32.43 -30.99 8.16
N GLY C 78 -31.46 -31.87 7.93
CA GLY C 78 -30.07 -31.51 8.04
C GLY C 78 -29.56 -30.70 6.86
N GLY C 79 -28.28 -30.38 6.91
CA GLY C 79 -27.67 -29.65 5.83
C GLY C 79 -27.43 -30.53 4.63
N LEU C 80 -27.03 -31.78 4.87
CA LEU C 80 -26.81 -32.72 3.78
C LEU C 80 -28.10 -33.37 3.33
N GLU C 81 -29.07 -33.52 4.23
CA GLU C 81 -30.38 -34.04 3.86
C GLU C 81 -31.12 -33.07 2.96
N GLU C 82 -30.85 -31.77 3.10
CA GLU C 82 -31.50 -30.76 2.27
C GLU C 82 -31.00 -30.80 0.84
N VAL C 83 -29.77 -31.25 0.61
CA VAL C 83 -29.28 -31.39 -0.76
C VAL C 83 -29.76 -32.68 -1.39
N LEU C 84 -29.73 -33.77 -0.60
CA LEU C 84 -30.10 -35.07 -1.12
C LEU C 84 -31.61 -35.15 -1.39
N TYR C 85 -32.42 -34.47 -0.56
CA TYR C 85 -33.85 -34.46 -0.79
C TYR C 85 -34.25 -33.57 -1.95
N GLU C 86 -33.39 -32.66 -2.38
CA GLU C 86 -33.66 -31.85 -3.55
C GLU C 86 -32.91 -32.31 -4.78
N LEU C 87 -32.08 -33.36 -4.64
CA LEU C 87 -31.54 -34.03 -5.81
C LEU C 87 -32.32 -35.30 -6.16
N SER C 88 -32.76 -36.03 -5.16
CA SER C 88 -33.55 -37.24 -5.40
C SER C 88 -34.95 -36.85 -5.85
N PRO C 89 -35.55 -37.60 -6.80
CA PRO C 89 -35.00 -38.77 -7.49
C PRO C 89 -34.39 -38.45 -8.87
N ILE C 90 -33.32 -39.17 -9.20
CA ILE C 90 -32.69 -39.02 -10.50
C ILE C 90 -33.49 -39.86 -11.51
N GLU C 91 -34.18 -39.18 -12.42
CA GLU C 91 -35.00 -39.86 -13.42
C GLU C 91 -34.71 -39.26 -14.79
N ASP C 92 -34.45 -40.12 -15.77
CA ASP C 92 -34.16 -39.70 -17.12
C ASP C 92 -35.44 -39.41 -17.89
N PHE C 93 -35.30 -39.11 -19.18
CA PHE C 93 -36.46 -38.89 -20.03
C PHE C 93 -37.21 -40.20 -20.33
N SER C 94 -36.55 -41.34 -20.16
CA SER C 94 -37.21 -42.63 -20.36
C SER C 94 -38.24 -42.89 -19.27
N GLY C 95 -38.01 -42.38 -18.06
CA GLY C 95 -38.98 -42.52 -16.98
C GLY C 95 -39.14 -43.93 -16.47
N SER C 96 -38.15 -44.79 -16.68
CA SER C 96 -38.24 -46.20 -16.32
C SER C 96 -37.24 -46.59 -15.25
N MET C 97 -36.40 -45.67 -14.79
CA MET C 97 -35.36 -46.00 -13.83
C MET C 97 -35.11 -44.78 -12.94
N SER C 98 -34.97 -45.03 -11.64
CA SER C 98 -34.89 -43.97 -10.66
C SER C 98 -33.78 -44.26 -9.66
N LEU C 99 -33.03 -43.21 -9.31
CA LEU C 99 -31.94 -43.31 -8.34
C LEU C 99 -32.22 -42.35 -7.20
N SER C 100 -32.11 -42.85 -5.97
CA SER C 100 -32.48 -42.09 -4.79
C SER C 100 -31.41 -42.23 -3.71
N PHE C 101 -30.99 -41.10 -3.16
CA PHE C 101 -30.05 -41.06 -2.05
C PHE C 101 -30.81 -40.82 -0.75
N SER C 102 -30.32 -41.43 0.33
CA SER C 102 -30.96 -41.24 1.62
C SER C 102 -29.97 -41.53 2.74
N ASP C 103 -30.36 -41.07 3.95
CA ASP C 103 -29.75 -41.25 5.26
C ASP C 103 -28.24 -41.05 5.28
N PRO C 104 -27.75 -39.82 5.16
CA PRO C 104 -26.28 -39.61 5.15
C PRO C 104 -25.73 -39.76 6.56
N ARG C 105 -24.84 -40.73 6.74
CA ARG C 105 -24.22 -40.95 8.04
C ARG C 105 -22.71 -40.85 7.89
N PHE C 106 -22.05 -40.67 9.03
CA PHE C 106 -20.61 -40.45 9.07
C PHE C 106 -19.92 -41.57 9.84
N ASP C 107 -18.71 -41.88 9.41
CA ASP C 107 -17.88 -42.83 10.11
C ASP C 107 -17.03 -42.08 11.13
N ASP C 108 -16.16 -42.79 11.84
CA ASP C 108 -15.27 -42.14 12.79
C ASP C 108 -14.13 -41.45 12.04
N VAL C 109 -13.46 -40.52 12.75
CA VAL C 109 -12.34 -39.81 12.16
C VAL C 109 -11.17 -40.76 11.99
N LYS C 110 -10.42 -40.56 10.90
CA LYS C 110 -9.33 -41.50 10.61
C LYS C 110 -8.13 -41.24 11.51
N ALA C 111 -7.71 -39.99 11.62
CA ALA C 111 -6.59 -39.62 12.48
C ALA C 111 -7.07 -38.69 13.58
N PRO C 112 -6.43 -38.71 14.75
CA PRO C 112 -6.77 -37.72 15.78
C PRO C 112 -6.29 -36.32 15.44
N VAL C 113 -6.53 -35.37 16.33
CA VAL C 113 -6.35 -33.96 16.01
C VAL C 113 -4.87 -33.62 15.90
N ASP C 114 -4.12 -33.83 16.99
CA ASP C 114 -2.74 -33.38 17.06
C ASP C 114 -1.85 -34.14 16.08
N GLU C 115 -2.13 -35.42 15.89
CA GLU C 115 -1.43 -36.22 14.88
C GLU C 115 -1.68 -35.67 13.48
N CYS C 116 -2.88 -35.14 13.24
CA CYS C 116 -3.15 -34.47 11.97
C CYS C 116 -2.27 -33.24 11.77
N LYS C 117 -1.93 -32.54 12.85
CA LYS C 117 -1.02 -31.43 12.71
C LYS C 117 0.43 -31.87 12.65
N ASP C 118 0.72 -33.15 12.87
CA ASP C 118 2.09 -33.63 12.90
C ASP C 118 2.53 -34.13 11.53
N LYS C 119 1.77 -35.07 10.96
CA LYS C 119 2.14 -35.73 9.72
C LYS C 119 1.60 -35.02 8.48
N ASP C 120 1.08 -33.79 8.64
CA ASP C 120 0.49 -32.97 7.56
C ASP C 120 -0.64 -33.69 6.83
N MET C 121 -1.57 -34.25 7.60
CA MET C 121 -2.79 -34.80 7.04
C MET C 121 -3.99 -34.04 7.59
N THR C 122 -5.05 -33.97 6.82
CA THR C 122 -6.21 -33.17 7.19
C THR C 122 -7.20 -33.97 8.01
N TYR C 123 -7.84 -33.28 8.95
CA TYR C 123 -8.89 -33.87 9.78
C TYR C 123 -10.07 -34.19 8.89
N ALA C 124 -10.58 -35.43 8.96
CA ALA C 124 -11.62 -35.86 8.06
C ALA C 124 -12.40 -37.00 8.68
N ALA C 125 -13.46 -37.42 7.98
CA ALA C 125 -14.27 -38.57 8.34
C ALA C 125 -14.95 -39.09 7.09
N PRO C 126 -15.08 -40.41 6.93
CA PRO C 126 -15.74 -40.94 5.74
C PRO C 126 -17.25 -40.72 5.77
N LEU C 127 -17.82 -40.55 4.58
CA LEU C 127 -19.24 -40.26 4.41
C LEU C 127 -19.92 -41.46 3.76
N PHE C 128 -21.03 -41.90 4.35
CA PHE C 128 -21.82 -43.01 3.82
C PHE C 128 -23.24 -42.54 3.57
N VAL C 129 -23.76 -42.86 2.38
CA VAL C 129 -25.11 -42.47 1.95
C VAL C 129 -25.74 -43.67 1.27
N THR C 130 -26.91 -44.09 1.73
CA THR C 130 -27.57 -45.25 1.14
C THR C 130 -28.20 -44.84 -0.19
N ALA C 131 -27.71 -45.43 -1.27
CA ALA C 131 -28.31 -45.23 -2.58
C ALA C 131 -29.35 -46.31 -2.84
N GLU C 132 -30.20 -46.08 -3.84
CA GLU C 132 -31.23 -47.04 -4.18
C GLU C 132 -31.62 -46.85 -5.64
N PHE C 133 -31.47 -47.90 -6.43
CA PHE C 133 -31.83 -47.90 -7.84
C PHE C 133 -33.06 -48.77 -8.05
N ILE C 134 -34.10 -48.19 -8.63
CA ILE C 134 -35.36 -48.88 -8.89
C ILE C 134 -35.70 -48.74 -10.36
N ASN C 135 -35.73 -49.87 -11.08
CA ASN C 135 -36.22 -49.86 -12.44
C ASN C 135 -37.72 -50.08 -12.44
N ASN C 136 -38.42 -49.35 -13.30
CA ASN C 136 -39.87 -49.39 -13.32
C ASN C 136 -40.44 -50.53 -14.15
N ASN C 137 -39.68 -51.05 -15.10
CA ASN C 137 -40.22 -52.07 -16.01
C ASN C 137 -40.30 -53.43 -15.34
N THR C 138 -39.44 -53.70 -14.37
CA THR C 138 -39.41 -54.98 -13.68
C THR C 138 -39.48 -54.89 -12.17
N GLY C 139 -38.99 -53.81 -11.58
CA GLY C 139 -38.98 -53.69 -10.13
C GLY C 139 -37.68 -54.20 -9.55
N GLU C 140 -36.87 -53.32 -8.99
CA GLU C 140 -35.57 -53.69 -8.45
C GLU C 140 -35.33 -52.96 -7.15
N ILE C 141 -34.74 -53.58 -6.18
CA ILE C 141 -34.37 -52.78 -5.09
C ILE C 141 -33.03 -53.34 -4.72
N LYS C 142 -31.99 -52.61 -5.03
CA LYS C 142 -30.69 -53.00 -4.64
C LYS C 142 -30.46 -51.66 -4.09
N SER C 143 -30.24 -51.56 -2.80
CA SER C 143 -30.02 -50.29 -2.22
C SER C 143 -28.67 -50.53 -1.70
N GLN C 144 -27.72 -49.86 -2.29
CA GLN C 144 -26.39 -50.00 -1.84
C GLN C 144 -25.91 -48.89 -0.97
N THR C 145 -24.85 -49.15 -0.19
CA THR C 145 -24.19 -48.20 0.70
C THR C 145 -22.99 -47.81 -0.03
N VAL C 146 -22.91 -46.54 -0.32
CA VAL C 146 -21.90 -45.91 -1.15
C VAL C 146 -21.05 -44.99 -0.29
N PHE C 147 -19.73 -45.14 -0.38
CA PHE C 147 -18.79 -44.25 0.28
C PHE C 147 -18.71 -42.96 -0.52
N MET C 148 -19.10 -41.84 0.08
CA MET C 148 -19.16 -40.59 -0.67
C MET C 148 -17.82 -39.86 -0.66
N GLY C 149 -17.08 -39.90 0.43
CA GLY C 149 -15.79 -39.25 0.45
C GLY C 149 -15.26 -38.96 1.84
N ASP C 150 -14.03 -38.46 1.90
CA ASP C 150 -13.44 -38.02 3.16
C ASP C 150 -13.79 -36.56 3.39
N PHE C 151 -14.77 -36.34 4.26
CA PHE C 151 -15.37 -35.04 4.53
C PHE C 151 -14.57 -34.36 5.64
N PRO C 152 -14.11 -33.13 5.47
CA PRO C 152 -13.29 -32.49 6.51
C PRO C 152 -14.16 -32.07 7.69
N MET C 153 -13.72 -32.45 8.90
CA MET C 153 -14.49 -32.21 10.11
C MET C 153 -13.99 -30.95 10.82
N MET C 154 -14.90 -30.36 11.58
CA MET C 154 -14.59 -29.24 12.44
C MET C 154 -14.11 -29.75 13.78
N THR C 155 -13.06 -29.13 14.30
CA THR C 155 -12.47 -29.54 15.57
C THR C 155 -13.34 -29.07 16.73
N GLU C 156 -12.84 -29.23 17.95
CA GLU C 156 -13.58 -28.82 19.13
C GLU C 156 -13.66 -27.31 19.26
N LYS C 157 -12.67 -26.59 18.73
CA LYS C 157 -12.59 -25.16 18.89
C LYS C 157 -13.11 -24.39 17.69
N GLY C 158 -13.85 -25.04 16.80
CA GLY C 158 -14.42 -24.32 15.69
C GLY C 158 -13.47 -24.03 14.56
N THR C 159 -12.38 -24.77 14.45
CA THR C 159 -11.43 -24.61 13.35
C THR C 159 -11.38 -25.88 12.54
N PHE C 160 -11.06 -25.74 11.26
CA PHE C 160 -10.76 -26.87 10.42
C PHE C 160 -9.25 -27.05 10.32
N ILE C 161 -8.83 -28.26 10.02
CA ILE C 161 -7.42 -28.56 9.86
C ILE C 161 -7.23 -29.09 8.44
N ILE C 162 -6.59 -28.29 7.60
CA ILE C 162 -6.42 -28.59 6.19
C ILE C 162 -4.93 -28.73 5.92
N ASN C 163 -4.52 -29.89 5.41
CA ASN C 163 -3.15 -30.22 5.03
C ASN C 163 -2.15 -30.00 6.17
N GLY C 164 -2.59 -30.19 7.41
CA GLY C 164 -1.77 -29.90 8.56
C GLY C 164 -1.98 -28.54 9.16
N THR C 165 -2.20 -27.50 8.35
CA THR C 165 -2.40 -26.17 8.90
C THR C 165 -3.82 -26.02 9.41
N GLU C 166 -4.07 -24.91 10.09
CA GLU C 166 -5.35 -24.68 10.75
C GLU C 166 -6.05 -23.48 10.10
N ARG C 167 -7.26 -23.70 9.63
CA ARG C 167 -8.02 -22.68 8.92
C ARG C 167 -9.34 -22.40 9.63
N VAL C 168 -9.90 -21.23 9.33
CA VAL C 168 -11.15 -20.74 9.89
C VAL C 168 -12.03 -20.28 8.75
N VAL C 169 -13.26 -20.80 8.70
CA VAL C 169 -14.22 -20.36 7.70
C VAL C 169 -15.05 -19.23 8.29
N VAL C 170 -15.07 -18.09 7.60
CA VAL C 170 -15.62 -16.85 8.13
C VAL C 170 -17.03 -16.66 7.56
N SER C 171 -17.92 -16.09 8.37
CA SER C 171 -19.29 -15.84 7.95
C SER C 171 -19.35 -14.71 6.93
N GLN C 172 -20.45 -14.64 6.20
CA GLN C 172 -20.58 -13.68 5.12
C GLN C 172 -21.92 -12.95 5.20
N LEU C 173 -21.91 -11.66 4.90
CA LEU C 173 -23.13 -10.86 4.87
C LEU C 173 -23.58 -10.67 3.43
N VAL C 174 -24.77 -11.17 3.10
CA VAL C 174 -25.34 -10.98 1.78
C VAL C 174 -26.76 -10.49 1.95
N ARG C 175 -27.28 -9.78 0.95
CA ARG C 175 -28.67 -9.37 1.00
C ARG C 175 -29.57 -10.58 0.77
N SER C 176 -30.69 -10.58 1.45
CA SER C 176 -31.54 -11.76 1.33
C SER C 176 -32.37 -11.67 0.06
N PRO C 177 -32.57 -12.79 -0.64
CA PRO C 177 -33.34 -12.75 -1.89
C PRO C 177 -34.82 -12.54 -1.61
N GLY C 178 -35.44 -11.66 -2.39
CA GLY C 178 -36.84 -11.35 -2.18
C GLY C 178 -37.28 -10.15 -2.99
N VAL C 179 -38.29 -9.46 -2.47
CA VAL C 179 -38.90 -8.32 -3.15
C VAL C 179 -38.46 -7.06 -2.42
N TYR C 180 -37.78 -6.17 -3.14
CA TYR C 180 -37.34 -4.90 -2.56
C TYR C 180 -37.98 -3.76 -3.32
N PHE C 181 -38.71 -2.91 -2.59
CA PHE C 181 -39.32 -1.72 -3.16
C PHE C 181 -38.45 -0.51 -2.87
N ASP C 182 -38.49 0.47 -3.76
CA ASP C 182 -37.74 1.69 -3.52
C ASP C 182 -38.43 2.84 -4.23
N GLU C 183 -37.95 4.05 -3.93
CA GLU C 183 -38.56 5.27 -4.42
C GLU C 183 -37.44 6.25 -4.75
N THR C 184 -37.48 6.82 -5.95
CA THR C 184 -36.48 7.78 -6.40
C THR C 184 -37.18 9.06 -6.83
N ILE C 185 -36.40 10.14 -6.87
CA ILE C 185 -36.88 11.44 -7.31
C ILE C 185 -35.94 11.96 -8.39
N ASP C 186 -36.47 12.17 -9.59
CA ASP C 186 -35.69 12.71 -10.68
C ASP C 186 -35.95 14.20 -10.81
N LYS C 187 -34.88 14.95 -11.13
CA LYS C 187 -34.92 16.40 -11.07
C LYS C 187 -35.54 17.04 -12.31
N SER C 188 -35.92 16.25 -13.32
CA SER C 188 -36.44 16.83 -14.55
C SER C 188 -37.88 17.30 -14.38
N THR C 189 -38.78 16.37 -14.09
CA THR C 189 -40.20 16.70 -13.95
C THR C 189 -40.68 16.73 -12.51
N ASP C 190 -39.77 16.46 -11.55
CA ASP C 190 -40.00 16.65 -10.11
C ASP C 190 -41.15 15.80 -9.58
N LYS C 191 -41.20 14.54 -10.00
CA LYS C 191 -42.14 13.58 -9.44
C LYS C 191 -41.37 12.37 -8.92
N THR C 192 -42.11 11.48 -8.27
CA THR C 192 -41.53 10.32 -7.61
C THR C 192 -41.77 9.06 -8.44
N LEU C 193 -40.73 8.23 -8.55
CA LEU C 193 -40.79 6.99 -9.30
C LEU C 193 -40.54 5.84 -8.35
N HIS C 194 -41.55 5.00 -8.15
CA HIS C 194 -41.43 3.84 -7.28
C HIS C 194 -41.13 2.61 -8.11
N SER C 195 -40.11 1.87 -7.71
CA SER C 195 -39.67 0.69 -8.44
C SER C 195 -39.63 -0.52 -7.51
N VAL C 196 -39.56 -1.70 -8.12
CA VAL C 196 -39.47 -2.96 -7.40
C VAL C 196 -38.34 -3.78 -8.00
N LYS C 197 -37.89 -4.77 -7.23
CA LYS C 197 -36.87 -5.70 -7.70
C LYS C 197 -37.11 -7.04 -7.04
N VAL C 198 -37.36 -8.07 -7.85
CA VAL C 198 -37.59 -9.41 -7.33
C VAL C 198 -36.34 -10.22 -7.58
N ILE C 199 -35.41 -10.22 -6.63
CA ILE C 199 -34.09 -10.79 -6.84
C ILE C 199 -34.04 -12.16 -6.16
N PRO C 200 -33.90 -13.24 -6.91
CA PRO C 200 -33.79 -14.56 -6.31
C PRO C 200 -32.34 -14.95 -6.08
N SER C 201 -32.14 -16.19 -5.64
CA SER C 201 -30.85 -16.85 -5.80
C SER C 201 -30.97 -17.76 -7.02
N ARG C 202 -30.05 -17.60 -7.98
CA ARG C 202 -29.94 -18.43 -9.18
C ARG C 202 -31.23 -18.38 -10.02
N GLY C 203 -31.48 -17.21 -10.57
CA GLY C 203 -32.62 -17.03 -11.43
C GLY C 203 -32.46 -15.84 -12.33
N ALA C 204 -33.58 -15.38 -12.88
CA ALA C 204 -33.62 -14.19 -13.71
C ALA C 204 -34.24 -13.04 -12.94
N TRP C 205 -33.75 -11.84 -13.21
CA TRP C 205 -34.28 -10.65 -12.56
C TRP C 205 -35.52 -10.15 -13.28
N LEU C 206 -36.34 -9.40 -12.56
CA LEU C 206 -37.46 -8.69 -13.17
C LEU C 206 -37.81 -7.49 -12.31
N GLU C 207 -37.99 -6.33 -12.92
CA GLU C 207 -38.32 -5.09 -12.22
C GLU C 207 -39.62 -4.55 -12.78
N PHE C 208 -40.43 -3.94 -11.91
CA PHE C 208 -41.65 -3.26 -12.33
C PHE C 208 -41.50 -1.78 -11.99
N ASP C 209 -40.87 -1.03 -12.88
CA ASP C 209 -40.65 0.37 -12.60
C ASP C 209 -41.90 1.19 -12.92
N VAL C 210 -41.82 2.48 -12.64
CA VAL C 210 -42.76 3.48 -13.13
C VAL C 210 -41.92 4.54 -13.82
N ASP C 211 -42.17 4.76 -15.10
CA ASP C 211 -41.29 5.57 -15.92
C ASP C 211 -41.54 7.07 -15.65
N LYS C 212 -40.80 7.89 -16.40
CA LYS C 212 -40.92 9.34 -16.25
C LYS C 212 -42.28 9.83 -16.76
N ARG C 213 -42.60 9.49 -18.01
CA ARG C 213 -43.98 9.59 -18.49
C ARG C 213 -44.77 8.50 -17.78
N ASP C 214 -46.07 8.75 -17.58
CA ASP C 214 -46.86 7.89 -16.71
C ASP C 214 -47.10 6.53 -17.36
N THR C 215 -46.32 5.54 -16.94
CA THR C 215 -46.28 4.23 -17.56
C THR C 215 -45.79 3.18 -16.57
N VAL C 216 -45.35 2.03 -17.06
CA VAL C 216 -44.79 0.98 -16.22
C VAL C 216 -43.44 0.55 -16.79
N GLY C 217 -42.71 -0.22 -16.00
CA GLY C 217 -41.29 -0.47 -16.19
C GLY C 217 -40.84 -1.91 -16.23
N VAL C 218 -41.49 -2.76 -17.01
CA VAL C 218 -41.62 -4.19 -16.75
C VAL C 218 -40.51 -4.97 -17.43
N ARG C 219 -39.34 -4.33 -17.54
CA ARG C 219 -38.09 -4.92 -18.02
C ARG C 219 -37.76 -6.25 -17.35
N ILE C 220 -37.76 -7.33 -18.12
CA ILE C 220 -37.58 -8.68 -17.60
C ILE C 220 -36.26 -9.21 -18.13
N ASP C 221 -35.40 -9.66 -17.21
CA ASP C 221 -34.04 -10.16 -17.48
C ASP C 221 -33.19 -9.12 -18.19
N ARG C 222 -33.40 -7.85 -17.82
CA ARG C 222 -32.61 -6.69 -18.26
C ARG C 222 -32.64 -6.49 -19.77
N LYS C 223 -33.84 -6.43 -20.34
CA LYS C 223 -33.96 -6.12 -21.77
C LYS C 223 -34.98 -4.99 -22.00
N ARG C 224 -34.53 -3.79 -21.70
CA ARG C 224 -34.85 -2.49 -22.30
C ARG C 224 -36.24 -1.89 -22.05
N ARG C 225 -37.28 -2.71 -21.88
CA ARG C 225 -38.65 -2.24 -21.66
C ARG C 225 -39.61 -3.43 -21.59
N GLN C 226 -40.79 -3.17 -21.01
CA GLN C 226 -42.06 -3.80 -21.29
C GLN C 226 -43.15 -2.99 -20.59
N PRO C 227 -44.38 -3.06 -21.08
CA PRO C 227 -45.52 -2.68 -20.23
C PRO C 227 -46.12 -3.89 -19.53
N VAL C 228 -46.94 -3.60 -18.50
CA VAL C 228 -47.48 -4.66 -17.63
C VAL C 228 -48.41 -5.57 -18.42
N THR C 229 -49.19 -4.99 -19.34
CA THR C 229 -50.25 -5.74 -20.00
C THR C 229 -49.68 -6.72 -21.02
N VAL C 230 -48.46 -6.51 -21.49
CA VAL C 230 -47.82 -7.52 -22.32
C VAL C 230 -47.50 -8.75 -21.49
N LEU C 231 -46.92 -8.55 -20.31
CA LEU C 231 -46.63 -9.67 -19.42
C LEU C 231 -47.90 -10.25 -18.83
N LEU C 232 -48.87 -9.41 -18.50
CA LEU C 232 -50.07 -9.89 -17.82
C LEU C 232 -50.98 -10.66 -18.76
N LYS C 233 -51.21 -10.15 -19.97
CA LYS C 233 -51.94 -10.93 -20.96
C LYS C 233 -51.11 -12.07 -21.50
N ALA C 234 -49.78 -11.97 -21.43
CA ALA C 234 -48.94 -13.12 -21.75
C ALA C 234 -49.11 -14.23 -20.73
N LEU C 235 -49.43 -13.88 -19.49
CA LEU C 235 -49.68 -14.85 -18.45
C LEU C 235 -51.03 -15.53 -18.59
N GLY C 236 -51.90 -15.04 -19.47
CA GLY C 236 -53.21 -15.63 -19.63
C GLY C 236 -54.27 -14.89 -18.85
N TRP C 237 -54.30 -13.57 -19.01
CA TRP C 237 -55.29 -12.73 -18.34
C TRP C 237 -56.11 -11.98 -19.37
N THR C 238 -57.43 -12.11 -19.26
CA THR C 238 -58.32 -11.39 -20.16
C THR C 238 -58.35 -9.91 -19.82
N SER C 239 -58.75 -9.10 -20.79
CA SER C 239 -58.73 -7.65 -20.65
C SER C 239 -59.87 -7.11 -19.80
N GLU C 240 -60.76 -7.97 -19.30
CA GLU C 240 -61.73 -7.53 -18.30
C GLU C 240 -61.14 -7.64 -16.90
N GLN C 241 -60.37 -8.72 -16.64
CA GLN C 241 -59.85 -8.94 -15.29
C GLN C 241 -58.77 -7.94 -14.92
N ILE C 242 -58.09 -7.37 -15.92
CA ILE C 242 -57.10 -6.34 -15.64
C ILE C 242 -57.78 -5.07 -15.15
N VAL C 243 -58.94 -4.72 -15.72
CA VAL C 243 -59.68 -3.57 -15.22
C VAL C 243 -60.40 -3.94 -13.92
N GLU C 244 -60.67 -5.22 -13.73
CA GLU C 244 -61.44 -5.65 -12.56
C GLU C 244 -60.58 -5.64 -11.30
N ARG C 245 -59.45 -6.35 -11.31
CA ARG C 245 -58.61 -6.39 -10.12
C ARG C 245 -57.85 -5.08 -9.94
N PHE C 246 -57.19 -4.61 -10.99
CA PHE C 246 -56.58 -3.28 -11.00
C PHE C 246 -57.62 -2.23 -11.35
N GLY C 247 -58.52 -1.94 -10.43
CA GLY C 247 -59.62 -1.03 -10.70
C GLY C 247 -59.38 0.39 -10.22
N PHE C 248 -58.59 0.55 -9.15
CA PHE C 248 -58.30 1.88 -8.65
C PHE C 248 -57.31 2.60 -9.56
N SER C 249 -56.05 2.13 -9.56
CA SER C 249 -55.18 1.90 -10.73
C SER C 249 -55.34 2.92 -11.86
N GLU C 250 -55.08 4.19 -11.55
CA GLU C 250 -55.20 5.22 -12.57
C GLU C 250 -54.08 5.12 -13.61
N ILE C 251 -53.00 4.42 -13.28
CA ILE C 251 -51.90 4.24 -14.23
C ILE C 251 -52.11 2.99 -15.06
N MET C 252 -52.75 1.97 -14.48
CA MET C 252 -52.90 0.68 -15.16
C MET C 252 -53.84 0.76 -16.36
N ARG C 253 -54.95 1.47 -16.23
CA ARG C 253 -55.86 1.61 -17.36
C ARG C 253 -55.27 2.55 -18.41
N SER C 254 -54.40 3.47 -17.99
CA SER C 254 -53.66 4.32 -18.92
C SER C 254 -52.73 3.49 -19.78
N THR C 255 -52.00 2.56 -19.14
CA THR C 255 -51.13 1.67 -19.91
C THR C 255 -51.93 0.68 -20.73
N LEU C 256 -53.11 0.29 -20.25
CA LEU C 256 -53.99 -0.58 -21.00
C LEU C 256 -54.58 0.13 -22.22
N GLU C 257 -54.64 1.47 -22.19
CA GLU C 257 -54.97 2.21 -23.40
C GLU C 257 -53.77 2.30 -24.33
N LYS C 258 -52.62 2.68 -23.79
CA LYS C 258 -51.45 2.98 -24.62
C LYS C 258 -50.57 1.76 -24.90
N ASP C 259 -51.07 0.54 -24.70
CA ASP C 259 -50.21 -0.63 -24.85
C ASP C 259 -50.21 -1.18 -26.27
N ASN C 260 -51.39 -1.23 -26.90
CA ASN C 260 -51.72 -1.65 -28.27
C ASN C 260 -51.65 -3.16 -28.50
N THR C 261 -51.15 -3.94 -27.55
CA THR C 261 -51.00 -5.38 -27.72
C THR C 261 -52.14 -6.08 -26.99
N VAL C 262 -52.95 -6.83 -27.75
CA VAL C 262 -54.16 -7.48 -27.25
C VAL C 262 -54.05 -8.97 -27.53
N GLY C 263 -54.23 -9.79 -26.50
CA GLY C 263 -54.31 -11.23 -26.64
C GLY C 263 -53.19 -11.93 -25.89
N THR C 264 -53.25 -13.26 -25.94
CA THR C 264 -52.23 -14.09 -25.32
C THR C 264 -51.06 -14.35 -26.29
N ASP C 265 -51.38 -14.77 -27.51
CA ASP C 265 -50.34 -15.07 -28.49
C ASP C 265 -49.64 -13.82 -28.98
N GLU C 266 -50.39 -12.72 -29.13
CA GLU C 266 -49.83 -11.48 -29.65
C GLU C 266 -48.83 -10.87 -28.67
N ALA C 267 -49.01 -11.12 -27.38
CA ALA C 267 -48.00 -10.72 -26.40
C ALA C 267 -46.90 -11.75 -26.27
N LEU C 268 -47.20 -13.02 -26.55
CA LEU C 268 -46.18 -14.07 -26.44
C LEU C 268 -45.12 -13.91 -27.52
N LEU C 269 -45.53 -13.54 -28.73
CA LEU C 269 -44.55 -13.29 -29.79
C LEU C 269 -43.70 -12.06 -29.48
N ASP C 270 -44.30 -11.06 -28.84
CA ASP C 270 -43.55 -9.87 -28.46
C ASP C 270 -42.53 -10.17 -27.37
N ILE C 271 -42.93 -10.97 -26.37
CA ILE C 271 -42.03 -11.37 -25.29
C ILE C 271 -40.88 -12.21 -25.85
N TYR C 272 -41.19 -13.15 -26.74
CA TYR C 272 -40.17 -14.02 -27.31
C TYR C 272 -39.21 -13.23 -28.20
N ARG C 273 -39.74 -12.30 -29.00
CA ARG C 273 -38.91 -11.51 -29.90
C ARG C 273 -38.09 -10.47 -29.15
N LYS C 274 -38.57 -10.00 -27.99
CA LYS C 274 -37.77 -9.09 -27.18
C LYS C 274 -36.78 -9.82 -26.30
N LEU C 275 -37.00 -11.11 -26.04
CA LEU C 275 -36.15 -11.84 -25.11
C LEU C 275 -35.06 -12.64 -25.79
N ARG C 276 -35.29 -13.15 -27.02
CA ARG C 276 -34.30 -14.07 -27.56
C ARG C 276 -33.05 -13.36 -28.09
N PRO C 277 -33.13 -12.35 -28.99
CA PRO C 277 -34.13 -11.75 -29.87
C PRO C 277 -34.07 -12.38 -31.26
N GLY C 278 -35.13 -12.25 -32.05
CA GLY C 278 -35.12 -12.72 -33.43
C GLY C 278 -35.02 -14.22 -33.58
N GLU C 279 -36.08 -14.93 -33.18
CA GLU C 279 -36.14 -16.38 -33.26
C GLU C 279 -37.52 -16.72 -33.79
N PRO C 280 -37.69 -17.84 -34.50
CA PRO C 280 -39.01 -18.19 -35.04
C PRO C 280 -39.98 -18.52 -33.92
N PRO C 281 -41.15 -17.86 -33.90
CA PRO C 281 -42.13 -18.14 -32.85
C PRO C 281 -42.84 -19.46 -33.07
N THR C 282 -42.79 -20.31 -32.05
CA THR C 282 -43.43 -21.62 -32.09
C THR C 282 -44.54 -21.66 -31.05
N LYS C 283 -45.13 -22.82 -30.84
CA LYS C 283 -46.10 -22.97 -29.76
C LYS C 283 -45.51 -23.66 -28.54
N GLU C 284 -44.29 -24.18 -28.64
CA GLU C 284 -43.55 -24.57 -27.45
C GLU C 284 -42.98 -23.33 -26.75
N SER C 285 -42.32 -22.46 -27.51
CA SER C 285 -41.69 -21.26 -26.96
C SER C 285 -42.69 -20.20 -26.54
N ALA C 286 -43.98 -20.38 -26.81
CA ALA C 286 -44.98 -19.44 -26.35
C ALA C 286 -45.35 -19.74 -24.90
N GLN C 287 -45.81 -20.96 -24.64
CA GLN C 287 -46.36 -21.32 -23.35
C GLN C 287 -45.40 -22.09 -22.46
N THR C 288 -44.18 -22.36 -22.92
CA THR C 288 -43.21 -23.02 -22.05
C THR C 288 -42.03 -22.13 -21.68
N LEU C 289 -41.80 -21.04 -22.42
CA LEU C 289 -40.68 -20.15 -22.08
C LEU C 289 -40.96 -19.40 -20.78
N LEU C 290 -42.20 -18.93 -20.61
CA LEU C 290 -42.55 -18.21 -19.39
C LEU C 290 -42.57 -19.12 -18.19
N GLU C 291 -42.93 -20.40 -18.40
CA GLU C 291 -42.92 -21.37 -17.32
C GLU C 291 -41.56 -22.05 -17.14
N ASN C 292 -40.61 -21.76 -18.02
CA ASN C 292 -39.25 -22.28 -17.88
C ASN C 292 -38.29 -21.20 -17.42
N LEU C 293 -38.79 -20.00 -17.12
CA LEU C 293 -37.96 -18.93 -16.58
C LEU C 293 -38.30 -18.57 -15.15
N PHE C 294 -39.53 -18.79 -14.71
CA PHE C 294 -39.95 -18.44 -13.36
C PHE C 294 -40.76 -19.50 -12.66
N PHE C 295 -41.02 -20.64 -13.28
CA PHE C 295 -41.97 -21.60 -12.73
C PHE C 295 -41.48 -23.03 -12.74
N LYS C 296 -40.41 -23.33 -13.47
CA LYS C 296 -39.78 -24.64 -13.43
C LYS C 296 -38.56 -24.54 -12.51
N GLU C 297 -38.52 -25.39 -11.50
CA GLU C 297 -37.58 -25.22 -10.39
C GLU C 297 -36.19 -25.79 -10.68
N LYS C 298 -35.64 -25.40 -11.83
CA LYS C 298 -34.25 -25.68 -12.14
C LYS C 298 -33.51 -24.49 -12.75
N ARG C 299 -34.22 -23.47 -13.23
CA ARG C 299 -33.62 -22.22 -13.65
C ARG C 299 -34.01 -21.04 -12.78
N TYR C 300 -35.08 -21.16 -12.01
CA TYR C 300 -35.48 -20.14 -11.03
C TYR C 300 -35.80 -20.86 -9.74
N ASP C 301 -35.02 -20.61 -8.70
CA ASP C 301 -35.37 -21.15 -7.38
C ASP C 301 -34.86 -20.16 -6.33
N LEU C 302 -35.72 -19.20 -5.98
CA LEU C 302 -35.44 -18.40 -4.80
C LEU C 302 -35.57 -19.30 -3.57
N ALA C 303 -34.59 -19.21 -2.68
CA ALA C 303 -34.36 -20.27 -1.72
C ALA C 303 -35.41 -20.27 -0.61
N ARG C 304 -35.18 -21.15 0.38
CA ARG C 304 -36.09 -21.27 1.52
C ARG C 304 -36.13 -20.01 2.37
N VAL C 305 -35.11 -19.14 2.26
CA VAL C 305 -35.18 -17.82 2.87
C VAL C 305 -36.13 -16.93 2.08
N GLY C 306 -36.08 -17.00 0.76
CA GLY C 306 -36.81 -16.06 -0.07
C GLY C 306 -38.31 -16.27 -0.02
N ARG C 307 -38.74 -17.54 0.00
CA ARG C 307 -40.16 -17.85 0.14
C ARG C 307 -40.70 -17.45 1.50
N TYR C 308 -39.85 -17.33 2.51
CA TYR C 308 -40.28 -16.74 3.77
C TYR C 308 -40.45 -15.23 3.62
N LYS C 309 -39.54 -14.59 2.89
CA LYS C 309 -39.55 -13.13 2.79
C LYS C 309 -40.73 -12.63 1.97
N VAL C 310 -41.06 -13.31 0.88
CA VAL C 310 -42.21 -12.88 0.07
C VAL C 310 -43.52 -13.15 0.82
N ASN C 311 -43.58 -14.25 1.55
CA ASN C 311 -44.77 -14.57 2.34
C ASN C 311 -44.97 -13.58 3.48
N LYS C 312 -43.88 -13.07 4.04
CA LYS C 312 -44.02 -12.11 5.12
C LYS C 312 -44.20 -10.70 4.59
N LYS C 313 -43.76 -10.44 3.37
CA LYS C 313 -43.86 -9.09 2.81
C LYS C 313 -45.23 -8.84 2.19
N LEU C 314 -45.64 -9.69 1.25
CA LEU C 314 -46.92 -9.48 0.58
C LEU C 314 -48.11 -9.93 1.42
N GLY C 315 -47.88 -10.69 2.47
CA GLY C 315 -48.96 -11.15 3.30
C GLY C 315 -49.73 -12.28 2.66
N LEU C 316 -49.00 -13.26 2.14
CA LEU C 316 -49.58 -14.46 1.57
C LEU C 316 -49.87 -15.46 2.69
N HIS C 317 -50.03 -16.73 2.32
CA HIS C 317 -50.51 -17.78 3.21
C HIS C 317 -49.47 -18.07 4.27
N VAL C 318 -49.48 -17.23 5.31
CA VAL C 318 -48.47 -17.33 6.36
C VAL C 318 -48.77 -18.49 7.30
N GLY C 319 -50.04 -18.90 7.37
CA GLY C 319 -50.40 -20.02 8.22
C GLY C 319 -50.25 -21.33 7.47
N GLU C 320 -49.02 -21.63 7.04
CA GLU C 320 -48.69 -22.78 6.23
C GLU C 320 -47.18 -23.02 6.29
N PRO C 321 -46.73 -24.26 6.42
CA PRO C 321 -45.30 -24.53 6.34
C PRO C 321 -44.85 -24.88 4.93
N ILE C 322 -44.86 -23.88 4.04
CA ILE C 322 -44.65 -24.15 2.62
C ILE C 322 -43.17 -24.39 2.34
N THR C 323 -42.90 -25.41 1.51
CA THR C 323 -41.59 -25.63 0.93
C THR C 323 -41.77 -25.79 -0.58
N SER C 324 -41.81 -24.66 -1.28
CA SER C 324 -41.91 -24.62 -2.73
C SER C 324 -41.08 -23.45 -3.21
N SER C 325 -39.84 -23.71 -3.60
CA SER C 325 -38.87 -22.66 -3.85
C SER C 325 -39.03 -22.00 -5.22
N THR C 326 -40.08 -22.31 -5.97
CA THR C 326 -40.29 -21.68 -7.26
C THR C 326 -41.24 -20.50 -7.11
N LEU C 327 -41.08 -19.53 -8.00
CA LEU C 327 -41.92 -18.34 -8.01
C LEU C 327 -43.30 -18.73 -8.53
N THR C 328 -44.31 -18.67 -7.65
CA THR C 328 -45.66 -18.92 -8.10
C THR C 328 -46.22 -17.68 -8.80
N GLU C 329 -47.34 -17.87 -9.50
CA GLU C 329 -47.87 -16.79 -10.33
C GLU C 329 -48.59 -15.75 -9.51
N GLU C 330 -49.35 -16.18 -8.48
CA GLU C 330 -50.24 -15.31 -7.72
C GLU C 330 -49.48 -14.17 -7.06
N ASP C 331 -48.36 -14.50 -6.40
CA ASP C 331 -47.49 -13.52 -5.77
C ASP C 331 -47.02 -12.47 -6.76
N VAL C 332 -46.76 -12.89 -8.00
CA VAL C 332 -46.33 -11.98 -9.06
C VAL C 332 -47.34 -10.86 -9.26
N VAL C 333 -48.62 -11.21 -9.39
CA VAL C 333 -49.59 -10.14 -9.65
C VAL C 333 -49.83 -9.36 -8.38
N ALA C 334 -49.62 -10.00 -7.22
CA ALA C 334 -49.72 -9.29 -5.95
C ALA C 334 -48.64 -8.24 -5.85
N THR C 335 -47.45 -8.57 -6.38
CA THR C 335 -46.34 -7.63 -6.43
C THR C 335 -46.73 -6.39 -7.20
N ILE C 336 -47.42 -6.58 -8.34
CA ILE C 336 -47.80 -5.44 -9.17
C ILE C 336 -48.81 -4.58 -8.43
N GLU C 337 -49.73 -5.23 -7.70
CA GLU C 337 -50.73 -4.49 -6.94
C GLU C 337 -50.04 -3.68 -5.85
N TYR C 338 -49.01 -4.25 -5.23
CA TYR C 338 -48.25 -3.55 -4.20
C TYR C 338 -47.62 -2.30 -4.79
N LEU C 339 -47.05 -2.41 -5.99
CA LEU C 339 -46.44 -1.25 -6.63
C LEU C 339 -47.49 -0.23 -6.99
N VAL C 340 -48.67 -0.68 -7.41
CA VAL C 340 -49.70 0.28 -7.78
C VAL C 340 -50.35 0.88 -6.56
N ARG C 341 -50.17 0.29 -5.38
CA ARG C 341 -50.61 0.93 -4.16
C ARG C 341 -49.47 1.63 -3.45
N LEU C 342 -48.30 1.69 -4.07
CA LEU C 342 -47.22 2.48 -3.50
C LEU C 342 -47.11 3.82 -4.19
N HIS C 343 -47.29 3.85 -5.50
CA HIS C 343 -47.34 5.11 -6.25
C HIS C 343 -48.77 5.60 -6.37
N GLU C 344 -49.47 5.55 -5.25
CA GLU C 344 -50.78 6.16 -5.08
C GLU C 344 -50.93 6.89 -3.77
N GLY C 345 -50.19 6.49 -2.73
CA GLY C 345 -50.31 7.06 -1.40
C GLY C 345 -51.20 6.16 -0.58
N GLN C 346 -50.61 5.27 0.20
CA GLN C 346 -51.40 4.27 0.92
C GLN C 346 -50.61 3.78 2.11
N THR C 347 -51.26 2.99 2.94
CA THR C 347 -50.58 2.42 4.08
C THR C 347 -50.76 0.91 4.18
N THR C 348 -51.94 0.38 3.83
CA THR C 348 -52.22 -1.03 3.94
C THR C 348 -52.72 -1.59 2.63
N MET C 349 -52.63 -2.91 2.50
CA MET C 349 -53.06 -3.61 1.30
C MET C 349 -53.41 -5.03 1.67
N THR C 350 -54.62 -5.45 1.32
CA THR C 350 -55.05 -6.81 1.54
C THR C 350 -55.13 -7.55 0.21
N VAL C 351 -54.59 -8.76 0.20
CA VAL C 351 -54.54 -9.58 -1.00
C VAL C 351 -55.56 -10.69 -0.80
N PRO C 352 -56.17 -11.24 -1.86
CA PRO C 352 -57.19 -12.28 -1.67
C PRO C 352 -56.63 -13.58 -1.12
N GLY C 353 -56.95 -13.88 0.12
CA GLY C 353 -56.53 -15.11 0.76
C GLY C 353 -55.43 -14.97 1.79
N GLY C 354 -55.06 -13.75 2.17
CA GLY C 354 -53.99 -13.54 3.12
C GLY C 354 -54.28 -12.38 4.05
N VAL C 355 -53.39 -12.23 5.03
CA VAL C 355 -53.48 -11.11 5.97
C VAL C 355 -53.10 -9.82 5.27
N GLU C 356 -53.62 -8.70 5.76
CA GLU C 356 -53.20 -7.41 5.23
C GLU C 356 -51.84 -7.03 5.77
N VAL C 357 -51.13 -6.16 5.06
CA VAL C 357 -49.75 -5.84 5.36
C VAL C 357 -49.50 -4.35 5.21
N PRO C 358 -48.53 -3.78 5.91
CA PRO C 358 -48.17 -2.38 5.66
C PRO C 358 -47.52 -2.20 4.31
N VAL C 359 -47.71 -1.01 3.73
CA VAL C 359 -47.20 -0.67 2.42
C VAL C 359 -46.12 0.39 2.58
N GLU C 360 -44.86 0.00 2.41
CA GLU C 360 -43.75 0.92 2.59
C GLU C 360 -42.55 0.40 1.82
N THR C 361 -41.63 1.32 1.53
CA THR C 361 -40.42 0.97 0.80
C THR C 361 -39.42 0.29 1.73
N ASP C 362 -38.58 -0.54 1.15
CA ASP C 362 -37.63 -1.35 1.89
C ASP C 362 -36.23 -0.75 1.82
N ASP C 363 -35.43 -1.06 2.83
CA ASP C 363 -34.03 -0.63 2.92
C ASP C 363 -33.14 -1.83 2.61
N ILE C 364 -32.19 -1.63 1.69
CA ILE C 364 -31.33 -2.74 1.29
C ILE C 364 -30.23 -3.01 2.30
N ASP C 365 -30.01 -2.11 3.25
CA ASP C 365 -28.96 -2.28 4.25
C ASP C 365 -29.51 -2.44 5.65
N HIS C 366 -30.81 -2.64 5.80
CA HIS C 366 -31.40 -3.02 7.07
C HIS C 366 -30.92 -4.40 7.44
N PHE C 367 -30.89 -4.68 8.75
CA PHE C 367 -30.44 -5.99 9.20
C PHE C 367 -31.56 -7.02 9.22
N GLY C 368 -32.75 -6.66 8.74
CA GLY C 368 -33.77 -7.61 8.40
C GLY C 368 -33.82 -7.96 6.94
N ASN C 369 -32.94 -7.34 6.14
CA ASN C 369 -32.79 -7.65 4.72
C ASN C 369 -31.36 -8.04 4.39
N ARG C 370 -30.52 -8.19 5.41
CA ARG C 370 -29.11 -8.52 5.25
C ARG C 370 -28.84 -9.78 6.05
N ARG C 371 -28.87 -10.93 5.41
CA ARG C 371 -28.73 -12.19 6.09
C ARG C 371 -27.27 -12.63 6.11
N LEU C 372 -27.01 -13.67 6.88
CA LEU C 372 -25.65 -14.11 7.22
C LEU C 372 -25.47 -15.55 6.73
N ARG C 373 -24.78 -15.71 5.63
CA ARG C 373 -24.35 -17.04 5.19
C ARG C 373 -23.24 -17.50 6.12
N THR C 374 -23.56 -18.39 7.03
CA THR C 374 -22.62 -18.86 8.03
C THR C 374 -21.77 -19.98 7.43
N VAL C 375 -21.07 -20.73 8.29
CA VAL C 375 -20.08 -21.70 7.82
C VAL C 375 -20.74 -22.90 7.15
N GLY C 376 -21.88 -23.36 7.68
CA GLY C 376 -22.54 -24.52 7.12
C GLY C 376 -23.16 -24.28 5.77
N GLU C 377 -23.63 -23.06 5.51
CA GLU C 377 -24.29 -22.78 4.24
C GLU C 377 -23.29 -22.70 3.10
N LEU C 378 -22.06 -22.26 3.36
CA LEU C 378 -21.04 -22.23 2.32
C LEU C 378 -20.62 -23.64 1.93
N ILE C 379 -20.47 -24.52 2.92
CA ILE C 379 -20.21 -25.94 2.66
C ILE C 379 -21.36 -26.56 1.89
N GLN C 380 -22.60 -26.18 2.22
CA GLN C 380 -23.77 -26.73 1.54
C GLN C 380 -23.84 -26.26 0.09
N ASN C 381 -23.46 -25.01 -0.17
CA ASN C 381 -23.43 -24.52 -1.55
C ASN C 381 -22.36 -25.22 -2.36
N GLN C 382 -21.21 -25.53 -1.74
CA GLN C 382 -20.17 -26.24 -2.47
C GLN C 382 -20.56 -27.69 -2.72
N ILE C 383 -21.24 -28.32 -1.79
CA ILE C 383 -21.71 -29.68 -2.00
C ILE C 383 -22.81 -29.72 -3.04
N ARG C 384 -23.66 -28.69 -3.10
CA ARG C 384 -24.67 -28.62 -4.13
C ARG C 384 -24.07 -28.44 -5.51
N VAL C 385 -23.08 -27.55 -5.64
CA VAL C 385 -22.45 -27.35 -6.94
C VAL C 385 -21.52 -28.51 -7.32
N GLY C 386 -21.15 -29.35 -6.36
CA GLY C 386 -20.41 -30.56 -6.70
C GLY C 386 -21.33 -31.69 -7.10
N MET C 387 -22.47 -31.82 -6.41
CA MET C 387 -23.43 -32.84 -6.76
C MET C 387 -24.09 -32.56 -8.10
N SER C 388 -24.25 -31.28 -8.46
CA SER C 388 -24.79 -30.98 -9.78
C SER C 388 -23.82 -31.29 -10.91
N ARG C 389 -22.51 -31.35 -10.63
CA ARG C 389 -21.59 -31.94 -11.59
C ARG C 389 -21.67 -33.45 -11.55
N MET C 390 -21.91 -34.01 -10.37
CA MET C 390 -22.10 -35.45 -10.23
C MET C 390 -23.42 -35.89 -10.82
N GLU C 391 -24.41 -35.01 -10.86
CA GLU C 391 -25.75 -35.38 -11.34
C GLU C 391 -25.75 -35.66 -12.83
N ARG C 392 -25.18 -34.76 -13.62
CA ARG C 392 -25.14 -35.00 -15.07
C ARG C 392 -23.89 -35.78 -15.48
N VAL C 393 -23.65 -36.87 -14.77
CA VAL C 393 -22.81 -37.98 -15.21
C VAL C 393 -23.68 -39.21 -15.02
N VAL C 394 -24.57 -39.14 -14.03
CA VAL C 394 -25.40 -40.29 -13.67
C VAL C 394 -26.42 -40.60 -14.74
N ARG C 395 -27.22 -39.59 -15.13
CA ARG C 395 -28.17 -39.81 -16.21
C ARG C 395 -27.49 -39.89 -17.57
N GLU C 396 -26.24 -39.45 -17.66
CA GLU C 396 -25.46 -39.70 -18.88
C GLU C 396 -25.14 -41.18 -19.02
N ARG C 397 -24.84 -41.86 -17.92
CA ARG C 397 -24.63 -43.30 -17.93
C ARG C 397 -25.85 -44.07 -17.48
N MET C 398 -27.02 -43.44 -17.47
CA MET C 398 -28.26 -44.18 -17.38
C MET C 398 -28.76 -44.65 -18.74
N THR C 399 -28.18 -44.15 -19.83
CA THR C 399 -28.56 -44.51 -21.18
C THR C 399 -27.54 -45.41 -21.87
N THR C 400 -26.25 -45.11 -21.75
CA THR C 400 -25.22 -45.86 -22.45
C THR C 400 -24.89 -47.19 -21.79
N GLN C 401 -25.52 -47.52 -20.67
CA GLN C 401 -25.33 -48.81 -20.02
C GLN C 401 -26.59 -49.65 -20.18
N ASP C 402 -26.42 -50.94 -19.96
CA ASP C 402 -27.47 -51.92 -20.09
C ASP C 402 -27.81 -52.33 -18.70
N VAL C 403 -29.08 -52.31 -18.45
CA VAL C 403 -29.66 -52.60 -17.16
C VAL C 403 -29.50 -54.06 -16.82
N GLU C 404 -30.16 -54.50 -15.78
CA GLU C 404 -30.13 -55.90 -15.37
C GLU C 404 -28.75 -56.56 -15.36
N ALA C 405 -27.89 -56.10 -14.47
CA ALA C 405 -28.26 -55.00 -13.62
C ALA C 405 -27.12 -54.05 -13.37
N ILE C 406 -27.45 -52.77 -13.24
CA ILE C 406 -26.47 -51.76 -12.94
C ILE C 406 -26.81 -51.43 -11.50
N THR C 407 -25.88 -51.65 -10.60
CA THR C 407 -26.17 -51.39 -9.21
C THR C 407 -26.00 -49.96 -9.31
N PRO C 408 -26.37 -49.21 -8.21
CA PRO C 408 -26.05 -47.81 -8.31
C PRO C 408 -24.57 -47.70 -8.34
N GLN C 409 -23.91 -48.47 -7.51
CA GLN C 409 -22.50 -48.24 -7.46
C GLN C 409 -21.84 -47.99 -8.76
N THR C 410 -22.24 -48.67 -9.81
CA THR C 410 -21.62 -48.44 -11.08
C THR C 410 -21.90 -47.03 -11.45
N LEU C 411 -23.11 -46.67 -11.17
CA LEU C 411 -23.64 -45.39 -11.48
C LEU C 411 -22.98 -44.19 -10.87
N ILE C 412 -22.53 -44.30 -9.65
CA ILE C 412 -21.97 -43.19 -8.91
C ILE C 412 -20.49 -42.85 -9.09
N ASN C 413 -20.18 -41.66 -9.42
CA ASN C 413 -18.77 -41.27 -9.48
C ASN C 413 -18.60 -40.04 -8.61
N ILE C 414 -17.96 -40.21 -7.45
CA ILE C 414 -17.90 -39.13 -6.46
C ILE C 414 -16.76 -38.16 -6.68
N ARG C 415 -16.03 -38.26 -7.79
CA ARG C 415 -14.90 -37.37 -8.01
C ARG C 415 -15.19 -35.87 -8.12
N PRO C 416 -16.34 -35.40 -8.64
CA PRO C 416 -16.57 -33.94 -8.58
C PRO C 416 -16.87 -33.40 -7.19
N VAL C 417 -17.46 -34.20 -6.30
CA VAL C 417 -17.84 -33.70 -4.98
C VAL C 417 -16.60 -33.44 -4.12
N VAL C 418 -15.68 -34.40 -4.10
CA VAL C 418 -14.44 -34.24 -3.35
C VAL C 418 -13.57 -33.16 -3.98
N ALA C 419 -13.67 -32.98 -5.30
CA ALA C 419 -12.94 -31.90 -5.96
C ALA C 419 -13.49 -30.54 -5.58
N ALA C 420 -14.82 -30.43 -5.44
CA ALA C 420 -15.41 -29.16 -5.05
C ALA C 420 -15.12 -28.84 -3.59
N ILE C 421 -15.10 -29.86 -2.73
CA ILE C 421 -14.79 -29.65 -1.31
C ILE C 421 -13.35 -29.20 -1.14
N LYS C 422 -12.41 -29.92 -1.78
CA LYS C 422 -11.00 -29.56 -1.72
C LYS C 422 -10.72 -28.22 -2.38
N GLU C 423 -11.47 -27.87 -3.43
CA GLU C 423 -11.31 -26.58 -4.06
C GLU C 423 -11.95 -25.46 -3.27
N PHE C 424 -12.84 -25.77 -2.33
CA PHE C 424 -13.34 -24.74 -1.45
C PHE C 424 -12.38 -24.48 -0.29
N PHE C 425 -11.92 -25.55 0.37
CA PHE C 425 -11.23 -25.36 1.65
C PHE C 425 -9.88 -24.69 1.50
N GLY C 426 -9.12 -25.07 0.48
CA GLY C 426 -8.00 -24.29 0.02
C GLY C 426 -8.47 -23.43 -1.15
N THR C 427 -7.64 -22.45 -1.51
CA THR C 427 -7.83 -21.57 -2.67
C THR C 427 -9.16 -20.83 -2.65
N SER C 428 -9.57 -20.33 -1.49
CA SER C 428 -10.72 -19.46 -1.37
C SER C 428 -10.35 -18.23 -0.56
N GLN C 429 -11.25 -17.26 -0.55
CA GLN C 429 -11.08 -16.06 0.25
C GLN C 429 -11.99 -16.04 1.46
N LEU C 430 -12.75 -17.10 1.68
CA LEU C 430 -13.61 -17.23 2.85
C LEU C 430 -13.16 -18.34 3.79
N SER C 431 -12.15 -19.10 3.41
CA SER C 431 -11.49 -20.08 4.28
C SER C 431 -10.08 -19.57 4.52
N GLN C 432 -9.85 -18.90 5.64
CA GLN C 432 -8.62 -18.16 5.84
C GLN C 432 -7.72 -18.85 6.85
N PHE C 433 -6.45 -18.49 6.81
CA PHE C 433 -5.52 -18.94 7.83
C PHE C 433 -5.89 -18.34 9.18
N MET C 434 -5.79 -19.15 10.23
CA MET C 434 -6.24 -18.71 11.54
C MET C 434 -5.29 -17.67 12.11
N ASP C 435 -5.85 -16.55 12.56
CA ASP C 435 -5.08 -15.43 13.06
C ASP C 435 -4.75 -15.70 14.52
N GLN C 436 -3.62 -16.37 14.75
CA GLN C 436 -3.23 -16.77 16.11
C GLN C 436 -1.86 -16.19 16.45
N ASN C 437 -1.85 -15.12 17.22
CA ASN C 437 -0.69 -14.75 18.01
C ASN C 437 -1.08 -14.34 19.42
N ASN C 438 -2.32 -14.59 19.82
CA ASN C 438 -2.85 -14.59 21.17
C ASN C 438 -4.21 -15.26 21.10
N PRO C 439 -4.81 -15.66 22.23
CA PRO C 439 -6.19 -16.16 22.19
C PRO C 439 -7.24 -15.16 21.74
N LEU C 440 -6.99 -13.85 21.86
CA LEU C 440 -8.01 -12.88 21.48
C LEU C 440 -8.17 -12.79 19.98
N SER C 441 -7.07 -12.82 19.23
CA SER C 441 -7.20 -12.79 17.78
C SER C 441 -7.72 -14.10 17.23
N GLY C 442 -7.42 -15.20 17.91
CA GLY C 442 -8.03 -16.47 17.54
C GLY C 442 -9.52 -16.47 17.79
N LEU C 443 -9.96 -15.83 18.88
CA LEU C 443 -11.38 -15.79 19.17
C LEU C 443 -12.10 -14.84 18.21
N THR C 444 -11.51 -13.70 17.91
CA THR C 444 -12.17 -12.72 17.06
C THR C 444 -11.84 -12.87 15.58
N HIS C 445 -11.12 -13.92 15.18
CA HIS C 445 -11.10 -14.22 13.76
C HIS C 445 -12.28 -15.08 13.37
N LYS C 446 -12.70 -15.97 14.27
CA LYS C 446 -14.06 -16.45 14.23
C LYS C 446 -14.97 -15.35 14.78
N ARG C 447 -16.29 -15.58 14.69
CA ARG C 447 -17.31 -14.56 14.97
C ARG C 447 -17.09 -13.27 14.18
N ARG C 448 -16.59 -13.38 12.96
CA ARG C 448 -16.34 -12.23 12.12
C ARG C 448 -17.33 -12.24 10.96
N LEU C 449 -17.94 -11.10 10.71
CA LEU C 449 -18.96 -10.96 9.67
C LEU C 449 -18.35 -10.11 8.57
N SER C 450 -17.91 -10.75 7.50
CA SER C 450 -17.28 -10.03 6.39
C SER C 450 -18.26 -9.88 5.25
N ALA C 451 -18.22 -8.72 4.59
CA ALA C 451 -19.14 -8.47 3.50
C ALA C 451 -18.53 -8.78 2.13
N LEU C 452 -17.22 -8.84 2.01
CA LEU C 452 -16.60 -9.13 0.72
C LEU C 452 -16.41 -10.63 0.55
N GLY C 453 -16.13 -11.05 -0.67
CA GLY C 453 -15.98 -12.45 -0.99
C GLY C 453 -16.75 -12.86 -2.23
N PRO C 454 -16.82 -14.16 -2.50
CA PRO C 454 -17.53 -14.64 -3.69
C PRO C 454 -19.03 -14.57 -3.49
N GLY C 455 -19.72 -13.91 -4.41
CA GLY C 455 -21.14 -13.68 -4.27
C GLY C 455 -21.50 -12.45 -3.48
N GLY C 456 -20.52 -11.76 -2.90
CA GLY C 456 -20.76 -10.52 -2.20
C GLY C 456 -20.13 -9.36 -2.93
N LEU C 457 -20.12 -8.18 -2.33
CA LEU C 457 -19.63 -7.01 -3.02
C LEU C 457 -18.11 -6.95 -2.98
N SER C 458 -17.56 -6.01 -3.74
CA SER C 458 -16.13 -5.86 -3.92
C SER C 458 -15.61 -4.76 -2.98
N ARG C 459 -14.30 -4.57 -3.00
CA ARG C 459 -13.66 -3.59 -2.12
C ARG C 459 -13.60 -2.20 -2.74
N GLU C 460 -13.48 -2.10 -4.06
CA GLU C 460 -13.46 -0.81 -4.73
C GLU C 460 -14.82 -0.42 -5.30
N ARG C 461 -15.70 -1.38 -5.53
CA ARG C 461 -17.06 -1.14 -6.02
C ARG C 461 -18.07 -1.07 -4.88
N ALA C 462 -17.65 -0.60 -3.70
CA ALA C 462 -18.51 -0.52 -2.53
C ALA C 462 -18.72 0.94 -2.19
N GLY C 463 -19.98 1.35 -2.08
CA GLY C 463 -20.31 2.74 -1.82
C GLY C 463 -20.16 3.11 -0.36
N LEU C 464 -20.66 4.31 -0.05
CA LEU C 464 -20.62 4.80 1.32
C LEU C 464 -21.82 4.34 2.13
N GLU C 465 -22.76 3.63 1.52
CA GLU C 465 -23.99 3.29 2.24
C GLU C 465 -23.80 2.06 3.09
N VAL C 466 -23.08 1.05 2.60
CA VAL C 466 -22.92 -0.16 3.38
C VAL C 466 -21.90 0.01 4.49
N ARG C 467 -21.03 1.01 4.40
CA ARG C 467 -19.96 1.16 5.38
C ARG C 467 -20.46 1.78 6.67
N ASP C 468 -21.49 2.61 6.60
CA ASP C 468 -21.97 3.29 7.79
C ASP C 468 -22.72 2.33 8.71
N VAL C 469 -22.89 2.75 9.95
CA VAL C 469 -23.64 1.97 10.93
C VAL C 469 -25.12 2.28 10.77
N HIS C 470 -25.89 1.29 10.39
CA HIS C 470 -27.33 1.39 10.42
C HIS C 470 -27.79 1.39 11.88
N PRO C 471 -28.94 1.99 12.18
CA PRO C 471 -29.47 1.91 13.55
C PRO C 471 -29.94 0.54 13.97
N SER C 472 -30.06 -0.42 13.06
CA SER C 472 -30.40 -1.79 13.43
C SER C 472 -29.20 -2.61 13.82
N HIS C 473 -28.01 -2.02 13.88
CA HIS C 473 -26.82 -2.73 14.30
C HIS C 473 -26.73 -2.90 15.81
N TYR C 474 -27.65 -2.33 16.57
CA TYR C 474 -27.57 -2.35 18.03
C TYR C 474 -27.84 -3.76 18.55
N GLY C 475 -26.82 -4.38 19.12
CA GLY C 475 -26.96 -5.71 19.65
C GLY C 475 -26.63 -6.81 18.68
N ARG C 476 -26.26 -6.49 17.46
CA ARG C 476 -25.96 -7.49 16.45
C ARG C 476 -24.55 -7.37 15.89
N MET C 477 -24.12 -6.17 15.56
CA MET C 477 -22.77 -5.93 15.11
C MET C 477 -22.20 -4.78 15.92
N CYS C 478 -20.93 -4.85 16.21
CA CYS C 478 -20.33 -3.80 17.03
C CYS C 478 -20.02 -2.59 16.16
N PRO C 479 -20.44 -1.39 16.56
CA PRO C 479 -20.07 -0.20 15.79
C PRO C 479 -18.62 0.20 15.97
N ILE C 480 -17.96 -0.26 17.03
CA ILE C 480 -16.60 0.19 17.29
C ILE C 480 -15.59 -0.66 16.53
N GLU C 481 -15.58 -1.97 16.75
CA GLU C 481 -14.55 -2.82 16.18
C GLU C 481 -14.81 -3.09 14.71
N THR C 482 -13.87 -2.68 13.87
CA THR C 482 -13.83 -2.84 12.41
C THR C 482 -12.41 -2.51 11.98
N PRO C 483 -11.92 -3.01 10.84
CA PRO C 483 -10.56 -2.66 10.42
C PRO C 483 -10.41 -1.19 10.05
N GLU C 484 -9.15 -0.77 9.93
CA GLU C 484 -8.83 0.64 9.81
C GLU C 484 -8.49 1.08 8.39
N GLY C 485 -8.11 0.16 7.52
CA GLY C 485 -7.60 0.52 6.22
C GLY C 485 -8.70 0.84 5.23
N PRO C 486 -8.63 0.24 4.05
CA PRO C 486 -9.72 0.33 3.07
C PRO C 486 -10.76 -0.78 3.26
N ASN C 487 -11.14 -1.04 4.52
CA ASN C 487 -12.12 -2.08 4.80
C ASN C 487 -13.08 -1.67 5.89
N ILE C 488 -13.23 -0.37 6.17
CA ILE C 488 -14.10 0.08 7.25
C ILE C 488 -15.55 -0.17 6.85
N GLY C 489 -16.26 -0.93 7.68
CA GLY C 489 -17.63 -1.24 7.42
C GLY C 489 -17.85 -2.54 6.69
N LEU C 490 -16.86 -2.98 5.91
CA LEU C 490 -17.00 -4.23 5.18
C LEU C 490 -16.75 -5.43 6.08
N ILE C 491 -15.97 -5.28 7.15
CA ILE C 491 -15.66 -6.36 8.06
C ILE C 491 -16.07 -5.91 9.45
N GLY C 492 -16.96 -6.66 10.09
CA GLY C 492 -17.30 -6.38 11.47
C GLY C 492 -17.25 -7.64 12.30
N SER C 493 -17.72 -7.57 13.54
CA SER C 493 -17.76 -8.76 14.38
C SER C 493 -19.06 -8.79 15.16
N LEU C 494 -19.49 -10.00 15.52
CA LEU C 494 -20.74 -10.20 16.24
C LEU C 494 -20.68 -9.59 17.63
N SER C 495 -21.85 -9.39 18.22
CA SER C 495 -21.95 -8.89 19.58
C SER C 495 -21.72 -10.03 20.56
N VAL C 496 -21.90 -9.74 21.83
CA VAL C 496 -21.71 -10.77 22.84
C VAL C 496 -22.91 -11.71 22.90
N TYR C 497 -24.11 -11.14 22.93
CA TYR C 497 -25.34 -11.92 23.14
C TYR C 497 -26.05 -12.27 21.86
N ALA C 498 -25.46 -12.01 20.70
CA ALA C 498 -26.15 -12.26 19.45
C ALA C 498 -26.25 -13.75 19.16
N ARG C 499 -27.09 -14.09 18.20
CA ARG C 499 -27.40 -15.47 17.88
C ARG C 499 -27.99 -15.48 16.48
N VAL C 500 -27.72 -16.54 15.73
CA VAL C 500 -28.07 -16.60 14.32
C VAL C 500 -29.31 -17.45 14.13
N ASN C 501 -30.28 -16.92 13.39
CA ASN C 501 -31.52 -17.59 13.09
C ASN C 501 -31.29 -18.82 12.21
N PRO C 502 -32.25 -19.74 12.16
CA PRO C 502 -32.17 -20.82 11.17
C PRO C 502 -32.19 -20.35 9.73
N PHE C 503 -32.77 -19.18 9.45
CA PHE C 503 -32.73 -18.62 8.11
C PHE C 503 -31.46 -17.87 7.82
N GLY C 504 -30.77 -17.38 8.85
CA GLY C 504 -29.53 -16.67 8.65
C GLY C 504 -29.58 -15.25 9.13
N PHE C 505 -30.67 -14.87 9.78
CA PHE C 505 -30.77 -13.55 10.38
C PHE C 505 -30.20 -13.59 11.79
N ILE C 506 -29.98 -12.41 12.37
CA ILE C 506 -29.26 -12.28 13.63
C ILE C 506 -30.23 -11.86 14.71
N GLU C 507 -30.28 -12.63 15.79
CA GLU C 507 -31.20 -12.38 16.89
C GLU C 507 -30.49 -11.68 18.04
N THR C 508 -31.27 -11.22 19.01
CA THR C 508 -30.76 -10.44 20.11
C THR C 508 -31.75 -10.58 21.27
N PRO C 509 -31.28 -10.87 22.48
CA PRO C 509 -32.22 -11.10 23.58
C PRO C 509 -32.77 -9.81 24.15
N TYR C 510 -33.97 -9.91 24.68
CA TYR C 510 -34.65 -8.80 25.33
C TYR C 510 -35.50 -9.34 26.46
N ARG C 511 -35.68 -8.53 27.49
CA ARG C 511 -36.55 -8.86 28.61
C ARG C 511 -37.88 -8.17 28.40
N LYS C 512 -38.96 -8.94 28.29
CA LYS C 512 -40.25 -8.32 28.06
C LYS C 512 -40.83 -7.83 29.37
N VAL C 513 -41.45 -6.65 29.32
CA VAL C 513 -42.00 -5.98 30.50
C VAL C 513 -43.50 -5.83 30.29
N VAL C 514 -44.28 -6.33 31.25
CA VAL C 514 -45.74 -6.30 31.19
C VAL C 514 -46.24 -5.38 32.29
N ASP C 515 -47.09 -4.42 31.91
CA ASP C 515 -47.73 -3.46 32.83
C ASP C 515 -46.69 -2.64 33.60
N GLY C 516 -45.59 -2.30 32.94
CA GLY C 516 -44.53 -1.57 33.60
C GLY C 516 -43.69 -2.39 34.54
N VAL C 517 -43.85 -3.72 34.56
CA VAL C 517 -43.12 -4.61 35.45
C VAL C 517 -42.25 -5.51 34.59
N VAL C 518 -40.93 -5.40 34.77
CA VAL C 518 -39.97 -6.14 33.96
C VAL C 518 -39.96 -7.59 34.41
N SER C 519 -40.37 -8.49 33.52
CA SER C 519 -40.31 -9.91 33.81
C SER C 519 -38.94 -10.44 33.37
N ASP C 520 -38.80 -11.77 33.34
CA ASP C 520 -37.55 -12.39 32.93
C ASP C 520 -37.72 -13.30 31.72
N GLU C 521 -38.87 -13.25 31.05
CA GLU C 521 -39.10 -14.08 29.88
C GLU C 521 -38.28 -13.52 28.72
N ILE C 522 -37.11 -14.12 28.50
CA ILE C 522 -36.15 -13.56 27.56
C ILE C 522 -36.52 -14.01 26.15
N VAL C 523 -36.80 -13.03 25.28
CA VAL C 523 -37.21 -13.28 23.91
C VAL C 523 -36.08 -12.88 22.99
N TYR C 524 -35.81 -13.69 21.98
CA TYR C 524 -34.77 -13.39 21.01
C TYR C 524 -35.41 -12.80 19.78
N LEU C 525 -35.29 -11.48 19.61
CA LEU C 525 -35.90 -10.79 18.49
C LEU C 525 -34.94 -10.69 17.32
N THR C 526 -35.51 -10.59 16.12
CA THR C 526 -34.74 -10.26 14.94
C THR C 526 -34.88 -8.77 14.66
N ALA C 527 -34.21 -8.29 13.61
CA ALA C 527 -34.19 -6.86 13.33
C ALA C 527 -35.49 -6.38 12.69
N ASP C 528 -36.30 -7.28 12.16
CA ASP C 528 -37.58 -6.88 11.60
C ASP C 528 -38.58 -6.54 12.68
N GLU C 529 -38.80 -7.47 13.60
CA GLU C 529 -39.82 -7.31 14.63
C GLU C 529 -39.31 -6.56 15.85
N GLU C 530 -38.06 -6.10 15.84
CA GLU C 530 -37.62 -5.18 16.89
C GLU C 530 -38.27 -3.81 16.70
N ASP C 531 -38.43 -3.38 15.46
CA ASP C 531 -38.98 -2.06 15.19
C ASP C 531 -40.48 -2.00 15.41
N ARG C 532 -41.18 -3.14 15.40
CA ARG C 532 -42.62 -3.12 15.61
C ARG C 532 -42.97 -2.80 17.06
N HIS C 533 -42.08 -3.11 17.99
CA HIS C 533 -42.26 -2.77 19.39
C HIS C 533 -41.38 -1.57 19.73
N VAL C 534 -41.33 -1.24 21.02
CA VAL C 534 -40.41 -0.25 21.53
C VAL C 534 -39.55 -0.92 22.59
N VAL C 535 -38.33 -0.43 22.75
CA VAL C 535 -37.32 -1.11 23.56
C VAL C 535 -36.68 -0.11 24.50
N ALA C 536 -36.72 -0.40 25.80
CA ALA C 536 -36.20 0.52 26.79
C ALA C 536 -34.67 0.44 26.86
N GLN C 537 -34.11 1.08 27.88
CA GLN C 537 -32.68 1.11 28.10
C GLN C 537 -32.32 0.27 29.31
N ALA C 538 -31.12 -0.30 29.31
CA ALA C 538 -30.74 -1.26 30.32
C ALA C 538 -30.48 -0.60 31.67
N ASN C 539 -29.89 0.59 31.67
CA ASN C 539 -29.59 1.28 32.92
C ASN C 539 -30.75 2.18 33.34
N SER C 540 -31.91 1.55 33.49
CA SER C 540 -33.12 2.20 33.93
C SER C 540 -33.45 1.79 35.36
N PRO C 541 -33.96 2.71 36.17
CA PRO C 541 -34.16 2.40 37.59
C PRO C 541 -35.32 1.48 37.87
N ILE C 542 -35.07 0.18 37.81
CA ILE C 542 -36.04 -0.82 38.25
C ILE C 542 -36.08 -0.82 39.77
N ASP C 543 -37.28 -0.79 40.35
CA ASP C 543 -37.43 -0.76 41.80
C ASP C 543 -38.00 -2.09 42.30
N ALA C 544 -37.12 -3.08 42.44
CA ALA C 544 -37.28 -4.27 43.28
C ALA C 544 -38.41 -5.22 42.90
N ASP C 545 -39.25 -4.85 41.92
CA ASP C 545 -40.35 -5.70 41.48
C ASP C 545 -40.32 -5.80 39.97
N GLY C 546 -39.87 -4.73 39.32
CA GLY C 546 -39.93 -4.63 37.89
C GLY C 546 -40.43 -3.26 37.48
N ARG C 547 -40.88 -2.48 38.45
CA ARG C 547 -41.44 -1.16 38.16
C ARG C 547 -40.32 -0.15 38.00
N PHE C 548 -40.46 0.70 36.98
CA PHE C 548 -39.53 1.81 36.81
C PHE C 548 -39.78 2.85 37.89
N VAL C 549 -38.70 3.49 38.35
CA VAL C 549 -38.85 4.52 39.38
C VAL C 549 -39.45 5.78 38.76
N GLU C 550 -38.79 6.31 37.74
CA GLU C 550 -39.32 7.48 37.05
C GLU C 550 -40.48 7.07 36.16
N PRO C 551 -41.48 7.94 35.99
CA PRO C 551 -42.63 7.58 35.14
C PRO C 551 -42.32 7.60 33.66
N ARG C 552 -41.21 8.20 33.24
CA ARG C 552 -40.83 8.23 31.84
C ARG C 552 -39.48 7.55 31.67
N VAL C 553 -39.36 6.71 30.65
CA VAL C 553 -38.16 5.95 30.35
C VAL C 553 -37.57 6.43 29.04
N LEU C 554 -36.25 6.38 28.95
CA LEU C 554 -35.57 6.43 27.66
C LEU C 554 -35.90 5.17 26.87
N VAL C 555 -35.95 5.30 25.55
CA VAL C 555 -36.53 4.26 24.71
C VAL C 555 -36.05 4.45 23.29
N ARG C 556 -36.13 3.40 22.48
CA ARG C 556 -35.72 3.44 21.08
C ARG C 556 -36.90 3.04 20.20
N ARG C 557 -37.31 3.94 19.32
CA ARG C 557 -38.50 3.74 18.51
C ARG C 557 -38.17 3.00 17.21
N LYS C 558 -39.11 3.04 16.26
CA LYS C 558 -39.05 2.15 15.10
C LYS C 558 -37.96 2.55 14.12
N ALA C 559 -37.93 3.82 13.72
CA ALA C 559 -36.99 4.23 12.68
C ALA C 559 -35.57 4.42 13.20
N GLY C 560 -35.33 4.20 14.49
CA GLY C 560 -34.06 4.51 15.11
C GLY C 560 -34.11 5.73 16.00
N GLU C 561 -35.28 6.36 16.13
CA GLU C 561 -35.39 7.58 16.93
C GLU C 561 -35.28 7.28 18.41
N VAL C 562 -34.78 8.26 19.13
CA VAL C 562 -34.53 8.14 20.56
C VAL C 562 -35.53 9.04 21.25
N GLU C 563 -36.65 8.46 21.67
CA GLU C 563 -37.76 9.21 22.25
C GLU C 563 -37.58 9.32 23.76
N TYR C 564 -38.66 9.70 24.44
CA TYR C 564 -38.70 9.76 25.90
C TYR C 564 -40.15 9.49 26.28
N VAL C 565 -40.46 8.24 26.60
CA VAL C 565 -41.86 7.81 26.57
C VAL C 565 -42.29 7.37 27.97
N PRO C 566 -43.54 7.59 28.36
CA PRO C 566 -43.99 7.17 29.70
C PRO C 566 -44.03 5.66 29.84
N SER C 567 -43.92 5.20 31.09
CA SER C 567 -43.63 3.81 31.37
C SER C 567 -44.85 2.90 31.33
N SER C 568 -45.61 2.94 30.23
CA SER C 568 -46.65 1.95 29.98
C SER C 568 -46.61 1.40 28.57
N GLU C 569 -46.07 2.14 27.60
CA GLU C 569 -45.89 1.65 26.24
C GLU C 569 -44.63 0.81 26.09
N VAL C 570 -43.75 0.83 27.09
CA VAL C 570 -42.50 0.07 27.03
C VAL C 570 -42.82 -1.42 27.16
N ASP C 571 -42.36 -2.20 26.20
CA ASP C 571 -42.63 -3.63 26.21
C ASP C 571 -41.38 -4.49 26.08
N TYR C 572 -40.20 -3.89 25.96
CA TYR C 572 -38.96 -4.65 26.00
C TYR C 572 -37.86 -3.81 26.63
N MET C 573 -36.91 -4.49 27.26
CA MET C 573 -35.73 -3.87 27.84
C MET C 573 -34.52 -4.69 27.42
N ASP C 574 -33.34 -4.06 27.44
CA ASP C 574 -32.13 -4.80 27.16
C ASP C 574 -31.81 -5.75 28.30
N VAL C 575 -31.10 -6.83 27.98
CA VAL C 575 -30.75 -7.76 29.04
C VAL C 575 -29.56 -7.27 29.84
N SER C 576 -28.77 -6.35 29.31
CA SER C 576 -27.61 -5.80 29.98
C SER C 576 -27.15 -4.56 29.24
N PRO C 577 -26.29 -3.73 29.85
CA PRO C 577 -25.49 -2.82 29.04
C PRO C 577 -24.34 -3.60 28.42
N ARG C 578 -23.48 -2.93 27.63
CA ARG C 578 -22.42 -3.54 26.80
C ARG C 578 -22.96 -4.56 25.78
N GLN C 579 -24.28 -4.53 25.53
CA GLN C 579 -24.91 -5.46 24.61
C GLN C 579 -24.61 -5.10 23.16
N MET C 580 -24.31 -3.83 22.90
CA MET C 580 -24.04 -3.39 21.53
C MET C 580 -22.63 -3.68 21.09
N VAL C 581 -21.80 -4.20 21.97
CA VAL C 581 -20.36 -4.16 21.82
C VAL C 581 -19.82 -5.58 21.70
N SER C 582 -18.68 -5.73 21.04
CA SER C 582 -18.15 -7.03 20.67
C SER C 582 -17.38 -7.67 21.82
N VAL C 583 -16.62 -8.71 21.52
CA VAL C 583 -15.84 -9.40 22.54
C VAL C 583 -14.54 -8.67 22.83
N ALA C 584 -13.87 -8.20 21.78
CA ALA C 584 -12.61 -7.50 21.98
C ALA C 584 -12.84 -6.09 22.49
N THR C 585 -13.96 -5.47 22.14
CA THR C 585 -14.23 -4.12 22.61
C THR C 585 -14.65 -4.11 24.07
N ALA C 586 -15.19 -5.21 24.57
CA ALA C 586 -15.65 -5.26 25.95
C ALA C 586 -14.53 -5.47 26.94
N MET C 587 -13.29 -5.54 26.50
CA MET C 587 -12.14 -5.69 27.38
C MET C 587 -11.38 -4.37 27.56
N ILE C 588 -12.03 -3.25 27.26
CA ILE C 588 -11.47 -1.93 27.49
C ILE C 588 -12.08 -1.37 28.77
N PRO C 589 -11.30 -1.12 29.81
CA PRO C 589 -11.83 -0.36 30.95
C PRO C 589 -12.04 1.09 30.55
N PHE C 590 -13.12 1.68 31.09
CA PHE C 590 -13.53 3.06 30.82
C PHE C 590 -13.71 3.31 29.32
N LEU C 591 -14.63 2.56 28.72
CA LEU C 591 -14.85 2.71 27.29
C LEU C 591 -15.56 4.02 26.99
N GLU C 592 -16.50 4.42 27.82
CA GLU C 592 -17.36 5.55 27.53
C GLU C 592 -16.70 6.90 27.78
N HIS C 593 -15.39 6.94 28.01
CA HIS C 593 -14.64 8.18 28.05
C HIS C 593 -13.75 8.38 26.83
N ASP C 594 -13.70 7.40 25.93
CA ASP C 594 -12.90 7.49 24.72
C ASP C 594 -13.75 7.84 23.52
N ASP C 595 -13.15 8.54 22.56
CA ASP C 595 -13.79 8.76 21.28
C ASP C 595 -13.82 7.45 20.50
N ALA C 596 -14.71 7.37 19.52
CA ALA C 596 -14.92 6.09 18.85
C ALA C 596 -13.79 5.71 17.92
N ASN C 597 -13.04 6.68 17.40
CA ASN C 597 -11.86 6.34 16.61
C ASN C 597 -10.78 5.73 17.47
N ARG C 598 -10.57 6.28 18.66
CA ARG C 598 -9.53 5.74 19.54
C ARG C 598 -9.98 4.42 20.16
N ALA C 599 -11.28 4.26 20.40
CA ALA C 599 -11.77 2.97 20.88
C ALA C 599 -11.68 1.90 19.78
N LEU C 600 -11.86 2.30 18.52
CA LEU C 600 -11.65 1.40 17.40
C LEU C 600 -10.20 0.94 17.34
N MET C 601 -9.26 1.88 17.47
CA MET C 601 -7.85 1.52 17.44
C MET C 601 -7.46 0.69 18.66
N GLY C 602 -8.09 0.93 19.80
CA GLY C 602 -7.80 0.12 20.97
C GLY C 602 -8.36 -1.29 20.86
N ALA C 603 -9.48 -1.47 20.18
CA ALA C 603 -9.99 -2.81 19.96
C ALA C 603 -9.22 -3.52 18.87
N ASN C 604 -8.62 -2.80 17.94
CA ASN C 604 -7.84 -3.45 16.90
C ASN C 604 -6.39 -3.67 17.27
N MET C 605 -5.89 -3.02 18.32
CA MET C 605 -4.52 -3.23 18.75
C MET C 605 -4.42 -4.21 19.90
N GLN C 606 -5.53 -4.83 20.29
CA GLN C 606 -5.48 -5.90 21.28
C GLN C 606 -5.30 -7.26 20.66
N ARG C 607 -5.59 -7.39 19.37
CA ARG C 607 -5.43 -8.65 18.68
C ARG C 607 -4.12 -8.72 17.91
N GLN C 608 -3.20 -7.80 18.18
CA GLN C 608 -1.88 -7.82 17.57
C GLN C 608 -0.76 -7.93 18.60
N ALA C 609 -1.09 -8.08 19.87
CA ALA C 609 -0.07 -8.17 20.91
C ALA C 609 0.57 -9.55 20.89
N VAL C 610 1.82 -9.61 21.31
CA VAL C 610 2.60 -10.85 21.28
C VAL C 610 2.49 -11.54 22.63
N PRO C 611 2.74 -12.84 22.73
CA PRO C 611 2.76 -13.52 24.04
C PRO C 611 4.13 -13.39 24.69
N LEU C 612 4.16 -12.74 25.84
CA LEU C 612 5.39 -12.57 26.58
C LEU C 612 5.76 -13.88 27.29
N VAL C 613 6.91 -13.89 27.96
CA VAL C 613 7.35 -15.10 28.64
C VAL C 613 6.85 -15.21 30.07
N ARG C 614 6.19 -14.18 30.60
CA ARG C 614 5.71 -14.23 31.98
C ARG C 614 4.21 -14.04 32.11
N SER C 615 3.63 -13.09 31.37
CA SER C 615 2.18 -12.95 31.19
C SER C 615 1.46 -12.65 32.52
N GLU C 616 1.65 -11.44 33.01
CA GLU C 616 1.00 -10.97 34.24
C GLU C 616 -0.42 -10.47 33.96
N ALA C 617 -1.35 -10.84 34.84
CA ALA C 617 -2.75 -10.48 34.68
C ALA C 617 -2.96 -8.98 34.89
N PRO C 618 -3.96 -8.37 34.24
CA PRO C 618 -4.15 -6.93 34.37
C PRO C 618 -4.69 -6.53 35.73
N LEU C 619 -4.18 -5.41 36.24
CA LEU C 619 -4.57 -4.93 37.56
C LEU C 619 -5.94 -4.28 37.56
N VAL C 620 -6.42 -3.85 36.41
CA VAL C 620 -7.72 -3.20 36.29
C VAL C 620 -8.29 -3.57 34.93
N GLY C 621 -9.43 -4.25 34.93
CA GLY C 621 -9.97 -4.74 33.69
C GLY C 621 -11.47 -4.65 33.66
N THR C 622 -12.10 -5.42 32.80
CA THR C 622 -13.54 -5.58 32.78
C THR C 622 -13.86 -7.01 33.23
N GLY C 623 -15.11 -7.39 33.14
CA GLY C 623 -15.41 -8.76 33.47
C GLY C 623 -15.24 -9.74 32.34
N MET C 624 -14.72 -9.31 31.20
CA MET C 624 -14.66 -10.14 30.00
C MET C 624 -13.31 -10.80 29.80
N GLU C 625 -12.42 -10.75 30.78
CA GLU C 625 -11.16 -11.44 30.60
C GLU C 625 -11.29 -12.93 30.88
N LEU C 626 -12.06 -13.29 31.92
CA LEU C 626 -12.12 -14.67 32.35
C LEU C 626 -12.90 -15.54 31.38
N ARG C 627 -13.85 -14.95 30.67
CA ARG C 627 -14.69 -15.71 29.77
C ARG C 627 -14.14 -15.74 28.34
N ALA C 628 -13.33 -14.78 27.95
CA ALA C 628 -12.71 -14.80 26.64
C ALA C 628 -11.46 -15.66 26.59
N ALA C 629 -11.08 -16.27 27.70
CA ALA C 629 -9.95 -17.19 27.72
C ALA C 629 -10.37 -18.64 27.73
N ILE C 630 -11.38 -19.00 28.53
CA ILE C 630 -11.82 -20.39 28.56
C ILE C 630 -12.71 -20.75 27.39
N ASP C 631 -13.19 -19.77 26.63
CA ASP C 631 -13.96 -20.03 25.43
C ASP C 631 -13.14 -19.93 24.16
N ALA C 632 -11.97 -19.28 24.20
CA ALA C 632 -11.12 -19.23 23.03
C ALA C 632 -10.40 -20.55 22.79
N GLY C 633 -10.29 -21.40 23.81
CA GLY C 633 -9.79 -22.74 23.63
C GLY C 633 -8.32 -22.93 23.82
N ASP C 634 -7.56 -21.88 24.11
CA ASP C 634 -6.12 -21.99 24.31
C ASP C 634 -5.76 -22.19 25.78
N VAL C 635 -6.65 -22.79 26.54
CA VAL C 635 -6.45 -23.06 27.96
C VAL C 635 -6.95 -24.47 28.22
N VAL C 636 -6.10 -25.30 28.83
CA VAL C 636 -6.50 -26.67 29.11
C VAL C 636 -7.49 -26.68 30.26
N VAL C 637 -8.68 -27.17 30.01
CA VAL C 637 -9.76 -27.19 30.99
C VAL C 637 -9.99 -28.63 31.39
N ALA C 638 -10.05 -28.88 32.70
CA ALA C 638 -10.35 -30.21 33.21
C ALA C 638 -11.76 -30.62 32.81
N GLU C 639 -11.89 -31.85 32.31
CA GLU C 639 -13.16 -32.28 31.74
C GLU C 639 -14.17 -32.62 32.82
N GLU C 640 -13.87 -33.63 33.62
CA GLU C 640 -14.74 -34.06 34.71
C GLU C 640 -14.01 -33.87 36.03
N SER C 641 -14.78 -33.70 37.10
CA SER C 641 -14.21 -33.40 38.41
C SER C 641 -13.43 -34.58 38.94
N GLY C 642 -12.14 -34.33 39.23
CA GLY C 642 -11.28 -35.36 39.74
C GLY C 642 -10.35 -34.87 40.83
N VAL C 643 -9.16 -35.44 40.91
CA VAL C 643 -8.15 -35.05 41.89
C VAL C 643 -6.79 -35.29 41.26
N ILE C 644 -5.92 -34.29 41.31
CA ILE C 644 -4.67 -34.31 40.56
C ILE C 644 -3.74 -35.37 41.13
N GLU C 645 -3.42 -36.37 40.32
CA GLU C 645 -2.52 -37.44 40.70
C GLU C 645 -1.08 -37.13 40.36
N GLU C 646 -0.80 -36.72 39.12
CA GLU C 646 0.59 -36.45 38.76
C GLU C 646 0.67 -35.29 37.79
N VAL C 647 1.44 -34.26 38.17
CA VAL C 647 1.67 -33.09 37.32
C VAL C 647 3.13 -33.04 36.94
N SER C 648 3.37 -32.69 35.68
CA SER C 648 4.70 -32.37 35.21
C SER C 648 4.52 -31.46 34.01
N ALA C 649 5.63 -30.84 33.58
CA ALA C 649 5.57 -29.81 32.55
C ALA C 649 5.12 -30.32 31.19
N ASP C 650 5.01 -31.64 31.01
CA ASP C 650 4.45 -32.20 29.80
C ASP C 650 3.02 -32.70 29.98
N TYR C 651 2.62 -33.10 31.19
CA TYR C 651 1.39 -33.86 31.28
C TYR C 651 0.79 -33.77 32.68
N ILE C 652 -0.53 -33.87 32.73
CA ILE C 652 -1.30 -33.84 33.97
C ILE C 652 -2.24 -35.04 33.96
N THR C 653 -1.98 -36.03 34.80
CA THR C 653 -2.89 -37.15 34.96
C THR C 653 -3.74 -36.89 36.20
N VAL C 654 -5.04 -36.75 35.99
CA VAL C 654 -6.02 -36.60 37.05
C VAL C 654 -6.75 -37.91 37.19
N MET C 655 -7.23 -38.19 38.40
CA MET C 655 -7.96 -39.40 38.73
C MET C 655 -9.39 -39.00 39.03
N HIS C 656 -10.33 -39.50 38.23
CA HIS C 656 -11.72 -39.13 38.41
C HIS C 656 -12.30 -39.83 39.64
N ASP C 657 -13.53 -39.44 40.00
CA ASP C 657 -14.16 -40.06 41.14
C ASP C 657 -14.66 -41.46 40.83
N ASN C 658 -14.93 -41.78 39.57
CA ASN C 658 -15.44 -43.08 39.17
C ASN C 658 -14.36 -43.78 38.36
N GLY C 659 -13.40 -44.38 39.05
CA GLY C 659 -12.49 -45.28 38.36
C GLY C 659 -11.36 -44.60 37.60
N THR C 660 -11.58 -44.41 36.31
CA THR C 660 -10.52 -44.16 35.34
C THR C 660 -9.83 -42.82 35.55
N ARG C 661 -8.67 -42.69 34.93
CA ARG C 661 -7.86 -41.48 34.93
C ARG C 661 -7.98 -40.79 33.59
N ARG C 662 -7.36 -39.62 33.50
CA ARG C 662 -7.28 -38.89 32.24
C ARG C 662 -5.97 -38.11 32.25
N THR C 663 -5.23 -38.18 31.14
CA THR C 663 -3.97 -37.47 31.02
C THR C 663 -4.13 -36.35 29.99
N TYR C 664 -3.84 -35.13 30.41
CA TYR C 664 -3.83 -33.98 29.53
C TYR C 664 -2.39 -33.68 29.14
N ARG C 665 -2.13 -33.61 27.84
CA ARG C 665 -0.79 -33.41 27.31
C ARG C 665 -0.65 -31.94 26.91
N MET C 666 0.21 -31.22 27.62
CA MET C 666 0.46 -29.82 27.30
C MET C 666 1.37 -29.72 26.09
N ARG C 667 1.08 -28.75 25.22
CA ARG C 667 1.91 -28.47 24.05
C ARG C 667 2.94 -27.41 24.42
N LYS C 668 4.21 -27.78 24.42
CA LYS C 668 5.29 -26.90 24.83
C LYS C 668 6.02 -26.39 23.60
N PHE C 669 6.13 -25.05 23.50
CA PHE C 669 6.93 -24.35 22.50
C PHE C 669 6.52 -24.68 21.07
N ALA C 670 5.23 -24.86 20.86
CA ALA C 670 4.72 -25.05 19.51
C ALA C 670 4.75 -23.74 18.76
N ARG C 671 5.00 -23.82 17.46
CA ARG C 671 5.00 -22.63 16.63
C ARG C 671 3.57 -22.27 16.27
N SER C 672 3.22 -21.01 16.40
CA SER C 672 1.91 -20.55 15.99
C SER C 672 1.91 -20.30 14.48
N ASN C 673 0.81 -19.77 13.96
CA ASN C 673 0.77 -19.47 12.54
C ASN C 673 1.59 -18.24 12.18
N HIS C 674 1.92 -17.41 13.16
CA HIS C 674 2.55 -16.13 12.90
C HIS C 674 3.93 -16.03 13.52
N GLY C 675 4.48 -17.12 14.02
CA GLY C 675 5.82 -17.13 14.56
C GLY C 675 5.89 -17.07 16.07
N THR C 676 4.81 -16.70 16.74
CA THR C 676 4.84 -16.55 18.18
C THR C 676 4.79 -17.92 18.86
N CYS C 677 5.13 -17.92 20.14
CA CYS C 677 5.24 -19.16 20.91
C CYS C 677 3.88 -19.57 21.44
N ALA C 678 3.71 -20.86 21.69
CA ALA C 678 2.47 -21.42 22.23
C ALA C 678 2.75 -22.28 23.45
N ASN C 679 3.52 -21.74 24.39
CA ASN C 679 3.85 -22.46 25.61
C ASN C 679 2.62 -22.66 26.47
N GLN C 680 2.63 -23.72 27.28
CA GLN C 680 1.42 -24.11 27.99
C GLN C 680 1.83 -24.81 29.28
N CYS C 681 1.64 -24.14 30.41
CA CYS C 681 2.13 -24.63 31.69
C CYS C 681 0.98 -24.85 32.67
N PRO C 682 1.10 -25.84 33.56
CA PRO C 682 0.04 -26.09 34.54
C PRO C 682 0.08 -25.10 35.69
N ILE C 683 -1.06 -25.03 36.39
CA ILE C 683 -1.20 -24.17 37.56
C ILE C 683 -1.79 -24.93 38.73
N VAL C 684 -1.66 -26.25 38.72
CA VAL C 684 -2.14 -27.08 39.83
C VAL C 684 -0.98 -27.89 40.36
N ASP C 685 -1.07 -28.24 41.64
CA ASP C 685 -0.06 -29.05 42.29
C ASP C 685 -0.53 -30.49 42.34
N ALA C 686 0.27 -31.36 42.96
CA ALA C 686 0.06 -32.80 42.88
C ALA C 686 -0.87 -33.33 43.96
N GLY C 687 -1.73 -32.51 44.53
CA GLY C 687 -2.70 -33.01 45.48
C GLY C 687 -4.04 -32.31 45.44
N ASP C 688 -4.27 -31.53 44.40
CA ASP C 688 -5.41 -30.61 44.39
C ASP C 688 -6.68 -31.33 43.97
N ARG C 689 -7.80 -30.80 44.44
CA ARG C 689 -9.13 -31.26 44.06
C ARG C 689 -9.72 -30.27 43.07
N VAL C 690 -10.10 -30.76 41.89
CA VAL C 690 -10.60 -29.90 40.83
C VAL C 690 -12.07 -30.19 40.59
N GLU C 691 -12.72 -29.29 39.89
CA GLU C 691 -14.11 -29.44 39.49
C GLU C 691 -14.24 -29.34 37.99
N ALA C 692 -15.43 -29.68 37.50
CA ALA C 692 -15.66 -29.71 36.06
C ALA C 692 -15.70 -28.29 35.51
N GLY C 693 -14.88 -28.03 34.51
CA GLY C 693 -14.78 -26.71 33.92
C GLY C 693 -13.66 -25.85 34.46
N GLN C 694 -12.97 -26.31 35.51
CA GLN C 694 -11.93 -25.52 36.14
C GLN C 694 -10.69 -25.45 35.24
N VAL C 695 -10.12 -24.25 35.14
CA VAL C 695 -8.88 -24.06 34.39
C VAL C 695 -7.76 -24.82 35.06
N ILE C 696 -7.06 -25.64 34.29
CA ILE C 696 -6.03 -26.52 34.83
C ILE C 696 -4.65 -26.23 34.27
N ALA C 697 -4.54 -25.47 33.18
CA ALA C 697 -3.24 -25.07 32.65
C ALA C 697 -3.38 -23.76 31.90
N ASP C 698 -2.43 -22.86 32.11
CA ASP C 698 -2.44 -21.57 31.45
C ASP C 698 -2.01 -21.71 29.99
N GLY C 699 -2.29 -20.67 29.21
CA GLY C 699 -1.97 -20.68 27.81
C GLY C 699 -0.86 -19.71 27.48
N PRO C 700 -0.87 -19.18 26.25
CA PRO C 700 0.16 -18.21 25.86
C PRO C 700 0.03 -16.87 26.56
N CYS C 701 -1.15 -16.26 26.50
CA CYS C 701 -1.37 -14.94 27.06
C CYS C 701 -2.33 -14.98 28.24
N THR C 702 -2.27 -16.02 29.06
CA THR C 702 -3.18 -16.14 30.18
C THR C 702 -2.40 -16.18 31.49
N ASP C 703 -3.08 -15.80 32.56
CA ASP C 703 -2.54 -15.87 33.92
C ASP C 703 -3.68 -16.29 34.83
N ASP C 704 -3.57 -17.50 35.39
CA ASP C 704 -4.58 -18.11 36.27
C ASP C 704 -5.93 -18.23 35.58
N GLY C 705 -5.93 -18.41 34.27
CA GLY C 705 -7.15 -18.65 33.54
C GLY C 705 -7.80 -17.43 32.90
N GLU C 706 -7.26 -16.24 33.09
CA GLU C 706 -7.83 -15.06 32.47
C GLU C 706 -6.78 -14.40 31.59
N MET C 707 -7.27 -13.64 30.61
CA MET C 707 -6.42 -13.08 29.57
C MET C 707 -5.44 -12.06 30.13
N ALA C 708 -4.21 -12.13 29.66
CA ALA C 708 -3.14 -11.25 30.11
C ALA C 708 -2.28 -10.95 28.89
N LEU C 709 -2.61 -9.86 28.20
CA LEU C 709 -1.92 -9.52 26.96
C LEU C 709 -0.65 -8.73 27.18
N GLY C 710 -0.54 -7.98 28.25
CA GLY C 710 0.63 -7.15 28.50
C GLY C 710 0.97 -7.14 29.97
N LYS C 711 1.64 -6.06 30.40
CA LYS C 711 2.14 -5.98 31.77
C LYS C 711 1.75 -4.65 32.40
N ASN C 712 1.83 -4.61 33.72
CA ASN C 712 1.54 -3.43 34.51
C ASN C 712 2.83 -2.64 34.73
N LEU C 713 2.83 -1.38 34.34
CA LEU C 713 4.03 -0.57 34.35
C LEU C 713 3.72 0.79 34.96
N LEU C 714 4.66 1.27 35.77
CA LEU C 714 4.53 2.59 36.37
C LEU C 714 4.77 3.65 35.31
N VAL C 715 3.84 4.58 35.17
CA VAL C 715 3.83 5.57 34.10
C VAL C 715 3.74 6.96 34.71
N ALA C 716 4.54 7.89 34.18
CA ALA C 716 4.38 9.31 34.41
C ALA C 716 3.92 9.98 33.12
N ILE C 717 3.22 11.11 33.27
CA ILE C 717 2.64 11.81 32.13
C ILE C 717 3.36 13.14 32.00
N MET C 718 4.58 13.16 32.27
CA MET C 718 5.32 14.37 31.99
C MET C 718 5.95 14.28 30.61
N PRO C 719 6.16 15.39 29.91
CA PRO C 719 7.02 15.34 28.71
C PRO C 719 8.47 15.48 29.12
N TRP C 720 9.31 14.52 28.75
CA TRP C 720 10.67 14.46 29.28
C TRP C 720 11.69 14.65 28.17
N GLU C 721 12.24 15.86 28.07
CA GLU C 721 13.44 16.20 27.32
C GLU C 721 13.33 15.92 25.83
N GLY C 722 12.12 15.86 25.29
CA GLY C 722 11.98 15.70 23.87
C GLY C 722 12.28 14.33 23.32
N HIS C 723 12.39 13.31 24.17
CA HIS C 723 12.48 11.96 23.66
C HIS C 723 11.11 11.32 23.50
N ASN C 724 10.12 11.73 24.29
CA ASN C 724 8.74 11.31 24.07
C ASN C 724 8.03 12.44 23.32
N TYR C 725 8.47 12.68 22.10
CA TYR C 725 7.99 13.79 21.30
C TYR C 725 7.15 13.23 20.16
N GLU C 726 5.87 13.63 20.14
CA GLU C 726 4.91 13.30 19.08
C GLU C 726 4.75 11.79 18.93
N ASP C 727 4.13 11.21 19.96
CA ASP C 727 3.66 9.84 20.14
C ASP C 727 4.76 8.83 20.45
N ALA C 728 6.02 9.23 20.54
CA ALA C 728 7.05 8.27 20.91
C ALA C 728 7.03 8.01 22.41
N ILE C 729 7.48 6.82 22.79
CA ILE C 729 7.46 6.35 24.17
C ILE C 729 8.89 6.04 24.58
N ILE C 730 9.28 6.47 25.77
CA ILE C 730 10.58 6.13 26.32
C ILE C 730 10.36 5.16 27.47
N LEU C 731 11.30 4.25 27.65
CA LEU C 731 11.18 3.20 28.65
C LEU C 731 12.29 3.32 29.67
N SER C 732 12.27 2.43 30.65
CA SER C 732 13.36 2.25 31.59
C SER C 732 14.16 1.02 31.21
N ASN C 733 15.38 0.95 31.72
CA ASN C 733 16.23 -0.20 31.42
C ASN C 733 15.92 -1.39 32.31
N ARG C 734 15.00 -1.26 33.26
CA ARG C 734 14.62 -2.40 34.09
C ARG C 734 13.91 -3.47 33.28
N LEU C 735 13.17 -3.07 32.25
CA LEU C 735 12.42 -4.02 31.45
C LEU C 735 13.28 -4.86 30.53
N VAL C 736 14.56 -4.53 30.40
CA VAL C 736 15.47 -5.31 29.58
C VAL C 736 16.28 -6.21 30.51
N GLU C 737 16.57 -5.71 31.71
CA GLU C 737 17.37 -6.48 32.66
C GLU C 737 16.55 -7.60 33.28
N GLU C 738 15.27 -7.40 33.49
CA GLU C 738 14.45 -8.36 34.20
C GLU C 738 13.49 -9.12 33.28
N ASP C 739 13.61 -8.94 31.96
CA ASP C 739 12.83 -9.64 30.94
C ASP C 739 11.33 -9.40 31.13
N VAL C 740 10.95 -8.14 31.27
CA VAL C 740 9.52 -7.84 31.40
C VAL C 740 8.81 -7.97 30.06
N LEU C 741 9.42 -7.54 28.96
CA LEU C 741 8.81 -7.60 27.65
C LEU C 741 9.63 -8.42 26.68
N THR C 742 10.02 -9.62 27.11
CA THR C 742 10.77 -10.55 26.27
C THR C 742 9.81 -11.57 25.69
N SER C 743 9.89 -11.79 24.38
CA SER C 743 9.05 -12.80 23.74
C SER C 743 9.91 -13.84 23.04
N ILE C 744 9.29 -14.97 22.70
CA ILE C 744 9.96 -16.06 22.00
C ILE C 744 9.34 -16.20 20.63
N HIS C 745 10.17 -16.13 19.59
CA HIS C 745 9.72 -16.22 18.21
C HIS C 745 10.34 -17.44 17.55
N ILE C 746 9.52 -18.21 16.84
CA ILE C 746 9.95 -19.46 16.24
C ILE C 746 9.73 -19.39 14.74
N GLU C 747 10.79 -19.65 14.00
CA GLU C 747 10.75 -19.63 12.54
C GLU C 747 10.90 -21.04 12.03
N GLU C 748 10.40 -21.29 10.82
CA GLU C 748 10.40 -22.62 10.24
C GLU C 748 10.99 -22.58 8.84
N HIS C 749 12.04 -23.36 8.61
CA HIS C 749 12.73 -23.38 7.33
C HIS C 749 12.60 -24.77 6.71
N GLU C 750 12.26 -24.81 5.43
CA GLU C 750 11.90 -26.06 4.80
C GLU C 750 12.67 -26.26 3.50
N ILE C 751 13.20 -27.48 3.30
CA ILE C 751 13.88 -27.82 2.05
C ILE C 751 13.46 -29.24 1.67
N ASP C 752 13.61 -29.56 0.39
CA ASP C 752 13.18 -30.86 -0.12
C ASP C 752 14.10 -31.32 -1.24
N ALA C 753 14.53 -32.56 -1.14
CA ALA C 753 15.32 -33.21 -2.18
C ALA C 753 14.37 -33.94 -3.12
N ARG C 754 14.36 -33.50 -4.38
CA ARG C 754 13.48 -34.01 -5.43
C ARG C 754 14.28 -34.86 -6.41
N ASP C 755 13.57 -35.39 -7.40
CA ASP C 755 14.17 -36.09 -8.51
C ASP C 755 14.20 -35.15 -9.70
N THR C 756 15.40 -34.88 -10.21
CA THR C 756 15.57 -33.96 -11.31
C THR C 756 15.70 -34.74 -12.61
N LYS C 757 15.85 -34.00 -13.72
CA LYS C 757 15.95 -34.65 -15.02
C LYS C 757 17.33 -35.27 -15.24
N LEU C 758 18.31 -34.89 -14.43
CA LEU C 758 19.65 -35.41 -14.57
C LEU C 758 20.01 -36.44 -13.51
N GLY C 759 19.11 -36.73 -12.59
CA GLY C 759 19.42 -37.65 -11.51
C GLY C 759 18.56 -37.42 -10.29
N ALA C 760 19.18 -37.31 -9.13
CA ALA C 760 18.46 -37.11 -7.89
C ALA C 760 19.26 -36.18 -6.97
N GLU C 761 18.56 -35.23 -6.37
CA GLU C 761 19.20 -34.35 -5.41
C GLU C 761 19.42 -35.08 -4.10
N GLU C 762 20.63 -34.99 -3.57
CA GLU C 762 21.05 -35.75 -2.40
C GLU C 762 21.31 -34.81 -1.23
N ILE C 763 20.84 -35.19 -0.06
CA ILE C 763 21.07 -34.43 1.16
C ILE C 763 22.23 -35.10 1.88
N THR C 764 23.40 -34.46 1.86
CA THR C 764 24.57 -35.07 2.47
C THR C 764 25.57 -34.00 2.90
N ARG C 765 26.50 -34.43 3.74
CA ARG C 765 27.55 -33.54 4.24
C ARG C 765 28.57 -33.21 3.16
N ASP C 766 28.70 -34.06 2.15
CA ASP C 766 29.65 -33.85 1.07
C ASP C 766 29.16 -32.71 0.19
N ILE C 767 29.69 -31.51 0.43
CA ILE C 767 29.24 -30.29 -0.23
C ILE C 767 30.35 -29.88 -1.20
N PRO C 768 30.04 -29.35 -2.39
CA PRO C 768 31.08 -28.77 -3.24
C PRO C 768 31.74 -27.57 -2.59
N ASN C 769 32.80 -27.09 -3.26
CA ASN C 769 33.97 -26.43 -2.69
C ASN C 769 33.68 -25.39 -1.62
N ILE C 770 34.05 -25.71 -0.38
CA ILE C 770 33.65 -24.94 0.78
C ILE C 770 34.62 -25.31 1.90
N SER C 771 34.71 -24.45 2.90
CA SER C 771 35.67 -24.66 3.96
C SER C 771 35.21 -25.79 4.90
N ASP C 772 36.15 -26.29 5.69
CA ASP C 772 35.84 -27.27 6.72
C ASP C 772 35.42 -26.60 8.02
N GLU C 773 35.47 -25.27 8.07
CA GLU C 773 35.01 -24.53 9.25
C GLU C 773 33.51 -24.31 9.23
N VAL C 774 32.90 -24.26 8.06
CA VAL C 774 31.46 -24.02 7.95
C VAL C 774 30.70 -25.32 7.97
N LEU C 775 31.40 -26.43 8.24
CA LEU C 775 30.77 -27.74 8.38
C LEU C 775 30.89 -28.27 9.81
N ALA C 776 31.06 -27.39 10.79
CA ALA C 776 31.31 -27.81 12.16
C ALA C 776 30.06 -28.24 12.90
N ASP C 777 28.89 -27.69 12.55
CA ASP C 777 27.66 -28.02 13.24
C ASP C 777 26.84 -29.09 12.55
N LEU C 778 27.07 -29.33 11.26
CA LEU C 778 26.32 -30.33 10.53
C LEU C 778 26.77 -31.71 10.98
N ASP C 779 25.82 -32.63 11.12
CA ASP C 779 26.19 -34.00 11.45
C ASP C 779 26.52 -34.76 10.17
N GLU C 780 26.62 -36.09 10.26
CA GLU C 780 27.10 -36.89 9.16
C GLU C 780 26.04 -37.14 8.09
N ARG C 781 24.78 -36.78 8.32
CA ARG C 781 23.73 -37.04 7.36
C ARG C 781 23.06 -35.76 6.86
N GLY C 782 23.83 -34.68 6.73
CA GLY C 782 23.20 -33.45 6.30
C GLY C 782 22.90 -32.46 7.40
N ILE C 783 21.67 -32.52 7.93
CA ILE C 783 21.07 -31.49 8.76
C ILE C 783 21.87 -31.15 10.02
N VAL C 784 21.58 -29.97 10.58
CA VAL C 784 22.29 -29.43 11.74
C VAL C 784 21.97 -30.21 13.01
N ARG C 785 22.69 -29.93 14.08
CA ARG C 785 22.43 -30.53 15.37
C ARG C 785 21.48 -29.64 16.17
N ILE C 786 20.62 -30.29 16.96
CA ILE C 786 19.70 -29.55 17.82
C ILE C 786 20.49 -28.92 18.95
N GLY C 787 20.37 -27.60 19.09
CA GLY C 787 21.15 -26.85 20.04
C GLY C 787 22.27 -26.03 19.42
N ALA C 788 22.55 -26.22 18.13
CA ALA C 788 23.58 -25.45 17.47
C ALA C 788 23.06 -24.05 17.18
N GLU C 789 23.83 -23.04 17.58
CA GLU C 789 23.43 -21.66 17.39
C GLU C 789 23.84 -21.22 15.98
N VAL C 790 22.87 -20.74 15.22
CA VAL C 790 23.12 -20.34 13.83
C VAL C 790 23.08 -18.83 13.73
N ARG C 791 23.55 -18.31 12.59
CA ARG C 791 23.48 -16.89 12.28
C ARG C 791 23.27 -16.73 10.79
N ASP C 792 23.26 -15.49 10.33
CA ASP C 792 22.91 -15.15 8.94
C ASP C 792 24.01 -15.63 8.00
N GLY C 793 23.72 -16.69 7.24
CA GLY C 793 24.66 -17.25 6.28
C GLY C 793 25.09 -18.67 6.57
N ASP C 794 24.72 -19.24 7.72
CA ASP C 794 25.12 -20.58 8.04
C ASP C 794 24.26 -21.62 7.32
N ILE C 795 24.86 -22.77 7.07
CA ILE C 795 24.21 -23.86 6.34
C ILE C 795 23.40 -24.69 7.32
N LEU C 796 22.13 -24.94 7.00
CA LEU C 796 21.27 -25.78 7.81
C LEU C 796 21.17 -27.20 7.26
N VAL C 797 20.74 -27.34 6.01
CA VAL C 797 20.62 -28.65 5.37
C VAL C 797 21.59 -28.70 4.22
N GLY C 798 22.51 -29.65 4.26
CA GLY C 798 23.49 -29.79 3.20
C GLY C 798 22.92 -30.55 2.01
N LYS C 799 22.58 -29.84 0.95
CA LYS C 799 21.91 -30.43 -0.21
C LYS C 799 22.72 -30.08 -1.45
N VAL C 800 22.90 -31.06 -2.33
CA VAL C 800 23.78 -30.93 -3.49
C VAL C 800 23.09 -31.55 -4.69
N THR C 801 22.94 -30.77 -5.77
CA THR C 801 22.16 -31.19 -6.92
C THR C 801 23.05 -31.47 -8.11
N PRO C 802 22.78 -32.50 -8.89
CA PRO C 802 23.61 -32.87 -9.98
C PRO C 802 23.54 -31.79 -10.99
N LYS C 803 24.61 -31.46 -11.68
CA LYS C 803 24.59 -30.37 -12.65
C LYS C 803 24.74 -30.71 -14.07
N GLY C 804 25.10 -31.94 -14.35
CA GLY C 804 25.30 -32.32 -15.72
C GLY C 804 26.51 -31.63 -16.30
N GLU C 805 26.35 -30.84 -17.37
CA GLU C 805 27.55 -30.23 -17.98
C GLU C 805 27.65 -28.80 -18.46
N THR C 806 28.82 -28.26 -18.23
CA THR C 806 29.24 -26.93 -18.61
C THR C 806 30.75 -27.02 -18.72
N GLU C 807 31.35 -26.11 -19.48
CA GLU C 807 32.79 -26.08 -19.67
C GLU C 807 33.34 -24.84 -19.05
N LEU C 808 34.43 -24.96 -18.34
CA LEU C 808 35.00 -23.89 -17.54
C LEU C 808 35.71 -22.87 -18.42
N THR C 809 35.96 -21.71 -17.83
CA THR C 809 36.82 -20.72 -18.45
C THR C 809 38.27 -21.21 -18.43
N PRO C 810 39.12 -20.71 -19.33
CA PRO C 810 40.53 -21.11 -19.29
C PRO C 810 41.25 -20.71 -18.02
N GLU C 811 40.86 -19.60 -17.39
CA GLU C 811 41.51 -19.20 -16.15
C GLU C 811 41.14 -20.13 -15.01
N GLU C 812 39.89 -20.54 -14.91
CA GLU C 812 39.51 -21.48 -13.86
C GLU C 812 40.05 -22.88 -14.12
N ARG C 813 40.16 -23.28 -15.38
CA ARG C 813 40.76 -24.56 -15.68
C ARG C 813 42.25 -24.55 -15.40
N LEU C 814 42.90 -23.39 -15.51
CA LEU C 814 44.28 -23.29 -15.05
C LEU C 814 44.35 -23.33 -13.52
N LEU C 815 43.39 -22.69 -12.85
CA LEU C 815 43.42 -22.65 -11.39
C LEU C 815 43.11 -24.00 -10.78
N ARG C 816 42.39 -24.87 -11.50
CA ARG C 816 42.21 -26.23 -11.01
C ARG C 816 43.50 -27.03 -11.14
N ALA C 817 44.24 -26.83 -12.24
CA ALA C 817 45.44 -27.60 -12.49
C ALA C 817 46.61 -27.20 -11.60
N ILE C 818 46.59 -25.98 -11.05
CA ILE C 818 47.65 -25.57 -10.13
C ILE C 818 47.46 -26.25 -8.78
N PHE C 819 46.32 -26.02 -8.15
CA PHE C 819 46.10 -26.51 -6.80
C PHE C 819 45.69 -27.98 -6.76
N GLY C 820 45.34 -28.56 -7.90
CA GLY C 820 44.91 -29.94 -7.93
C GLY C 820 43.57 -30.14 -7.27
N GLU C 821 42.50 -29.64 -7.89
CA GLU C 821 41.14 -29.86 -7.42
C GLU C 821 40.28 -30.27 -8.60
N LYS C 822 39.36 -31.20 -8.36
CA LYS C 822 38.53 -31.71 -9.44
C LYS C 822 37.41 -30.74 -9.79
N ALA C 823 36.69 -31.08 -10.85
CA ALA C 823 35.67 -30.16 -11.36
C ALA C 823 34.43 -30.16 -10.49
N ARG C 824 34.05 -31.33 -9.96
CA ARG C 824 32.91 -31.52 -9.06
C ARG C 824 31.61 -31.05 -9.69
N GLU C 825 31.13 -31.80 -10.69
CA GLU C 825 30.09 -31.33 -11.61
C GLU C 825 28.75 -31.09 -10.93
N VAL C 826 28.56 -31.60 -9.72
CA VAL C 826 27.31 -31.36 -9.00
C VAL C 826 27.29 -29.94 -8.45
N ARG C 827 26.11 -29.33 -8.44
CA ARG C 827 25.96 -27.97 -7.93
C ARG C 827 25.95 -27.97 -6.41
N ASP C 828 25.77 -26.77 -5.84
CA ASP C 828 25.63 -26.61 -4.40
C ASP C 828 24.41 -25.73 -4.14
N THR C 829 23.28 -26.35 -3.81
CA THR C 829 22.08 -25.63 -3.39
C THR C 829 21.75 -26.10 -1.98
N SER C 830 22.36 -25.48 -0.99
CA SER C 830 22.08 -25.85 0.39
C SER C 830 20.92 -25.01 0.90
N LEU C 831 20.52 -25.25 2.14
CA LEU C 831 19.53 -24.42 2.81
C LEU C 831 20.25 -23.58 3.85
N LYS C 832 20.36 -22.29 3.59
CA LYS C 832 21.00 -21.36 4.51
C LYS C 832 19.94 -20.45 5.08
N VAL C 833 20.22 -19.87 6.25
CA VAL C 833 19.19 -19.04 6.88
C VAL C 833 19.14 -17.70 6.16
N PRO C 834 17.99 -17.04 6.10
CA PRO C 834 17.91 -15.77 5.37
C PRO C 834 18.59 -14.65 6.11
N HIS C 835 18.73 -13.52 5.41
CA HIS C 835 19.55 -12.42 5.89
C HIS C 835 18.90 -11.71 7.07
N GLY C 836 19.61 -11.65 8.18
CA GLY C 836 19.16 -10.92 9.34
C GLY C 836 18.54 -11.75 10.45
N GLU C 837 18.59 -13.08 10.36
CA GLU C 837 17.99 -13.95 11.35
C GLU C 837 19.07 -14.78 12.04
N SER C 838 18.76 -15.22 13.25
CA SER C 838 19.71 -16.02 14.03
C SER C 838 18.91 -16.85 15.04
N GLY C 839 19.61 -17.43 16.01
CA GLY C 839 18.98 -18.10 17.12
C GLY C 839 19.35 -19.57 17.19
N LYS C 840 18.82 -20.22 18.23
CA LYS C 840 19.02 -21.64 18.47
C LYS C 840 18.23 -22.48 17.47
N VAL C 841 18.32 -23.79 17.65
CA VAL C 841 17.58 -24.74 16.82
C VAL C 841 16.77 -25.64 17.73
N ILE C 842 15.45 -25.57 17.63
CA ILE C 842 14.60 -26.38 18.50
C ILE C 842 14.49 -27.80 17.98
N GLY C 843 13.95 -27.96 16.78
CA GLY C 843 13.52 -29.28 16.33
C GLY C 843 13.74 -29.45 14.85
N ILE C 844 13.83 -30.72 14.46
CA ILE C 844 14.03 -31.11 13.07
C ILE C 844 13.03 -32.20 12.75
N ARG C 845 12.19 -31.96 11.76
CA ARG C 845 11.19 -32.92 11.32
C ARG C 845 11.51 -33.33 9.90
N VAL C 846 11.81 -34.61 9.68
CA VAL C 846 12.28 -35.07 8.38
C VAL C 846 11.36 -36.19 7.91
N PHE C 847 10.76 -36.02 6.74
CA PHE C 847 9.96 -37.04 6.08
C PHE C 847 10.74 -37.60 4.91
N SER C 848 10.64 -38.92 4.72
CA SER C 848 11.44 -39.62 3.73
C SER C 848 10.55 -40.54 2.91
N ARG C 849 10.94 -40.74 1.65
CA ARG C 849 10.25 -41.72 0.81
C ARG C 849 10.57 -43.13 1.24
N GLU C 850 11.78 -43.38 1.74
CA GLU C 850 12.21 -44.70 2.16
C GLU C 850 11.50 -45.19 3.42
N ASP C 851 10.81 -44.32 4.15
CA ASP C 851 10.08 -44.72 5.35
C ASP C 851 8.58 -44.51 5.19
N GLU C 852 8.08 -44.61 3.96
CA GLU C 852 6.66 -44.65 3.60
C GLU C 852 5.90 -43.41 4.01
N ASP C 853 6.57 -42.27 4.17
CA ASP C 853 5.86 -41.04 4.52
C ASP C 853 5.13 -40.49 3.32
N GLU C 854 4.09 -39.71 3.58
CA GLU C 854 3.27 -39.16 2.50
C GLU C 854 3.89 -37.86 2.02
N LEU C 855 4.52 -37.90 0.84
CA LEU C 855 5.11 -36.73 0.20
C LEU C 855 4.60 -36.71 -1.23
N PRO C 856 4.57 -35.54 -1.89
CA PRO C 856 4.08 -35.49 -3.28
C PRO C 856 4.96 -36.18 -4.30
N ALA C 857 4.57 -36.10 -5.57
CA ALA C 857 5.21 -36.87 -6.62
C ALA C 857 6.60 -36.32 -6.94
N GLY C 858 7.59 -37.20 -6.93
CA GLY C 858 8.94 -36.79 -7.23
C GLY C 858 9.63 -36.01 -6.14
N VAL C 859 9.37 -36.34 -4.88
CA VAL C 859 10.02 -35.70 -3.74
C VAL C 859 10.60 -36.82 -2.89
N ASN C 860 11.93 -36.93 -2.89
CA ASN C 860 12.58 -38.01 -2.14
C ASN C 860 12.68 -37.70 -0.66
N GLU C 861 12.88 -36.44 -0.28
CA GLU C 861 13.04 -36.13 1.13
C GLU C 861 12.55 -34.71 1.38
N LEU C 862 12.09 -34.46 2.61
CA LEU C 862 11.48 -33.17 2.94
C LEU C 862 11.79 -32.89 4.41
N VAL C 863 12.63 -31.91 4.69
CA VAL C 863 13.10 -31.66 6.05
C VAL C 863 12.79 -30.21 6.44
N ARG C 864 12.19 -30.04 7.62
CA ARG C 864 11.89 -28.75 8.22
C ARG C 864 12.69 -28.58 9.50
N VAL C 865 13.19 -27.37 9.71
CA VAL C 865 14.05 -27.02 10.83
C VAL C 865 13.45 -25.81 11.53
N TYR C 866 13.26 -25.90 12.84
CA TYR C 866 12.68 -24.80 13.60
C TYR C 866 13.77 -24.06 14.35
N VAL C 867 13.69 -22.74 14.35
CA VAL C 867 14.71 -21.86 14.90
C VAL C 867 14.05 -20.95 15.94
N ALA C 868 14.48 -21.05 17.18
CA ALA C 868 13.97 -20.20 18.24
C ALA C 868 14.79 -18.94 18.37
N GLN C 869 14.16 -17.91 18.93
CA GLN C 869 14.85 -16.64 19.12
C GLN C 869 14.17 -15.90 20.26
N LYS C 870 14.94 -15.53 21.27
CA LYS C 870 14.39 -14.82 22.43
C LYS C 870 14.64 -13.33 22.22
N ARG C 871 13.60 -12.62 21.81
CA ARG C 871 13.70 -11.21 21.52
C ARG C 871 13.43 -10.38 22.77
N LYS C 872 14.36 -9.47 23.07
CA LYS C 872 14.17 -8.46 24.08
C LYS C 872 13.33 -7.32 23.51
N ILE C 873 13.22 -6.26 24.27
CA ILE C 873 12.58 -5.04 23.80
C ILE C 873 13.68 -4.09 23.34
N SER C 874 13.41 -3.32 22.30
CA SER C 874 14.42 -2.44 21.73
C SER C 874 13.74 -1.21 21.15
N ASP C 875 14.52 -0.15 20.95
CA ASP C 875 13.98 1.07 20.41
C ASP C 875 13.65 0.89 18.93
N GLY C 876 12.42 1.21 18.57
CA GLY C 876 11.85 0.85 17.29
C GLY C 876 10.71 -0.13 17.39
N ASP C 877 10.65 -0.93 18.44
CA ASP C 877 9.50 -1.80 18.69
C ASP C 877 8.28 -0.96 19.02
N LYS C 878 7.11 -1.52 18.82
CA LYS C 878 5.86 -0.78 18.96
C LYS C 878 5.11 -1.30 20.16
N LEU C 879 4.93 -0.46 21.16
CA LEU C 879 4.09 -0.71 22.32
C LEU C 879 2.76 0.00 22.11
N ALA C 880 1.76 -0.43 22.85
CA ALA C 880 0.47 0.24 22.79
C ALA C 880 -0.29 -0.02 24.08
N GLY C 881 -1.12 0.95 24.46
CA GLY C 881 -2.02 0.77 25.57
C GLY C 881 -3.34 0.18 25.14
N ARG C 882 -4.29 0.18 26.06
CA ARG C 882 -5.60 -0.39 25.77
C ARG C 882 -6.54 0.61 25.12
N HIS C 883 -6.28 1.91 25.26
CA HIS C 883 -7.22 2.95 24.88
C HIS C 883 -6.87 3.59 23.54
N GLY C 884 -6.27 2.84 22.64
CA GLY C 884 -5.90 3.36 21.35
C GLY C 884 -4.63 4.16 21.32
N ASN C 885 -4.04 4.49 22.47
CA ASN C 885 -2.74 5.13 22.48
C ASN C 885 -1.67 4.11 22.13
N LYS C 886 -0.65 4.55 21.43
CA LYS C 886 0.40 3.67 20.94
C LYS C 886 1.61 4.52 20.64
N GLY C 887 2.69 3.87 20.24
CA GLY C 887 3.86 4.59 19.81
C GLY C 887 5.12 3.78 20.02
N VAL C 888 6.10 4.05 19.17
CA VAL C 888 7.32 3.25 19.20
C VAL C 888 8.26 3.77 20.28
N ILE C 889 9.18 2.91 20.70
CA ILE C 889 10.16 3.28 21.72
C ILE C 889 11.24 4.11 21.06
N GLY C 890 11.46 5.31 21.58
CA GLY C 890 12.46 6.19 21.02
C GLY C 890 13.74 6.23 21.83
N LYS C 891 13.69 5.72 23.05
CA LYS C 891 14.80 5.84 23.98
C LYS C 891 14.62 4.81 25.07
N ILE C 892 15.71 4.21 25.52
CA ILE C 892 15.70 3.34 26.69
C ILE C 892 16.73 3.88 27.66
N LEU C 893 16.28 4.63 28.65
CA LEU C 893 17.18 5.25 29.60
C LEU C 893 17.70 4.23 30.60
N PRO C 894 18.91 4.41 31.10
CA PRO C 894 19.36 3.62 32.25
C PRO C 894 18.53 3.97 33.47
N VAL C 895 18.56 3.05 34.44
CA VAL C 895 17.72 3.20 35.62
C VAL C 895 18.18 4.30 36.55
N GLU C 896 19.40 4.82 36.37
CA GLU C 896 19.86 5.90 37.24
C GLU C 896 19.31 7.25 36.83
N ASP C 897 19.17 7.53 35.53
CA ASP C 897 18.61 8.80 35.07
C ASP C 897 17.23 8.52 34.52
N MET C 898 16.26 8.54 35.40
CA MET C 898 14.87 8.24 35.14
C MET C 898 14.13 8.80 36.33
N PRO C 899 13.06 9.56 36.14
CA PRO C 899 12.41 10.27 37.25
C PRO C 899 11.86 9.34 38.31
N PHE C 900 12.43 9.43 39.52
CA PHE C 900 12.06 8.54 40.60
C PHE C 900 11.25 9.28 41.64
N LEU C 901 10.47 8.51 42.40
CA LEU C 901 9.59 9.06 43.43
C LEU C 901 10.36 9.38 44.70
N ALA C 902 9.66 9.62 45.80
CA ALA C 902 10.36 9.89 47.06
C ALA C 902 10.98 8.64 47.65
N ASP C 903 10.48 7.45 47.29
CA ASP C 903 11.08 6.20 47.76
C ASP C 903 12.39 5.90 47.08
N GLY C 904 12.67 6.53 45.95
CA GLY C 904 13.72 6.08 45.07
C GLY C 904 13.25 5.10 44.03
N THR C 905 11.97 4.76 44.02
CA THR C 905 11.42 3.90 43.00
C THR C 905 11.35 4.65 41.68
N PRO C 906 12.06 4.23 40.64
CA PRO C 906 11.94 4.91 39.35
C PRO C 906 10.68 4.49 38.63
N VAL C 907 10.25 5.32 37.70
CA VAL C 907 9.11 4.98 36.88
C VAL C 907 9.58 4.14 35.70
N ASP C 908 8.62 3.47 35.04
CA ASP C 908 8.96 2.49 34.02
C ASP C 908 8.78 3.02 32.60
N ILE C 909 7.67 3.70 32.32
CA ILE C 909 7.51 4.37 31.05
C ILE C 909 7.16 5.82 31.32
N ILE C 910 7.40 6.68 30.33
CA ILE C 910 7.09 8.10 30.41
C ILE C 910 6.32 8.46 29.14
N LEU C 911 5.00 8.61 29.26
CA LEU C 911 4.17 8.98 28.15
C LEU C 911 4.10 10.50 28.04
N ASN C 912 3.58 10.97 26.91
CA ASN C 912 3.58 12.40 26.63
C ASN C 912 2.26 13.03 27.06
N THR C 913 2.34 14.31 27.39
CA THR C 913 1.14 15.07 27.76
C THR C 913 0.30 15.41 26.55
N HIS C 914 0.95 15.92 25.50
CA HIS C 914 0.27 16.52 24.36
C HIS C 914 -0.52 15.54 23.51
N GLY C 915 -0.38 14.23 23.74
CA GLY C 915 -1.21 13.27 23.05
C GLY C 915 -2.49 12.94 23.76
N VAL C 916 -2.68 13.39 24.99
CA VAL C 916 -3.88 13.09 25.75
C VAL C 916 -5.08 13.96 25.37
N PRO C 917 -5.04 15.33 25.38
CA PRO C 917 -6.31 16.06 25.27
C PRO C 917 -6.87 16.14 23.87
N ARG C 918 -6.04 16.16 22.84
CA ARG C 918 -6.55 16.36 21.50
C ARG C 918 -7.02 15.08 20.83
N ARG C 919 -6.77 13.93 21.43
CA ARG C 919 -7.24 12.68 20.87
C ARG C 919 -8.50 12.17 21.54
N MET C 920 -8.89 12.77 22.67
CA MET C 920 -10.14 12.50 23.37
C MET C 920 -10.25 11.05 23.83
N ASN C 921 -9.18 10.55 24.44
CA ASN C 921 -9.18 9.22 25.03
C ASN C 921 -8.68 9.29 26.47
N ILE C 922 -9.28 10.15 27.28
CA ILE C 922 -8.79 10.38 28.63
C ILE C 922 -9.15 9.27 29.60
N GLY C 923 -9.79 8.21 29.11
CA GLY C 923 -9.92 7.00 29.90
C GLY C 923 -8.58 6.40 30.27
N GLN C 924 -7.56 6.60 29.43
CA GLN C 924 -6.19 6.23 29.76
C GLN C 924 -5.60 7.02 30.92
N ILE C 925 -6.26 8.10 31.35
CA ILE C 925 -5.89 8.74 32.60
C ILE C 925 -6.60 8.05 33.76
N LEU C 926 -7.85 7.66 33.56
CA LEU C 926 -8.64 7.11 34.66
C LEU C 926 -8.13 5.75 35.10
N GLU C 927 -7.77 4.88 34.15
CA GLU C 927 -7.12 3.63 34.54
C GLU C 927 -5.69 3.86 35.03
N THR C 928 -5.10 5.03 34.75
CA THR C 928 -3.86 5.39 35.41
C THR C 928 -4.10 5.69 36.88
N HIS C 929 -5.29 6.19 37.22
CA HIS C 929 -5.53 6.53 38.62
C HIS C 929 -5.95 5.31 39.42
N LEU C 930 -6.94 4.57 38.92
CA LEU C 930 -7.41 3.36 39.59
C LEU C 930 -6.29 2.34 39.72
N GLY C 931 -5.45 2.24 38.69
CA GLY C 931 -4.28 1.38 38.73
C GLY C 931 -3.27 1.76 39.79
N TRP C 932 -3.28 3.01 40.25
CA TRP C 932 -2.48 3.30 41.43
C TRP C 932 -3.15 2.77 42.69
N CYS C 933 -4.47 2.96 42.81
CA CYS C 933 -5.22 2.51 43.98
C CYS C 933 -5.14 1.02 44.14
N ALA C 934 -5.39 0.29 43.06
CA ALA C 934 -5.26 -1.16 43.05
C ALA C 934 -3.82 -1.62 43.26
N HIS C 935 -2.84 -0.74 43.04
CA HIS C 935 -1.48 -1.10 43.42
C HIS C 935 -1.31 -1.10 44.92
N SER C 936 -1.88 -0.10 45.60
CA SER C 936 -1.58 0.11 47.00
C SER C 936 -2.73 -0.17 47.94
N GLY C 937 -3.96 -0.16 47.45
CA GLY C 937 -5.08 -0.53 48.29
C GLY C 937 -5.65 0.64 49.04
N TRP C 938 -6.97 0.65 49.21
CA TRP C 938 -7.66 1.72 49.90
C TRP C 938 -8.26 1.18 51.19
N LYS C 939 -8.73 2.10 52.01
CA LYS C 939 -9.55 1.72 53.16
C LYS C 939 -10.52 2.83 53.52
N VAL C 940 -11.75 2.78 53.00
CA VAL C 940 -12.70 3.84 53.22
C VAL C 940 -13.15 3.82 54.67
N ASP C 941 -12.70 4.80 55.43
CA ASP C 941 -12.88 4.82 56.88
C ASP C 941 -14.33 5.18 57.21
N ALA C 942 -15.18 4.17 57.26
CA ALA C 942 -16.56 4.35 57.71
C ALA C 942 -16.59 3.98 59.19
N ALA C 943 -15.94 4.81 60.01
CA ALA C 943 -15.96 4.65 61.46
C ALA C 943 -17.08 5.42 62.13
N LYS C 944 -17.57 6.47 61.49
CA LYS C 944 -18.77 7.17 61.92
C LYS C 944 -19.91 7.06 60.92
N GLY C 945 -19.67 6.53 59.72
CA GLY C 945 -20.68 6.38 58.71
C GLY C 945 -20.04 6.22 57.35
N VAL C 946 -20.72 5.54 56.44
CA VAL C 946 -20.23 5.44 55.06
C VAL C 946 -20.31 6.81 54.41
N PRO C 947 -19.22 7.30 53.80
CA PRO C 947 -19.25 8.63 53.19
C PRO C 947 -20.17 8.71 51.99
N ASP C 948 -20.38 9.93 51.52
CA ASP C 948 -21.43 10.17 50.54
C ASP C 948 -21.06 9.68 49.15
N TRP C 949 -19.76 9.63 48.83
CA TRP C 949 -19.38 9.13 47.51
C TRP C 949 -19.54 7.61 47.44
N ALA C 950 -19.31 6.92 48.55
CA ALA C 950 -19.37 5.47 48.60
C ALA C 950 -20.75 4.97 49.02
N ALA C 951 -21.79 5.77 48.81
CA ALA C 951 -23.13 5.31 49.15
C ALA C 951 -23.59 4.22 48.20
N ARG C 952 -23.18 4.30 46.94
CA ARG C 952 -23.58 3.34 45.93
C ARG C 952 -22.45 2.41 45.53
N LEU C 953 -21.34 2.43 46.26
CA LEU C 953 -20.35 1.37 46.10
C LEU C 953 -20.88 0.06 46.67
N PRO C 954 -20.46 -1.10 46.19
CA PRO C 954 -20.81 -2.34 46.89
C PRO C 954 -20.03 -2.48 48.18
N ASP C 955 -20.34 -3.50 48.96
CA ASP C 955 -19.42 -3.87 50.02
C ASP C 955 -18.23 -4.62 49.42
N GLU C 956 -17.26 -4.93 50.28
CA GLU C 956 -15.89 -5.39 49.98
C GLU C 956 -15.25 -4.64 48.80
N LEU C 957 -15.56 -3.36 48.67
CA LEU C 957 -14.71 -2.39 48.00
C LEU C 957 -14.40 -1.24 48.94
N LEU C 958 -14.94 -1.30 50.16
CA LEU C 958 -14.62 -0.33 51.19
C LEU C 958 -13.17 -0.42 51.65
N GLU C 959 -12.56 -1.60 51.52
CA GLU C 959 -11.13 -1.73 51.76
C GLU C 959 -10.60 -2.85 50.90
N ALA C 960 -9.30 -2.78 50.59
CA ALA C 960 -8.68 -3.75 49.71
C ALA C 960 -7.20 -3.83 50.02
N GLN C 961 -6.67 -5.05 50.06
CA GLN C 961 -5.25 -5.29 50.25
C GLN C 961 -4.48 -4.80 49.03
N PRO C 962 -3.18 -4.49 49.18
CA PRO C 962 -2.41 -4.05 48.01
C PRO C 962 -2.26 -5.13 46.96
N ASN C 963 -2.05 -4.68 45.72
CA ASN C 963 -2.02 -5.50 44.51
C ASN C 963 -3.29 -6.33 44.34
N ALA C 964 -4.43 -5.67 44.52
CA ALA C 964 -5.73 -6.31 44.34
C ALA C 964 -6.24 -6.04 42.93
N ILE C 965 -6.77 -7.08 42.30
CA ILE C 965 -7.33 -6.93 40.97
C ILE C 965 -8.80 -6.53 41.10
N VAL C 966 -9.17 -5.48 40.38
CA VAL C 966 -10.55 -4.99 40.39
C VAL C 966 -11.09 -5.12 38.98
N SER C 967 -12.35 -4.76 38.78
CA SER C 967 -12.96 -4.88 37.47
C SER C 967 -14.00 -3.81 37.30
N THR C 968 -13.77 -2.94 36.32
CA THR C 968 -14.80 -1.99 35.92
C THR C 968 -15.43 -2.52 34.64
N PRO C 969 -16.71 -2.92 34.66
CA PRO C 969 -17.38 -3.29 33.42
C PRO C 969 -17.54 -2.12 32.46
N VAL C 970 -18.13 -2.39 31.29
CA VAL C 970 -17.92 -1.49 30.15
C VAL C 970 -18.73 -0.21 30.31
N PHE C 971 -20.05 -0.32 30.35
CA PHE C 971 -20.89 0.86 30.50
C PHE C 971 -21.46 1.00 31.90
N ASP C 972 -20.95 0.23 32.86
CA ASP C 972 -21.33 0.35 34.25
C ASP C 972 -20.08 0.07 35.08
N GLY C 973 -19.32 1.11 35.37
CA GLY C 973 -18.03 0.97 36.00
C GLY C 973 -17.86 1.98 37.12
N ALA C 974 -16.60 2.28 37.41
CA ALA C 974 -16.29 3.30 38.41
C ALA C 974 -16.65 4.67 37.88
N GLN C 975 -17.43 5.41 38.66
CA GLN C 975 -17.79 6.76 38.28
C GLN C 975 -16.62 7.70 38.51
N GLU C 976 -16.74 8.92 37.96
CA GLU C 976 -15.73 9.94 38.17
C GLU C 976 -15.71 10.45 39.60
N ALA C 977 -16.79 10.28 40.34
CA ALA C 977 -16.88 10.75 41.72
C ALA C 977 -16.44 9.70 42.72
N GLU C 978 -16.07 8.51 42.28
CA GLU C 978 -15.55 7.48 43.16
C GLU C 978 -14.06 7.25 43.01
N LEU C 979 -13.48 7.56 41.85
CA LEU C 979 -12.03 7.61 41.75
C LEU C 979 -11.47 8.73 42.60
N GLN C 980 -12.21 9.83 42.73
CA GLN C 980 -11.77 10.93 43.57
C GLN C 980 -11.89 10.57 45.04
N GLY C 981 -12.69 9.58 45.38
CA GLY C 981 -12.81 9.15 46.75
C GLY C 981 -11.73 8.16 47.11
N LEU C 982 -11.48 7.21 46.21
CA LEU C 982 -10.44 6.22 46.44
C LEU C 982 -9.05 6.81 46.35
N LEU C 983 -8.89 7.94 45.67
CA LEU C 983 -7.59 8.60 45.64
C LEU C 983 -7.26 9.29 46.94
N SER C 984 -8.26 9.61 47.77
CA SER C 984 -8.01 10.24 49.06
C SER C 984 -7.72 9.24 50.16
N CYS C 985 -7.79 7.94 49.88
CA CYS C 985 -7.31 6.91 50.81
C CYS C 985 -6.51 5.90 50.00
N THR C 986 -5.19 6.01 50.04
CA THR C 986 -4.31 5.30 49.13
C THR C 986 -3.11 4.74 49.89
N LEU C 987 -3.39 3.83 50.84
CA LEU C 987 -2.65 3.29 51.98
C LEU C 987 -1.12 3.26 51.84
N PRO C 988 -0.38 3.64 52.89
CA PRO C 988 1.06 3.94 52.73
C PRO C 988 1.90 2.71 52.46
N ASN C 989 3.04 2.94 51.79
CA ASN C 989 3.85 1.86 51.24
C ASN C 989 4.55 0.95 52.27
N ARG C 990 5.63 1.43 52.89
CA ARG C 990 6.34 0.64 53.89
C ARG C 990 6.47 1.46 55.16
N ASP C 991 6.93 2.69 55.00
CA ASP C 991 6.81 3.70 56.03
C ASP C 991 5.49 4.43 55.81
N GLY C 992 5.07 5.17 56.84
CA GLY C 992 3.88 5.98 56.64
C GLY C 992 4.22 7.13 55.73
N ASP C 993 3.83 7.01 54.46
CA ASP C 993 4.28 7.95 53.44
C ASP C 993 3.31 7.84 52.27
N VAL C 994 2.39 8.79 52.17
CA VAL C 994 1.47 8.82 51.04
C VAL C 994 2.20 9.45 49.86
N LEU C 995 2.45 8.65 48.82
CA LEU C 995 3.22 9.12 47.68
C LEU C 995 2.39 9.87 46.66
N VAL C 996 1.08 9.69 46.65
CA VAL C 996 0.19 10.29 45.67
C VAL C 996 -0.92 11.01 46.40
N ASP C 997 -1.09 12.30 46.11
CA ASP C 997 -2.09 13.09 46.82
C ASP C 997 -3.46 12.91 46.18
N ALA C 998 -4.40 13.77 46.55
CA ALA C 998 -5.79 13.59 46.14
C ALA C 998 -6.01 13.92 44.67
N ASP C 999 -5.13 14.72 44.07
CA ASP C 999 -5.28 15.02 42.66
C ASP C 999 -4.80 13.89 41.76
N GLY C 1000 -4.03 12.96 42.30
CA GLY C 1000 -3.46 11.88 41.51
C GLY C 1000 -2.03 12.10 41.10
N LYS C 1001 -1.44 13.23 41.44
CA LYS C 1001 -0.10 13.59 41.00
C LYS C 1001 0.89 13.41 42.15
N ALA C 1002 2.15 13.16 41.79
CA ALA C 1002 3.21 12.92 42.76
C ALA C 1002 4.35 13.89 42.52
N MET C 1003 5.27 13.96 43.46
CA MET C 1003 6.43 14.86 43.38
C MET C 1003 7.66 14.04 43.03
N LEU C 1004 8.08 14.12 41.77
CA LEU C 1004 9.18 13.32 41.27
C LEU C 1004 10.49 14.10 41.33
N PHE C 1005 11.55 13.41 41.72
CA PHE C 1005 12.89 13.96 41.59
C PHE C 1005 13.35 13.80 40.15
N ASP C 1006 14.47 14.44 39.83
CA ASP C 1006 15.08 14.27 38.52
C ASP C 1006 16.20 13.25 38.63
N GLY C 1007 16.17 12.23 37.79
CA GLY C 1007 17.21 11.23 37.84
C GLY C 1007 18.52 11.70 37.25
N ARG C 1008 18.48 12.74 36.43
CA ARG C 1008 19.63 13.19 35.67
C ARG C 1008 20.31 14.41 36.28
N SER C 1009 19.55 15.36 36.80
CA SER C 1009 20.14 16.53 37.46
C SER C 1009 20.10 16.45 38.97
N GLY C 1010 19.02 15.94 39.54
CA GLY C 1010 18.97 15.72 40.98
C GLY C 1010 17.92 16.50 41.71
N GLU C 1011 17.72 17.73 41.33
CA GLU C 1011 16.75 18.61 41.97
C GLU C 1011 15.34 18.24 41.51
N PRO C 1012 14.34 18.45 42.37
CA PRO C 1012 12.98 18.02 42.01
C PRO C 1012 12.39 18.85 40.90
N PHE C 1013 11.44 18.25 40.19
CA PHE C 1013 10.67 19.00 39.22
C PHE C 1013 9.78 19.99 39.95
N PRO C 1014 9.58 21.19 39.40
CA PRO C 1014 8.93 22.24 40.18
C PRO C 1014 7.44 22.04 40.40
N TYR C 1015 6.79 21.19 39.62
CA TYR C 1015 5.36 20.96 39.76
C TYR C 1015 5.10 19.47 39.85
N PRO C 1016 4.03 19.06 40.53
CA PRO C 1016 3.73 17.63 40.62
C PRO C 1016 3.28 17.05 39.29
N VAL C 1017 3.40 15.73 39.18
CA VAL C 1017 3.27 14.99 37.93
C VAL C 1017 2.40 13.78 38.19
N THR C 1018 1.42 13.54 37.33
CA THR C 1018 0.55 12.37 37.41
C THR C 1018 1.35 11.09 37.24
N VAL C 1019 1.32 10.22 38.25
CA VAL C 1019 1.88 8.88 38.12
C VAL C 1019 0.78 7.86 38.33
N GLY C 1020 1.03 6.66 37.83
CA GLY C 1020 0.07 5.59 38.03
C GLY C 1020 0.55 4.30 37.41
N TYR C 1021 -0.36 3.34 37.30
CA TYR C 1021 -0.02 2.03 36.76
C TYR C 1021 -0.87 1.77 35.53
N MET C 1022 -0.23 1.74 34.38
CA MET C 1022 -0.92 1.47 33.13
C MET C 1022 -0.61 0.06 32.67
N TYR C 1023 -1.53 -0.51 31.90
CA TYR C 1023 -1.38 -1.85 31.37
C TYR C 1023 -1.02 -1.71 29.90
N ILE C 1024 0.23 -1.99 29.55
CA ILE C 1024 0.69 -1.82 28.18
C ILE C 1024 1.04 -3.16 27.59
N MET C 1025 0.94 -3.24 26.26
CA MET C 1025 1.09 -4.46 25.50
C MET C 1025 2.14 -4.23 24.44
N LYS C 1026 2.88 -5.28 24.11
CA LYS C 1026 3.95 -5.22 23.12
C LYS C 1026 3.40 -5.74 21.80
N LEU C 1027 3.29 -4.86 20.83
CA LEU C 1027 2.60 -5.24 19.61
C LEU C 1027 3.55 -6.01 18.70
N HIS C 1028 2.98 -6.63 17.66
CA HIS C 1028 3.77 -7.41 16.70
C HIS C 1028 4.15 -6.57 15.49
N HIS C 1029 4.83 -5.46 15.76
CA HIS C 1029 5.40 -4.60 14.74
C HIS C 1029 6.86 -4.33 15.04
N LEU C 1030 7.60 -5.40 15.31
CA LEU C 1030 8.96 -5.32 15.82
C LEU C 1030 9.91 -4.80 14.75
N VAL C 1031 11.07 -4.29 15.21
CA VAL C 1031 12.02 -3.66 14.29
C VAL C 1031 12.74 -4.69 13.46
N ASP C 1032 12.96 -5.89 14.01
CA ASP C 1032 13.78 -6.89 13.32
C ASP C 1032 13.08 -7.47 12.10
N ASP C 1033 11.76 -7.32 12.00
CA ASP C 1033 11.04 -7.76 10.84
C ASP C 1033 10.90 -6.68 9.78
N LYS C 1034 11.26 -5.45 10.10
CA LYS C 1034 11.00 -4.32 9.23
C LYS C 1034 12.23 -3.76 8.55
N ILE C 1035 13.42 -3.87 9.15
CA ILE C 1035 14.61 -3.23 8.60
C ILE C 1035 15.07 -3.98 7.38
N HIS C 1036 15.29 -3.25 6.28
CA HIS C 1036 15.79 -3.83 5.05
C HIS C 1036 16.85 -2.92 4.45
N ALA C 1037 17.85 -3.53 3.82
CA ALA C 1037 18.85 -2.81 3.05
C ALA C 1037 19.21 -3.64 1.83
N ARG C 1038 19.63 -2.96 0.76
CA ARG C 1038 20.03 -3.65 -0.46
C ARG C 1038 21.09 -2.84 -1.19
N SER C 1039 22.25 -3.45 -1.45
CA SER C 1039 23.20 -2.88 -2.40
C SER C 1039 22.93 -3.41 -3.80
N THR C 1040 22.99 -4.72 -3.98
CA THR C 1040 22.75 -5.33 -5.28
C THR C 1040 22.22 -6.74 -5.05
N GLY C 1041 21.06 -7.05 -5.61
CA GLY C 1041 20.45 -8.35 -5.42
C GLY C 1041 19.87 -8.93 -6.69
N PRO C 1042 18.84 -9.75 -6.55
CA PRO C 1042 18.20 -10.37 -7.70
C PRO C 1042 17.40 -9.39 -8.53
N TYR C 1043 17.43 -9.60 -9.84
CA TYR C 1043 16.70 -8.79 -10.80
C TYR C 1043 15.59 -9.60 -11.42
N SER C 1044 14.66 -8.91 -12.06
CA SER C 1044 13.45 -9.56 -12.56
C SER C 1044 13.72 -10.19 -13.93
N MET C 1045 12.66 -10.70 -14.54
CA MET C 1045 12.78 -11.60 -15.68
C MET C 1045 12.68 -10.88 -17.02
N ILE C 1046 11.57 -10.19 -17.26
CA ILE C 1046 11.32 -9.60 -18.57
C ILE C 1046 11.97 -8.25 -18.69
N THR C 1047 11.58 -7.31 -17.84
CA THR C 1047 12.34 -6.09 -17.61
C THR C 1047 13.29 -6.34 -16.46
N GLN C 1048 14.48 -5.76 -16.53
CA GLN C 1048 15.55 -6.13 -15.61
C GLN C 1048 15.59 -5.24 -14.38
N GLN C 1049 14.44 -4.73 -13.94
CA GLN C 1049 14.37 -3.96 -12.72
C GLN C 1049 14.50 -4.88 -11.51
N PRO C 1050 14.91 -4.35 -10.36
CA PRO C 1050 15.04 -5.21 -9.17
C PRO C 1050 13.72 -5.76 -8.67
N LEU C 1051 13.82 -6.69 -7.74
CA LEU C 1051 12.64 -7.32 -7.18
C LEU C 1051 12.05 -6.44 -6.08
N GLY C 1052 11.15 -7.02 -5.30
CA GLY C 1052 10.48 -6.29 -4.23
C GLY C 1052 10.24 -7.15 -3.01
N GLY C 1053 10.46 -6.56 -1.84
CA GLY C 1053 10.09 -7.19 -0.59
C GLY C 1053 11.28 -7.79 0.14
N LYS C 1054 11.11 -7.94 1.44
CA LYS C 1054 12.16 -8.49 2.30
C LYS C 1054 12.33 -9.99 2.14
N ALA C 1055 11.36 -10.69 1.55
CA ALA C 1055 11.51 -12.12 1.30
C ALA C 1055 12.56 -12.36 0.23
N GLN C 1056 12.47 -11.64 -0.87
CA GLN C 1056 13.58 -11.47 -1.80
C GLN C 1056 14.52 -10.41 -1.24
N PHE C 1057 15.41 -9.88 -2.08
CA PHE C 1057 16.13 -8.72 -1.58
C PHE C 1057 15.32 -7.45 -1.81
N GLY C 1058 15.13 -7.07 -3.05
CA GLY C 1058 14.18 -6.02 -3.36
C GLY C 1058 14.68 -4.62 -3.06
N GLY C 1059 14.34 -3.71 -3.94
CA GLY C 1059 14.73 -2.32 -3.77
C GLY C 1059 13.50 -1.49 -3.50
N GLN C 1060 13.70 -0.37 -2.82
CA GLN C 1060 12.59 0.51 -2.53
C GLN C 1060 12.13 1.20 -3.80
N ARG C 1061 10.82 1.28 -3.98
CA ARG C 1061 10.24 1.77 -5.21
C ARG C 1061 10.33 3.29 -5.25
N PHE C 1062 11.01 3.80 -6.26
CA PHE C 1062 11.10 5.24 -6.49
C PHE C 1062 10.04 5.55 -7.54
N GLY C 1063 8.82 5.79 -7.08
CA GLY C 1063 7.67 5.80 -7.96
C GLY C 1063 7.47 7.08 -8.74
N GLU C 1064 6.23 7.56 -8.80
CA GLU C 1064 5.90 8.71 -9.61
C GLU C 1064 6.04 10.02 -8.85
N MET C 1065 5.47 10.09 -7.64
CA MET C 1065 5.47 11.32 -6.89
C MET C 1065 6.87 11.68 -6.41
N GLU C 1066 7.72 10.70 -6.19
CA GLU C 1066 9.11 10.97 -5.88
C GLU C 1066 9.84 11.55 -7.09
N CYS C 1067 9.47 11.10 -8.29
CA CYS C 1067 10.03 11.70 -9.50
C CYS C 1067 9.56 13.13 -9.66
N TRP C 1068 8.30 13.43 -9.32
CA TRP C 1068 7.83 14.81 -9.39
C TRP C 1068 8.56 15.69 -8.39
N ALA C 1069 8.86 15.16 -7.21
CA ALA C 1069 9.60 15.93 -6.22
C ALA C 1069 11.03 16.20 -6.68
N MET C 1070 11.69 15.21 -7.27
CA MET C 1070 13.05 15.45 -7.74
C MET C 1070 13.10 16.33 -8.97
N GLN C 1071 12.04 16.34 -9.79
CA GLN C 1071 11.99 17.29 -10.90
C GLN C 1071 11.72 18.70 -10.39
N ALA C 1072 10.89 18.84 -9.36
CA ALA C 1072 10.61 20.16 -8.81
C ALA C 1072 11.81 20.71 -8.05
N TYR C 1073 12.71 19.86 -7.58
CA TYR C 1073 13.95 20.36 -7.02
C TYR C 1073 14.85 20.97 -8.08
N GLY C 1074 14.87 20.39 -9.27
CA GLY C 1074 15.83 20.74 -10.28
C GLY C 1074 17.02 19.83 -10.36
N ALA C 1075 17.00 18.69 -9.67
CA ALA C 1075 18.10 17.74 -9.67
C ALA C 1075 17.91 16.79 -10.84
N ALA C 1076 18.54 17.10 -11.98
CA ALA C 1076 18.44 16.24 -13.14
C ALA C 1076 19.29 14.99 -13.00
N TYR C 1077 20.47 15.13 -12.40
CA TYR C 1077 21.45 14.04 -12.43
C TYR C 1077 21.09 12.94 -11.45
N THR C 1078 20.51 13.28 -10.29
CA THR C 1078 20.10 12.24 -9.36
C THR C 1078 18.91 11.46 -9.89
N LEU C 1079 18.02 12.13 -10.62
CA LEU C 1079 16.90 11.44 -11.25
C LEU C 1079 17.39 10.51 -12.35
N GLN C 1080 18.33 10.98 -13.18
CA GLN C 1080 18.86 10.13 -14.23
C GLN C 1080 19.67 8.96 -13.66
N GLU C 1081 20.31 9.15 -12.52
CA GLU C 1081 21.03 8.05 -11.90
C GLU C 1081 20.08 7.04 -11.28
N LEU C 1082 19.00 7.51 -10.66
CA LEU C 1082 18.03 6.58 -10.06
C LEU C 1082 17.25 5.83 -11.12
N LEU C 1083 17.13 6.38 -12.32
CA LEU C 1083 16.28 5.73 -13.30
C LEU C 1083 17.03 4.94 -14.36
N THR C 1084 18.35 5.05 -14.48
CA THR C 1084 19.07 4.30 -15.49
C THR C 1084 20.04 3.28 -14.90
N ILE C 1085 21.06 3.72 -14.16
CA ILE C 1085 22.17 2.85 -13.81
C ILE C 1085 21.90 2.15 -12.50
N LYS C 1086 20.72 2.37 -11.94
CA LYS C 1086 20.30 1.67 -10.75
C LYS C 1086 19.15 0.71 -10.99
N SER C 1087 18.47 0.80 -12.12
CA SER C 1087 17.39 -0.13 -12.44
C SER C 1087 17.63 -0.88 -13.74
N ASP C 1088 17.83 -0.18 -14.85
CA ASP C 1088 17.63 -0.79 -16.16
C ASP C 1088 18.85 -0.85 -17.04
N ASP C 1089 19.79 0.08 -16.91
CA ASP C 1089 20.94 0.14 -17.81
C ASP C 1089 21.81 -1.06 -17.53
N THR C 1090 21.65 -2.09 -18.37
CA THR C 1090 22.18 -3.41 -18.06
C THR C 1090 23.70 -3.46 -18.15
N VAL C 1091 24.28 -2.75 -19.10
CA VAL C 1091 25.73 -2.62 -19.15
C VAL C 1091 26.23 -1.49 -18.26
N GLY C 1092 25.33 -0.63 -17.77
CA GLY C 1092 25.76 0.41 -16.85
C GLY C 1092 25.84 -0.09 -15.42
N ARG C 1093 25.08 -1.14 -15.10
CA ARG C 1093 25.01 -1.66 -13.74
C ARG C 1093 26.35 -2.24 -13.30
N VAL C 1094 26.93 -3.12 -14.10
CA VAL C 1094 28.21 -3.70 -13.73
C VAL C 1094 29.36 -2.73 -13.94
N LYS C 1095 29.18 -1.74 -14.81
CA LYS C 1095 30.22 -0.75 -15.04
C LYS C 1095 30.34 0.20 -13.85
N VAL C 1096 29.20 0.55 -13.25
CA VAL C 1096 29.21 1.36 -12.04
C VAL C 1096 29.83 0.59 -10.88
N TYR C 1097 29.55 -0.70 -10.77
CA TYR C 1097 30.13 -1.51 -9.71
C TYR C 1097 31.64 -1.63 -9.86
N GLU C 1098 32.12 -1.83 -11.10
CA GLU C 1098 33.55 -1.87 -11.36
C GLU C 1098 34.21 -0.53 -11.08
N ALA C 1099 33.56 0.56 -11.45
CA ALA C 1099 34.13 1.88 -11.24
C ALA C 1099 34.16 2.25 -9.76
N ILE C 1100 33.22 1.74 -8.98
CA ILE C 1100 33.23 2.01 -7.54
C ILE C 1100 34.32 1.20 -6.86
N VAL C 1101 34.48 -0.07 -7.25
CA VAL C 1101 35.48 -0.92 -6.60
C VAL C 1101 36.90 -0.47 -6.96
N LYS C 1102 37.16 -0.22 -8.24
CA LYS C 1102 38.49 0.25 -8.59
C LYS C 1102 38.73 1.71 -8.22
N GLY C 1103 37.69 2.46 -7.89
CA GLY C 1103 37.87 3.82 -7.42
C GLY C 1103 37.92 4.88 -8.48
N GLU C 1104 37.22 4.69 -9.58
CA GLU C 1104 37.21 5.64 -10.69
C GLU C 1104 35.93 6.46 -10.66
N ASN C 1105 35.73 7.27 -11.70
CA ASN C 1105 34.53 8.07 -11.80
C ASN C 1105 33.37 7.24 -12.36
N ILE C 1106 32.16 7.57 -11.91
CA ILE C 1106 30.96 6.90 -12.38
C ILE C 1106 30.71 7.27 -13.84
N PRO C 1107 30.51 6.31 -14.74
CA PRO C 1107 30.40 6.63 -16.16
C PRO C 1107 29.04 7.24 -16.50
N GLU C 1108 28.94 7.69 -17.74
CA GLU C 1108 27.69 8.24 -18.23
C GLU C 1108 26.69 7.12 -18.44
N PRO C 1109 25.41 7.34 -18.12
CA PRO C 1109 24.41 6.30 -18.29
C PRO C 1109 24.10 6.04 -19.75
N GLY C 1110 23.61 4.83 -20.03
CA GLY C 1110 23.20 4.46 -21.36
C GLY C 1110 21.72 4.64 -21.58
N ILE C 1111 21.08 3.65 -22.20
CA ILE C 1111 19.64 3.69 -22.44
C ILE C 1111 19.01 2.62 -21.55
N PRO C 1112 17.88 2.91 -20.89
CA PRO C 1112 17.25 1.93 -20.02
C PRO C 1112 16.66 0.77 -20.80
N GLU C 1113 16.90 -0.44 -20.31
CA GLU C 1113 16.47 -1.67 -20.99
C GLU C 1113 14.99 -1.96 -20.81
N SER C 1114 14.25 -1.11 -20.12
CA SER C 1114 12.81 -1.19 -20.08
C SER C 1114 12.14 -0.31 -21.12
N PHE C 1115 12.91 0.55 -21.78
CA PHE C 1115 12.40 1.34 -22.90
C PHE C 1115 12.48 0.58 -24.20
N LYS C 1116 13.51 -0.24 -24.37
CA LYS C 1116 13.64 -1.08 -25.55
C LYS C 1116 12.65 -2.23 -25.55
N VAL C 1117 12.07 -2.57 -24.41
CA VAL C 1117 10.95 -3.50 -24.38
C VAL C 1117 9.69 -2.83 -24.89
N LEU C 1118 9.53 -1.52 -24.65
CA LEU C 1118 8.35 -0.81 -25.12
C LEU C 1118 8.36 -0.66 -26.64
N LEU C 1119 9.53 -0.48 -27.24
CA LEU C 1119 9.60 -0.43 -28.70
C LEU C 1119 9.23 -1.76 -29.32
N LYS C 1120 9.55 -2.87 -28.66
CA LYS C 1120 9.18 -4.17 -29.19
C LYS C 1120 7.70 -4.45 -29.01
N GLU C 1121 7.10 -4.03 -27.89
CA GLU C 1121 5.68 -4.22 -27.73
C GLU C 1121 4.86 -3.23 -28.53
N LEU C 1122 5.47 -2.15 -29.02
CA LEU C 1122 4.76 -1.29 -29.96
C LEU C 1122 4.95 -1.75 -31.39
N GLN C 1123 6.11 -2.33 -31.72
CA GLN C 1123 6.28 -2.90 -33.05
C GLN C 1123 5.49 -4.19 -33.22
N SER C 1124 5.20 -4.90 -32.14
CA SER C 1124 4.35 -6.07 -32.23
C SER C 1124 2.88 -5.74 -32.29
N LEU C 1125 2.52 -4.46 -32.19
CA LEU C 1125 1.15 -4.01 -32.39
C LEU C 1125 0.94 -3.45 -33.79
N CYS C 1126 1.87 -3.72 -34.70
CA CYS C 1126 1.92 -3.18 -36.05
C CYS C 1126 1.91 -1.65 -36.05
N LEU C 1127 2.92 -1.07 -35.39
CA LEU C 1127 3.16 0.36 -35.39
C LEU C 1127 4.62 0.60 -35.70
N ASN C 1128 4.90 1.34 -36.76
CA ASN C 1128 6.27 1.55 -37.21
C ASN C 1128 6.90 2.63 -36.35
N VAL C 1129 7.24 2.26 -35.12
CA VAL C 1129 7.94 3.18 -34.22
C VAL C 1129 9.41 3.16 -34.60
N GLU C 1130 9.90 4.30 -35.09
CA GLU C 1130 11.28 4.43 -35.49
C GLU C 1130 11.89 5.63 -34.80
N VAL C 1131 13.11 5.47 -34.32
CA VAL C 1131 13.85 6.55 -33.67
C VAL C 1131 14.77 7.18 -34.70
N LEU C 1132 14.67 8.48 -34.85
CA LEU C 1132 15.40 9.22 -35.87
C LEU C 1132 16.53 10.02 -35.24
N SER C 1133 17.60 10.19 -35.99
CA SER C 1133 18.64 11.15 -35.64
C SER C 1133 18.35 12.46 -36.38
N SER C 1134 19.34 13.35 -36.40
CA SER C 1134 19.19 14.61 -37.12
C SER C 1134 20.32 14.79 -38.13
N GLY D 1 16.19 5.39 -38.25
CA GLY D 1 17.47 6.01 -38.54
C GLY D 1 18.61 5.42 -37.75
N ALA D 2 18.34 5.10 -36.48
CA ALA D 2 19.32 4.46 -35.60
C ALA D 2 18.63 3.27 -34.94
N MET D 3 18.88 2.06 -35.47
CA MET D 3 18.22 0.87 -34.94
C MET D 3 18.87 0.43 -33.64
N LEU D 4 20.16 0.74 -33.45
CA LEU D 4 20.82 0.40 -32.20
C LEU D 4 20.40 1.35 -31.08
N ASP D 5 19.92 2.55 -31.46
CA ASP D 5 19.43 3.65 -30.59
C ASP D 5 20.32 3.91 -29.38
N VAL D 6 21.57 4.30 -29.62
CA VAL D 6 22.54 4.55 -28.56
C VAL D 6 22.80 6.06 -28.51
N ASN D 7 22.10 6.75 -27.63
CA ASN D 7 22.32 8.09 -27.11
C ASN D 7 22.10 9.22 -28.14
N PHE D 8 21.77 8.91 -29.39
CA PHE D 8 21.51 9.95 -30.39
C PHE D 8 20.02 9.93 -30.73
N PHE D 9 19.26 10.69 -29.97
CA PHE D 9 17.81 10.80 -30.14
C PHE D 9 17.48 12.25 -30.51
N ASP D 10 17.02 12.44 -31.74
CA ASP D 10 16.50 13.74 -32.13
C ASP D 10 14.99 13.76 -32.18
N GLU D 11 14.39 12.70 -32.72
CA GLU D 11 12.95 12.56 -32.78
C GLU D 11 12.59 11.12 -32.47
N LEU D 12 11.29 10.85 -32.47
CA LEU D 12 10.78 9.50 -32.28
C LEU D 12 9.42 9.46 -32.96
N ARG D 13 9.36 8.87 -34.15
CA ARG D 13 8.20 8.97 -35.03
C ARG D 13 7.40 7.68 -35.03
N ILE D 14 6.08 7.82 -34.89
CA ILE D 14 5.16 6.69 -34.91
C ILE D 14 4.42 6.72 -36.25
N GLY D 15 3.87 5.58 -36.65
CA GLY D 15 3.15 5.51 -37.90
C GLY D 15 2.58 4.12 -38.09
N LEU D 16 1.69 3.99 -39.07
CA LEU D 16 1.15 2.68 -39.40
C LEU D 16 2.19 1.84 -40.10
N ALA D 17 2.18 0.54 -39.83
CA ALA D 17 3.14 -0.38 -40.43
C ALA D 17 2.48 -1.10 -41.59
N THR D 18 3.00 -0.89 -42.79
CA THR D 18 2.52 -1.63 -43.94
C THR D 18 3.10 -3.04 -43.93
N ALA D 19 2.55 -3.90 -44.78
CA ALA D 19 2.99 -5.30 -44.82
C ALA D 19 4.39 -5.45 -45.38
N GLU D 20 4.89 -4.45 -46.13
CA GLU D 20 6.27 -4.46 -46.55
C GLU D 20 7.22 -4.13 -45.41
N ASP D 21 6.74 -3.50 -44.35
CA ASP D 21 7.58 -3.22 -43.19
C ASP D 21 7.61 -4.37 -42.21
N ILE D 22 6.56 -5.20 -42.17
CA ILE D 22 6.51 -6.28 -41.20
C ILE D 22 7.39 -7.43 -41.65
N ARG D 23 7.44 -7.71 -42.95
CA ARG D 23 8.37 -8.69 -43.46
C ARG D 23 9.73 -8.11 -43.79
N GLN D 24 10.03 -6.91 -43.29
CA GLN D 24 11.37 -6.35 -43.32
C GLN D 24 12.02 -6.34 -41.95
N TRP D 25 11.25 -6.16 -40.88
CA TRP D 25 11.77 -6.36 -39.54
C TRP D 25 12.11 -7.81 -39.28
N SER D 26 11.32 -8.73 -39.81
CA SER D 26 11.31 -10.10 -39.36
C SER D 26 12.53 -10.86 -39.84
N TYR D 27 12.92 -11.88 -39.06
CA TYR D 27 14.04 -12.73 -39.39
C TYR D 27 13.61 -14.10 -39.88
N GLY D 28 12.34 -14.26 -40.22
CA GLY D 28 11.87 -15.52 -40.76
C GLY D 28 10.44 -15.77 -40.32
N GLU D 29 9.81 -16.72 -41.00
CA GLU D 29 8.40 -17.00 -40.76
C GLU D 29 8.27 -18.20 -39.83
N VAL D 30 7.60 -18.00 -38.70
CA VAL D 30 7.24 -19.10 -37.82
C VAL D 30 6.02 -19.79 -38.40
N LYS D 31 6.10 -21.10 -38.59
CA LYS D 31 5.04 -21.82 -39.29
C LYS D 31 4.53 -23.04 -38.54
N LYS D 32 4.97 -23.28 -37.31
CA LYS D 32 4.44 -24.37 -36.52
C LYS D 32 3.97 -23.82 -35.18
N PRO D 33 2.92 -24.39 -34.58
CA PRO D 33 2.47 -23.95 -33.26
C PRO D 33 3.17 -24.66 -32.11
N GLU D 34 4.49 -24.77 -32.19
CA GLU D 34 5.27 -25.51 -31.22
C GLU D 34 6.18 -24.55 -30.47
N THR D 35 6.35 -24.81 -29.18
CA THR D 35 7.22 -23.96 -28.36
C THR D 35 8.55 -24.64 -28.07
N ILE D 36 8.53 -25.80 -27.43
CA ILE D 36 9.75 -26.43 -26.92
C ILE D 36 9.53 -27.94 -26.86
N ASN D 37 10.63 -28.67 -26.82
CA ASN D 37 10.57 -30.13 -26.81
C ASN D 37 10.14 -30.59 -25.43
N TYR D 38 9.58 -31.79 -25.34
CA TYR D 38 9.18 -32.21 -24.06
C TYR D 38 10.18 -33.03 -23.38
N ARG D 39 11.19 -33.52 -24.05
CA ARG D 39 12.19 -34.33 -23.42
C ARG D 39 13.45 -33.71 -23.30
N THR D 40 13.91 -33.10 -24.34
CA THR D 40 15.18 -32.53 -24.42
C THR D 40 15.17 -31.07 -24.08
N LEU D 41 14.04 -30.54 -23.82
CA LEU D 41 13.80 -29.14 -23.43
C LEU D 41 14.61 -28.16 -24.27
N LYS D 42 14.67 -28.44 -25.56
CA LYS D 42 15.32 -27.57 -26.53
C LYS D 42 14.26 -27.03 -27.48
N PRO D 43 14.43 -25.81 -27.98
CA PRO D 43 13.39 -25.23 -28.83
C PRO D 43 13.32 -25.88 -30.20
N GLU D 44 12.10 -26.19 -30.64
CA GLU D 44 11.90 -26.87 -31.90
C GLU D 44 12.06 -25.90 -33.07
N LYS D 45 12.33 -26.45 -34.24
CA LYS D 45 12.52 -25.64 -35.43
C LYS D 45 11.18 -25.11 -35.93
N ASP D 46 11.23 -23.88 -36.46
CA ASP D 46 10.10 -23.18 -37.07
C ASP D 46 8.93 -23.03 -36.10
N GLY D 47 9.26 -22.79 -34.84
CA GLY D 47 8.26 -22.65 -33.80
C GLY D 47 8.38 -21.29 -33.16
N LEU D 48 7.71 -21.15 -32.03
CA LEU D 48 7.66 -19.85 -31.36
C LEU D 48 8.92 -19.55 -30.56
N PHE D 49 9.86 -20.50 -30.50
CA PHE D 49 11.11 -20.27 -29.80
C PHE D 49 12.32 -20.65 -30.64
N CYS D 50 12.16 -20.79 -31.95
CA CYS D 50 13.14 -21.45 -32.80
C CYS D 50 14.45 -20.69 -32.86
N GLU D 51 15.52 -21.37 -32.76
CA GLU D 51 16.77 -20.75 -32.71
C GLU D 51 17.15 -20.14 -33.89
N LYS D 52 16.78 -20.71 -34.98
CA LYS D 52 17.16 -20.26 -36.26
C LYS D 52 16.66 -18.93 -36.54
N ILE D 53 15.47 -18.60 -36.08
CA ILE D 53 14.84 -17.35 -36.31
C ILE D 53 15.08 -16.39 -35.27
N PHE D 54 14.89 -16.68 -34.02
CA PHE D 54 15.15 -15.76 -32.98
C PHE D 54 16.54 -15.72 -32.44
N GLY D 55 17.46 -16.67 -32.48
CA GLY D 55 18.81 -16.56 -31.99
C GLY D 55 19.23 -17.73 -31.14
N PRO D 56 20.50 -17.75 -30.72
CA PRO D 56 21.00 -18.88 -29.93
C PRO D 56 20.62 -18.78 -28.47
N THR D 57 20.26 -19.92 -27.89
CA THR D 57 19.94 -19.98 -26.47
C THR D 57 21.18 -19.86 -25.60
N ARG D 58 22.30 -20.40 -26.05
CA ARG D 58 23.57 -20.30 -25.34
C ARG D 58 24.49 -19.36 -26.09
N ASP D 59 25.38 -18.72 -25.33
CA ASP D 59 26.29 -17.72 -25.89
C ASP D 59 27.31 -18.38 -26.81
N TRP D 60 27.27 -17.98 -28.09
CA TRP D 60 28.26 -18.37 -29.11
C TRP D 60 28.29 -19.87 -29.34
N GLU D 61 27.13 -20.51 -29.33
CA GLU D 61 27.01 -21.92 -29.72
C GLU D 61 25.83 -22.07 -30.65
N CYS D 62 25.99 -22.88 -31.69
CA CYS D 62 24.91 -23.11 -32.63
C CYS D 62 23.97 -24.20 -32.07
N TYR D 63 23.04 -24.67 -32.90
CA TYR D 63 22.07 -25.63 -32.42
C TYR D 63 22.65 -27.04 -32.39
N CYS D 64 23.30 -27.46 -33.46
CA CYS D 64 23.86 -28.81 -33.50
C CYS D 64 25.09 -28.92 -32.61
N GLY D 65 25.88 -27.85 -32.54
CA GLY D 65 27.01 -27.83 -31.64
C GLY D 65 28.35 -27.88 -32.36
N LYS D 66 28.35 -27.64 -33.66
CA LYS D 66 29.60 -27.69 -34.41
C LYS D 66 30.49 -26.49 -34.14
N TYR D 67 29.90 -25.31 -33.94
CA TYR D 67 30.64 -24.09 -33.67
C TYR D 67 30.32 -23.65 -32.24
N LYS D 68 31.35 -23.52 -31.41
CA LYS D 68 31.13 -23.24 -30.00
C LYS D 68 32.03 -22.17 -29.39
N ARG D 69 32.68 -21.33 -30.18
CA ARG D 69 33.62 -20.37 -29.63
C ARG D 69 33.49 -19.02 -30.32
N VAL D 70 34.12 -18.01 -29.72
CA VAL D 70 34.08 -16.64 -30.24
C VAL D 70 34.95 -16.44 -31.47
N ARG D 71 35.78 -17.43 -31.82
CA ARG D 71 36.55 -17.34 -33.06
C ARG D 71 35.65 -17.35 -34.28
N PHE D 72 34.54 -18.08 -34.21
CA PHE D 72 33.48 -18.01 -35.20
C PHE D 72 32.41 -17.09 -34.65
N LYS D 73 32.22 -15.92 -35.26
CA LYS D 73 31.06 -15.11 -34.96
C LYS D 73 30.60 -14.42 -36.25
N GLY D 74 29.30 -14.24 -36.35
CA GLY D 74 28.71 -13.73 -37.57
C GLY D 74 28.41 -14.77 -38.62
N ILE D 75 28.90 -15.99 -38.47
CA ILE D 75 28.71 -17.01 -39.48
C ILE D 75 27.48 -17.83 -39.11
N ILE D 76 26.97 -18.57 -40.09
CA ILE D 76 25.77 -19.38 -39.93
C ILE D 76 26.15 -20.83 -40.12
N CYS D 77 25.85 -21.66 -39.13
CA CYS D 77 26.18 -23.07 -39.18
C CYS D 77 25.42 -23.75 -40.32
N GLU D 78 26.16 -24.37 -41.22
CA GLU D 78 25.60 -24.89 -42.46
C GLU D 78 24.75 -26.13 -42.28
N ARG D 79 24.77 -26.76 -41.10
CA ARG D 79 23.99 -27.96 -40.87
C ARG D 79 22.74 -27.70 -40.04
N CYS D 80 22.69 -26.60 -39.29
CA CYS D 80 21.54 -26.29 -38.44
C CYS D 80 20.93 -24.93 -38.70
N GLY D 81 21.66 -24.01 -39.34
CA GLY D 81 21.10 -22.74 -39.74
C GLY D 81 21.10 -21.65 -38.70
N VAL D 82 21.70 -21.86 -37.54
CA VAL D 82 21.68 -20.90 -36.45
C VAL D 82 22.93 -20.04 -36.50
N GLU D 83 22.75 -18.74 -36.60
CA GLU D 83 23.88 -17.82 -36.61
C GLU D 83 24.53 -17.76 -35.23
N VAL D 84 25.82 -18.01 -35.17
CA VAL D 84 26.51 -17.99 -33.88
C VAL D 84 26.77 -16.54 -33.50
N THR D 85 26.22 -16.11 -32.38
CA THR D 85 26.30 -14.78 -31.94
C THR D 85 25.97 -14.80 -30.51
N ARG D 86 26.06 -13.64 -29.89
CA ARG D 86 25.66 -13.53 -28.52
C ARG D 86 24.36 -14.13 -28.39
N ALA D 87 23.89 -14.25 -27.19
CA ALA D 87 22.64 -14.91 -26.95
C ALA D 87 21.64 -14.09 -26.39
N LYS D 88 21.87 -12.82 -26.36
CA LYS D 88 20.90 -11.96 -25.86
C LYS D 88 20.36 -11.19 -26.96
N VAL D 89 20.39 -11.71 -28.18
CA VAL D 89 19.69 -11.11 -29.22
C VAL D 89 18.45 -11.87 -29.40
N ARG D 90 18.05 -12.76 -28.53
CA ARG D 90 16.85 -13.39 -28.54
C ARG D 90 15.91 -12.47 -27.98
N ARG D 91 16.19 -11.39 -27.27
CA ARG D 91 15.22 -10.48 -26.86
C ARG D 91 15.13 -9.32 -27.77
N GLU D 92 15.66 -9.40 -28.97
CA GLU D 92 15.44 -8.36 -29.91
C GLU D 92 15.17 -8.67 -31.33
N ARG D 93 15.15 -9.87 -31.82
CA ARG D 93 14.80 -10.11 -33.17
C ARG D 93 13.40 -10.41 -33.31
N MET D 94 12.67 -10.05 -34.34
CA MET D 94 11.25 -10.33 -34.38
C MET D 94 10.87 -11.51 -35.09
N GLY D 95 9.78 -11.56 -35.78
CA GLY D 95 9.38 -12.73 -36.50
C GLY D 95 8.03 -12.47 -37.06
N HIS D 96 7.57 -13.16 -38.00
CA HIS D 96 6.29 -12.82 -38.60
C HIS D 96 5.55 -14.07 -39.04
N ILE D 97 4.23 -13.95 -39.14
CA ILE D 97 3.34 -15.03 -39.59
C ILE D 97 2.60 -14.52 -40.82
N GLU D 98 2.57 -15.33 -41.87
CA GLU D 98 1.92 -14.96 -43.12
C GLU D 98 0.49 -15.48 -43.11
N LEU D 99 -0.48 -14.57 -43.08
CA LEU D 99 -1.88 -14.96 -43.04
C LEU D 99 -2.37 -15.36 -44.42
N ALA D 100 -3.10 -16.47 -44.46
CA ALA D 100 -3.66 -16.96 -45.72
C ALA D 100 -4.92 -16.22 -46.15
N ALA D 101 -5.45 -15.34 -45.30
CA ALA D 101 -6.58 -14.50 -45.62
C ALA D 101 -6.39 -13.22 -44.82
N PRO D 102 -6.73 -12.05 -45.36
CA PRO D 102 -6.47 -10.81 -44.65
C PRO D 102 -7.36 -10.63 -43.43
N VAL D 103 -6.92 -9.75 -42.54
CA VAL D 103 -7.51 -9.56 -41.23
C VAL D 103 -7.43 -8.08 -40.90
N THR D 104 -8.54 -7.46 -40.50
CA THR D 104 -8.50 -6.06 -40.11
C THR D 104 -7.93 -5.91 -38.71
N HIS D 105 -7.12 -4.87 -38.53
CA HIS D 105 -6.60 -4.49 -37.23
C HIS D 105 -7.77 -4.04 -36.35
N ILE D 106 -7.81 -4.52 -35.11
CA ILE D 106 -8.97 -4.27 -34.26
C ILE D 106 -9.00 -2.83 -33.73
N TRP D 107 -7.86 -2.15 -33.67
CA TRP D 107 -7.86 -0.78 -33.17
C TRP D 107 -8.53 0.17 -34.14
N TYR D 108 -8.46 -0.13 -35.43
CA TYR D 108 -8.99 0.75 -36.45
C TYR D 108 -10.39 0.35 -36.88
N PHE D 109 -11.05 -0.55 -36.17
CA PHE D 109 -12.43 -0.89 -36.43
C PHE D 109 -13.30 -0.78 -35.20
N LYS D 110 -12.81 -1.19 -34.03
CA LYS D 110 -13.56 -1.16 -32.77
C LYS D 110 -13.08 -0.05 -31.85
N GLY D 111 -12.81 1.13 -32.38
CA GLY D 111 -12.48 2.28 -31.56
C GLY D 111 -13.71 3.10 -31.23
N VAL D 112 -13.46 4.33 -30.81
CA VAL D 112 -14.52 5.32 -30.68
C VAL D 112 -13.92 6.69 -30.98
N PRO D 113 -14.21 7.27 -32.15
CA PRO D 113 -15.02 6.72 -33.24
C PRO D 113 -14.24 5.73 -34.11
N SER D 114 -14.95 4.84 -34.79
CA SER D 114 -14.31 3.84 -35.63
C SER D 114 -13.72 4.50 -36.87
N ARG D 115 -12.41 4.32 -37.07
CA ARG D 115 -11.75 5.00 -38.18
C ARG D 115 -12.08 4.36 -39.52
N LEU D 116 -12.26 3.04 -39.55
CA LEU D 116 -12.69 2.40 -40.80
C LEU D 116 -14.10 2.77 -41.17
N GLY D 117 -14.95 3.06 -40.18
CA GLY D 117 -16.29 3.50 -40.48
C GLY D 117 -16.34 4.92 -41.02
N TYR D 118 -15.44 5.77 -40.54
CA TYR D 118 -15.37 7.13 -41.07
C TYR D 118 -14.71 7.17 -42.43
N LEU D 119 -13.72 6.32 -42.65
CA LEU D 119 -12.98 6.33 -43.90
C LEU D 119 -13.78 5.76 -45.05
N LEU D 120 -14.83 4.99 -44.79
CA LEU D 120 -15.63 4.37 -45.83
C LEU D 120 -17.07 4.81 -45.83
N ASP D 121 -17.48 5.65 -44.88
CA ASP D 121 -18.86 6.08 -44.66
C ASP D 121 -19.80 4.88 -44.50
N LEU D 122 -19.36 3.94 -43.66
CA LEU D 122 -20.15 2.78 -43.32
C LEU D 122 -20.44 2.82 -41.83
N ALA D 123 -21.64 2.40 -41.45
CA ALA D 123 -21.97 2.33 -40.05
C ALA D 123 -21.19 1.21 -39.38
N PRO D 124 -20.85 1.35 -38.09
CA PRO D 124 -20.15 0.27 -37.40
C PRO D 124 -20.99 -1.00 -37.27
N LYS D 125 -22.30 -0.86 -37.15
CA LYS D 125 -23.18 -2.03 -37.15
C LYS D 125 -23.23 -2.72 -38.51
N ASP D 126 -22.92 -2.00 -39.60
CA ASP D 126 -22.78 -2.64 -40.90
C ASP D 126 -21.36 -3.15 -41.13
N LEU D 127 -20.37 -2.48 -40.54
CA LEU D 127 -19.00 -2.92 -40.68
C LEU D 127 -18.77 -4.25 -39.98
N GLU D 128 -19.39 -4.42 -38.81
CA GLU D 128 -19.28 -5.70 -38.11
C GLU D 128 -20.02 -6.80 -38.86
N LYS D 129 -21.09 -6.47 -39.58
CA LYS D 129 -21.76 -7.47 -40.39
C LYS D 129 -20.93 -7.85 -41.60
N ILE D 130 -20.15 -6.91 -42.14
CA ILE D 130 -19.33 -7.23 -43.29
C ILE D 130 -18.13 -8.07 -42.90
N ILE D 131 -17.31 -7.58 -41.95
CA ILE D 131 -16.00 -8.19 -41.76
C ILE D 131 -16.04 -9.46 -40.92
N TYR D 132 -17.18 -9.79 -40.31
CA TYR D 132 -17.32 -11.04 -39.59
C TYR D 132 -18.26 -12.00 -40.30
N PHE D 133 -18.38 -11.87 -41.62
CA PHE D 133 -19.05 -12.83 -42.50
C PHE D 133 -20.52 -13.01 -42.16
N ALA D 134 -21.28 -11.93 -42.31
CA ALA D 134 -22.71 -11.97 -42.12
C ALA D 134 -23.50 -11.31 -43.24
N ALA D 135 -22.86 -10.52 -44.09
CA ALA D 135 -23.54 -9.83 -45.17
C ALA D 135 -22.55 -9.56 -46.29
N TYR D 136 -22.94 -9.90 -47.51
CA TYR D 136 -22.12 -9.57 -48.66
C TYR D 136 -22.14 -8.07 -48.90
N VAL D 137 -21.04 -7.56 -49.45
CA VAL D 137 -20.96 -6.16 -49.82
C VAL D 137 -20.60 -6.05 -51.29
N ILE D 138 -21.37 -5.25 -52.02
CA ILE D 138 -21.02 -4.89 -53.38
C ILE D 138 -19.79 -3.99 -53.34
N THR D 139 -18.75 -4.36 -54.08
CA THR D 139 -17.54 -3.57 -54.08
C THR D 139 -17.28 -2.84 -55.39
N SER D 140 -17.99 -3.19 -56.46
CA SER D 140 -17.85 -2.51 -57.75
C SER D 140 -19.09 -2.81 -58.58
N VAL D 141 -19.37 -1.94 -59.54
CA VAL D 141 -20.46 -2.16 -60.49
C VAL D 141 -20.13 -1.43 -61.79
N ASP D 142 -20.20 -2.15 -62.90
CA ASP D 142 -19.98 -1.56 -64.21
C ASP D 142 -21.21 -0.73 -64.58
N GLU D 143 -21.05 0.59 -64.60
CA GLU D 143 -22.19 1.45 -64.85
C GLU D 143 -22.56 1.52 -66.32
N GLU D 144 -21.60 1.29 -67.21
CA GLU D 144 -21.87 1.40 -68.64
C GLU D 144 -22.74 0.25 -69.14
N MET D 145 -22.38 -0.99 -68.75
CA MET D 145 -23.16 -2.15 -69.18
C MET D 145 -24.54 -2.14 -68.57
N ARG D 146 -24.64 -1.81 -67.28
CA ARG D 146 -25.94 -1.71 -66.61
C ARG D 146 -26.76 -0.56 -67.17
N HIS D 147 -26.11 0.48 -67.68
CA HIS D 147 -26.83 1.58 -68.30
C HIS D 147 -27.40 1.18 -69.66
N ASN D 148 -26.58 0.58 -70.52
CA ASN D 148 -27.06 0.42 -71.90
C ASN D 148 -27.83 -0.88 -72.12
N GLU D 149 -27.56 -1.94 -71.35
CA GLU D 149 -28.30 -3.18 -71.51
C GLU D 149 -29.53 -3.26 -70.62
N LEU D 150 -29.91 -2.14 -70.00
CA LEU D 150 -31.04 -2.10 -69.07
C LEU D 150 -32.36 -2.43 -69.76
N SER D 151 -32.53 -1.99 -71.01
CA SER D 151 -33.77 -2.23 -71.74
C SER D 151 -33.93 -3.70 -72.10
N THR D 152 -32.86 -4.32 -72.59
CA THR D 152 -32.92 -5.75 -72.91
C THR D 152 -33.06 -6.59 -71.66
N LEU D 153 -32.47 -6.15 -70.55
CA LEU D 153 -32.61 -6.89 -69.30
C LEU D 153 -34.03 -6.82 -68.75
N GLU D 154 -34.66 -5.65 -68.80
CA GLU D 154 -36.05 -5.58 -68.35
C GLU D 154 -37.01 -6.24 -69.33
N ALA D 155 -36.66 -6.27 -70.62
CA ALA D 155 -37.47 -7.01 -71.58
C ALA D 155 -37.40 -8.51 -71.32
N GLU D 156 -36.22 -9.01 -70.96
CA GLU D 156 -36.11 -10.41 -70.56
C GLU D 156 -36.76 -10.67 -69.21
N MET D 157 -36.80 -9.65 -68.36
CA MET D 157 -37.45 -9.81 -67.05
C MET D 157 -38.95 -9.92 -67.19
N ALA D 158 -39.53 -9.18 -68.15
CA ALA D 158 -40.96 -9.26 -68.41
C ALA D 158 -41.36 -10.63 -68.92
N VAL D 159 -40.43 -11.33 -69.59
CA VAL D 159 -40.67 -12.69 -70.05
C VAL D 159 -40.87 -13.64 -68.86
N GLU D 160 -40.01 -13.53 -67.85
CA GLU D 160 -40.14 -14.40 -66.68
C GLU D 160 -41.34 -14.01 -65.83
N ARG D 161 -41.65 -12.71 -65.77
CA ARG D 161 -42.84 -12.25 -65.06
C ARG D 161 -44.10 -12.77 -65.73
N LYS D 162 -44.15 -12.74 -67.06
CA LYS D 162 -45.32 -13.27 -67.75
C LYS D 162 -45.35 -14.78 -67.74
N ALA D 163 -44.20 -15.43 -67.56
CA ALA D 163 -44.20 -16.87 -67.36
C ALA D 163 -44.82 -17.24 -66.02
N VAL D 164 -44.50 -16.46 -64.98
CA VAL D 164 -45.14 -16.63 -63.68
C VAL D 164 -46.64 -16.37 -63.77
N GLU D 165 -47.03 -15.31 -64.48
CA GLU D 165 -48.45 -14.99 -64.64
C GLU D 165 -49.16 -16.04 -65.49
N ASP D 166 -48.45 -16.64 -66.46
CA ASP D 166 -49.06 -17.64 -67.33
C ASP D 166 -49.30 -18.94 -66.58
N GLN D 167 -48.33 -19.36 -65.75
CA GLN D 167 -48.56 -20.54 -64.91
C GLN D 167 -49.64 -20.26 -63.87
N ARG D 168 -49.72 -19.01 -63.40
CA ARG D 168 -50.80 -18.59 -62.52
C ARG D 168 -52.17 -18.73 -63.18
N ASP D 169 -52.33 -18.21 -64.41
CA ASP D 169 -53.64 -18.26 -65.04
C ASP D 169 -53.95 -19.67 -65.54
N GLY D 170 -52.92 -20.48 -65.78
CA GLY D 170 -53.16 -21.88 -66.09
C GLY D 170 -53.71 -22.64 -64.89
N GLU D 171 -53.12 -22.42 -63.71
CA GLU D 171 -53.67 -23.04 -62.50
C GLU D 171 -55.02 -22.45 -62.13
N LEU D 172 -55.25 -21.18 -62.47
CA LEU D 172 -56.55 -20.57 -62.22
C LEU D 172 -57.64 -21.12 -63.13
N GLU D 173 -57.29 -21.39 -64.40
CA GLU D 173 -58.22 -22.06 -65.30
C GLU D 173 -58.45 -23.51 -64.87
N ALA D 174 -57.43 -24.15 -64.32
CA ALA D 174 -57.60 -25.48 -63.75
C ALA D 174 -58.54 -25.47 -62.56
N ARG D 175 -58.44 -24.43 -61.72
CA ARG D 175 -59.34 -24.31 -60.58
C ARG D 175 -60.76 -23.96 -61.04
N ALA D 176 -60.88 -23.17 -62.11
CA ALA D 176 -62.21 -22.85 -62.65
C ALA D 176 -62.87 -24.09 -63.23
N GLN D 177 -62.12 -24.90 -63.98
CA GLN D 177 -62.66 -26.13 -64.53
C GLN D 177 -62.95 -27.15 -63.44
N LYS D 178 -62.14 -27.18 -62.38
CA LYS D 178 -62.37 -28.10 -61.27
C LYS D 178 -63.61 -27.71 -60.49
N LEU D 179 -63.83 -26.42 -60.27
CA LEU D 179 -65.03 -25.99 -59.55
C LEU D 179 -66.26 -26.13 -60.44
N GLU D 180 -66.12 -25.97 -61.75
CA GLU D 180 -67.22 -26.29 -62.65
C GLU D 180 -67.57 -27.77 -62.61
N ALA D 181 -66.55 -28.63 -62.51
CA ALA D 181 -66.80 -30.07 -62.39
C ALA D 181 -67.45 -30.41 -61.06
N ASP D 182 -67.04 -29.73 -59.98
CA ASP D 182 -67.65 -29.96 -58.67
C ASP D 182 -69.12 -29.55 -58.67
N LEU D 183 -69.40 -28.32 -59.13
CA LEU D 183 -70.77 -27.82 -59.11
C LEU D 183 -71.62 -28.42 -60.23
N ALA D 184 -70.99 -29.17 -61.15
CA ALA D 184 -71.76 -29.94 -62.12
C ALA D 184 -72.10 -31.32 -61.59
N GLU D 185 -71.08 -32.10 -61.20
CA GLU D 185 -71.31 -33.50 -60.84
C GLU D 185 -71.93 -33.67 -59.46
N LEU D 186 -71.71 -32.73 -58.54
CA LEU D 186 -72.37 -32.84 -57.24
C LEU D 186 -73.82 -32.39 -57.33
N GLU D 187 -74.10 -31.41 -58.17
CA GLU D 187 -75.44 -30.88 -58.38
C GLU D 187 -76.15 -31.48 -59.57
N ALA D 188 -75.61 -32.54 -60.18
CA ALA D 188 -76.33 -33.23 -61.25
C ALA D 188 -77.54 -33.97 -60.70
N GLU D 189 -77.47 -34.41 -59.45
CA GLU D 189 -78.56 -35.04 -58.73
C GLU D 189 -79.01 -34.13 -57.58
N GLY D 190 -79.95 -34.63 -56.77
CA GLY D 190 -80.42 -33.87 -55.63
C GLY D 190 -79.38 -33.88 -54.52
N ALA D 191 -79.18 -32.74 -53.88
CA ALA D 191 -78.12 -32.61 -52.88
C ALA D 191 -78.54 -31.64 -51.79
N LYS D 192 -77.76 -31.65 -50.71
CA LYS D 192 -77.93 -30.71 -49.61
C LYS D 192 -77.40 -29.33 -50.01
N ALA D 193 -77.91 -28.29 -49.33
CA ALA D 193 -77.53 -26.93 -49.66
C ALA D 193 -76.15 -26.58 -49.12
N ASP D 194 -75.95 -26.78 -47.81
CA ASP D 194 -74.78 -26.23 -47.12
C ASP D 194 -73.47 -26.89 -47.55
N ALA D 195 -73.53 -28.17 -47.94
CA ALA D 195 -72.35 -28.83 -48.49
C ALA D 195 -71.99 -28.26 -49.86
N ARG D 196 -72.99 -27.85 -50.65
CA ARG D 196 -72.70 -27.17 -51.90
C ARG D 196 -72.11 -25.77 -51.65
N ARG D 197 -72.57 -25.09 -50.60
CA ARG D 197 -71.95 -23.84 -50.18
C ARG D 197 -70.48 -24.05 -49.80
N LYS D 198 -70.20 -25.14 -49.08
CA LYS D 198 -68.82 -25.44 -48.69
C LYS D 198 -67.96 -25.85 -49.89
N VAL D 199 -68.56 -26.50 -50.89
CA VAL D 199 -67.81 -26.86 -52.09
C VAL D 199 -67.43 -25.62 -52.89
N ARG D 200 -68.40 -24.70 -53.08
CA ARG D 200 -68.10 -23.43 -53.75
C ARG D 200 -67.15 -22.57 -52.94
N ASP D 201 -67.17 -22.68 -51.60
CA ASP D 201 -66.21 -21.96 -50.77
C ASP D 201 -64.80 -22.53 -50.90
N GLY D 202 -64.67 -23.85 -50.94
CA GLY D 202 -63.34 -24.46 -51.07
C GLY D 202 -62.72 -24.24 -52.43
N GLY D 203 -63.56 -24.15 -53.47
CA GLY D 203 -63.04 -23.77 -54.78
C GLY D 203 -62.48 -22.36 -54.80
N GLU D 204 -63.17 -21.43 -54.15
CA GLU D 204 -62.68 -20.06 -54.01
C GLU D 204 -61.41 -20.03 -53.16
N ARG D 205 -61.32 -20.92 -52.18
CA ARG D 205 -60.14 -20.99 -51.32
C ARG D 205 -58.91 -21.43 -52.10
N GLU D 206 -59.06 -22.46 -52.95
CA GLU D 206 -57.94 -22.93 -53.74
C GLU D 206 -57.56 -21.94 -54.84
N MET D 207 -58.56 -21.25 -55.40
CA MET D 207 -58.28 -20.18 -56.37
C MET D 207 -57.52 -19.03 -55.72
N ARG D 208 -57.92 -18.65 -54.50
CA ARG D 208 -57.23 -17.62 -53.74
C ARG D 208 -55.80 -18.04 -53.40
N GLN D 209 -55.62 -19.32 -53.05
CA GLN D 209 -54.28 -19.84 -52.76
C GLN D 209 -53.38 -19.78 -53.99
N ILE D 210 -53.93 -20.10 -55.17
CA ILE D 210 -53.17 -20.05 -56.41
C ILE D 210 -52.74 -18.61 -56.71
N ARG D 211 -53.70 -17.67 -56.70
CA ARG D 211 -53.39 -16.30 -57.09
C ARG D 211 -52.52 -15.60 -56.06
N ASP D 212 -52.59 -16.00 -54.78
CA ASP D 212 -51.76 -15.36 -53.78
C ASP D 212 -50.36 -15.96 -53.68
N ARG D 213 -50.21 -17.26 -53.95
CA ARG D 213 -48.87 -17.82 -54.10
C ARG D 213 -48.17 -17.21 -55.31
N ALA D 214 -48.92 -17.02 -56.40
CA ALA D 214 -48.38 -16.31 -57.56
C ALA D 214 -48.07 -14.86 -57.23
N GLN D 215 -48.88 -14.21 -56.38
CA GLN D 215 -48.63 -12.84 -55.98
C GLN D 215 -47.35 -12.72 -55.16
N ARG D 216 -47.12 -13.70 -54.28
CA ARG D 216 -45.91 -13.70 -53.46
C ARG D 216 -44.65 -13.90 -54.31
N GLU D 217 -44.69 -14.85 -55.24
CA GLU D 217 -43.51 -15.04 -56.08
C GLU D 217 -43.32 -13.91 -57.09
N LEU D 218 -44.41 -13.25 -57.52
CA LEU D 218 -44.31 -12.06 -58.34
C LEU D 218 -43.66 -10.91 -57.59
N ASP D 219 -44.01 -10.73 -56.31
CA ASP D 219 -43.36 -9.71 -55.50
C ASP D 219 -41.89 -10.03 -55.26
N ARG D 220 -41.54 -11.32 -55.14
CA ARG D 220 -40.13 -11.69 -55.04
C ARG D 220 -39.36 -11.34 -56.31
N LEU D 221 -39.94 -11.65 -57.47
CA LEU D 221 -39.27 -11.31 -58.73
C LEU D 221 -39.24 -9.81 -58.99
N GLU D 222 -40.18 -9.06 -58.43
CA GLU D 222 -40.08 -7.61 -58.50
C GLU D 222 -38.99 -7.09 -57.57
N ASP D 223 -38.83 -7.72 -56.41
CA ASP D 223 -37.88 -7.24 -55.41
C ASP D 223 -36.44 -7.43 -55.87
N ILE D 224 -36.15 -8.56 -56.54
CA ILE D 224 -34.77 -8.79 -56.98
C ILE D 224 -34.39 -7.81 -58.09
N TRP D 225 -35.33 -7.46 -58.96
CA TRP D 225 -35.04 -6.50 -60.03
C TRP D 225 -34.95 -5.08 -59.48
N SER D 226 -35.76 -4.76 -58.47
CA SER D 226 -35.64 -3.45 -57.82
C SER D 226 -34.34 -3.33 -57.04
N THR D 227 -33.82 -4.45 -56.54
CA THR D 227 -32.51 -4.42 -55.89
C THR D 227 -31.40 -4.26 -56.91
N PHE D 228 -31.53 -4.90 -58.08
CA PHE D 228 -30.49 -4.80 -59.09
C PHE D 228 -30.44 -3.41 -59.71
N THR D 229 -31.59 -2.76 -59.88
CA THR D 229 -31.62 -1.47 -60.56
C THR D 229 -31.00 -0.35 -59.73
N LYS D 230 -30.90 -0.52 -58.41
CA LYS D 230 -30.30 0.48 -57.54
C LYS D 230 -28.93 0.04 -57.00
N LEU D 231 -28.15 -0.67 -57.81
CA LEU D 231 -26.88 -1.19 -57.33
C LEU D 231 -25.82 -0.11 -57.32
N ALA D 232 -24.98 -0.14 -56.28
CA ALA D 232 -23.94 0.85 -56.06
C ALA D 232 -22.95 0.25 -55.08
N PRO D 233 -21.68 0.66 -55.11
CA PRO D 233 -20.70 0.13 -54.15
C PRO D 233 -21.01 0.57 -52.72
N LYS D 234 -20.33 -0.09 -51.79
CA LYS D 234 -20.51 0.06 -50.34
C LYS D 234 -21.96 -0.20 -49.91
N GLN D 235 -22.63 -1.12 -50.57
CA GLN D 235 -23.97 -1.54 -50.16
C GLN D 235 -23.89 -2.77 -49.28
N LEU D 236 -25.05 -3.28 -48.91
CA LEU D 236 -25.15 -4.51 -48.13
C LEU D 236 -26.29 -5.37 -48.62
N ILE D 237 -26.09 -6.68 -48.59
CA ILE D 237 -27.12 -7.65 -48.93
C ILE D 237 -27.19 -8.62 -47.76
N VAL D 238 -28.14 -8.40 -46.84
CA VAL D 238 -28.26 -9.23 -45.64
C VAL D 238 -29.09 -10.48 -45.88
N ASP D 239 -29.61 -10.67 -47.09
CA ASP D 239 -30.56 -11.75 -47.32
C ASP D 239 -29.90 -13.11 -47.39
N GLU D 240 -28.73 -13.17 -48.03
CA GLU D 240 -27.86 -14.34 -48.27
C GLU D 240 -28.47 -15.34 -49.25
N ASN D 241 -29.69 -15.14 -49.73
CA ASN D 241 -30.22 -15.85 -50.87
C ASN D 241 -30.37 -14.96 -52.09
N LEU D 242 -30.65 -13.68 -51.84
CA LEU D 242 -30.77 -12.70 -52.92
C LEU D 242 -29.45 -12.48 -53.63
N TYR D 243 -28.33 -12.65 -52.91
CA TYR D 243 -27.03 -12.47 -53.54
C TYR D 243 -26.69 -13.61 -54.49
N ARG D 244 -27.12 -14.83 -54.18
CA ARG D 244 -26.93 -15.91 -55.14
C ARG D 244 -27.80 -15.73 -56.36
N GLU D 245 -29.00 -15.15 -56.17
CA GLU D 245 -29.84 -14.82 -57.32
C GLU D 245 -29.25 -13.69 -58.14
N LEU D 246 -28.50 -12.79 -57.53
CA LEU D 246 -27.81 -11.75 -58.27
C LEU D 246 -26.49 -12.22 -58.86
N VAL D 247 -25.95 -13.35 -58.39
CA VAL D 247 -24.72 -13.87 -58.96
C VAL D 247 -24.99 -14.80 -60.12
N ASP D 248 -26.00 -15.68 -60.01
CA ASP D 248 -26.29 -16.56 -61.13
C ASP D 248 -27.00 -15.82 -62.26
N ARG D 249 -27.63 -14.69 -61.96
CA ARG D 249 -28.38 -13.90 -62.92
C ARG D 249 -27.99 -12.44 -62.75
N TYR D 250 -27.61 -11.79 -63.86
CA TYR D 250 -26.91 -10.49 -63.88
C TYR D 250 -25.63 -10.54 -63.06
N GLY D 251 -24.92 -11.66 -63.06
CA GLY D 251 -23.71 -11.76 -62.28
C GLY D 251 -22.47 -11.21 -62.93
N GLU D 252 -22.59 -10.65 -64.13
CA GLU D 252 -21.42 -10.09 -64.81
C GLU D 252 -21.31 -8.59 -64.65
N TYR D 253 -22.29 -7.94 -64.03
CA TYR D 253 -22.33 -6.49 -63.97
C TYR D 253 -21.72 -5.92 -62.70
N PHE D 254 -21.27 -6.76 -61.77
CA PHE D 254 -20.78 -6.27 -60.49
C PHE D 254 -19.85 -7.30 -59.87
N THR D 255 -19.29 -6.94 -58.72
CA THR D 255 -18.52 -7.86 -57.88
C THR D 255 -18.93 -7.63 -56.43
N GLY D 256 -18.98 -8.70 -55.67
CA GLY D 256 -19.30 -8.61 -54.25
C GLY D 256 -18.54 -9.66 -53.48
N ALA D 257 -18.30 -9.36 -52.20
CA ALA D 257 -17.47 -10.26 -51.39
C ALA D 257 -17.85 -10.11 -49.93
N MET D 258 -17.06 -10.74 -49.05
CA MET D 258 -17.28 -10.73 -47.62
C MET D 258 -15.95 -10.60 -46.90
N GLY D 259 -15.90 -9.74 -45.90
CA GLY D 259 -14.79 -9.73 -44.98
C GLY D 259 -13.69 -8.75 -45.33
N ALA D 260 -12.51 -9.07 -44.79
CA ALA D 260 -11.38 -8.15 -44.85
C ALA D 260 -10.81 -8.02 -46.24
N GLU D 261 -10.96 -9.03 -47.10
CA GLU D 261 -10.55 -8.86 -48.48
C GLU D 261 -11.47 -7.91 -49.23
N SER D 262 -12.75 -7.89 -48.88
CA SER D 262 -13.65 -6.90 -49.47
C SER D 262 -13.38 -5.50 -48.93
N ILE D 263 -12.99 -5.39 -47.66
CA ILE D 263 -12.60 -4.09 -47.13
C ILE D 263 -11.31 -3.61 -47.79
N GLN D 264 -10.39 -4.53 -48.08
CA GLN D 264 -9.18 -4.18 -48.80
C GLN D 264 -9.48 -3.76 -50.23
N LYS D 265 -10.46 -4.38 -50.85
CA LYS D 265 -10.89 -4.00 -52.19
C LYS D 265 -11.57 -2.63 -52.19
N LEU D 266 -12.30 -2.30 -51.13
CA LEU D 266 -12.92 -0.98 -51.04
C LEU D 266 -11.86 0.09 -50.79
N ILE D 267 -10.84 -0.22 -50.00
CA ILE D 267 -9.76 0.71 -49.74
C ILE D 267 -8.90 0.93 -50.99
N GLU D 268 -8.79 -0.10 -51.85
CA GLU D 268 -8.07 0.05 -53.11
C GLU D 268 -8.75 1.06 -54.03
N ASN D 269 -10.05 0.94 -54.20
CA ASN D 269 -10.78 1.86 -55.08
C ASN D 269 -11.30 3.08 -54.33
N PHE D 270 -10.43 3.73 -53.57
CA PHE D 270 -10.81 4.83 -52.71
C PHE D 270 -9.98 6.04 -53.07
N ASP D 271 -10.60 7.00 -53.75
CA ASP D 271 -9.92 8.22 -54.18
C ASP D 271 -10.06 9.24 -53.05
N ILE D 272 -8.93 9.55 -52.40
CA ILE D 272 -8.96 10.36 -51.19
C ILE D 272 -9.29 11.80 -51.52
N ASP D 273 -8.88 12.26 -52.70
CA ASP D 273 -9.04 13.67 -53.04
C ASP D 273 -10.50 14.01 -53.33
N ALA D 274 -11.25 13.07 -53.89
CA ALA D 274 -12.67 13.31 -54.14
C ALA D 274 -13.44 13.44 -52.83
N GLU D 275 -13.18 12.54 -51.88
CA GLU D 275 -13.82 12.62 -50.57
C GLU D 275 -13.36 13.84 -49.80
N ALA D 276 -12.10 14.24 -49.99
CA ALA D 276 -11.58 15.41 -49.29
C ALA D 276 -12.22 16.69 -49.82
N GLU D 277 -12.36 16.81 -51.14
CA GLU D 277 -12.98 17.99 -51.71
C GLU D 277 -14.47 18.04 -51.41
N SER D 278 -15.14 16.87 -51.40
CA SER D 278 -16.55 16.84 -51.05
C SER D 278 -16.78 17.19 -49.59
N LEU D 279 -15.90 16.72 -48.70
CA LEU D 279 -16.06 17.02 -47.29
C LEU D 279 -15.67 18.46 -46.99
N ARG D 280 -14.80 19.04 -47.81
CA ARG D 280 -14.52 20.46 -47.70
C ARG D 280 -15.71 21.28 -48.15
N ASP D 281 -16.42 20.80 -49.18
CA ASP D 281 -17.49 21.59 -49.76
C ASP D 281 -18.77 21.50 -48.94
N VAL D 282 -18.99 20.36 -48.27
CA VAL D 282 -20.20 20.19 -47.47
C VAL D 282 -20.20 21.13 -46.27
N ILE D 283 -19.07 21.22 -45.57
CA ILE D 283 -18.97 22.12 -44.42
C ILE D 283 -18.89 23.57 -44.83
N ARG D 284 -18.62 23.84 -46.12
CA ARG D 284 -18.58 25.22 -46.60
C ARG D 284 -19.96 25.69 -47.05
N ASN D 285 -20.72 24.83 -47.72
CA ASN D 285 -22.04 25.23 -48.19
C ASN D 285 -23.14 24.84 -47.21
N GLY D 286 -23.29 23.55 -46.94
CA GLY D 286 -24.43 23.07 -46.19
C GLY D 286 -24.31 23.34 -44.70
N LYS D 287 -25.37 22.97 -43.98
CA LYS D 287 -25.40 23.12 -42.54
C LYS D 287 -26.36 22.10 -41.94
N GLY D 288 -26.37 22.03 -40.62
CA GLY D 288 -27.20 21.10 -39.91
C GLY D 288 -26.40 19.97 -39.28
N GLN D 289 -27.03 18.79 -39.24
CA GLN D 289 -26.33 17.61 -38.76
C GLN D 289 -25.34 17.11 -39.80
N LYS D 290 -25.60 17.40 -41.06
CA LYS D 290 -24.73 16.95 -42.14
C LYS D 290 -23.37 17.65 -42.10
N LYS D 291 -23.37 18.94 -41.73
CA LYS D 291 -22.11 19.65 -41.54
C LYS D 291 -21.38 19.18 -40.30
N LEU D 292 -22.12 18.89 -39.22
CA LEU D 292 -21.48 18.48 -37.96
C LEU D 292 -20.88 17.09 -38.08
N ARG D 293 -21.46 16.25 -38.94
CA ARG D 293 -20.88 14.93 -39.17
C ARG D 293 -19.62 15.02 -40.01
N ALA D 294 -19.65 15.84 -41.07
CA ALA D 294 -18.58 15.84 -42.05
C ALA D 294 -17.25 16.37 -41.50
N LEU D 295 -17.27 17.10 -40.39
CA LEU D 295 -16.03 17.50 -39.74
C LEU D 295 -15.27 16.28 -39.21
N LYS D 296 -16.01 15.35 -38.61
CA LYS D 296 -15.45 14.12 -38.05
C LYS D 296 -14.82 13.26 -39.13
N ARG D 297 -15.45 13.20 -40.30
CA ARG D 297 -14.87 12.44 -41.39
C ARG D 297 -13.72 13.18 -42.06
N LEU D 298 -13.81 14.52 -42.12
CA LEU D 298 -12.73 15.32 -42.69
C LEU D 298 -11.46 15.21 -41.87
N LYS D 299 -11.60 14.98 -40.56
CA LYS D 299 -10.43 14.78 -39.71
C LYS D 299 -9.60 13.57 -40.17
N VAL D 300 -10.24 12.41 -40.32
CA VAL D 300 -9.47 11.23 -40.70
C VAL D 300 -9.10 11.24 -42.19
N VAL D 301 -9.92 11.85 -43.06
CA VAL D 301 -9.57 11.90 -44.47
C VAL D 301 -8.41 12.85 -44.70
N ALA D 302 -8.38 13.98 -43.98
CA ALA D 302 -7.25 14.88 -44.06
C ALA D 302 -6.01 14.30 -43.41
N ALA D 303 -6.19 13.45 -42.40
CA ALA D 303 -5.04 12.76 -41.81
C ALA D 303 -4.41 11.78 -42.79
N PHE D 304 -5.23 11.04 -43.53
CA PHE D 304 -4.66 10.13 -44.53
C PHE D 304 -4.23 10.85 -45.81
N GLN D 305 -4.71 12.07 -46.04
CA GLN D 305 -4.34 12.80 -47.25
C GLN D 305 -3.07 13.60 -47.07
N GLN D 306 -2.92 14.27 -45.92
CA GLN D 306 -1.81 15.22 -45.72
C GLN D 306 -0.46 14.52 -45.70
N SER D 307 -0.31 13.56 -44.81
CA SER D 307 0.98 12.90 -44.63
C SER D 307 1.24 11.89 -45.74
N GLY D 308 2.32 11.13 -45.61
CA GLY D 308 2.63 10.09 -46.57
C GLY D 308 2.08 8.74 -46.18
N ASN D 309 0.98 8.76 -45.43
CA ASN D 309 0.31 7.53 -45.03
C ASN D 309 -0.56 7.00 -46.16
N SER D 310 -1.09 5.80 -45.95
CA SER D 310 -2.02 5.18 -46.85
C SER D 310 -2.88 4.26 -46.00
N PRO D 311 -4.17 4.15 -46.28
CA PRO D 311 -5.05 3.35 -45.42
C PRO D 311 -4.89 1.85 -45.58
N MET D 312 -4.06 1.39 -46.52
CA MET D 312 -3.85 -0.04 -46.75
C MET D 312 -3.19 -0.72 -45.57
N GLY D 313 -2.57 0.02 -44.66
CA GLY D 313 -2.06 -0.57 -43.43
C GLY D 313 -3.10 -0.91 -42.40
N MET D 314 -4.37 -0.59 -42.65
CA MET D 314 -5.40 -0.93 -41.67
C MET D 314 -5.84 -2.39 -41.76
N VAL D 315 -5.72 -3.03 -42.92
CA VAL D 315 -5.97 -4.47 -43.05
C VAL D 315 -4.62 -5.17 -43.11
N LEU D 316 -4.52 -6.30 -42.43
CA LEU D 316 -3.23 -6.94 -42.23
C LEU D 316 -3.06 -8.13 -43.15
N ASP D 317 -1.80 -8.43 -43.44
CA ASP D 317 -1.46 -9.62 -44.20
C ASP D 317 -0.27 -10.36 -43.62
N ALA D 318 0.51 -9.75 -42.74
CA ALA D 318 1.53 -10.44 -41.97
C ALA D 318 1.45 -9.92 -40.55
N VAL D 319 1.58 -10.81 -39.58
CA VAL D 319 1.45 -10.47 -38.17
C VAL D 319 2.82 -10.62 -37.53
N PRO D 320 3.38 -9.56 -36.93
CA PRO D 320 4.68 -9.69 -36.29
C PRO D 320 4.59 -10.44 -34.98
N VAL D 321 5.71 -11.05 -34.61
CA VAL D 321 5.84 -11.89 -33.43
C VAL D 321 6.94 -11.33 -32.56
N ILE D 322 6.58 -10.91 -31.36
CA ILE D 322 7.45 -10.35 -30.33
C ILE D 322 8.55 -11.36 -29.98
N PRO D 323 9.79 -10.92 -29.72
CA PRO D 323 10.87 -11.88 -29.51
C PRO D 323 10.65 -12.72 -28.26
N PRO D 324 11.14 -13.96 -28.25
CA PRO D 324 10.72 -14.92 -27.22
C PRO D 324 11.32 -14.69 -25.86
N GLU D 325 12.19 -13.71 -25.69
CA GLU D 325 12.69 -13.37 -24.37
C GLU D 325 11.82 -12.34 -23.67
N LEU D 326 10.83 -11.78 -24.37
CA LEU D 326 9.84 -10.94 -23.74
C LEU D 326 8.56 -11.70 -23.40
N ARG D 327 8.40 -12.90 -23.92
CA ARG D 327 7.37 -13.82 -23.47
C ARG D 327 8.02 -15.14 -23.09
N PRO D 328 8.84 -15.19 -22.02
CA PRO D 328 9.73 -16.35 -21.82
C PRO D 328 9.02 -17.61 -21.38
N MET D 329 9.76 -18.71 -21.36
CA MET D 329 9.27 -19.94 -20.75
C MET D 329 10.26 -20.35 -19.69
N VAL D 330 9.97 -20.01 -18.44
CA VAL D 330 10.91 -20.11 -17.34
C VAL D 330 10.68 -21.41 -16.60
N GLN D 331 11.74 -22.17 -16.40
CA GLN D 331 11.67 -23.43 -15.65
C GLN D 331 11.91 -23.13 -14.18
N LEU D 332 10.82 -23.08 -13.42
CA LEU D 332 10.92 -23.01 -11.98
C LEU D 332 11.46 -24.32 -11.43
N ASP D 333 12.18 -24.21 -10.32
CA ASP D 333 12.72 -25.37 -9.63
C ASP D 333 11.60 -26.27 -9.14
N GLY D 334 11.90 -27.56 -9.08
CA GLY D 334 10.86 -28.57 -9.04
C GLY D 334 10.43 -29.03 -10.41
N GLY D 335 11.16 -28.61 -11.45
CA GLY D 335 10.84 -29.02 -12.81
C GLY D 335 9.56 -28.44 -13.35
N ARG D 336 9.08 -27.34 -12.78
CA ARG D 336 7.83 -26.75 -13.24
C ARG D 336 8.13 -25.75 -14.33
N PHE D 337 7.15 -25.51 -15.19
CA PHE D 337 7.31 -24.56 -16.29
C PHE D 337 6.31 -23.43 -16.14
N ALA D 338 6.69 -22.24 -16.57
CA ALA D 338 5.80 -21.10 -16.61
C ALA D 338 5.94 -20.42 -17.97
N THR D 339 4.82 -20.31 -18.67
CA THR D 339 4.74 -19.59 -19.93
C THR D 339 4.07 -18.25 -19.68
N SER D 340 4.22 -17.35 -20.66
CA SER D 340 3.94 -15.95 -20.38
C SER D 340 2.69 -15.46 -21.06
N ASP D 341 1.72 -16.34 -21.31
CA ASP D 341 0.33 -16.04 -21.70
C ASP D 341 0.17 -15.37 -23.05
N LEU D 342 1.24 -15.04 -23.76
CA LEU D 342 1.16 -14.60 -25.14
C LEU D 342 1.38 -15.76 -26.09
N ASN D 343 1.91 -16.87 -25.58
CA ASN D 343 2.17 -18.02 -26.41
C ASN D 343 0.89 -18.73 -26.81
N ASP D 344 -0.14 -18.71 -25.96
CA ASP D 344 -1.39 -19.37 -26.32
C ASP D 344 -2.10 -18.64 -27.45
N LEU D 345 -2.05 -17.30 -27.45
CA LEU D 345 -2.70 -16.54 -28.51
C LEU D 345 -1.97 -16.68 -29.83
N TYR D 346 -0.63 -16.67 -29.79
CA TYR D 346 0.16 -16.92 -30.98
C TYR D 346 -0.08 -18.33 -31.52
N ARG D 347 -0.20 -19.30 -30.61
CA ARG D 347 -0.47 -20.67 -31.02
C ARG D 347 -1.84 -20.80 -31.67
N ARG D 348 -2.84 -20.10 -31.13
CA ARG D 348 -4.18 -20.17 -31.73
C ARG D 348 -4.22 -19.50 -33.10
N VAL D 349 -3.47 -18.41 -33.26
CA VAL D 349 -3.42 -17.73 -34.55
C VAL D 349 -2.77 -18.63 -35.61
N ILE D 350 -1.60 -19.18 -35.30
CA ILE D 350 -0.92 -20.02 -36.29
C ILE D 350 -1.64 -21.36 -36.46
N ASN D 351 -2.40 -21.82 -35.47
CA ASN D 351 -3.21 -23.03 -35.61
C ASN D 351 -4.33 -22.83 -36.61
N ARG D 352 -5.14 -21.78 -36.42
CA ARG D 352 -6.24 -21.54 -37.33
C ARG D 352 -5.76 -21.11 -38.71
N ASN D 353 -4.58 -20.49 -38.80
CA ASN D 353 -4.02 -20.16 -40.09
C ASN D 353 -3.58 -21.41 -40.84
N ASN D 354 -2.96 -22.37 -40.15
CA ASN D 354 -2.57 -23.62 -40.80
C ASN D 354 -3.80 -24.43 -41.21
N ARG D 355 -4.86 -24.39 -40.41
CA ARG D 355 -6.06 -25.13 -40.78
C ARG D 355 -6.78 -24.47 -41.96
N LEU D 356 -6.74 -23.14 -42.07
CA LEU D 356 -7.28 -22.49 -43.26
C LEU D 356 -6.47 -22.81 -44.49
N LYS D 357 -5.14 -22.84 -44.34
CA LYS D 357 -4.27 -23.15 -45.46
C LYS D 357 -4.43 -24.61 -45.91
N ARG D 358 -4.87 -25.49 -45.00
CA ARG D 358 -5.15 -26.87 -45.40
C ARG D 358 -6.54 -27.01 -46.02
N LEU D 359 -7.53 -26.30 -45.48
CA LEU D 359 -8.89 -26.38 -46.02
C LEU D 359 -8.99 -25.77 -47.41
N ILE D 360 -8.15 -24.78 -47.73
CA ILE D 360 -8.21 -24.16 -49.05
C ILE D 360 -7.61 -25.09 -50.11
N ASP D 361 -6.47 -25.73 -49.79
CA ASP D 361 -5.83 -26.63 -50.75
C ASP D 361 -6.63 -27.92 -50.94
N LEU D 362 -7.35 -28.34 -49.90
CA LEU D 362 -8.12 -29.58 -49.98
C LEU D 362 -9.36 -29.41 -50.84
N GLY D 363 -9.87 -28.18 -50.95
CA GLY D 363 -11.10 -27.95 -51.65
C GLY D 363 -12.25 -28.15 -50.69
N ALA D 364 -13.05 -27.11 -50.48
CA ALA D 364 -14.04 -27.17 -49.42
C ALA D 364 -15.25 -26.34 -49.84
N PRO D 365 -16.43 -26.64 -49.30
CA PRO D 365 -17.57 -25.75 -49.53
C PRO D 365 -17.37 -24.41 -48.84
N GLU D 366 -18.21 -23.45 -49.21
CA GLU D 366 -18.01 -22.06 -48.78
C GLU D 366 -18.25 -21.86 -47.29
N ILE D 367 -19.09 -22.70 -46.68
CA ILE D 367 -19.47 -22.51 -45.28
C ILE D 367 -18.30 -22.79 -44.36
N ILE D 368 -17.55 -23.86 -44.62
CA ILE D 368 -16.41 -24.22 -43.78
C ILE D 368 -15.29 -23.20 -43.91
N VAL D 369 -15.05 -22.71 -45.12
CA VAL D 369 -14.00 -21.72 -45.34
C VAL D 369 -14.36 -20.39 -44.69
N ASN D 370 -15.64 -19.99 -44.78
CA ASN D 370 -16.05 -18.74 -44.15
C ASN D 370 -16.01 -18.85 -42.62
N ASN D 371 -16.36 -20.02 -42.08
CA ASN D 371 -16.25 -20.22 -40.64
C ASN D 371 -14.80 -20.19 -40.18
N GLU D 372 -13.90 -20.73 -41.00
CA GLU D 372 -12.49 -20.70 -40.65
C GLU D 372 -11.92 -19.30 -40.72
N LYS D 373 -12.34 -18.50 -41.69
CA LYS D 373 -11.85 -17.13 -41.78
C LYS D 373 -12.39 -16.28 -40.64
N ARG D 374 -13.63 -16.52 -40.22
CA ARG D 374 -14.15 -15.79 -39.06
C ARG D 374 -13.42 -16.17 -37.78
N MET D 375 -13.06 -17.46 -37.64
CA MET D 375 -12.27 -17.88 -36.49
C MET D 375 -10.88 -17.27 -36.51
N LEU D 376 -10.28 -17.13 -37.69
CA LEU D 376 -8.98 -16.50 -37.81
C LEU D 376 -9.04 -15.03 -37.43
N GLN D 377 -10.10 -14.33 -37.86
CA GLN D 377 -10.29 -12.93 -37.50
C GLN D 377 -10.46 -12.76 -36.00
N GLU D 378 -11.24 -13.65 -35.37
CA GLU D 378 -11.42 -13.57 -33.92
C GLU D 378 -10.16 -13.91 -33.16
N SER D 379 -9.32 -14.80 -33.70
CA SER D 379 -8.06 -15.12 -33.04
C SER D 379 -7.08 -13.96 -33.08
N VAL D 380 -6.98 -13.28 -34.22
CA VAL D 380 -6.07 -12.14 -34.30
C VAL D 380 -6.61 -10.97 -33.48
N ASP D 381 -7.93 -10.80 -33.41
CA ASP D 381 -8.49 -9.78 -32.54
C ASP D 381 -8.28 -10.09 -31.07
N ALA D 382 -8.30 -11.37 -30.70
CA ALA D 382 -7.98 -11.73 -29.32
C ALA D 382 -6.51 -11.52 -29.02
N LEU D 383 -5.65 -11.65 -30.03
CA LEU D 383 -4.23 -11.40 -29.80
C LEU D 383 -3.97 -9.91 -29.59
N PHE D 384 -4.56 -9.04 -30.41
CA PHE D 384 -4.19 -7.63 -30.35
C PHE D 384 -4.83 -6.91 -29.18
N ASP D 385 -6.10 -7.16 -28.89
CA ASP D 385 -6.80 -6.47 -27.81
C ASP D 385 -7.93 -7.38 -27.35
N ASN D 386 -7.72 -8.08 -26.23
CA ASN D 386 -8.66 -9.09 -25.80
C ASN D 386 -9.85 -8.45 -25.10
N GLY D 387 -11.00 -9.10 -25.22
CA GLY D 387 -12.19 -8.66 -24.53
C GLY D 387 -12.85 -7.43 -25.08
N ARG D 388 -12.53 -7.04 -26.30
CA ARG D 388 -13.15 -5.84 -26.87
C ARG D 388 -14.42 -6.18 -27.66
N ARG D 389 -14.29 -7.02 -28.67
CA ARG D 389 -15.43 -7.50 -29.44
C ARG D 389 -15.79 -8.88 -28.89
N GLY D 390 -17.01 -9.02 -28.41
CA GLY D 390 -17.44 -10.29 -27.86
C GLY D 390 -16.85 -10.55 -26.48
N ARG D 391 -16.90 -11.82 -26.09
CA ARG D 391 -16.45 -12.25 -24.77
C ARG D 391 -14.97 -12.61 -24.81
N PRO D 392 -14.22 -12.36 -23.73
CA PRO D 392 -12.77 -12.56 -23.79
C PRO D 392 -12.38 -14.01 -23.76
N VAL D 393 -11.25 -14.32 -24.39
CA VAL D 393 -10.69 -15.66 -24.34
C VAL D 393 -10.16 -15.94 -22.94
N THR D 394 -10.57 -17.06 -22.37
CA THR D 394 -10.17 -17.41 -21.02
C THR D 394 -9.25 -18.61 -21.04
N GLY D 395 -8.37 -18.68 -20.05
CA GLY D 395 -7.57 -19.86 -19.82
C GLY D 395 -8.21 -20.71 -18.74
N PRO D 396 -7.41 -21.54 -18.08
CA PRO D 396 -7.94 -22.33 -16.96
C PRO D 396 -8.15 -21.44 -15.73
N GLY D 397 -9.35 -21.53 -15.16
CA GLY D 397 -9.71 -20.72 -14.02
C GLY D 397 -10.65 -19.58 -14.34
N ASN D 398 -11.15 -19.51 -15.58
CA ASN D 398 -12.09 -18.49 -16.05
C ASN D 398 -11.53 -17.07 -15.90
N ARG D 399 -10.22 -16.93 -16.05
CA ARG D 399 -9.61 -15.61 -16.07
C ARG D 399 -9.26 -15.25 -17.50
N PRO D 400 -9.41 -13.99 -17.89
CA PRO D 400 -9.09 -13.60 -19.26
C PRO D 400 -7.60 -13.59 -19.49
N LEU D 401 -7.18 -14.04 -20.68
CA LEU D 401 -5.77 -14.02 -21.00
C LEU D 401 -5.30 -12.59 -21.27
N LYS D 402 -4.02 -12.35 -21.05
CA LYS D 402 -3.44 -11.02 -21.18
C LYS D 402 -2.92 -10.84 -22.59
N SER D 403 -3.51 -9.91 -23.33
CA SER D 403 -3.19 -9.67 -24.72
C SER D 403 -2.05 -8.65 -24.82
N LEU D 404 -1.80 -8.16 -26.03
CA LEU D 404 -0.76 -7.15 -26.19
C LEU D 404 -1.24 -5.78 -25.74
N SER D 405 -2.54 -5.51 -25.85
CA SER D 405 -3.06 -4.21 -25.44
C SER D 405 -3.07 -4.07 -23.93
N ASP D 406 -3.17 -5.17 -23.20
CA ASP D 406 -3.20 -5.11 -21.75
C ASP D 406 -1.83 -4.97 -21.14
N LEU D 407 -0.77 -4.98 -21.94
CA LEU D 407 0.56 -4.66 -21.43
C LEU D 407 0.81 -3.17 -21.34
N LEU D 408 -0.01 -2.36 -21.99
CA LEU D 408 0.25 -0.92 -22.09
C LEU D 408 -0.74 -0.07 -21.32
N LYS D 409 -1.98 -0.53 -21.17
CA LYS D 409 -3.01 0.24 -20.50
C LYS D 409 -2.82 0.21 -18.98
N GLY D 410 -3.68 0.93 -18.28
CA GLY D 410 -3.84 0.79 -16.84
C GLY D 410 -2.69 1.39 -16.04
N LYS D 411 -2.91 1.23 -14.78
CA LYS D 411 -2.00 1.57 -13.78
C LYS D 411 -1.09 0.41 -13.61
N GLN D 412 -1.08 -0.53 -14.53
CA GLN D 412 -0.18 -1.67 -14.56
C GLN D 412 0.53 -1.75 -15.82
N GLY D 413 0.23 -0.87 -16.72
CA GLY D 413 0.73 -0.93 -18.04
C GLY D 413 2.15 -0.76 -17.95
N ARG D 414 2.85 -0.93 -19.02
CA ARG D 414 4.22 -0.74 -19.09
C ARG D 414 4.40 0.66 -18.77
N PHE D 415 3.55 1.55 -19.19
CA PHE D 415 3.74 2.96 -18.96
C PHE D 415 3.77 3.54 -17.59
N ARG D 416 2.90 3.25 -16.68
CA ARG D 416 2.90 3.82 -15.34
C ARG D 416 3.50 2.89 -14.31
N GLN D 417 3.94 1.71 -14.71
CA GLN D 417 4.46 0.71 -13.78
C GLN D 417 5.97 0.54 -13.92
N ASN D 418 6.48 0.56 -15.15
CA ASN D 418 7.88 0.24 -15.39
C ASN D 418 8.64 1.31 -16.16
N LEU D 419 7.97 2.36 -16.64
CA LEU D 419 8.65 3.42 -17.37
C LEU D 419 8.74 4.69 -16.53
N LEU D 420 7.68 5.03 -15.80
CA LEU D 420 7.69 6.27 -15.05
C LEU D 420 8.19 6.12 -13.62
N GLY D 421 8.12 4.94 -13.04
CA GLY D 421 8.64 4.72 -11.70
C GLY D 421 9.18 3.33 -11.55
N LYS D 422 10.43 3.23 -11.13
CA LYS D 422 11.14 1.96 -11.10
C LYS D 422 11.60 1.67 -9.68
N ARG D 423 11.98 0.41 -9.44
CA ARG D 423 12.66 0.06 -8.21
C ARG D 423 14.15 0.24 -8.39
N VAL D 424 14.85 0.68 -7.35
CA VAL D 424 16.24 1.08 -7.49
C VAL D 424 17.13 0.19 -6.63
N ASP D 425 18.39 0.06 -7.06
CA ASP D 425 19.44 -0.49 -6.23
C ASP D 425 19.92 0.57 -5.24
N TYR D 426 20.79 0.13 -4.32
CA TYR D 426 21.45 0.98 -3.32
C TYR D 426 20.43 1.76 -2.48
N SER D 427 19.55 1.01 -1.81
CA SER D 427 18.48 1.64 -1.04
C SER D 427 18.01 0.68 0.04
N GLY D 428 17.33 1.24 1.04
CA GLY D 428 16.76 0.45 2.11
C GLY D 428 15.60 1.20 2.73
N ARG D 429 15.01 0.61 3.76
CA ARG D 429 13.95 1.30 4.49
C ARG D 429 13.89 0.73 5.90
N SER D 430 13.34 1.54 6.82
CA SER D 430 13.19 1.10 8.20
C SER D 430 12.21 2.00 8.93
N VAL D 431 11.91 1.61 10.17
CA VAL D 431 11.05 2.43 11.03
C VAL D 431 11.83 3.65 11.53
N ILE D 432 11.10 4.69 11.94
CA ILE D 432 11.74 5.92 12.37
C ILE D 432 11.40 6.21 13.83
N VAL D 433 12.40 6.68 14.57
CA VAL D 433 12.24 7.15 15.94
C VAL D 433 12.86 8.54 16.02
N VAL D 434 12.60 9.22 17.12
CA VAL D 434 12.91 10.64 17.24
C VAL D 434 14.35 10.81 17.73
N GLY D 435 15.01 11.83 17.23
CA GLY D 435 16.43 12.02 17.40
C GLY D 435 16.85 13.34 18.04
N PRO D 436 16.27 13.71 19.19
CA PRO D 436 16.31 15.11 19.63
C PRO D 436 17.68 15.67 20.02
N GLN D 437 18.78 14.94 19.85
CA GLN D 437 20.10 15.50 20.09
C GLN D 437 20.86 15.79 18.81
N LEU D 438 20.32 15.45 17.65
CA LEU D 438 21.01 15.67 16.39
C LEU D 438 20.93 17.13 15.97
N LYS D 439 21.84 17.52 15.09
CA LYS D 439 21.74 18.80 14.41
C LYS D 439 20.76 18.66 13.24
N LEU D 440 20.49 19.77 12.56
CA LEU D 440 19.44 19.76 11.55
C LEU D 440 19.87 19.01 10.29
N HIS D 441 21.16 18.97 10.01
CA HIS D 441 21.65 18.32 8.79
C HIS D 441 21.99 16.84 9.00
N GLN D 442 21.94 16.34 10.22
CA GLN D 442 22.33 14.97 10.52
C GLN D 442 21.11 14.07 10.64
N CYS D 443 21.34 12.78 10.45
CA CYS D 443 20.37 11.75 10.80
C CYS D 443 21.12 10.49 11.17
N GLY D 444 20.65 9.81 12.19
CA GLY D 444 21.23 8.54 12.55
C GLY D 444 20.89 7.48 11.52
N LEU D 445 21.75 6.48 11.44
CA LEU D 445 21.50 5.39 10.53
C LEU D 445 21.85 4.13 11.27
N PRO D 446 21.08 3.05 11.08
CA PRO D 446 21.47 1.77 11.66
C PRO D 446 22.74 1.28 10.99
N LYS D 447 23.66 0.74 11.79
CA LYS D 447 24.95 0.33 11.25
C LYS D 447 24.83 -0.89 10.36
N LEU D 448 23.80 -1.72 10.54
CA LEU D 448 23.60 -2.85 9.64
C LEU D 448 23.10 -2.38 8.28
N MET D 449 22.14 -1.46 8.28
CA MET D 449 21.63 -0.89 7.05
C MET D 449 22.70 -0.10 6.31
N ALA D 450 23.58 0.57 7.05
CA ALA D 450 24.64 1.33 6.40
C ALA D 450 25.79 0.44 5.97
N LEU D 451 25.96 -0.73 6.59
CA LEU D 451 26.98 -1.66 6.10
C LEU D 451 26.52 -2.34 4.83
N GLU D 452 25.24 -2.70 4.75
CA GLU D 452 24.76 -3.31 3.51
C GLU D 452 24.55 -2.26 2.42
N LEU D 453 24.26 -1.02 2.79
CA LEU D 453 24.07 0.05 1.80
C LEU D 453 25.38 0.42 1.14
N PHE D 454 26.44 0.59 1.93
CA PHE D 454 27.73 1.09 1.47
C PHE D 454 28.72 -0.03 1.20
N LYS D 455 28.26 -1.17 0.70
CA LYS D 455 29.09 -2.36 0.57
C LYS D 455 30.27 -2.26 -0.40
N PRO D 456 30.17 -1.69 -1.62
CA PRO D 456 31.38 -1.61 -2.45
C PRO D 456 32.37 -0.58 -1.97
N PHE D 457 31.93 0.45 -1.25
CA PHE D 457 32.87 1.45 -0.75
C PHE D 457 33.75 0.87 0.36
N VAL D 458 33.15 0.13 1.30
CA VAL D 458 33.95 -0.53 2.32
C VAL D 458 34.74 -1.69 1.72
N MET D 459 34.20 -2.33 0.67
CA MET D 459 34.93 -3.40 0.01
C MET D 459 36.13 -2.88 -0.78
N LYS D 460 36.13 -1.60 -1.13
CA LYS D 460 37.32 -1.00 -1.73
C LYS D 460 38.29 -0.56 -0.65
N ARG D 461 37.77 0.07 0.41
CA ARG D 461 38.64 0.70 1.38
C ARG D 461 39.36 -0.31 2.24
N LEU D 462 38.79 -1.49 2.47
CA LEU D 462 39.54 -2.49 3.23
C LEU D 462 40.43 -3.34 2.34
N VAL D 463 40.59 -2.99 1.07
CA VAL D 463 41.67 -3.50 0.25
C VAL D 463 42.72 -2.43 -0.02
N ASP D 464 42.35 -1.14 -0.03
CA ASP D 464 43.34 -0.08 -0.01
C ASP D 464 44.15 -0.10 1.28
N LEU D 465 43.47 -0.31 2.40
CA LEU D 465 44.17 -0.76 3.61
C LEU D 465 44.41 -2.25 3.49
N ASN D 466 45.52 -2.73 4.05
CA ASN D 466 45.87 -4.14 3.94
C ASN D 466 45.09 -4.95 4.99
N HIS D 467 43.80 -5.11 4.72
CA HIS D 467 42.94 -5.93 5.56
C HIS D 467 42.43 -7.17 4.85
N ALA D 468 42.42 -7.17 3.53
CA ALA D 468 42.06 -8.35 2.77
C ALA D 468 42.97 -8.44 1.55
N GLN D 469 43.09 -9.64 1.01
CA GLN D 469 43.99 -9.84 -0.12
C GLN D 469 43.42 -9.25 -1.40
N ASN D 470 42.12 -9.39 -1.60
CA ASN D 470 41.50 -9.03 -2.86
C ASN D 470 40.03 -8.73 -2.62
N ILE D 471 39.27 -8.65 -3.71
CA ILE D 471 37.87 -8.27 -3.60
C ILE D 471 37.02 -9.42 -3.07
N LYS D 472 37.44 -10.67 -3.29
CA LYS D 472 36.64 -11.81 -2.85
C LYS D 472 36.71 -12.00 -1.35
N SER D 473 37.91 -11.91 -0.78
CA SER D 473 38.06 -11.98 0.67
C SER D 473 37.45 -10.76 1.34
N ALA D 474 37.43 -9.61 0.65
CA ALA D 474 36.76 -8.43 1.19
C ALA D 474 35.25 -8.64 1.25
N LYS D 475 34.68 -9.26 0.21
CA LYS D 475 33.25 -9.56 0.22
C LYS D 475 32.90 -10.57 1.30
N ARG D 476 33.75 -11.58 1.51
CA ARG D 476 33.53 -12.55 2.58
C ARG D 476 33.66 -11.90 3.95
N MET D 477 34.62 -10.99 4.09
CA MET D 477 34.82 -10.29 5.35
C MET D 477 33.64 -9.38 5.68
N VAL D 478 33.03 -8.78 4.66
CA VAL D 478 31.86 -7.94 4.90
C VAL D 478 30.64 -8.80 5.24
N GLU D 479 30.43 -9.88 4.48
CA GLU D 479 29.27 -10.74 4.72
C GLU D 479 29.36 -11.51 6.03
N ARG D 480 30.55 -11.73 6.55
CA ARG D 480 30.70 -12.40 7.84
C ARG D 480 30.68 -11.43 9.00
N GLN D 481 30.72 -10.12 8.72
CA GLN D 481 30.76 -9.03 9.70
C GLN D 481 31.93 -9.19 10.68
N ARG D 482 33.13 -9.23 10.11
CA ARG D 482 34.33 -9.31 10.91
C ARG D 482 34.58 -7.95 11.58
N PRO D 483 35.19 -7.93 12.76
CA PRO D 483 35.22 -6.70 13.56
C PRO D 483 36.08 -5.57 13.01
N GLN D 484 36.83 -5.79 11.93
CA GLN D 484 37.63 -4.71 11.39
C GLN D 484 36.82 -3.76 10.52
N VAL D 485 35.66 -4.18 10.02
CA VAL D 485 34.97 -3.36 9.03
C VAL D 485 34.21 -2.19 9.65
N TRP D 486 33.97 -2.19 10.95
CA TRP D 486 33.29 -1.05 11.56
C TRP D 486 34.19 0.15 11.69
N ASP D 487 35.52 -0.04 11.73
CA ASP D 487 36.44 1.08 11.68
C ASP D 487 36.58 1.64 10.29
N VAL D 488 36.23 0.86 9.27
CA VAL D 488 36.33 1.31 7.89
C VAL D 488 35.03 1.96 7.42
N LEU D 489 33.90 1.52 7.97
CA LEU D 489 32.61 2.08 7.59
C LEU D 489 32.48 3.54 8.03
N GLU D 490 33.03 3.89 9.19
CA GLU D 490 33.02 5.30 9.61
C GLU D 490 33.92 6.16 8.74
N GLU D 491 34.95 5.58 8.13
CA GLU D 491 35.77 6.33 7.19
C GLU D 491 35.02 6.54 5.88
N VAL D 492 34.37 5.50 5.36
CA VAL D 492 33.72 5.64 4.05
C VAL D 492 32.34 6.28 4.14
N ILE D 493 31.81 6.52 5.34
CA ILE D 493 30.49 7.11 5.46
C ILE D 493 30.55 8.61 5.69
N ALA D 494 31.71 9.17 5.98
CA ALA D 494 31.79 10.56 6.40
C ALA D 494 31.61 11.49 5.21
N GLU D 495 30.72 12.47 5.38
CA GLU D 495 30.37 13.48 4.37
C GLU D 495 29.85 12.86 3.08
N HIS D 496 28.97 11.88 3.22
CA HIS D 496 28.36 11.21 2.07
C HIS D 496 26.85 11.23 2.26
N PRO D 497 26.15 12.19 1.68
CA PRO D 497 24.74 12.41 2.05
C PRO D 497 23.82 11.34 1.50
N VAL D 498 22.70 11.17 2.19
CA VAL D 498 21.69 10.17 1.83
C VAL D 498 20.34 10.85 1.72
N LEU D 499 19.53 10.39 0.78
CA LEU D 499 18.20 10.95 0.60
C LEU D 499 17.19 10.16 1.42
N LEU D 500 16.39 10.85 2.21
CA LEU D 500 15.33 10.22 2.99
C LEU D 500 13.99 10.63 2.42
N ASN D 501 13.10 9.65 2.33
CA ASN D 501 11.83 9.81 1.63
C ASN D 501 10.73 9.06 2.37
N ARG D 502 9.55 9.66 2.47
CA ARG D 502 8.43 9.05 3.18
C ARG D 502 7.19 9.08 2.32
N ALA D 503 6.64 7.92 2.02
CA ALA D 503 5.45 7.87 1.18
C ALA D 503 4.21 8.15 2.01
N PRO D 504 3.26 8.96 1.51
CA PRO D 504 3.21 9.64 0.21
C PRO D 504 4.05 10.90 0.16
N THR D 505 4.57 11.22 -1.01
CA THR D 505 5.46 12.36 -1.21
C THR D 505 4.61 13.49 -1.77
N LEU D 506 3.96 14.23 -0.88
CA LEU D 506 2.92 15.16 -1.28
C LEU D 506 3.50 16.40 -1.95
N HIS D 507 4.40 17.10 -1.27
CA HIS D 507 5.11 18.20 -1.88
C HIS D 507 6.56 17.80 -2.13
N ARG D 508 7.33 18.76 -2.64
CA ARG D 508 8.73 18.48 -2.99
C ARG D 508 9.65 18.43 -1.81
N LEU D 509 9.16 18.73 -0.60
CA LEU D 509 9.95 18.65 0.60
C LEU D 509 9.83 17.32 1.30
N GLY D 510 9.18 16.34 0.68
CA GLY D 510 9.11 14.99 1.19
C GLY D 510 10.31 14.13 0.86
N ILE D 511 11.27 14.68 0.14
CA ILE D 511 12.56 14.05 -0.11
C ILE D 511 13.62 15.04 0.33
N GLN D 512 14.44 14.67 1.31
CA GLN D 512 15.44 15.59 1.79
C GLN D 512 16.74 14.85 2.06
N ALA D 513 17.86 15.50 1.78
CA ALA D 513 19.16 14.88 1.99
C ALA D 513 19.73 15.25 3.36
N PHE D 514 20.32 14.27 4.02
CA PHE D 514 20.96 14.47 5.31
C PHE D 514 22.37 13.90 5.26
N GLU D 515 23.21 14.32 6.22
CA GLU D 515 24.41 13.50 6.30
C GLU D 515 24.23 12.44 7.37
N PRO D 516 24.80 11.26 7.22
CA PRO D 516 24.51 10.20 8.18
C PRO D 516 25.55 10.11 9.27
N MET D 517 25.21 9.38 10.33
CA MET D 517 26.14 9.08 11.40
C MET D 517 25.68 7.79 12.05
N LEU D 518 26.62 6.88 12.30
CA LEU D 518 26.26 5.52 12.67
C LEU D 518 25.68 5.47 14.08
N VAL D 519 24.50 4.88 14.19
CA VAL D 519 23.77 4.81 15.45
C VAL D 519 23.44 3.35 15.70
N GLU D 520 23.78 2.87 16.90
CA GLU D 520 23.45 1.50 17.29
C GLU D 520 21.95 1.32 17.37
N GLY D 521 21.49 0.14 17.01
CA GLY D 521 20.08 -0.14 16.95
C GLY D 521 19.64 -0.38 15.52
N LYS D 522 18.33 -0.41 15.34
CA LYS D 522 17.75 -0.72 14.04
C LYS D 522 16.63 0.24 13.68
N ALA D 523 16.72 1.49 14.13
CA ALA D 523 15.73 2.49 13.79
C ALA D 523 16.43 3.74 13.31
N ILE D 524 15.87 4.37 12.29
CA ILE D 524 16.41 5.61 11.74
C ILE D 524 16.05 6.75 12.67
N GLN D 525 17.04 7.49 13.12
CA GLN D 525 16.81 8.59 14.04
C GLN D 525 16.62 9.88 13.23
N LEU D 526 15.40 10.37 13.20
CA LEU D 526 15.05 11.57 12.44
C LEU D 526 15.14 12.79 13.34
N HIS D 527 15.44 13.93 12.75
CA HIS D 527 15.51 15.17 13.51
C HIS D 527 14.10 15.64 13.84
N PRO D 528 13.85 16.14 15.06
CA PRO D 528 12.49 16.49 15.46
C PRO D 528 11.95 17.77 14.85
N LEU D 529 12.65 18.41 13.91
CA LEU D 529 12.13 19.61 13.27
C LEU D 529 11.69 19.40 11.83
N VAL D 530 12.22 18.37 11.15
CA VAL D 530 11.80 18.09 9.79
C VAL D 530 10.52 17.28 9.73
N CYS D 531 9.96 16.87 10.87
CA CYS D 531 8.75 16.07 10.90
C CYS D 531 7.53 16.83 10.40
N GLU D 532 7.57 18.16 10.42
CA GLU D 532 6.50 18.93 9.80
C GLU D 532 6.55 18.81 8.29
N ALA D 533 7.75 18.74 7.72
CA ALA D 533 7.85 18.69 6.27
C ALA D 533 7.47 17.31 5.74
N PHE D 534 7.92 16.25 6.40
CA PHE D 534 7.55 14.91 5.99
C PHE D 534 6.13 14.54 6.36
N ASN D 535 5.50 15.29 7.29
CA ASN D 535 4.26 14.91 7.95
C ASN D 535 4.38 13.53 8.59
N ALA D 536 5.49 13.31 9.27
CA ALA D 536 5.76 12.05 9.93
C ALA D 536 5.44 12.14 11.41
N ASP D 537 4.78 11.12 11.92
CA ASP D 537 4.59 10.92 13.35
C ASP D 537 5.28 9.63 13.73
N PHE D 538 5.66 9.51 15.00
CA PHE D 538 6.51 8.41 15.44
C PHE D 538 5.71 7.26 16.04
N ASP D 539 4.54 6.97 15.49
CA ASP D 539 3.75 5.82 15.95
C ASP D 539 3.87 4.62 15.03
N GLY D 540 5.02 4.46 14.37
CA GLY D 540 5.25 3.28 13.56
C GLY D 540 5.44 3.54 12.07
N ASP D 541 5.80 4.76 11.71
CA ASP D 541 5.98 5.10 10.31
C ASP D 541 7.34 4.61 9.83
N GLN D 542 7.43 4.34 8.54
CA GLN D 542 8.66 3.86 7.94
C GLN D 542 9.11 4.82 6.85
N MET D 543 10.42 4.91 6.68
CA MET D 543 11.00 5.80 5.69
C MET D 543 12.06 5.05 4.91
N ALA D 544 12.24 5.48 3.67
CA ALA D 544 13.18 4.89 2.74
C ALA D 544 14.43 5.75 2.64
N VAL D 545 15.56 5.08 2.47
CA VAL D 545 16.88 5.70 2.41
C VAL D 545 17.49 5.33 1.07
N HIS D 546 17.92 6.34 0.32
CA HIS D 546 18.59 6.15 -0.96
C HIS D 546 19.99 6.73 -0.90
N LEU D 547 20.88 6.16 -1.69
CA LEU D 547 22.29 6.51 -1.69
C LEU D 547 22.71 7.10 -3.03
N PRO D 548 23.03 8.40 -3.10
CA PRO D 548 23.48 8.98 -4.38
C PRO D 548 24.95 8.67 -4.62
N LEU D 549 25.26 8.15 -5.80
CA LEU D 549 26.55 7.55 -6.12
C LEU D 549 27.53 8.50 -6.76
N SER D 550 27.17 9.14 -7.87
CA SER D 550 28.10 9.90 -8.68
C SER D 550 28.45 11.23 -8.01
N ALA D 551 29.34 11.97 -8.65
CA ALA D 551 29.73 13.27 -8.09
C ALA D 551 28.66 14.32 -8.31
N GLU D 552 27.92 14.22 -9.42
CA GLU D 552 26.81 15.14 -9.66
C GLU D 552 25.68 14.94 -8.67
N ALA D 553 25.34 13.69 -8.38
CA ALA D 553 24.26 13.42 -7.44
C ALA D 553 24.66 13.76 -6.02
N GLN D 554 25.94 13.60 -5.66
CA GLN D 554 26.40 14.05 -4.35
C GLN D 554 26.38 15.57 -4.24
N ALA D 555 26.70 16.28 -5.34
CA ALA D 555 26.63 17.73 -5.31
C ALA D 555 25.20 18.22 -5.20
N GLU D 556 24.28 17.56 -5.90
CA GLU D 556 22.86 17.89 -5.79
C GLU D 556 22.30 17.58 -4.42
N ALA D 557 22.79 16.53 -3.76
CA ALA D 557 22.33 16.29 -2.42
C ALA D 557 22.94 17.25 -1.41
N ARG D 558 24.17 17.71 -1.64
CA ARG D 558 24.82 18.60 -0.69
C ARG D 558 24.39 20.04 -0.82
N ILE D 559 23.95 20.48 -2.01
CA ILE D 559 23.67 21.88 -2.26
C ILE D 559 22.18 22.14 -2.45
N LEU D 560 21.50 21.30 -3.22
CA LEU D 560 20.11 21.56 -3.58
C LEU D 560 19.12 21.04 -2.55
N MET D 561 19.34 19.84 -2.01
CA MET D 561 18.32 19.16 -1.22
C MET D 561 18.74 18.93 0.22
N LEU D 562 19.67 19.72 0.74
CA LEU D 562 20.05 19.57 2.14
C LEU D 562 18.90 20.02 3.03
N SER D 563 18.87 19.49 4.23
CA SER D 563 17.77 19.77 5.15
C SER D 563 17.82 21.20 5.67
N SER D 564 19.00 21.77 5.82
CA SER D 564 19.12 23.12 6.36
C SER D 564 19.17 24.19 5.29
N ASN D 565 18.97 23.84 4.03
CA ASN D 565 18.78 24.83 2.98
C ASN D 565 17.32 25.08 2.66
N ASN D 566 16.44 24.18 3.10
CA ASN D 566 15.01 24.29 2.83
C ASN D 566 14.31 24.46 4.18
N ILE D 567 14.19 25.70 4.62
CA ILE D 567 13.46 26.02 5.84
C ILE D 567 12.03 26.42 5.53
N LEU D 568 11.83 27.27 4.53
CA LEU D 568 10.53 27.78 4.18
C LEU D 568 9.86 26.88 3.15
N SER D 569 8.58 27.10 2.96
CA SER D 569 7.81 26.30 2.02
C SER D 569 7.66 27.03 0.69
N PRO D 570 7.70 26.31 -0.44
CA PRO D 570 7.47 26.96 -1.72
C PRO D 570 6.02 27.30 -1.99
N ALA D 571 5.09 26.80 -1.18
CA ALA D 571 3.68 27.06 -1.41
C ALA D 571 3.27 28.43 -0.88
N SER D 572 3.66 28.75 0.35
CA SER D 572 3.23 29.99 0.97
C SER D 572 4.37 30.90 1.39
N GLY D 573 5.52 30.34 1.77
CA GLY D 573 6.61 31.13 2.26
C GLY D 573 6.76 31.13 3.77
N ARG D 574 5.84 30.50 4.49
CA ARG D 574 5.96 30.41 5.93
C ARG D 574 7.06 29.41 6.29
N PRO D 575 7.73 29.59 7.43
CA PRO D 575 8.79 28.65 7.80
C PRO D 575 8.21 27.31 8.24
N LEU D 576 8.70 26.26 7.60
CA LEU D 576 8.21 24.92 7.89
C LEU D 576 9.03 24.21 8.95
N ALA D 577 10.27 24.63 9.18
CA ALA D 577 11.08 24.12 10.28
C ALA D 577 11.01 25.00 11.50
N MET D 578 9.86 25.60 11.75
CA MET D 578 9.59 26.32 12.98
C MET D 578 9.35 25.30 14.11
N PRO D 579 9.65 25.69 15.36
CA PRO D 579 9.24 24.87 16.51
C PRO D 579 7.74 24.57 16.55
N ARG D 580 7.41 23.45 17.18
CA ARG D 580 6.04 22.95 17.29
C ARG D 580 5.91 22.24 18.64
N LEU D 581 4.95 21.33 18.74
CA LEU D 581 4.16 20.95 19.92
C LEU D 581 4.80 21.04 21.30
N ASP D 582 6.00 20.50 21.49
CA ASP D 582 6.64 20.62 22.79
C ASP D 582 7.48 21.88 22.90
N MET D 583 8.17 22.25 21.83
CA MET D 583 9.05 23.41 21.87
C MET D 583 8.25 24.70 22.05
N VAL D 584 7.02 24.74 21.53
CA VAL D 584 6.20 25.94 21.64
C VAL D 584 5.77 26.15 23.09
N THR D 585 5.33 25.09 23.76
CA THR D 585 4.94 25.26 25.15
C THR D 585 6.15 25.43 26.07
N GLY D 586 7.33 24.96 25.65
CA GLY D 586 8.52 25.24 26.43
C GLY D 586 8.92 26.70 26.38
N LEU D 587 8.91 27.28 25.18
CA LEU D 587 9.23 28.70 25.05
C LEU D 587 8.10 29.58 25.59
N TYR D 588 6.87 29.09 25.59
CA TYR D 588 5.77 29.85 26.16
C TYR D 588 5.85 29.87 27.68
N TYR D 589 6.26 28.76 28.30
CA TYR D 589 6.48 28.78 29.74
C TYR D 589 7.71 29.60 30.10
N LEU D 590 8.71 29.61 29.22
CA LEU D 590 9.89 30.44 29.46
C LEU D 590 9.54 31.91 29.45
N THR D 591 9.03 32.40 28.32
CA THR D 591 8.97 33.83 28.08
C THR D 591 7.68 34.47 28.54
N THR D 592 6.90 33.81 29.38
CA THR D 592 5.72 34.49 29.88
C THR D 592 6.08 35.26 31.14
N GLU D 593 5.17 36.14 31.57
CA GLU D 593 5.39 36.96 32.74
C GLU D 593 4.27 36.74 33.74
N VAL D 594 4.64 36.33 34.95
CA VAL D 594 3.69 36.05 36.02
C VAL D 594 3.71 37.22 36.99
N PRO D 595 2.60 37.92 37.19
CA PRO D 595 2.58 39.00 38.16
C PRO D 595 2.55 38.47 39.58
N GLY D 596 3.34 39.10 40.45
CA GLY D 596 3.40 38.70 41.84
C GLY D 596 4.24 37.47 42.10
N ASP D 597 5.22 37.20 41.26
CA ASP D 597 6.05 36.01 41.42
C ASP D 597 7.13 36.27 42.47
N THR D 598 8.11 35.37 42.53
CA THR D 598 9.13 35.46 43.56
C THR D 598 10.23 36.40 43.15
N GLY D 599 10.53 37.38 43.98
CA GLY D 599 11.62 38.30 43.69
C GLY D 599 11.29 39.29 42.60
N GLU D 600 10.10 39.88 42.63
CA GLU D 600 9.69 40.83 41.62
C GLU D 600 10.37 42.17 41.86
N TYR D 601 10.15 43.10 40.94
CA TYR D 601 10.60 44.48 41.14
C TYR D 601 9.65 45.17 42.10
N GLN D 602 10.10 45.39 43.32
CA GLN D 602 9.25 45.83 44.43
C GLN D 602 8.87 47.30 44.48
N PRO D 603 9.71 48.23 44.00
CA PRO D 603 10.17 49.37 44.81
C PRO D 603 9.18 50.00 45.77
N ALA D 604 9.56 50.00 47.04
CA ALA D 604 8.80 50.55 48.15
C ALA D 604 9.72 51.46 48.98
N SER D 605 10.41 52.34 48.27
CA SER D 605 11.44 53.19 48.84
C SER D 605 10.85 54.17 49.84
N GLY D 606 11.67 54.52 50.85
CA GLY D 606 11.23 55.33 51.96
C GLY D 606 11.79 54.77 53.25
N ASP D 607 11.97 53.45 53.27
CA ASP D 607 12.65 52.78 54.37
C ASP D 607 13.64 51.71 53.93
N HIS D 608 13.59 51.27 52.68
CA HIS D 608 14.52 50.28 52.15
C HIS D 608 14.55 50.44 50.63
N PRO D 609 15.66 50.08 49.96
CA PRO D 609 15.72 50.31 48.52
C PRO D 609 14.88 49.34 47.69
N GLU D 610 15.06 49.37 46.37
CA GLU D 610 14.08 48.78 45.46
C GLU D 610 14.11 47.25 45.50
N THR D 611 15.30 46.66 45.50
CA THR D 611 15.53 45.21 45.55
C THR D 611 14.82 44.46 44.43
N GLY D 612 15.04 44.91 43.20
CA GLY D 612 14.59 44.19 42.03
C GLY D 612 15.56 44.35 40.88
N VAL D 613 16.71 44.94 41.14
CA VAL D 613 17.69 45.22 40.11
C VAL D 613 18.77 44.16 40.14
N TYR D 614 19.46 44.00 39.02
CA TYR D 614 20.52 43.01 38.90
C TYR D 614 21.63 43.60 38.04
N SER D 615 22.87 43.28 38.40
CA SER D 615 24.01 43.88 37.71
C SER D 615 24.19 43.32 36.31
N SER D 616 23.72 42.09 36.08
CA SER D 616 23.94 41.37 34.84
C SER D 616 23.01 40.17 34.85
N PRO D 617 22.79 39.52 33.71
CA PRO D 617 22.08 38.23 33.74
C PRO D 617 22.81 37.13 34.48
N ALA D 618 24.13 37.24 34.66
CA ALA D 618 24.86 36.23 35.44
C ALA D 618 24.47 36.27 36.90
N GLU D 619 24.28 37.47 37.45
CA GLU D 619 23.81 37.58 38.82
C GLU D 619 22.38 37.08 38.96
N ALA D 620 21.55 37.28 37.94
CA ALA D 620 20.19 36.77 37.99
C ALA D 620 20.16 35.25 37.92
N ILE D 621 21.08 34.65 37.17
CA ILE D 621 21.16 33.19 37.13
C ILE D 621 21.65 32.63 38.46
N MET D 622 22.64 33.30 39.07
CA MET D 622 23.09 32.88 40.40
C MET D 622 22.01 33.06 41.46
N ALA D 623 21.13 34.06 41.29
CA ALA D 623 20.03 34.22 42.21
C ALA D 623 18.97 33.14 42.00
N ALA D 624 18.69 32.80 40.75
CA ALA D 624 17.69 31.77 40.47
C ALA D 624 18.20 30.39 40.79
N ASP D 625 19.52 30.20 40.96
CA ASP D 625 20.01 28.92 41.43
C ASP D 625 19.78 28.74 42.93
N ARG D 626 19.68 29.84 43.67
CA ARG D 626 19.07 29.81 44.97
C ARG D 626 17.55 29.88 44.81
N GLY D 627 16.83 30.00 45.91
CA GLY D 627 15.38 30.01 45.79
C GLY D 627 14.79 31.40 45.68
N VAL D 628 15.60 32.39 45.34
CA VAL D 628 15.19 33.78 45.49
C VAL D 628 14.43 34.28 44.27
N LEU D 629 14.79 33.83 43.08
CA LEU D 629 14.21 34.34 41.84
C LEU D 629 13.47 33.23 41.10
N SER D 630 12.35 33.60 40.50
CA SER D 630 11.68 32.75 39.52
C SER D 630 12.03 33.24 38.13
N VAL D 631 11.92 32.33 37.17
CA VAL D 631 12.31 32.67 35.80
C VAL D 631 11.27 33.58 35.17
N ARG D 632 10.02 33.48 35.59
CA ARG D 632 8.92 34.24 35.01
C ARG D 632 8.53 35.42 35.90
N ALA D 633 9.51 36.04 36.56
CA ALA D 633 9.27 37.17 37.43
C ALA D 633 9.86 38.43 36.82
N LYS D 634 9.12 39.53 36.91
CA LYS D 634 9.54 40.77 36.29
C LYS D 634 10.66 41.42 37.09
N ILE D 635 11.81 41.63 36.44
CA ILE D 635 12.97 42.25 37.10
C ILE D 635 13.51 43.36 36.23
N LYS D 636 14.64 43.95 36.64
CA LYS D 636 15.32 45.01 35.89
C LYS D 636 16.79 44.67 35.78
N VAL D 637 17.17 43.90 34.76
CA VAL D 637 18.55 43.54 34.54
C VAL D 637 19.26 44.67 33.82
N ARG D 638 20.58 44.57 33.72
CA ARG D 638 21.39 45.53 32.98
C ARG D 638 22.18 44.77 31.94
N LEU D 639 21.70 44.78 30.70
CA LEU D 639 22.25 43.95 29.64
C LEU D 639 23.37 44.69 28.92
N THR D 640 24.50 44.02 28.74
CA THR D 640 25.64 44.61 28.07
C THR D 640 26.02 43.87 26.80
N GLN D 641 25.17 42.97 26.31
CA GLN D 641 25.53 42.18 25.15
C GLN D 641 24.34 41.94 24.24
N LEU D 642 23.17 42.51 24.53
CA LEU D 642 21.98 42.31 23.72
C LEU D 642 21.52 43.64 23.17
N ARG D 643 21.15 43.66 21.91
CA ARG D 643 20.82 44.92 21.27
C ARG D 643 19.43 45.37 21.68
N PRO D 644 19.26 46.62 22.12
CA PRO D 644 17.96 47.07 22.59
C PRO D 644 17.02 47.31 21.44
N PRO D 645 15.72 47.44 21.69
CA PRO D 645 14.79 47.76 20.60
C PRO D 645 15.03 49.15 20.06
N VAL D 646 14.35 49.43 18.93
CA VAL D 646 14.62 50.67 18.21
C VAL D 646 14.14 51.88 19.00
N GLU D 647 13.06 51.72 19.76
CA GLU D 647 12.52 52.83 20.55
C GLU D 647 13.46 53.20 21.70
N ILE D 648 14.16 52.24 22.26
CA ILE D 648 15.06 52.52 23.38
C ILE D 648 16.45 52.89 22.89
N GLU D 649 16.95 52.23 21.85
CA GLU D 649 18.25 52.58 21.31
C GLU D 649 18.24 53.93 20.62
N ALA D 650 17.07 54.37 20.12
CA ALA D 650 16.98 55.67 19.47
C ALA D 650 17.16 56.80 20.47
N GLU D 651 16.56 56.67 21.65
CA GLU D 651 16.72 57.70 22.68
C GLU D 651 17.97 57.51 23.51
N LEU D 652 18.60 56.34 23.48
CA LEU D 652 19.81 56.18 24.27
C LEU D 652 21.07 56.54 23.49
N PHE D 653 21.21 56.06 22.26
CA PHE D 653 22.40 56.37 21.47
C PHE D 653 22.07 57.08 20.17
N GLY D 654 21.11 56.58 19.41
CA GLY D 654 20.64 57.28 18.23
C GLY D 654 21.53 57.20 17.01
N HIS D 655 22.69 57.87 17.07
CA HIS D 655 23.54 57.99 15.88
C HIS D 655 24.26 56.67 15.59
N SER D 656 24.68 55.95 16.63
CA SER D 656 25.27 54.63 16.46
C SER D 656 24.91 53.82 17.70
N GLY D 657 23.81 53.08 17.61
CA GLY D 657 23.32 52.37 18.76
C GLY D 657 23.82 50.94 18.85
N TRP D 658 25.13 50.75 18.66
CA TRP D 658 25.65 49.41 18.60
C TRP D 658 25.73 48.82 20.00
N GLN D 659 25.48 47.51 20.09
CA GLN D 659 25.59 46.79 21.36
C GLN D 659 26.48 45.56 21.23
N PRO D 660 27.82 45.74 21.16
CA PRO D 660 28.69 44.66 21.63
C PRO D 660 29.06 44.80 23.10
N GLY D 661 29.10 46.04 23.62
CA GLY D 661 29.56 46.24 24.97
C GLY D 661 28.96 47.38 25.76
N ASP D 662 27.94 48.05 25.23
CA ASP D 662 27.39 49.23 25.87
C ASP D 662 26.14 48.87 26.66
N ALA D 663 26.01 49.45 27.86
CA ALA D 663 25.03 49.00 28.83
C ALA D 663 23.73 49.78 28.73
N TRP D 664 22.63 49.08 29.01
CA TRP D 664 21.29 49.66 29.02
C TRP D 664 20.45 48.80 29.96
N MET D 665 19.55 49.43 30.71
CA MET D 665 18.73 48.69 31.67
C MET D 665 17.40 48.30 31.04
N ALA D 666 16.97 47.08 31.32
CA ALA D 666 15.79 46.51 30.69
C ALA D 666 14.88 45.94 31.75
N GLU D 667 13.62 46.35 31.75
CA GLU D 667 12.64 45.81 32.69
C GLU D 667 11.89 44.69 31.99
N THR D 668 12.33 43.47 32.25
CA THR D 668 11.84 42.27 31.59
C THR D 668 11.71 41.18 32.63
N THR D 669 11.57 39.94 32.18
CA THR D 669 11.78 38.78 33.02
C THR D 669 13.20 38.28 32.84
N LEU D 670 13.57 37.26 33.61
CA LEU D 670 14.82 36.58 33.31
C LEU D 670 14.66 35.69 32.10
N GLY D 671 13.47 35.12 31.92
CA GLY D 671 13.26 34.17 30.85
C GLY D 671 13.34 34.77 29.47
N ARG D 672 12.98 36.04 29.32
CA ARG D 672 13.11 36.67 28.02
C ARG D 672 14.56 36.99 27.69
N VAL D 673 15.40 37.20 28.71
CA VAL D 673 16.82 37.34 28.48
C VAL D 673 17.43 36.02 28.03
N MET D 674 17.03 34.92 28.67
CA MET D 674 17.53 33.61 28.28
C MET D 674 16.94 33.14 26.96
N PHE D 675 15.85 33.76 26.51
CA PHE D 675 15.38 33.51 25.15
C PHE D 675 16.19 34.33 24.14
N ASN D 676 16.37 35.62 24.42
CA ASN D 676 17.05 36.50 23.48
C ASN D 676 18.54 36.23 23.37
N GLU D 677 19.12 35.49 24.31
CA GLU D 677 20.49 35.05 24.11
C GLU D 677 20.61 33.97 23.03
N LEU D 678 19.51 33.32 22.67
CA LEU D 678 19.52 32.31 21.62
C LEU D 678 19.51 32.96 20.24
N LEU D 679 18.78 34.06 20.11
CA LEU D 679 18.67 34.80 18.87
C LEU D 679 20.02 35.48 18.56
N PRO D 680 20.30 35.84 17.26
CA PRO D 680 21.62 36.36 16.89
C PRO D 680 22.04 37.66 17.58
N LEU D 681 23.29 38.07 17.36
CA LEU D 681 23.87 39.15 18.12
C LEU D 681 23.32 40.51 17.71
N GLY D 682 23.14 40.73 16.42
CA GLY D 682 22.62 42.00 15.97
C GLY D 682 21.11 42.14 16.06
N TYR D 683 20.42 41.11 16.49
CA TYR D 683 18.97 41.13 16.50
C TYR D 683 18.47 41.93 17.69
N PRO D 684 17.47 42.80 17.52
CA PRO D 684 16.97 43.59 18.64
C PRO D 684 16.26 42.74 19.68
N PHE D 685 16.24 43.25 20.90
CA PHE D 685 15.56 42.58 22.00
C PHE D 685 14.05 42.60 21.75
N VAL D 686 13.39 41.49 22.08
CA VAL D 686 12.00 41.32 21.68
C VAL D 686 11.05 41.74 22.77
N ASN D 687 11.10 41.06 23.92
CA ASN D 687 10.25 41.31 25.10
C ASN D 687 8.77 41.16 24.76
N LYS D 688 8.39 39.94 24.41
CA LYS D 688 7.01 39.57 24.18
C LYS D 688 6.81 38.14 24.65
N GLN D 689 5.56 37.78 24.90
CA GLN D 689 5.23 36.40 25.25
C GLN D 689 5.18 35.57 23.97
N MET D 690 5.97 34.52 23.91
CA MET D 690 6.15 33.77 22.66
C MET D 690 4.96 32.87 22.41
N HIS D 691 4.08 33.30 21.52
CA HIS D 691 3.01 32.47 20.97
C HIS D 691 3.63 31.60 19.87
N LYS D 692 2.80 31.02 19.00
CA LYS D 692 3.38 30.45 17.80
C LYS D 692 3.46 31.48 16.68
N LYS D 693 2.55 32.45 16.64
CA LYS D 693 2.58 33.48 15.62
C LYS D 693 3.77 34.42 15.82
N VAL D 694 4.15 34.67 17.07
CA VAL D 694 5.32 35.50 17.35
C VAL D 694 6.59 34.80 16.88
N GLN D 695 6.69 33.49 17.12
CA GLN D 695 7.86 32.75 16.65
C GLN D 695 7.89 32.62 15.14
N ALA D 696 6.73 32.51 14.50
CA ALA D 696 6.67 32.52 13.05
C ALA D 696 7.16 33.86 12.49
N ALA D 697 6.81 34.95 13.16
CA ALA D 697 7.30 36.26 12.74
C ALA D 697 8.80 36.39 12.94
N ILE D 698 9.32 35.85 14.03
CA ILE D 698 10.74 35.95 14.33
C ILE D 698 11.56 35.15 13.33
N ILE D 699 11.15 33.92 13.02
CA ILE D 699 11.87 33.10 12.06
C ILE D 699 11.69 33.64 10.64
N ASN D 700 10.55 34.27 10.34
CA ASN D 700 10.37 34.89 9.03
C ASN D 700 11.28 36.09 8.85
N ASP D 701 11.46 36.89 9.90
CA ASP D 701 12.37 38.03 9.80
C ASP D 701 13.81 37.58 9.71
N LEU D 702 14.16 36.49 10.41
CA LEU D 702 15.51 35.94 10.30
C LEU D 702 15.76 35.38 8.91
N ALA D 703 14.72 34.81 8.28
CA ALA D 703 14.90 34.29 6.93
C ALA D 703 14.97 35.40 5.90
N GLU D 704 14.32 36.53 6.17
CA GLU D 704 14.41 37.65 5.24
C GLU D 704 15.76 38.34 5.33
N ARG D 705 16.22 38.65 6.53
CA ARG D 705 17.35 39.57 6.67
C ARG D 705 18.69 38.89 6.88
N TYR D 706 18.74 37.75 7.53
CA TYR D 706 19.98 37.10 7.90
C TYR D 706 20.29 35.95 6.94
N PRO D 707 21.56 35.56 6.80
CA PRO D 707 21.90 34.50 5.85
C PRO D 707 21.38 33.14 6.27
N MET D 708 21.48 32.19 5.34
CA MET D 708 20.81 30.90 5.49
C MET D 708 21.46 30.00 6.52
N ILE D 709 22.73 30.23 6.86
CA ILE D 709 23.35 29.38 7.87
C ILE D 709 23.11 29.90 9.27
N VAL D 710 22.61 31.12 9.41
CA VAL D 710 22.30 31.65 10.74
C VAL D 710 20.94 31.15 11.21
N VAL D 711 19.98 31.04 10.28
CA VAL D 711 18.63 30.63 10.62
C VAL D 711 18.61 29.19 11.10
N ALA D 712 19.44 28.33 10.52
CA ALA D 712 19.43 26.92 10.90
C ALA D 712 19.99 26.71 12.30
N GLN D 713 21.08 27.41 12.63
CA GLN D 713 21.64 27.32 13.97
C GLN D 713 20.71 27.95 15.00
N THR D 714 20.00 29.02 14.62
CA THR D 714 19.05 29.63 15.54
C THR D 714 17.88 28.71 15.82
N VAL D 715 17.37 28.04 14.79
CA VAL D 715 16.27 27.09 14.95
C VAL D 715 16.70 25.89 15.80
N ASP D 716 17.95 25.46 15.68
CA ASP D 716 18.46 24.39 16.53
C ASP D 716 18.55 24.81 17.99
N LYS D 717 19.05 26.02 18.26
CA LYS D 717 19.11 26.51 19.64
C LYS D 717 17.73 26.67 20.24
N LEU D 718 16.76 27.10 19.42
CA LEU D 718 15.39 27.24 19.90
C LEU D 718 14.79 25.88 20.22
N LYS D 719 15.10 24.84 19.45
CA LYS D 719 14.54 23.53 19.81
C LYS D 719 15.19 22.97 21.07
N ASP D 720 16.47 23.28 21.31
CA ASP D 720 17.12 22.79 22.53
C ASP D 720 16.52 23.44 23.78
N ALA D 721 16.40 24.78 23.76
CA ALA D 721 15.80 25.47 24.90
C ALA D 721 14.32 25.13 25.05
N GLY D 722 13.64 24.84 23.93
CA GLY D 722 12.23 24.48 24.01
C GLY D 722 12.00 23.15 24.68
N PHE D 723 12.83 22.15 24.36
CA PHE D 723 12.67 20.86 25.03
C PHE D 723 13.06 20.95 26.49
N TYR D 724 14.14 21.69 26.81
CA TYR D 724 14.57 21.81 28.20
C TYR D 724 13.55 22.56 29.05
N TRP D 725 12.79 23.49 28.48
CA TRP D 725 11.79 24.14 29.33
C TRP D 725 10.43 23.49 29.25
N ALA D 726 10.13 22.74 28.20
CA ALA D 726 8.92 21.95 28.20
C ALA D 726 8.98 20.82 29.22
N THR D 727 10.18 20.31 29.51
CA THR D 727 10.23 19.27 30.53
C THR D 727 10.15 19.82 31.95
N ARG D 728 10.37 21.12 32.14
CA ARG D 728 10.22 21.76 33.44
C ARG D 728 8.91 22.51 33.59
N SER D 729 8.13 22.63 32.51
CA SER D 729 6.95 23.47 32.51
C SER D 729 5.84 22.98 33.43
N GLY D 730 5.82 21.70 33.76
CA GLY D 730 4.79 21.16 34.62
C GLY D 730 3.43 21.08 33.94
N VAL D 731 3.38 20.47 32.76
CA VAL D 731 2.16 20.31 32.00
C VAL D 731 1.81 18.84 32.02
N THR D 732 0.95 18.43 32.96
CA THR D 732 0.45 17.07 33.07
C THR D 732 -1.06 17.08 32.99
N VAL D 733 -1.62 15.94 32.60
CA VAL D 733 -3.07 15.78 32.51
C VAL D 733 -3.51 14.80 33.58
N SER D 734 -4.39 15.24 34.45
CA SER D 734 -5.07 14.38 35.40
C SER D 734 -6.56 14.68 35.30
N MET D 735 -7.37 13.84 35.93
CA MET D 735 -8.81 14.10 35.89
C MET D 735 -9.20 15.23 36.84
N ALA D 736 -8.33 15.58 37.78
CA ALA D 736 -8.56 16.74 38.63
C ALA D 736 -8.27 18.05 37.93
N ASP D 737 -7.61 18.01 36.77
CA ASP D 737 -7.39 19.21 35.98
C ASP D 737 -8.53 19.49 35.01
N VAL D 738 -9.36 18.49 34.73
CA VAL D 738 -10.49 18.66 33.81
C VAL D 738 -11.63 19.23 34.64
N LEU D 739 -11.66 20.55 34.75
CA LEU D 739 -12.68 21.21 35.55
C LEU D 739 -13.99 21.29 34.76
N VAL D 740 -15.07 20.82 35.35
CA VAL D 740 -16.40 20.94 34.75
C VAL D 740 -16.95 22.31 35.11
N PRO D 741 -17.80 22.90 34.28
CA PRO D 741 -18.44 24.17 34.65
C PRO D 741 -19.44 23.97 35.76
N PRO D 742 -19.45 24.85 36.77
CA PRO D 742 -20.28 24.62 37.95
C PRO D 742 -21.75 24.93 37.75
N ARG D 743 -22.15 25.44 36.60
CA ARG D 743 -23.54 25.73 36.30
C ARG D 743 -23.93 25.17 34.94
N LYS D 744 -23.48 23.96 34.64
CA LYS D 744 -23.93 23.28 33.43
C LYS D 744 -25.38 22.83 33.55
N LYS D 745 -25.78 22.43 34.76
CA LYS D 745 -27.08 21.81 34.96
C LYS D 745 -28.22 22.79 34.75
N GLU D 746 -28.07 24.03 35.24
CA GLU D 746 -29.14 25.01 35.07
C GLU D 746 -29.24 25.51 33.64
N ILE D 747 -28.11 25.58 32.93
CA ILE D 747 -28.13 25.93 31.50
C ILE D 747 -28.87 24.87 30.71
N LEU D 748 -28.54 23.60 30.96
CA LEU D 748 -29.23 22.52 30.26
C LEU D 748 -30.70 22.42 30.65
N ASP D 749 -31.05 22.77 31.89
CA ASP D 749 -32.46 22.78 32.29
C ASP D 749 -33.24 23.88 31.58
N HIS D 750 -32.64 25.07 31.45
CA HIS D 750 -33.34 26.17 30.78
C HIS D 750 -33.55 25.89 29.30
N TYR D 751 -32.51 25.39 28.63
CA TYR D 751 -32.69 25.06 27.22
C TYR D 751 -33.54 23.82 27.02
N GLU D 752 -33.60 22.92 28.01
CA GLU D 752 -34.53 21.81 27.94
C GLU D 752 -35.96 22.27 28.10
N GLU D 753 -36.20 23.32 28.89
CA GLU D 753 -37.54 23.89 28.99
C GLU D 753 -37.97 24.54 27.69
N ARG D 754 -37.07 25.25 27.03
CA ARG D 754 -37.38 25.82 25.71
C ARG D 754 -37.65 24.73 24.68
N ALA D 755 -36.85 23.66 24.71
CA ALA D 755 -37.10 22.53 23.82
C ALA D 755 -38.41 21.81 24.14
N ASP D 756 -38.80 21.79 25.42
CA ASP D 756 -40.05 21.16 25.81
C ASP D 756 -41.24 21.98 25.31
N LYS D 757 -41.12 23.31 25.32
CA LYS D 757 -42.19 24.13 24.74
C LYS D 757 -42.28 23.94 23.23
N VAL D 758 -41.14 23.79 22.55
CA VAL D 758 -41.17 23.53 21.11
C VAL D 758 -41.80 22.17 20.81
N GLU D 759 -41.45 21.15 21.59
CA GLU D 759 -42.03 19.82 21.41
C GLU D 759 -43.52 19.80 21.74
N LYS D 760 -43.94 20.61 22.71
CA LYS D 760 -45.36 20.71 23.03
C LYS D 760 -46.14 21.39 21.90
N GLN D 761 -45.54 22.41 21.29
CA GLN D 761 -46.17 23.03 20.12
C GLN D 761 -46.21 22.09 18.92
N PHE D 762 -45.25 21.18 18.81
CA PHE D 762 -45.28 20.21 17.72
C PHE D 762 -46.33 19.14 17.96
N GLN D 763 -46.43 18.66 19.21
CA GLN D 763 -47.39 17.62 19.54
C GLN D 763 -48.81 18.16 19.55
N ARG D 764 -48.98 19.45 19.84
CA ARG D 764 -50.30 20.07 19.76
C ARG D 764 -50.77 20.16 18.30
N GLY D 765 -49.87 20.53 17.40
CA GLY D 765 -50.18 20.57 15.99
C GLY D 765 -49.86 21.90 15.34
N ALA D 766 -49.12 22.75 16.05
CA ALA D 766 -48.85 24.11 15.55
C ALA D 766 -47.86 24.10 14.40
N LEU D 767 -46.71 23.44 14.58
CA LEU D 767 -45.66 23.42 13.57
C LEU D 767 -45.33 21.98 13.22
N ASN D 768 -44.88 21.79 11.98
CA ASN D 768 -44.74 20.47 11.40
C ASN D 768 -43.40 19.84 11.77
N HIS D 769 -43.04 18.78 11.04
CA HIS D 769 -41.90 17.92 11.39
C HIS D 769 -40.58 18.66 11.20
N ASP D 770 -40.32 19.18 10.01
CA ASP D 770 -39.05 19.81 9.71
C ASP D 770 -38.87 21.13 10.47
N GLU D 771 -39.98 21.83 10.75
CA GLU D 771 -39.90 23.08 11.50
C GLU D 771 -39.49 22.82 12.96
N ARG D 772 -40.04 21.78 13.58
CA ARG D 772 -39.63 21.48 14.95
C ARG D 772 -38.23 20.88 14.97
N ASN D 773 -37.81 20.20 13.89
CA ASN D 773 -36.42 19.78 13.77
C ASN D 773 -35.47 20.97 13.77
N GLU D 774 -35.79 21.99 12.97
CA GLU D 774 -34.96 23.19 12.93
C GLU D 774 -34.99 23.97 14.23
N ALA D 775 -36.13 23.98 14.92
CA ALA D 775 -36.21 24.70 16.19
C ALA D 775 -35.39 24.01 17.28
N LEU D 776 -35.42 22.68 17.31
CA LEU D 776 -34.57 21.95 18.25
C LEU D 776 -33.09 22.14 17.94
N VAL D 777 -32.74 22.18 16.65
CA VAL D 777 -31.35 22.40 16.25
C VAL D 777 -30.88 23.78 16.72
N GLU D 778 -31.73 24.80 16.60
CA GLU D 778 -31.35 26.15 17.03
C GLU D 778 -31.22 26.24 18.55
N ILE D 779 -32.14 25.61 19.29
CA ILE D 779 -32.09 25.65 20.75
C ILE D 779 -30.84 24.97 21.27
N TRP D 780 -30.50 23.79 20.75
CA TRP D 780 -29.34 23.11 21.28
C TRP D 780 -28.02 23.68 20.78
N LYS D 781 -28.02 24.38 19.63
CA LYS D 781 -26.83 25.14 19.25
C LYS D 781 -26.58 26.30 20.20
N GLU D 782 -27.64 27.00 20.62
CA GLU D 782 -27.46 28.07 21.60
C GLU D 782 -27.02 27.52 22.94
N ALA D 783 -27.54 26.35 23.34
CA ALA D 783 -27.12 25.73 24.59
C ALA D 783 -25.66 25.33 24.56
N THR D 784 -25.20 24.81 23.42
CA THR D 784 -23.80 24.43 23.23
C THR D 784 -22.88 25.64 23.36
N ASP D 785 -23.22 26.73 22.68
CA ASP D 785 -22.36 27.91 22.74
C ASP D 785 -22.38 28.57 24.11
N GLU D 786 -23.50 28.49 24.83
CA GLU D 786 -23.55 29.09 26.16
C GLU D 786 -22.74 28.28 27.17
N VAL D 787 -22.78 26.94 27.07
CA VAL D 787 -21.94 26.15 27.97
C VAL D 787 -20.46 26.27 27.57
N GLY D 788 -20.19 26.57 26.29
CA GLY D 788 -18.82 26.86 25.90
C GLY D 788 -18.30 28.15 26.51
N GLN D 789 -19.15 29.18 26.57
CA GLN D 789 -18.74 30.43 27.21
C GLN D 789 -18.54 30.27 28.71
N ALA D 790 -19.41 29.48 29.36
CA ALA D 790 -19.28 29.25 30.79
C ALA D 790 -18.00 28.48 31.11
N LEU D 791 -17.68 27.48 30.29
CA LEU D 791 -16.44 26.72 30.48
C LEU D 791 -15.21 27.59 30.22
N ARG D 792 -15.28 28.46 29.21
CA ARG D 792 -14.16 29.36 28.91
C ARG D 792 -13.90 30.34 30.05
N GLU D 793 -14.97 30.89 30.63
CA GLU D 793 -14.76 31.84 31.72
C GLU D 793 -14.48 31.18 33.06
N HIS D 794 -14.71 29.87 33.20
CA HIS D 794 -14.43 29.23 34.49
C HIS D 794 -12.95 28.88 34.65
N TYR D 795 -12.29 28.50 33.56
CA TYR D 795 -10.94 27.94 33.65
C TYR D 795 -9.92 28.99 34.09
N PRO D 796 -8.99 28.62 34.97
CA PRO D 796 -7.84 29.50 35.23
C PRO D 796 -6.96 29.60 34.00
N ASP D 797 -6.14 30.64 33.97
CA ASP D 797 -5.32 30.89 32.80
C ASP D 797 -4.05 30.07 32.76
N ASP D 798 -3.71 29.36 33.84
CA ASP D 798 -2.52 28.53 33.89
C ASP D 798 -2.85 27.06 34.05
N ASN D 799 -4.00 26.65 33.55
CA ASN D 799 -4.37 25.25 33.57
C ASN D 799 -3.57 24.48 32.53
N PRO D 800 -3.18 23.24 32.81
CA PRO D 800 -2.41 22.49 31.82
C PRO D 800 -3.19 22.10 30.58
N ILE D 801 -4.51 22.02 30.67
CA ILE D 801 -5.28 21.72 29.46
C ILE D 801 -5.46 22.96 28.61
N ILE D 802 -5.55 24.13 29.22
CA ILE D 802 -5.79 25.37 28.48
C ILE D 802 -4.51 26.07 28.07
N THR D 803 -3.37 25.70 28.65
CA THR D 803 -2.10 26.29 28.21
C THR D 803 -1.66 25.70 26.87
N ILE D 804 -1.97 24.41 26.62
CA ILE D 804 -1.60 23.79 25.37
C ILE D 804 -2.41 24.38 24.21
N VAL D 805 -3.65 24.77 24.46
CA VAL D 805 -4.45 25.38 23.42
C VAL D 805 -4.04 26.83 23.19
N ASP D 806 -3.86 27.58 24.27
CA ASP D 806 -3.66 29.03 24.16
C ASP D 806 -2.27 29.39 23.64
N SER D 807 -1.27 28.54 23.87
CA SER D 807 0.05 28.82 23.33
C SER D 807 0.18 28.46 21.86
N GLY D 808 -0.87 27.93 21.24
CA GLY D 808 -0.79 27.52 19.86
C GLY D 808 0.05 26.30 19.64
N ALA D 809 0.26 25.49 20.68
CA ALA D 809 1.07 24.29 20.55
C ALA D 809 0.35 23.26 19.71
N THR D 810 -0.82 22.81 20.16
CA THR D 810 -1.61 21.88 19.38
C THR D 810 -3.08 22.07 19.77
N GLY D 811 -3.96 21.51 18.94
CA GLY D 811 -5.37 21.48 19.26
C GLY D 811 -6.03 22.83 19.16
N ASN D 812 -7.33 22.83 19.46
CA ASN D 812 -8.15 24.03 19.44
C ASN D 812 -9.08 23.96 20.64
N PHE D 813 -10.01 24.91 20.73
CA PHE D 813 -10.82 24.98 21.93
C PHE D 813 -12.00 24.02 21.91
N THR D 814 -12.54 23.71 20.72
CA THR D 814 -13.78 22.95 20.62
C THR D 814 -13.63 21.55 21.19
N GLN D 815 -12.46 20.94 20.99
CA GLN D 815 -12.17 19.64 21.58
C GLN D 815 -12.18 19.70 23.10
N THR D 816 -11.64 20.78 23.67
CA THR D 816 -11.73 20.99 25.11
C THR D 816 -13.18 21.16 25.54
N ARG D 817 -14.00 21.78 24.70
CA ARG D 817 -15.42 21.89 25.00
C ARG D 817 -16.10 20.54 24.92
N THR D 818 -15.56 19.61 24.14
CA THR D 818 -16.09 18.25 24.18
C THR D 818 -15.48 17.43 25.30
N LEU D 819 -14.40 17.89 25.93
CA LEU D 819 -13.82 17.14 27.04
C LEU D 819 -14.60 17.41 28.31
N ALA D 820 -14.60 18.65 28.77
CA ALA D 820 -15.42 19.08 29.88
C ALA D 820 -16.53 19.95 29.34
N GLY D 821 -17.78 19.56 29.59
CA GLY D 821 -18.87 20.32 29.04
C GLY D 821 -19.88 19.49 28.28
N MET D 822 -19.97 19.71 26.97
CA MET D 822 -21.07 19.17 26.20
C MET D 822 -20.59 18.75 24.83
N LYS D 823 -20.96 17.54 24.42
CA LYS D 823 -20.58 17.08 23.08
C LYS D 823 -21.34 17.83 22.01
N GLY D 824 -22.62 18.10 22.23
CA GLY D 824 -23.41 18.84 21.27
C GLY D 824 -24.22 17.95 20.36
N LEU D 825 -24.48 18.42 19.14
CA LEU D 825 -25.26 17.66 18.17
C LEU D 825 -24.38 16.73 17.38
N VAL D 826 -24.93 15.57 17.01
CA VAL D 826 -24.20 14.53 16.31
C VAL D 826 -24.88 14.29 14.97
N THR D 827 -24.09 14.22 13.91
CA THR D 827 -24.62 14.07 12.56
C THR D 827 -25.21 12.68 12.34
N ASN D 828 -25.95 12.55 11.25
CA ASN D 828 -26.60 11.33 10.83
C ASN D 828 -25.68 10.60 9.85
N PRO D 829 -26.01 9.35 9.48
CA PRO D 829 -25.38 8.80 8.27
C PRO D 829 -25.79 9.52 7.01
N LYS D 830 -27.00 10.09 7.00
CA LYS D 830 -27.47 10.87 5.86
C LYS D 830 -26.72 12.19 5.75
N GLY D 831 -26.33 12.77 6.88
CA GLY D 831 -25.72 14.07 6.93
C GLY D 831 -26.51 15.11 7.70
N GLU D 832 -27.75 14.79 8.08
CA GLU D 832 -28.56 15.70 8.85
C GLU D 832 -28.14 15.68 10.32
N PHE D 833 -28.80 16.50 11.13
CA PHE D 833 -28.50 16.57 12.54
C PHE D 833 -29.52 15.78 13.35
N ILE D 834 -29.02 15.04 14.33
CA ILE D 834 -29.87 14.33 15.30
C ILE D 834 -30.40 15.36 16.28
N PRO D 835 -31.71 15.50 16.44
CA PRO D 835 -32.24 16.56 17.29
C PRO D 835 -32.29 16.23 18.78
N ARG D 836 -31.49 15.25 19.24
CA ARG D 836 -31.67 14.75 20.61
C ARG D 836 -31.17 15.74 21.66
N PRO D 837 -29.86 16.12 21.72
CA PRO D 837 -28.51 15.75 21.29
C PRO D 837 -27.74 15.14 22.46
N VAL D 838 -26.44 14.94 22.29
CA VAL D 838 -25.61 14.34 23.33
C VAL D 838 -25.28 15.41 24.37
N LYS D 839 -25.84 15.28 25.57
CA LYS D 839 -25.63 16.25 26.63
C LYS D 839 -24.53 15.86 27.61
N SER D 840 -23.89 14.71 27.42
CA SER D 840 -22.80 14.34 28.30
C SER D 840 -21.47 14.75 27.70
N SER D 841 -20.43 14.64 28.51
CA SER D 841 -19.07 14.96 28.10
C SER D 841 -18.20 13.73 28.22
N PHE D 842 -16.99 13.82 27.67
CA PHE D 842 -16.07 12.69 27.73
C PHE D 842 -15.33 12.61 29.05
N ARG D 843 -15.55 13.53 29.97
CA ARG D 843 -15.02 13.39 31.32
C ARG D 843 -16.06 12.77 32.25
N GLU D 844 -17.31 13.20 32.14
CA GLU D 844 -18.40 12.54 32.86
C GLU D 844 -18.71 11.17 32.29
N GLY D 845 -18.32 10.91 31.05
CA GLY D 845 -18.63 9.65 30.41
C GLY D 845 -19.98 9.67 29.75
N LEU D 846 -20.09 9.07 28.57
CA LEU D 846 -21.35 9.03 27.88
C LEU D 846 -22.17 7.81 28.28
N THR D 847 -23.47 7.84 27.99
CA THR D 847 -24.34 6.71 28.23
C THR D 847 -24.25 5.75 27.05
N VAL D 848 -25.13 4.76 27.01
CA VAL D 848 -25.08 3.76 25.94
C VAL D 848 -25.60 4.36 24.63
N LEU D 849 -26.73 5.05 24.71
CA LEU D 849 -27.38 5.54 23.50
C LEU D 849 -26.63 6.69 22.88
N GLU D 850 -26.05 7.57 23.70
CA GLU D 850 -25.29 8.69 23.18
C GLU D 850 -24.01 8.23 22.50
N TYR D 851 -23.39 7.17 23.02
CA TYR D 851 -22.22 6.60 22.38
C TYR D 851 -22.59 5.93 21.06
N PHE D 852 -23.71 5.21 21.04
CA PHE D 852 -24.14 4.57 19.80
C PHE D 852 -24.55 5.59 18.74
N ILE D 853 -25.08 6.75 19.15
CA ILE D 853 -25.36 7.83 18.21
C ILE D 853 -24.06 8.43 17.68
N ASN D 854 -23.07 8.62 18.57
CA ASN D 854 -21.81 9.26 18.20
C ASN D 854 -21.00 8.43 17.19
N THR D 855 -21.16 7.10 17.23
CA THR D 855 -20.44 6.23 16.30
C THR D 855 -20.77 6.48 14.83
N HIS D 856 -21.95 7.02 14.55
CA HIS D 856 -22.37 7.33 13.16
C HIS D 856 -21.40 8.29 12.50
N GLY D 857 -21.28 9.49 13.06
CA GLY D 857 -20.36 10.47 12.52
C GLY D 857 -18.92 10.06 12.68
N ALA D 858 -18.59 9.33 13.75
CA ALA D 858 -17.19 8.96 13.95
C ALA D 858 -16.72 7.91 12.94
N ARG D 859 -17.62 7.12 12.36
CA ARG D 859 -17.20 6.24 11.28
C ARG D 859 -17.32 6.88 9.91
N LYS D 860 -18.32 7.76 9.73
CA LYS D 860 -18.46 8.46 8.45
C LYS D 860 -17.28 9.36 8.17
N GLY D 861 -16.70 9.97 9.22
CA GLY D 861 -15.51 10.79 9.02
C GLY D 861 -14.30 10.00 8.58
N LEU D 862 -14.15 8.78 9.09
CA LEU D 862 -13.02 7.94 8.72
C LEU D 862 -13.14 7.44 7.28
N ALA D 863 -14.36 7.03 6.89
CA ALA D 863 -14.59 6.61 5.51
C ALA D 863 -14.39 7.76 4.53
N ASP D 864 -14.85 8.97 4.90
CA ASP D 864 -14.64 10.13 4.06
C ASP D 864 -13.17 10.51 3.96
N THR D 865 -12.40 10.32 5.03
CA THR D 865 -10.96 10.59 4.98
C THR D 865 -10.25 9.66 4.01
N ALA D 866 -10.61 8.38 4.04
CA ALA D 866 -10.01 7.43 3.09
C ALA D 866 -10.36 7.78 1.64
N LEU D 867 -11.65 8.06 1.37
CA LEU D 867 -12.05 8.38 0.00
C LEU D 867 -11.50 9.73 -0.47
N ARG D 868 -11.31 10.68 0.45
CA ARG D 868 -10.80 12.00 0.09
C ARG D 868 -9.32 11.94 -0.24
N THR D 869 -8.53 11.18 0.53
CA THR D 869 -7.14 11.03 0.15
C THR D 869 -6.97 10.12 -1.06
N ALA D 870 -7.99 9.34 -1.41
CA ALA D 870 -7.96 8.67 -2.71
C ALA D 870 -8.21 9.67 -3.83
N ASP D 871 -9.12 10.62 -3.63
CA ASP D 871 -9.47 11.55 -4.70
C ASP D 871 -8.41 12.63 -4.93
N SER D 872 -7.65 12.98 -3.90
CA SER D 872 -6.73 14.11 -4.03
C SER D 872 -5.52 13.78 -4.90
N GLY D 873 -5.08 12.52 -4.90
CA GLY D 873 -3.92 12.15 -5.69
C GLY D 873 -4.17 12.19 -7.17
N TYR D 874 -5.40 11.89 -7.59
CA TYR D 874 -5.81 12.04 -8.99
C TYR D 874 -5.75 13.50 -9.42
N LEU D 875 -6.20 14.41 -8.56
CA LEU D 875 -6.15 15.83 -8.89
C LEU D 875 -4.71 16.34 -8.97
N THR D 876 -3.85 15.87 -8.06
CA THR D 876 -2.44 16.25 -8.11
C THR D 876 -1.77 15.71 -9.36
N ARG D 877 -2.18 14.51 -9.80
CA ARG D 877 -1.59 13.91 -10.98
C ARG D 877 -1.99 14.65 -12.24
N ARG D 878 -3.27 15.01 -12.36
CA ARG D 878 -3.72 15.79 -13.51
C ARG D 878 -3.09 17.17 -13.53
N LEU D 879 -2.90 17.79 -12.35
CA LEU D 879 -2.31 19.11 -12.31
C LEU D 879 -0.83 19.09 -12.66
N VAL D 880 -0.11 18.03 -12.27
CA VAL D 880 1.28 17.90 -12.70
C VAL D 880 1.35 17.67 -14.20
N ASP D 881 0.43 16.87 -14.74
CA ASP D 881 0.52 16.53 -16.16
C ASP D 881 0.14 17.69 -17.07
N VAL D 882 -0.80 18.55 -16.66
CA VAL D 882 -1.17 19.65 -17.54
C VAL D 882 -0.13 20.77 -17.53
N SER D 883 0.74 20.81 -16.53
CA SER D 883 1.56 21.98 -16.29
C SER D 883 2.99 21.58 -16.00
N GLN D 884 3.55 20.73 -16.83
CA GLN D 884 4.94 20.34 -16.65
C GLN D 884 5.90 21.13 -17.51
N ASP D 885 5.42 21.80 -18.56
CA ASP D 885 6.27 22.56 -19.45
C ASP D 885 6.28 24.04 -19.15
N VAL D 886 5.89 24.43 -17.93
CA VAL D 886 5.95 25.82 -17.49
C VAL D 886 7.23 25.93 -16.66
N ILE D 887 8.36 26.20 -17.32
CA ILE D 887 9.61 26.38 -16.61
C ILE D 887 10.17 27.74 -16.97
N VAL D 888 11.04 28.25 -16.10
CA VAL D 888 11.62 29.57 -16.31
C VAL D 888 12.67 29.51 -17.40
N ARG D 889 12.57 30.40 -18.37
CA ARG D 889 13.37 30.29 -19.58
C ARG D 889 14.40 31.40 -19.75
N GLU D 890 14.04 32.65 -19.48
CA GLU D 890 14.96 33.76 -19.61
C GLU D 890 14.78 34.70 -18.43
N HIS D 891 15.57 35.76 -18.39
CA HIS D 891 15.52 36.66 -17.24
C HIS D 891 14.37 37.63 -17.31
N ASP D 892 14.15 38.26 -18.47
CA ASP D 892 13.13 39.28 -18.61
C ASP D 892 12.68 39.33 -20.06
N CYS D 893 11.39 39.24 -20.29
CA CYS D 893 10.84 39.36 -21.63
C CYS D 893 10.46 40.78 -21.98
N GLN D 894 10.46 41.68 -20.99
CA GLN D 894 10.22 43.11 -21.15
C GLN D 894 8.85 43.40 -21.76
N THR D 895 7.82 42.72 -21.25
CA THR D 895 6.46 43.09 -21.58
C THR D 895 6.03 44.26 -20.70
N GLU D 896 4.92 44.89 -21.06
CA GLU D 896 4.36 45.95 -20.24
C GLU D 896 2.94 45.64 -19.79
N ARG D 897 2.41 44.48 -20.15
CA ARG D 897 1.10 44.08 -19.66
C ARG D 897 1.21 43.63 -18.20
N GLY D 898 0.09 43.67 -17.50
CA GLY D 898 0.08 43.27 -16.11
C GLY D 898 -1.31 43.34 -15.55
N ILE D 899 -1.53 42.54 -14.52
CA ILE D 899 -2.78 42.52 -13.80
C ILE D 899 -2.77 43.65 -12.77
N VAL D 900 -3.93 43.97 -12.21
CA VAL D 900 -4.02 44.95 -11.12
C VAL D 900 -4.41 44.21 -9.85
N VAL D 901 -4.00 44.77 -8.71
CA VAL D 901 -4.23 44.16 -7.41
C VAL D 901 -5.17 45.06 -6.64
N GLU D 902 -6.05 44.44 -5.84
CA GLU D 902 -7.07 45.17 -5.08
C GLU D 902 -6.43 46.10 -4.05
N LEU D 903 -5.62 45.55 -3.14
CA LEU D 903 -4.59 46.26 -2.38
C LEU D 903 -5.17 47.40 -1.53
N ALA D 904 -5.87 47.00 -0.46
CA ALA D 904 -6.30 47.91 0.60
C ALA D 904 -7.30 48.99 0.18
N GLU D 905 -8.56 48.61 -0.02
CA GLU D 905 -9.66 49.51 -0.33
C GLU D 905 -9.81 50.61 0.73
N ARG D 906 -10.38 51.74 0.30
CA ARG D 906 -10.57 52.97 1.11
C ARG D 906 -11.10 52.53 2.41
N ALA D 907 -12.11 53.25 2.92
CA ALA D 907 -12.85 52.97 4.15
C ALA D 907 -14.13 53.74 3.93
N PRO D 908 -14.61 54.49 4.95
CA PRO D 908 -15.77 55.36 4.71
C PRO D 908 -15.36 56.84 4.70
N ASP D 909 -14.09 57.08 5.00
CA ASP D 909 -13.54 58.39 5.14
C ASP D 909 -12.04 58.22 5.22
N GLY D 910 -11.52 57.83 6.39
CA GLY D 910 -11.08 56.47 6.66
C GLY D 910 -9.78 55.99 6.04
N THR D 911 -9.09 56.92 5.39
CA THR D 911 -7.85 56.71 4.73
C THR D 911 -7.62 55.37 4.03
N LEU D 912 -7.27 54.32 4.76
CA LEU D 912 -7.08 53.08 4.03
C LEU D 912 -6.75 51.97 5.01
N ILE D 913 -7.64 50.98 5.10
CA ILE D 913 -7.38 49.77 5.87
C ILE D 913 -6.96 48.71 4.88
N ARG D 914 -6.17 47.75 5.35
CA ARG D 914 -5.60 46.75 4.46
C ARG D 914 -6.67 45.79 3.98
N ASP D 915 -6.46 45.27 2.78
CA ASP D 915 -7.17 44.07 2.37
C ASP D 915 -6.65 42.92 3.22
N PRO D 916 -7.52 41.96 3.57
CA PRO D 916 -7.03 40.87 4.43
C PRO D 916 -6.06 39.94 3.73
N TYR D 917 -6.29 39.65 2.46
CA TYR D 917 -5.43 38.75 1.71
C TYR D 917 -4.51 39.55 0.77
N ILE D 918 -3.49 40.16 1.37
CA ILE D 918 -2.46 40.86 0.63
C ILE D 918 -1.21 40.00 0.46
N GLU D 919 -0.86 39.24 1.49
CA GLU D 919 0.33 38.38 1.46
C GLU D 919 0.21 37.20 0.51
N THR D 920 -0.94 36.97 -0.11
CA THR D 920 -1.06 35.92 -1.10
C THR D 920 -1.30 36.44 -2.50
N SER D 921 -1.64 37.71 -2.67
CA SER D 921 -1.85 38.26 -4.01
C SER D 921 -0.90 39.38 -4.38
N ALA D 922 -0.41 40.16 -3.42
CA ALA D 922 0.43 41.29 -3.74
C ALA D 922 1.86 41.16 -3.27
N TYR D 923 2.15 40.26 -2.34
CA TYR D 923 3.52 40.06 -1.89
C TYR D 923 4.24 39.16 -2.86
N ALA D 924 5.55 39.42 -3.02
CA ALA D 924 6.44 38.71 -3.94
C ALA D 924 5.95 38.79 -5.38
N ARG D 925 5.94 40.02 -5.90
CA ARG D 925 5.62 40.28 -7.29
C ARG D 925 6.59 41.33 -7.79
N THR D 926 6.34 41.83 -9.00
CA THR D 926 7.16 42.86 -9.60
C THR D 926 6.26 43.92 -10.21
N LEU D 927 6.68 45.17 -10.14
CA LEU D 927 5.86 46.26 -10.66
C LEU D 927 5.93 46.30 -12.18
N GLY D 928 4.79 46.57 -12.81
CA GLY D 928 4.77 46.79 -14.22
C GLY D 928 4.89 48.26 -14.52
N THR D 929 4.25 49.07 -13.68
CA THR D 929 4.27 50.52 -13.80
C THR D 929 4.90 51.13 -12.55
N ASP D 930 5.44 52.32 -12.71
CA ASP D 930 5.90 53.11 -11.58
C ASP D 930 4.70 53.57 -10.77
N ALA D 931 4.78 53.43 -9.46
CA ALA D 931 3.72 53.94 -8.60
C ALA D 931 3.88 55.44 -8.44
N VAL D 932 2.75 56.15 -8.41
CA VAL D 932 2.75 57.60 -8.29
C VAL D 932 1.63 58.02 -7.36
N ASP D 933 1.95 58.85 -6.37
CA ASP D 933 0.97 59.45 -5.48
C ASP D 933 0.39 60.71 -6.13
N GLU D 934 -0.34 61.51 -5.34
CA GLU D 934 -1.04 62.67 -5.89
C GLU D 934 -0.06 63.76 -6.30
N ALA D 935 0.53 63.56 -7.48
CA ALA D 935 1.46 64.38 -8.25
C ALA D 935 2.86 64.47 -7.64
N GLY D 936 2.99 64.16 -6.35
CA GLY D 936 4.02 63.29 -5.77
C GLY D 936 5.37 63.23 -6.44
N ASN D 937 5.75 61.99 -6.70
CA ASN D 937 6.89 61.55 -7.51
C ASN D 937 6.73 60.05 -7.67
N VAL D 938 7.73 59.44 -8.31
CA VAL D 938 7.76 57.98 -8.40
C VAL D 938 8.16 57.44 -7.02
N ILE D 939 7.19 56.87 -6.31
CA ILE D 939 7.45 56.41 -4.95
C ILE D 939 8.14 55.06 -4.96
N VAL D 940 7.63 54.10 -5.73
CA VAL D 940 8.23 52.78 -5.87
C VAL D 940 8.37 52.50 -7.36
N GLU D 941 9.61 52.45 -7.84
CA GLU D 941 9.84 52.41 -9.28
C GLU D 941 9.63 51.00 -9.83
N ARG D 942 9.75 50.88 -11.15
CA ARG D 942 9.37 49.67 -11.86
C ARG D 942 10.40 48.57 -11.64
N GLY D 943 9.92 47.39 -11.26
CA GLY D 943 10.78 46.24 -11.16
C GLY D 943 11.25 45.87 -9.77
N GLN D 944 10.55 46.28 -8.73
CA GLN D 944 10.94 45.96 -7.36
C GLN D 944 10.14 44.77 -6.85
N ASP D 945 10.65 44.17 -5.77
CA ASP D 945 10.18 42.86 -5.33
C ASP D 945 8.87 42.91 -4.56
N LEU D 946 8.37 44.11 -4.20
CA LEU D 946 7.12 44.31 -3.47
C LEU D 946 7.10 43.56 -2.13
N GLY D 947 8.14 43.79 -1.34
CA GLY D 947 8.25 43.21 -0.02
C GLY D 947 7.44 43.97 1.01
N ASP D 948 7.88 43.89 2.27
CA ASP D 948 7.17 44.58 3.35
C ASP D 948 7.36 46.09 3.36
N PRO D 949 8.59 46.67 3.29
CA PRO D 949 8.68 48.13 3.36
C PRO D 949 8.10 48.85 2.16
N GLU D 950 8.13 48.24 0.97
CA GLU D 950 7.51 48.86 -0.19
C GLU D 950 5.99 48.88 -0.06
N ILE D 951 5.41 47.82 0.51
CA ILE D 951 3.97 47.78 0.72
C ILE D 951 3.56 48.81 1.77
N ASP D 952 4.35 48.95 2.84
CA ASP D 952 4.03 49.97 3.83
C ASP D 952 4.24 51.38 3.28
N ALA D 953 5.19 51.58 2.36
CA ALA D 953 5.36 52.89 1.75
C ALA D 953 4.21 53.21 0.79
N LEU D 954 3.73 52.21 0.06
CA LEU D 954 2.57 52.43 -0.81
C LEU D 954 1.32 52.71 0.00
N LEU D 955 1.20 52.10 1.18
CA LEU D 955 0.04 52.38 2.01
C LEU D 955 0.15 53.72 2.72
N ALA D 956 1.37 54.16 3.02
CA ALA D 956 1.53 55.51 3.57
C ALA D 956 1.29 56.57 2.52
N ALA D 957 1.60 56.28 1.25
CA ALA D 957 1.45 57.28 0.20
C ALA D 957 0.01 57.47 -0.25
N GLY D 958 -0.91 56.60 0.18
CA GLY D 958 -2.31 56.80 -0.10
C GLY D 958 -2.79 56.26 -1.42
N ILE D 959 -2.01 55.42 -2.10
CA ILE D 959 -2.44 54.80 -3.35
C ILE D 959 -2.88 53.38 -3.05
N THR D 960 -4.06 53.01 -3.57
CA THR D 960 -4.74 51.79 -3.20
C THR D 960 -4.88 50.82 -4.36
N GLN D 961 -4.04 50.94 -5.39
CA GLN D 961 -4.11 50.03 -6.53
C GLN D 961 -2.75 50.05 -7.22
N VAL D 962 -2.29 48.89 -7.65
CA VAL D 962 -0.95 48.71 -8.18
C VAL D 962 -1.02 47.73 -9.34
N LYS D 963 -0.54 48.13 -10.51
CA LYS D 963 -0.44 47.22 -11.64
C LYS D 963 0.80 46.36 -11.50
N VAL D 964 0.61 45.05 -11.53
CA VAL D 964 1.62 44.10 -11.11
C VAL D 964 1.91 43.15 -12.26
N ARG D 965 3.20 42.93 -12.54
CA ARG D 965 3.60 42.02 -13.59
C ARG D 965 3.39 40.58 -13.15
N SER D 966 2.93 39.74 -14.07
CA SER D 966 2.49 38.40 -13.69
C SER D 966 2.76 37.41 -14.80
N VAL D 967 2.40 36.14 -14.56
CA VAL D 967 2.68 35.08 -15.52
C VAL D 967 1.55 34.85 -16.51
N LEU D 968 0.38 35.44 -16.26
CA LEU D 968 -0.71 35.35 -17.22
C LEU D 968 -0.45 36.21 -18.44
N THR D 969 0.39 37.23 -18.30
CA THR D 969 0.69 38.16 -19.38
C THR D 969 2.14 38.09 -19.82
N CYS D 970 2.84 36.99 -19.52
CA CYS D 970 4.22 36.87 -19.92
C CYS D 970 4.34 36.64 -21.42
N ALA D 971 5.43 37.11 -22.00
CA ALA D 971 5.54 37.23 -23.44
C ALA D 971 6.60 36.33 -24.06
N THR D 972 7.07 35.33 -23.34
CA THR D 972 8.05 34.43 -23.95
C THR D 972 7.34 33.36 -24.76
N SER D 973 8.11 32.70 -25.62
CA SER D 973 7.54 31.66 -26.48
C SER D 973 7.20 30.41 -25.68
N THR D 974 8.22 29.79 -25.09
CA THR D 974 8.06 28.55 -24.34
C THR D 974 8.46 28.79 -22.89
N GLY D 975 7.52 28.60 -21.98
CA GLY D 975 7.79 28.85 -20.58
C GLY D 975 7.58 30.30 -20.22
N VAL D 976 7.91 30.63 -18.98
CA VAL D 976 7.74 31.97 -18.46
C VAL D 976 9.12 32.59 -18.28
N CYS D 977 9.14 33.87 -17.94
CA CYS D 977 10.38 34.58 -17.68
C CYS D 977 10.56 34.75 -16.17
N ALA D 978 11.76 35.17 -15.77
CA ALA D 978 12.06 35.24 -14.35
C ALA D 978 11.39 36.42 -13.68
N THR D 979 11.44 37.61 -14.29
CA THR D 979 10.82 38.78 -13.68
C THR D 979 9.31 38.76 -13.78
N CYS D 980 8.74 38.03 -14.75
CA CYS D 980 7.29 37.90 -14.79
C CYS D 980 6.78 36.97 -13.70
N TYR D 981 7.60 36.01 -13.27
CA TYR D 981 7.14 35.07 -12.26
C TYR D 981 7.20 35.67 -10.88
N GLY D 982 8.22 36.45 -10.58
CA GLY D 982 8.37 37.07 -9.28
C GLY D 982 9.39 36.35 -8.42
N ARG D 983 9.26 36.57 -7.12
CA ARG D 983 10.14 35.94 -6.14
C ARG D 983 9.71 34.50 -5.92
N SER D 984 10.66 33.58 -5.95
CA SER D 984 10.38 32.22 -5.52
C SER D 984 10.20 32.20 -4.01
N MET D 985 9.12 31.59 -3.55
CA MET D 985 8.75 31.68 -2.14
C MET D 985 9.65 30.85 -1.25
N ALA D 986 10.34 29.84 -1.80
CA ALA D 986 11.15 28.98 -0.95
C ALA D 986 12.51 29.58 -0.66
N THR D 987 13.14 30.22 -1.66
CA THR D 987 14.47 30.76 -1.45
C THR D 987 14.44 32.17 -0.88
N GLY D 988 13.40 32.94 -1.18
CA GLY D 988 13.31 34.30 -0.71
C GLY D 988 13.86 35.34 -1.65
N LYS D 989 14.48 34.94 -2.76
CA LYS D 989 15.00 35.84 -3.77
C LYS D 989 14.32 35.54 -5.10
N LEU D 990 14.85 36.13 -6.16
CA LEU D 990 14.30 35.92 -7.50
C LEU D 990 14.51 34.48 -7.95
N VAL D 991 13.60 34.01 -8.81
CA VAL D 991 13.65 32.63 -9.25
C VAL D 991 14.78 32.44 -10.26
N ASP D 992 15.37 31.25 -10.26
CA ASP D 992 16.48 30.96 -11.14
C ASP D 992 15.96 30.57 -12.53
N ILE D 993 16.87 30.32 -13.46
CA ILE D 993 16.50 30.20 -14.86
C ILE D 993 16.43 28.74 -15.27
N GLY D 994 16.13 27.87 -14.33
CA GLY D 994 15.86 26.49 -14.68
C GLY D 994 14.79 25.85 -13.83
N GLU D 995 14.12 26.65 -13.00
CA GLU D 995 13.15 26.11 -12.06
C GLU D 995 11.91 25.63 -12.79
N ALA D 996 11.52 24.39 -12.52
CA ALA D 996 10.29 23.84 -13.07
C ALA D 996 9.14 24.32 -12.18
N VAL D 997 8.71 25.55 -12.43
CA VAL D 997 7.71 26.17 -11.55
C VAL D 997 6.31 25.62 -11.76
N GLY D 998 6.07 24.90 -12.85
CA GLY D 998 4.77 24.30 -13.06
C GLY D 998 4.54 23.12 -12.14
N ILE D 999 5.59 22.35 -11.87
CA ILE D 999 5.43 21.21 -10.97
C ILE D 999 5.30 21.68 -9.54
N VAL D 1000 6.05 22.72 -9.15
CA VAL D 1000 5.90 23.32 -7.83
C VAL D 1000 4.51 23.90 -7.65
N ALA D 1001 3.99 24.53 -8.71
CA ALA D 1001 2.64 25.08 -8.67
C ALA D 1001 1.59 23.98 -8.59
N ALA D 1002 1.85 22.81 -9.18
CA ALA D 1002 0.88 21.74 -9.07
C ALA D 1002 0.93 21.07 -7.70
N GLN D 1003 2.12 20.94 -7.13
CA GLN D 1003 2.24 20.32 -5.82
C GLN D 1003 1.71 21.22 -4.71
N SER D 1004 1.82 22.53 -4.87
CA SER D 1004 1.31 23.43 -3.85
C SER D 1004 -0.20 23.41 -3.76
N ILE D 1005 -0.88 23.12 -4.86
CA ILE D 1005 -2.31 22.95 -4.83
C ILE D 1005 -2.70 21.53 -4.46
N GLY D 1006 -1.89 20.54 -4.84
CA GLY D 1006 -2.27 19.17 -4.55
C GLY D 1006 -1.99 18.70 -3.13
N GLU D 1007 -1.06 19.34 -2.43
CA GLU D 1007 -0.71 18.87 -1.09
C GLU D 1007 -1.81 19.10 -0.05
N PRO D 1008 -2.38 20.33 0.15
CA PRO D 1008 -3.34 20.47 1.25
C PRO D 1008 -4.75 20.03 0.92
N GLY D 1009 -4.92 19.22 -0.13
CA GLY D 1009 -6.24 18.76 -0.51
C GLY D 1009 -6.87 17.77 0.43
N THR D 1010 -6.06 17.13 1.29
CA THR D 1010 -6.62 16.19 2.26
C THR D 1010 -7.31 16.90 3.41
N GLN D 1011 -7.04 18.15 3.62
CA GLN D 1011 -7.68 18.81 4.68
C GLN D 1011 -8.78 19.64 4.10
N LEU D 1012 -9.64 19.07 3.29
CA LEU D 1012 -10.71 19.82 2.69
C LEU D 1012 -12.03 19.14 2.79
N THR D 1013 -12.66 19.26 3.92
CA THR D 1013 -13.91 18.58 4.18
C THR D 1013 -15.21 18.80 3.44
N MET D 1014 -15.56 20.03 3.12
CA MET D 1014 -16.85 20.36 2.49
C MET D 1014 -17.91 20.60 3.53
N ILE D 1026 -24.02 23.34 -6.62
CA ILE D 1026 -23.24 24.07 -5.63
C ILE D 1026 -22.50 23.10 -4.72
N THR D 1027 -21.17 23.23 -4.69
CA THR D 1027 -20.32 22.39 -3.88
C THR D 1027 -19.28 23.27 -3.18
N GLY D 1028 -18.70 22.75 -2.10
CA GLY D 1028 -17.85 23.58 -1.28
C GLY D 1028 -16.47 23.02 -0.95
N GLY D 1029 -16.27 21.73 -1.15
CA GLY D 1029 -15.02 21.11 -0.77
C GLY D 1029 -14.14 20.81 -1.96
N LEU D 1030 -13.48 19.65 -1.91
CA LEU D 1030 -12.63 19.22 -3.01
C LEU D 1030 -13.35 18.97 -4.33
N PRO D 1031 -14.62 18.52 -4.39
CA PRO D 1031 -15.33 18.57 -5.68
C PRO D 1031 -15.50 19.95 -6.28
N ARG D 1032 -15.46 21.03 -5.49
CA ARG D 1032 -15.51 22.36 -6.09
C ARG D 1032 -14.21 22.71 -6.80
N VAL D 1033 -13.07 22.36 -6.20
CA VAL D 1033 -11.79 22.56 -6.86
C VAL D 1033 -11.67 21.66 -8.08
N GLN D 1034 -12.19 20.43 -7.99
CA GLN D 1034 -12.18 19.52 -9.12
C GLN D 1034 -13.10 19.99 -10.24
N GLU D 1035 -14.18 20.70 -9.89
CA GLU D 1035 -15.08 21.24 -10.90
C GLU D 1035 -14.47 22.46 -11.57
N LEU D 1036 -13.76 23.29 -10.81
CA LEU D 1036 -13.15 24.48 -11.40
C LEU D 1036 -11.99 24.12 -12.30
N PHE D 1037 -11.16 23.17 -11.88
CA PHE D 1037 -9.99 22.85 -12.69
C PHE D 1037 -10.31 21.94 -13.85
N GLU D 1038 -11.46 21.27 -13.85
CA GLU D 1038 -11.86 20.53 -15.04
C GLU D 1038 -12.71 21.37 -15.98
N ALA D 1039 -13.05 22.59 -15.58
CA ALA D 1039 -13.82 23.56 -16.37
C ALA D 1039 -15.18 23.01 -16.78
N ARG D 1040 -15.80 22.23 -15.90
CA ARG D 1040 -17.11 21.68 -16.19
C ARG D 1040 -18.19 22.72 -15.96
N VAL D 1041 -19.42 22.36 -16.30
CA VAL D 1041 -20.59 23.20 -16.02
C VAL D 1041 -21.15 22.77 -14.67
N PRO D 1042 -21.29 23.68 -13.72
CA PRO D 1042 -21.71 23.28 -12.37
C PRO D 1042 -23.18 22.91 -12.32
N ARG D 1043 -23.54 22.15 -11.29
CA ARG D 1043 -24.94 21.77 -11.12
C ARG D 1043 -25.77 22.90 -10.56
N GLY D 1044 -25.17 23.74 -9.72
CA GLY D 1044 -25.83 24.95 -9.28
C GLY D 1044 -25.50 26.11 -10.19
N LYS D 1045 -25.76 25.95 -11.49
CA LYS D 1045 -25.38 26.95 -12.47
C LYS D 1045 -26.25 28.19 -12.34
N ALA D 1046 -25.60 29.33 -12.12
CA ALA D 1046 -26.30 30.58 -11.96
C ALA D 1046 -26.13 31.43 -13.21
N PRO D 1047 -27.20 32.01 -13.74
CA PRO D 1047 -27.07 32.82 -14.96
C PRO D 1047 -26.45 34.17 -14.67
N ILE D 1048 -25.74 34.69 -15.67
CA ILE D 1048 -25.20 36.03 -15.59
C ILE D 1048 -25.82 36.87 -16.70
N ALA D 1049 -25.70 38.19 -16.54
CA ALA D 1049 -26.23 39.12 -17.53
C ALA D 1049 -25.34 39.12 -18.76
N ASP D 1050 -25.95 39.40 -19.91
CA ASP D 1050 -25.20 39.57 -21.14
C ASP D 1050 -24.91 41.02 -21.48
N VAL D 1051 -25.69 41.95 -20.94
CA VAL D 1051 -25.58 43.36 -21.28
C VAL D 1051 -26.21 44.16 -20.15
N THR D 1052 -25.85 45.43 -20.05
CA THR D 1052 -26.48 46.34 -19.11
C THR D 1052 -27.94 46.57 -19.50
N GLY D 1053 -28.74 46.96 -18.52
CA GLY D 1053 -30.13 47.25 -18.80
C GLY D 1053 -30.97 47.09 -17.55
N ARG D 1054 -32.26 46.84 -17.79
CA ARG D 1054 -33.25 46.67 -16.74
C ARG D 1054 -33.76 45.25 -16.77
N VAL D 1055 -33.91 44.65 -15.61
CA VAL D 1055 -34.29 43.25 -15.49
C VAL D 1055 -35.78 43.18 -15.18
N ARG D 1056 -36.53 42.50 -16.03
CA ARG D 1056 -37.92 42.14 -15.74
C ARG D 1056 -37.91 40.75 -15.11
N LEU D 1057 -38.23 40.70 -13.82
CA LEU D 1057 -38.36 39.47 -13.07
C LEU D 1057 -39.82 39.04 -13.06
N GLU D 1058 -40.09 37.85 -13.58
CA GLU D 1058 -41.45 37.36 -13.71
C GLU D 1058 -41.53 36.00 -13.06
N ASP D 1059 -42.58 35.78 -12.28
CA ASP D 1059 -42.90 34.42 -11.85
C ASP D 1059 -43.75 33.74 -12.93
N GLY D 1060 -44.28 32.57 -12.60
CA GLY D 1060 -45.03 31.84 -13.59
C GLY D 1060 -45.35 30.43 -13.19
N GLU D 1061 -45.02 29.46 -14.06
CA GLU D 1061 -45.35 28.06 -13.84
C GLU D 1061 -44.34 27.40 -12.91
N ARG D 1062 -44.27 27.94 -11.70
CA ARG D 1062 -43.62 27.42 -10.50
C ARG D 1062 -42.11 27.26 -10.59
N PHE D 1063 -41.40 27.89 -11.54
CA PHE D 1063 -39.97 28.07 -11.36
C PHE D 1063 -39.57 29.54 -11.35
N TYR D 1064 -39.57 30.22 -12.51
CA TYR D 1064 -39.07 31.59 -12.68
C TYR D 1064 -39.21 32.06 -14.12
N LYS D 1065 -38.76 33.30 -14.39
CA LYS D 1065 -38.51 33.88 -15.71
C LYS D 1065 -37.75 35.19 -15.53
N ILE D 1066 -36.64 35.40 -16.24
CA ILE D 1066 -35.90 36.65 -16.14
C ILE D 1066 -35.58 37.15 -17.55
N THR D 1067 -36.02 38.36 -17.88
CA THR D 1067 -35.73 38.96 -19.18
C THR D 1067 -35.04 40.30 -18.99
N ILE D 1068 -33.84 40.43 -19.52
CA ILE D 1068 -33.06 41.66 -19.42
C ILE D 1068 -33.26 42.44 -20.71
N VAL D 1069 -33.66 43.70 -20.56
CA VAL D 1069 -33.90 44.61 -21.68
C VAL D 1069 -32.81 45.68 -21.64
N PRO D 1070 -32.08 45.90 -22.72
CA PRO D 1070 -30.92 46.81 -22.68
C PRO D 1070 -31.35 48.28 -22.68
N ASP D 1071 -30.34 49.14 -22.49
CA ASP D 1071 -30.54 50.59 -22.57
C ASP D 1071 -30.14 51.16 -23.92
N ASP D 1072 -29.50 50.37 -24.78
CA ASP D 1072 -28.96 50.89 -26.04
C ASP D 1072 -30.06 51.23 -27.08
N GLY D 1073 -31.00 50.31 -27.43
CA GLY D 1073 -31.28 48.97 -26.95
C GLY D 1073 -30.87 47.85 -27.88
N GLY D 1074 -31.82 46.94 -28.13
CA GLY D 1074 -31.57 45.80 -28.97
C GLY D 1074 -32.42 44.61 -28.57
N GLU D 1075 -32.03 43.42 -29.00
CA GLU D 1075 -32.72 42.19 -28.67
C GLU D 1075 -32.58 41.87 -27.18
N GLU D 1076 -33.70 41.58 -26.53
CA GLU D 1076 -33.71 41.26 -25.12
C GLU D 1076 -33.14 39.87 -24.89
N VAL D 1077 -32.74 39.61 -23.65
CA VAL D 1077 -32.20 38.31 -23.25
C VAL D 1077 -33.21 37.65 -22.33
N VAL D 1078 -33.49 36.37 -22.56
CA VAL D 1078 -34.56 35.64 -21.87
C VAL D 1078 -33.99 34.37 -21.28
N TYR D 1079 -34.10 34.22 -19.96
CA TYR D 1079 -33.76 32.98 -19.26
C TYR D 1079 -35.02 32.43 -18.62
N ASP D 1080 -35.44 31.25 -19.06
CA ASP D 1080 -36.77 30.75 -18.70
C ASP D 1080 -36.81 30.05 -17.35
N LYS D 1081 -36.15 28.91 -17.22
CA LYS D 1081 -36.44 27.95 -16.16
C LYS D 1081 -35.34 27.98 -15.10
N ILE D 1082 -35.62 28.65 -13.99
CA ILE D 1082 -34.75 28.66 -12.82
C ILE D 1082 -35.58 28.15 -11.64
N SER D 1083 -35.18 27.02 -11.08
CA SER D 1083 -35.97 26.35 -10.06
C SER D 1083 -36.04 27.18 -8.77
N LYS D 1084 -37.08 26.91 -7.98
CA LYS D 1084 -37.40 27.72 -6.82
C LYS D 1084 -36.41 27.54 -5.67
N ARG D 1085 -35.61 26.48 -5.70
CA ARG D 1085 -34.60 26.28 -4.66
C ARG D 1085 -33.46 27.29 -4.79
N GLN D 1086 -33.24 27.81 -6.00
CA GLN D 1086 -32.16 28.76 -6.25
C GLN D 1086 -32.69 30.16 -5.98
N ARG D 1087 -32.31 30.72 -4.83
CA ARG D 1087 -32.77 32.04 -4.45
C ARG D 1087 -32.04 33.13 -5.23
N LEU D 1088 -32.70 34.26 -5.38
CA LEU D 1088 -32.13 35.37 -6.10
C LEU D 1088 -30.91 35.89 -5.37
N ARG D 1089 -30.29 36.95 -5.90
CA ARG D 1089 -29.00 37.37 -5.38
C ARG D 1089 -28.68 38.77 -4.90
N VAL D 1090 -28.42 38.92 -3.61
CA VAL D 1090 -28.11 40.22 -3.02
C VAL D 1090 -26.76 40.85 -3.24
N PHE D 1091 -26.87 42.12 -3.55
CA PHE D 1091 -25.82 43.12 -3.70
C PHE D 1091 -26.60 44.46 -3.69
N LYS D 1092 -25.91 45.55 -3.38
CA LYS D 1092 -26.54 46.87 -3.28
C LYS D 1092 -27.84 46.91 -2.44
N ARG D 1099 -31.00 46.87 -1.35
CA ARG D 1099 -32.09 45.93 -1.14
C ARG D 1099 -31.61 44.55 -1.49
N VAL D 1100 -32.01 44.09 -2.68
CA VAL D 1100 -31.71 42.79 -3.24
C VAL D 1100 -32.32 42.81 -4.64
N LEU D 1101 -31.81 41.94 -5.49
CA LEU D 1101 -32.30 41.82 -6.83
C LEU D 1101 -33.70 41.31 -6.83
N SER D 1102 -34.46 41.81 -7.77
CA SER D 1102 -35.86 41.47 -7.99
C SER D 1102 -36.14 42.22 -9.28
N ASP D 1103 -37.22 43.00 -9.33
CA ASP D 1103 -37.46 43.76 -10.53
C ASP D 1103 -37.26 45.21 -10.26
N GLY D 1104 -37.19 45.99 -11.32
CA GLY D 1104 -36.98 47.41 -11.24
C GLY D 1104 -35.53 47.48 -10.86
N ASP D 1105 -34.67 47.10 -11.79
CA ASP D 1105 -33.32 47.01 -11.41
C ASP D 1105 -32.38 47.28 -12.44
N HIS D 1106 -31.30 47.94 -12.05
CA HIS D 1106 -30.30 48.14 -13.08
C HIS D 1106 -29.25 47.04 -13.00
N VAL D 1107 -28.87 46.51 -14.17
CA VAL D 1107 -27.90 45.42 -14.26
C VAL D 1107 -26.62 45.95 -14.86
N GLU D 1108 -25.49 45.41 -14.41
CA GLU D 1108 -24.19 45.69 -15.00
C GLU D 1108 -23.98 44.78 -16.21
N VAL D 1109 -22.76 44.71 -16.71
CA VAL D 1109 -22.48 43.86 -17.87
C VAL D 1109 -22.46 42.39 -17.46
N GLY D 1110 -21.54 42.03 -16.59
CA GLY D 1110 -21.39 40.64 -16.20
C GLY D 1110 -21.88 40.38 -14.80
N GLN D 1111 -23.01 40.99 -14.44
CA GLN D 1111 -23.55 40.81 -13.11
C GLN D 1111 -24.18 39.43 -12.98
N GLN D 1112 -23.98 38.80 -11.83
CA GLN D 1112 -24.60 37.51 -11.57
C GLN D 1112 -26.04 37.72 -11.12
N LEU D 1113 -26.92 36.83 -11.55
CA LEU D 1113 -28.36 37.01 -11.35
C LEU D 1113 -28.92 36.12 -10.26
N MET D 1114 -28.42 34.91 -10.09
CA MET D 1114 -28.81 34.03 -9.01
C MET D 1114 -27.60 33.72 -8.15
N GLU D 1115 -27.84 33.19 -6.96
CA GLU D 1115 -26.72 32.69 -6.20
C GLU D 1115 -26.36 31.28 -6.68
N GLY D 1116 -25.14 30.87 -6.40
CA GLY D 1116 -24.66 29.59 -6.88
C GLY D 1116 -23.25 29.65 -7.39
N SER D 1117 -23.06 29.29 -8.66
CA SER D 1117 -21.72 29.29 -9.25
C SER D 1117 -21.86 29.54 -10.74
N ALA D 1118 -21.38 30.68 -11.20
CA ALA D 1118 -21.37 30.98 -12.62
C ALA D 1118 -20.35 30.10 -13.34
N ASP D 1119 -20.76 29.54 -14.47
CA ASP D 1119 -19.84 28.70 -15.22
C ASP D 1119 -18.81 29.56 -15.93
N PRO D 1120 -17.55 29.10 -16.01
CA PRO D 1120 -16.51 29.95 -16.58
C PRO D 1120 -16.61 30.13 -18.09
N HIS D 1121 -17.35 29.28 -18.80
CA HIS D 1121 -17.46 29.43 -20.24
C HIS D 1121 -18.27 30.67 -20.61
N GLU D 1122 -19.34 30.93 -19.87
CA GLU D 1122 -20.16 32.10 -20.15
C GLU D 1122 -19.43 33.38 -19.81
N VAL D 1123 -18.67 33.40 -18.71
CA VAL D 1123 -17.95 34.62 -18.38
C VAL D 1123 -16.75 34.82 -19.30
N LEU D 1124 -16.21 33.75 -19.87
CA LEU D 1124 -15.20 33.94 -20.92
C LEU D 1124 -15.83 34.51 -22.18
N ARG D 1125 -17.00 34.00 -22.57
CA ARG D 1125 -17.67 34.46 -23.79
C ARG D 1125 -18.16 35.89 -23.65
N VAL D 1126 -18.59 36.30 -22.47
CA VAL D 1126 -19.17 37.62 -22.28
C VAL D 1126 -18.10 38.65 -21.94
N GLN D 1127 -17.27 38.39 -20.93
CA GLN D 1127 -16.39 39.42 -20.38
C GLN D 1127 -14.93 39.25 -20.79
N GLY D 1128 -14.59 38.28 -21.61
CA GLY D 1128 -13.23 38.15 -22.10
C GLY D 1128 -12.32 37.42 -21.13
N PRO D 1129 -11.05 37.24 -21.51
CA PRO D 1129 -10.16 36.41 -20.69
C PRO D 1129 -9.69 37.07 -19.42
N ARG D 1130 -9.55 38.39 -19.40
CA ARG D 1130 -9.06 39.07 -18.20
C ARG D 1130 -10.07 39.02 -17.05
N GLU D 1131 -11.32 38.71 -17.33
CA GLU D 1131 -12.27 38.48 -16.25
C GLU D 1131 -12.39 37.01 -15.89
N VAL D 1132 -12.20 36.10 -16.84
CA VAL D 1132 -12.26 34.68 -16.49
C VAL D 1132 -11.05 34.27 -15.66
N GLN D 1133 -9.93 34.99 -15.79
CA GLN D 1133 -8.79 34.72 -14.92
C GLN D 1133 -9.09 35.14 -13.48
N ILE D 1134 -9.73 36.31 -13.33
CA ILE D 1134 -10.16 36.79 -12.01
C ILE D 1134 -11.14 35.82 -11.38
N HIS D 1135 -12.08 35.32 -12.19
CA HIS D 1135 -13.10 34.41 -11.68
C HIS D 1135 -12.50 33.07 -11.24
N LEU D 1136 -11.59 32.50 -12.04
CA LEU D 1136 -11.01 31.21 -11.69
C LEU D 1136 -10.10 31.32 -10.47
N VAL D 1137 -9.27 32.37 -10.41
CA VAL D 1137 -8.38 32.55 -9.27
C VAL D 1137 -9.18 32.80 -7.99
N ARG D 1138 -10.24 33.60 -8.08
CA ARG D 1138 -11.05 33.89 -6.90
C ARG D 1138 -11.83 32.67 -6.43
N GLU D 1139 -12.40 31.90 -7.35
CA GLU D 1139 -13.19 30.75 -6.95
C GLU D 1139 -12.35 29.59 -6.46
N VAL D 1140 -11.08 29.49 -6.87
CA VAL D 1140 -10.22 28.48 -6.24
C VAL D 1140 -9.73 28.96 -4.89
N GLN D 1141 -9.31 30.23 -4.80
CA GLN D 1141 -8.74 30.73 -3.57
C GLN D 1141 -9.78 30.90 -2.48
N GLU D 1142 -11.06 31.00 -2.84
CA GLU D 1142 -12.11 31.02 -1.82
C GLU D 1142 -12.22 29.69 -1.09
N VAL D 1143 -12.18 28.59 -1.85
CA VAL D 1143 -12.22 27.25 -1.26
C VAL D 1143 -10.97 27.00 -0.44
N TYR D 1144 -9.82 27.49 -0.91
CA TYR D 1144 -8.61 27.29 -0.12
C TYR D 1144 -8.51 28.23 1.08
N ARG D 1145 -9.24 29.35 1.08
CA ARG D 1145 -9.22 30.24 2.23
C ARG D 1145 -10.21 29.84 3.29
N ALA D 1146 -11.28 29.12 2.91
CA ALA D 1146 -12.31 28.76 3.88
C ALA D 1146 -11.84 27.73 4.90
N GLN D 1147 -10.74 27.03 4.63
CA GLN D 1147 -10.23 26.01 5.55
C GLN D 1147 -8.90 26.41 6.16
N GLY D 1148 -8.44 27.63 5.95
CA GLY D 1148 -7.22 28.10 6.58
C GLY D 1148 -5.95 27.63 5.92
N VAL D 1149 -5.91 27.62 4.59
CA VAL D 1149 -4.73 27.21 3.83
C VAL D 1149 -4.28 28.39 2.99
N SER D 1150 -3.01 28.75 3.11
CA SER D 1150 -2.45 29.86 2.35
C SER D 1150 -1.65 29.30 1.17
N ILE D 1151 -2.19 29.48 -0.03
CA ILE D 1151 -1.46 29.23 -1.27
C ILE D 1151 -1.38 30.56 -2.00
N HIS D 1152 -0.19 30.95 -2.41
CA HIS D 1152 -0.04 32.20 -3.13
C HIS D 1152 -0.67 32.08 -4.52
N ASP D 1153 -1.16 33.20 -5.04
CA ASP D 1153 -1.92 33.18 -6.27
C ASP D 1153 -1.07 32.90 -7.50
N LYS D 1154 0.26 32.97 -7.41
CA LYS D 1154 1.07 32.74 -8.59
C LYS D 1154 1.04 31.28 -9.03
N HIS D 1155 0.81 30.36 -8.10
CA HIS D 1155 0.68 28.95 -8.46
C HIS D 1155 -0.62 28.70 -9.21
N ILE D 1156 -1.72 29.28 -8.74
CA ILE D 1156 -3.00 29.11 -9.42
C ILE D 1156 -2.99 29.83 -10.74
N GLU D 1157 -2.23 30.91 -10.85
CA GLU D 1157 -2.09 31.58 -12.14
C GLU D 1157 -1.26 30.76 -13.12
N VAL D 1158 -0.24 30.05 -12.63
CA VAL D 1158 0.53 29.15 -13.48
C VAL D 1158 -0.36 28.02 -14.00
N ILE D 1159 -1.26 27.51 -13.16
CA ILE D 1159 -2.19 26.49 -13.63
C ILE D 1159 -3.20 27.08 -14.62
N VAL D 1160 -3.75 28.25 -14.31
CA VAL D 1160 -4.82 28.85 -15.11
C VAL D 1160 -4.32 29.29 -16.48
N ARG D 1161 -3.07 29.73 -16.57
CA ARG D 1161 -2.46 30.11 -17.84
C ARG D 1161 -2.42 28.95 -18.83
N GLN D 1162 -2.25 27.72 -18.34
CA GLN D 1162 -2.23 26.53 -19.19
C GLN D 1162 -3.61 26.10 -19.68
N MET D 1163 -4.66 26.80 -19.29
CA MET D 1163 -5.99 26.49 -19.80
C MET D 1163 -6.36 27.34 -21.00
N LEU D 1164 -5.99 28.62 -21.00
CA LEU D 1164 -6.42 29.58 -22.00
C LEU D 1164 -5.44 29.70 -23.16
N ARG D 1165 -4.71 28.65 -23.47
CA ARG D 1165 -3.66 28.73 -24.48
C ARG D 1165 -4.18 28.55 -25.90
N ARG D 1166 -5.46 28.25 -26.10
CA ARG D 1166 -5.92 27.82 -27.41
C ARG D 1166 -7.12 28.61 -27.88
N VAL D 1167 -7.29 28.59 -29.20
CA VAL D 1167 -8.42 29.22 -29.88
C VAL D 1167 -9.13 28.16 -30.70
N THR D 1168 -10.43 28.36 -30.87
CA THR D 1168 -11.24 27.55 -31.77
C THR D 1168 -11.51 28.33 -33.06
N ILE D 1169 -11.71 27.60 -34.14
CA ILE D 1169 -11.77 28.17 -35.47
C ILE D 1169 -13.23 28.39 -35.85
N ILE D 1170 -13.55 29.61 -36.28
CA ILE D 1170 -14.87 29.86 -36.85
C ILE D 1170 -14.86 29.60 -38.35
N ASP D 1171 -14.12 30.40 -39.09
CA ASP D 1171 -13.99 30.28 -40.53
C ASP D 1171 -12.56 29.93 -40.88
N SER D 1172 -12.38 28.99 -41.80
CA SER D 1172 -11.05 28.43 -42.04
C SER D 1172 -10.13 29.39 -42.78
N GLY D 1173 -10.69 30.35 -43.52
CA GLY D 1173 -9.89 31.09 -44.46
C GLY D 1173 -9.49 30.18 -45.60
N SER D 1174 -8.19 29.97 -45.80
CA SER D 1174 -7.74 28.90 -46.67
C SER D 1174 -6.47 28.22 -46.18
N THR D 1175 -6.20 28.18 -44.87
CA THR D 1175 -4.93 27.66 -44.38
C THR D 1175 -5.15 26.50 -43.41
N GLU D 1176 -5.45 25.32 -43.97
CA GLU D 1176 -5.30 23.99 -43.37
C GLU D 1176 -5.96 23.80 -42.01
N PHE D 1177 -6.87 24.68 -41.61
CA PHE D 1177 -7.43 24.67 -40.27
C PHE D 1177 -8.88 24.22 -40.35
N LEU D 1178 -9.18 23.06 -39.78
CA LEU D 1178 -10.55 22.58 -39.76
C LEU D 1178 -11.38 23.42 -38.78
N PRO D 1179 -12.63 23.70 -39.11
CA PRO D 1179 -13.48 24.43 -38.17
C PRO D 1179 -13.81 23.57 -36.97
N GLY D 1180 -13.91 24.23 -35.81
CA GLY D 1180 -14.15 23.54 -34.57
C GLY D 1180 -12.95 22.86 -33.95
N SER D 1181 -11.76 23.04 -34.51
CA SER D 1181 -10.56 22.46 -33.93
C SER D 1181 -9.88 23.46 -32.99
N LEU D 1182 -9.20 22.93 -31.98
CA LEU D 1182 -8.56 23.73 -30.96
C LEU D 1182 -7.08 23.83 -31.28
N ILE D 1183 -6.64 25.01 -31.73
CA ILE D 1183 -5.24 25.20 -32.10
C ILE D 1183 -4.58 26.12 -31.09
N ASP D 1184 -3.27 25.98 -30.96
CA ASP D 1184 -2.47 26.84 -30.10
C ASP D 1184 -2.52 28.28 -30.60
N ARG D 1185 -2.40 29.22 -29.67
CA ARG D 1185 -2.55 30.63 -30.01
C ARG D 1185 -1.35 31.14 -30.79
N ALA D 1186 -0.16 30.63 -30.49
CA ALA D 1186 1.04 31.11 -31.17
C ALA D 1186 1.11 30.60 -32.61
N GLU D 1187 0.74 29.33 -32.83
CA GLU D 1187 0.75 28.78 -34.18
C GLU D 1187 -0.35 29.41 -35.04
N PHE D 1188 -1.50 29.69 -34.43
CA PHE D 1188 -2.57 30.43 -35.07
C PHE D 1188 -2.13 31.83 -35.49
N GLU D 1189 -1.46 32.57 -34.61
CA GLU D 1189 -0.96 33.89 -35.00
C GLU D 1189 0.19 33.82 -35.99
N ALA D 1190 0.93 32.71 -36.02
CA ALA D 1190 1.96 32.54 -37.04
C ALA D 1190 1.34 32.30 -38.41
N GLU D 1191 0.33 31.44 -38.49
CA GLU D 1191 -0.32 31.19 -39.77
C GLU D 1191 -1.24 32.33 -40.19
N ASN D 1192 -1.61 33.22 -39.28
CA ASN D 1192 -2.24 34.48 -39.65
C ASN D 1192 -1.22 35.56 -39.94
N ARG D 1193 0.04 35.38 -39.57
CA ARG D 1193 1.08 36.33 -39.96
C ARG D 1193 1.50 36.09 -41.40
N ARG D 1194 1.66 34.83 -41.78
CA ARG D 1194 2.06 34.42 -43.12
C ARG D 1194 0.96 34.69 -44.15
N VAL D 1195 -0.31 34.78 -43.72
CA VAL D 1195 -1.44 34.85 -44.64
C VAL D 1195 -1.58 36.21 -45.31
N VAL D 1196 -0.87 37.24 -44.84
CA VAL D 1196 -0.92 38.53 -45.53
C VAL D 1196 -0.16 38.46 -46.85
N ALA D 1197 0.79 37.54 -46.94
CA ALA D 1197 1.34 37.15 -48.23
C ALA D 1197 0.48 36.05 -48.81
N GLU D 1198 0.49 35.94 -50.15
CA GLU D 1198 -0.18 34.88 -50.92
C GLU D 1198 -1.69 34.86 -50.68
N GLY D 1199 -2.29 36.04 -50.61
CA GLY D 1199 -3.73 36.12 -50.50
C GLY D 1199 -4.22 36.24 -49.07
N GLY D 1200 -4.73 37.41 -48.70
CA GLY D 1200 -5.18 37.64 -47.34
C GLY D 1200 -6.55 37.10 -47.02
N GLU D 1201 -6.60 36.01 -46.26
CA GLU D 1201 -7.83 35.50 -45.65
C GLU D 1201 -7.47 34.98 -44.27
N PRO D 1202 -7.60 35.80 -43.24
CA PRO D 1202 -7.18 35.38 -41.90
C PRO D 1202 -8.17 34.37 -41.31
N ALA D 1203 -7.63 33.32 -40.70
CA ALA D 1203 -8.44 32.34 -39.99
C ALA D 1203 -9.04 33.01 -38.77
N ALA D 1204 -10.33 32.82 -38.56
CA ALA D 1204 -11.01 33.46 -37.44
C ALA D 1204 -11.26 32.45 -36.32
N GLY D 1205 -10.84 32.80 -35.11
CA GLY D 1205 -11.01 31.93 -33.98
C GLY D 1205 -11.16 32.71 -32.68
N ARG D 1206 -11.98 32.17 -31.79
CA ARG D 1206 -12.19 32.80 -30.49
C ARG D 1206 -11.41 32.03 -29.43
N PRO D 1207 -11.05 32.67 -28.30
CA PRO D 1207 -10.33 31.93 -27.25
C PRO D 1207 -11.21 30.92 -26.54
N VAL D 1208 -10.66 29.78 -26.12
CA VAL D 1208 -11.44 28.81 -25.39
C VAL D 1208 -10.82 28.53 -24.04
N LEU D 1209 -11.65 28.11 -23.11
CA LEU D 1209 -11.25 27.70 -21.77
C LEU D 1209 -11.59 26.23 -21.62
N MET D 1210 -10.59 25.41 -21.34
CA MET D 1210 -10.79 23.97 -21.27
C MET D 1210 -10.07 23.40 -20.08
N GLY D 1211 -10.56 22.27 -19.60
CA GLY D 1211 -10.09 21.68 -18.37
C GLY D 1211 -8.69 21.10 -18.48
N ILE D 1212 -8.23 20.54 -17.37
CA ILE D 1212 -6.85 20.08 -17.34
C ILE D 1212 -6.70 18.72 -18.01
N THR D 1213 -7.74 17.88 -17.98
CA THR D 1213 -7.65 16.60 -18.68
C THR D 1213 -7.71 16.81 -20.19
N LYS D 1214 -8.59 17.69 -20.65
CA LYS D 1214 -8.76 17.93 -22.07
C LYS D 1214 -7.54 18.62 -22.66
N ALA D 1215 -6.90 19.51 -21.89
CA ALA D 1215 -5.72 20.19 -22.39
C ALA D 1215 -4.48 19.33 -22.26
N SER D 1216 -4.43 18.49 -21.23
CA SER D 1216 -3.29 17.62 -21.01
C SER D 1216 -3.25 16.48 -22.02
N LEU D 1217 -4.40 16.18 -22.60
CA LEU D 1217 -4.50 15.11 -23.59
C LEU D 1217 -4.21 15.63 -24.99
N ALA D 1218 -4.55 16.90 -25.24
CA ALA D 1218 -4.33 17.51 -26.54
C ALA D 1218 -3.00 18.25 -26.58
N THR D 1219 -1.91 17.51 -26.43
CA THR D 1219 -0.58 18.10 -26.44
C THR D 1219 0.21 17.67 -27.69
N ASP D 1220 1.30 18.36 -27.96
CA ASP D 1220 2.14 18.06 -29.12
C ASP D 1220 2.79 16.69 -28.97
N SER D 1221 3.52 16.50 -27.88
CA SER D 1221 4.19 15.23 -27.62
C SER D 1221 3.20 14.08 -27.57
N TRP D 1222 3.49 13.02 -28.31
CA TRP D 1222 2.63 11.84 -28.35
C TRP D 1222 3.06 10.80 -27.34
N LEU D 1223 4.31 10.91 -26.88
CA LEU D 1223 4.85 9.97 -25.90
C LEU D 1223 4.51 10.41 -24.48
N SER D 1224 4.24 11.69 -24.30
CA SER D 1224 3.90 12.24 -23.00
C SER D 1224 2.40 12.14 -22.73
N ALA D 1225 1.62 12.06 -23.81
CA ALA D 1225 0.17 11.96 -23.69
C ALA D 1225 -0.31 10.52 -23.60
N ALA D 1226 0.43 9.58 -24.19
CA ALA D 1226 0.09 8.18 -24.07
C ALA D 1226 0.39 7.64 -22.69
N SER D 1227 1.37 8.21 -21.99
CA SER D 1227 1.73 7.77 -20.65
C SER D 1227 0.81 8.34 -19.58
N PHE D 1228 -0.28 8.98 -19.96
CA PHE D 1228 -1.13 9.68 -19.01
C PHE D 1228 -2.53 9.08 -18.94
N GLN D 1229 -3.28 9.11 -20.04
CA GLN D 1229 -4.68 8.66 -20.06
C GLN D 1229 -4.98 8.18 -21.47
N GLU D 1230 -5.83 7.16 -21.55
CA GLU D 1230 -6.39 6.61 -22.80
C GLU D 1230 -5.28 6.25 -23.78
N THR D 1231 -4.47 5.27 -23.39
CA THR D 1231 -3.27 4.95 -24.14
C THR D 1231 -3.59 4.37 -25.50
N THR D 1232 -4.68 3.61 -25.60
CA THR D 1232 -5.08 3.01 -26.87
C THR D 1232 -5.52 4.07 -27.87
N ARG D 1233 -6.43 4.95 -27.46
CA ARG D 1233 -6.97 5.90 -28.41
C ARG D 1233 -6.06 7.11 -28.63
N VAL D 1234 -4.99 7.26 -27.86
CA VAL D 1234 -3.95 8.22 -28.19
C VAL D 1234 -2.92 7.60 -29.12
N LEU D 1235 -2.55 6.36 -28.85
CA LEU D 1235 -1.60 5.66 -29.70
C LEU D 1235 -2.18 5.34 -31.06
N THR D 1236 -3.49 5.28 -31.20
CA THR D 1236 -4.06 4.91 -32.49
C THR D 1236 -4.40 6.11 -33.38
N ASP D 1237 -4.41 7.33 -32.86
CA ASP D 1237 -4.53 8.49 -33.74
C ASP D 1237 -3.26 9.31 -33.78
N ALA D 1238 -2.27 8.97 -32.96
CA ALA D 1238 -0.92 9.43 -33.26
C ALA D 1238 -0.34 8.69 -34.45
N ALA D 1239 -0.73 7.44 -34.65
CA ALA D 1239 -0.18 6.64 -35.75
C ALA D 1239 -0.82 6.96 -37.08
N ILE D 1240 -2.08 7.39 -37.07
CA ILE D 1240 -2.74 7.74 -38.32
C ILE D 1240 -2.20 9.06 -38.85
N ASN D 1241 -1.99 10.03 -37.98
CA ASN D 1241 -1.45 11.32 -38.37
C ASN D 1241 0.05 11.28 -38.64
N CYS D 1242 0.72 10.16 -38.37
CA CYS D 1242 2.17 10.01 -38.44
C CYS D 1242 2.87 11.06 -37.58
N ARG D 1243 2.35 11.23 -36.38
CA ARG D 1243 2.78 12.32 -35.51
C ARG D 1243 4.12 11.99 -34.88
N SER D 1244 5.06 12.92 -35.01
CA SER D 1244 6.40 12.77 -34.46
C SER D 1244 6.53 13.49 -33.13
N ASP D 1245 7.57 13.14 -32.39
CA ASP D 1245 7.88 13.74 -31.11
C ASP D 1245 9.24 14.39 -31.18
N LYS D 1246 9.47 15.38 -30.32
CA LYS D 1246 10.72 16.10 -30.30
C LYS D 1246 11.46 16.00 -28.99
N LEU D 1247 10.86 15.40 -27.96
CA LEU D 1247 11.42 15.19 -26.63
C LEU D 1247 11.81 16.51 -25.96
N ASN D 1248 10.83 17.37 -25.67
CA ASN D 1248 11.12 18.65 -25.04
C ASN D 1248 10.52 18.82 -23.66
N GLY D 1249 9.49 18.07 -23.29
CA GLY D 1249 9.02 18.10 -21.92
C GLY D 1249 9.89 17.24 -21.03
N LEU D 1250 9.60 17.27 -19.73
CA LEU D 1250 10.38 16.47 -18.80
C LEU D 1250 9.65 15.21 -18.36
N LYS D 1251 8.72 14.71 -19.17
CA LYS D 1251 8.14 13.40 -18.96
C LYS D 1251 8.67 12.37 -19.94
N GLU D 1252 9.11 12.81 -21.11
CA GLU D 1252 9.70 11.91 -22.09
C GLU D 1252 11.20 11.74 -21.89
N ASN D 1253 11.87 12.75 -21.36
CA ASN D 1253 13.27 12.57 -20.98
C ASN D 1253 13.39 11.68 -19.76
N VAL D 1254 12.35 11.61 -18.94
CA VAL D 1254 12.32 10.64 -17.85
C VAL D 1254 12.14 9.24 -18.40
N ILE D 1255 11.32 9.07 -19.43
CA ILE D 1255 11.08 7.76 -20.02
C ILE D 1255 12.32 7.25 -20.73
N ILE D 1256 12.89 8.04 -21.65
CA ILE D 1256 13.98 7.54 -22.48
C ILE D 1256 15.32 7.50 -21.77
N GLY D 1257 15.41 8.01 -20.54
CA GLY D 1257 16.65 7.96 -19.81
C GLY D 1257 17.59 9.11 -20.06
N LYS D 1258 17.12 10.18 -20.70
CA LYS D 1258 17.94 11.35 -20.92
C LYS D 1258 17.85 12.30 -19.74
N LEU D 1259 18.62 13.38 -19.80
CA LEU D 1259 18.54 14.44 -18.82
C LEU D 1259 17.33 15.31 -19.10
N ILE D 1260 16.60 15.67 -18.05
CA ILE D 1260 15.42 16.53 -18.20
C ILE D 1260 15.90 17.93 -18.53
N PRO D 1261 15.15 18.72 -19.29
CA PRO D 1261 15.57 20.09 -19.61
C PRO D 1261 15.12 21.12 -18.58
N ALA D 1262 15.40 20.86 -17.30
CA ALA D 1262 15.11 21.82 -16.24
C ALA D 1262 16.07 21.60 -15.10
N GLY D 1263 16.58 22.71 -14.55
CA GLY D 1263 17.51 22.63 -13.46
C GLY D 1263 18.94 22.60 -13.92
N THR D 1264 19.70 21.58 -13.53
CA THR D 1264 21.06 21.39 -14.00
C THR D 1264 21.13 20.60 -15.29
N GLY D 1265 20.03 20.49 -16.02
CA GLY D 1265 20.02 19.70 -17.23
C GLY D 1265 20.01 20.54 -18.49
N ILE D 1266 19.80 21.84 -18.34
CA ILE D 1266 19.80 22.74 -19.49
C ILE D 1266 21.23 23.04 -19.89
N ASN D 1267 21.42 23.61 -21.09
CA ASN D 1267 22.74 23.68 -21.68
C ASN D 1267 23.62 24.69 -20.97
N ARG D 1268 23.06 25.83 -20.57
CA ARG D 1268 23.84 26.89 -19.98
C ARG D 1268 24.38 26.55 -18.60
N TYR D 1269 23.84 25.51 -17.95
CA TYR D 1269 24.34 25.08 -16.67
C TYR D 1269 25.24 23.85 -16.76
N ARG D 1270 24.94 22.91 -17.65
CA ARG D 1270 25.76 21.71 -17.73
C ARG D 1270 26.85 21.80 -18.78
N ASN D 1271 26.98 22.93 -19.46
CA ASN D 1271 28.10 23.17 -20.36
C ASN D 1271 29.11 24.14 -19.75
N ILE D 1272 29.21 24.12 -18.43
CA ILE D 1272 30.19 24.94 -17.72
C ILE D 1272 31.56 24.31 -17.87
N ALA D 1273 32.54 25.10 -18.29
CA ALA D 1273 33.94 24.69 -18.29
C ALA D 1273 34.62 25.23 -17.04
N VAL D 1274 35.35 24.37 -16.34
CA VAL D 1274 35.99 24.72 -15.07
C VAL D 1274 37.48 24.51 -15.20
N GLN D 1275 38.25 25.56 -14.97
CA GLN D 1275 39.70 25.50 -14.99
C GLN D 1275 40.24 26.40 -13.89
N PRO D 1276 41.39 26.07 -13.33
CA PRO D 1276 42.03 26.81 -12.26
C PRO D 1276 42.45 28.09 -12.70
N THR D 1277 42.43 29.16 -11.93
CA THR D 1277 42.81 30.46 -12.43
C THR D 1277 44.17 30.30 -12.55
N GLU D 1278 44.83 31.04 -13.39
CA GLU D 1278 46.25 30.92 -13.59
C GLU D 1278 47.11 31.24 -12.43
N GLU D 1279 46.77 32.21 -11.62
CA GLU D 1279 47.62 32.58 -10.51
C GLU D 1279 47.74 31.35 -9.70
N ALA D 1280 46.66 30.67 -9.42
CA ALA D 1280 46.74 29.41 -8.69
C ALA D 1280 47.43 28.31 -9.41
N ARG D 1281 47.28 28.18 -10.71
CA ARG D 1281 48.00 27.15 -11.43
C ARG D 1281 49.38 27.65 -11.46
N ALA D 1282 49.46 28.96 -11.36
CA ALA D 1282 50.64 29.78 -11.32
C ALA D 1282 51.37 29.67 -10.03
N ALA D 1283 50.66 29.54 -8.93
CA ALA D 1283 51.26 29.44 -7.64
C ALA D 1283 51.42 28.04 -7.19
N ALA D 1284 51.06 27.09 -8.04
CA ALA D 1284 51.20 25.73 -7.64
C ALA D 1284 52.43 25.24 -8.33
N GLY E 27 28.97 37.26 7.66
CA GLY E 27 29.19 37.98 8.90
C GLY E 27 29.78 37.12 9.99
N GLY E 28 29.15 37.12 11.16
CA GLY E 28 29.59 36.26 12.24
C GLY E 28 28.48 35.34 12.71
N TYR E 29 28.63 34.04 12.48
CA TYR E 29 27.58 33.08 12.84
C TYR E 29 28.04 32.11 13.92
N ASP E 30 29.02 31.26 13.62
CA ASP E 30 29.44 30.13 14.44
C ASP E 30 30.57 29.42 13.69
N THR E 31 31.06 28.31 14.23
CA THR E 31 31.89 27.44 13.41
C THR E 31 31.02 26.31 12.88
N PRO E 32 30.79 26.22 11.58
CA PRO E 32 29.92 25.17 11.04
C PRO E 32 30.62 23.82 11.05
N LEU E 33 29.82 22.76 11.20
CA LEU E 33 30.34 21.42 11.37
C LEU E 33 29.84 20.52 10.25
N GLY E 34 30.74 19.70 9.71
CA GLY E 34 30.35 18.62 8.83
C GLY E 34 30.10 19.00 7.39
N ILE E 35 28.90 18.72 6.91
CA ILE E 35 28.58 18.91 5.51
C ILE E 35 28.43 20.39 5.19
N THR E 36 27.90 21.17 6.12
CA THR E 36 27.58 22.56 5.86
C THR E 36 28.76 23.51 5.99
N ASN E 37 30.00 23.02 5.92
CA ASN E 37 31.18 23.87 5.92
C ASN E 37 31.94 23.64 4.62
N PRO E 38 32.22 24.67 3.80
CA PRO E 38 31.96 26.11 3.88
C PRO E 38 30.49 26.42 3.70
N PRO E 39 30.02 27.53 4.26
CA PRO E 39 28.58 27.81 4.22
C PRO E 39 28.08 28.12 2.83
N ILE E 40 26.83 27.75 2.56
CA ILE E 40 26.25 27.96 1.23
C ILE E 40 25.92 29.41 0.94
N ASP E 41 25.99 30.29 1.94
CA ASP E 41 25.80 31.70 1.64
C ASP E 41 27.05 32.35 1.09
N GLU E 42 28.21 32.00 1.63
CA GLU E 42 29.46 32.54 1.12
C GLU E 42 29.96 31.78 -0.10
N LEU E 43 29.25 30.75 -0.54
CA LEU E 43 29.53 30.11 -1.81
C LEU E 43 28.69 30.68 -2.94
N LEU E 44 27.48 31.14 -2.66
CA LEU E 44 26.62 31.71 -3.68
C LEU E 44 26.94 33.17 -3.97
N ASP E 45 27.97 33.73 -3.36
CA ASP E 45 28.52 34.99 -3.82
C ASP E 45 29.46 34.79 -5.00
N ARG E 46 29.83 33.55 -5.30
CA ARG E 46 30.79 33.25 -6.34
C ARG E 46 30.15 32.86 -7.66
N VAL E 47 28.91 32.39 -7.64
CA VAL E 47 28.25 31.91 -8.84
C VAL E 47 26.98 32.70 -9.10
N SER E 48 26.26 32.35 -10.17
CA SER E 48 25.02 33.04 -10.51
C SER E 48 23.85 32.50 -9.72
N SER E 49 23.65 31.19 -9.75
CA SER E 49 22.58 30.53 -9.01
C SER E 49 23.13 29.26 -8.41
N LYS E 50 22.26 28.49 -7.75
CA LYS E 50 22.74 27.30 -7.06
C LYS E 50 22.85 26.10 -7.99
N TYR E 51 22.45 26.22 -9.26
CA TYR E 51 22.66 25.13 -10.20
C TYR E 51 24.08 25.16 -10.75
N ALA E 52 24.60 26.37 -10.97
CA ALA E 52 25.96 26.50 -11.44
C ALA E 52 26.96 26.05 -10.41
N LEU E 53 26.62 26.18 -9.13
CA LEU E 53 27.49 25.66 -8.07
C LEU E 53 27.52 24.14 -8.10
N VAL E 54 26.39 23.50 -8.43
CA VAL E 54 26.32 22.05 -8.52
C VAL E 54 27.22 21.54 -9.64
N ILE E 55 27.11 22.15 -10.82
CA ILE E 55 27.93 21.67 -11.94
C ILE E 55 29.40 22.05 -11.77
N TYR E 56 29.66 23.22 -11.18
CA TYR E 56 31.02 23.66 -10.83
C TYR E 56 31.71 22.66 -9.91
N ALA E 57 31.08 22.33 -8.78
CA ALA E 57 31.67 21.40 -7.84
C ALA E 57 31.76 19.99 -8.41
N ALA E 58 30.80 19.59 -9.24
CA ALA E 58 30.83 18.25 -9.82
C ALA E 58 31.98 18.09 -10.80
N LYS E 59 32.19 19.07 -11.67
CA LYS E 59 33.28 18.97 -12.64
C LYS E 59 34.63 19.08 -11.97
N ARG E 60 34.73 19.90 -10.92
CA ARG E 60 36.02 19.99 -10.23
C ARG E 60 36.35 18.71 -9.46
N ALA E 61 35.33 18.07 -8.88
CA ALA E 61 35.58 16.79 -8.21
C ALA E 61 35.92 15.69 -9.20
N ARG E 62 35.34 15.70 -10.40
CA ARG E 62 35.74 14.72 -11.41
C ARG E 62 37.16 14.96 -11.89
N GLN E 63 37.61 16.22 -11.95
CA GLN E 63 39.02 16.47 -12.29
C GLN E 63 39.97 15.97 -11.21
N ILE E 64 39.62 16.17 -9.94
CA ILE E 64 40.48 15.68 -8.86
C ILE E 64 40.52 14.16 -8.84
N ASN E 65 39.38 13.52 -9.09
CA ASN E 65 39.35 12.06 -9.14
C ASN E 65 40.09 11.50 -10.33
N ASP E 66 40.12 12.25 -11.45
CA ASP E 66 40.95 11.82 -12.57
C ASP E 66 42.43 12.10 -12.30
N TYR E 67 42.74 13.04 -11.41
CA TYR E 67 44.13 13.23 -11.01
C TYR E 67 44.62 12.08 -10.15
N TYR E 68 43.79 11.61 -9.21
CA TYR E 68 44.26 10.63 -8.24
C TYR E 68 44.49 9.26 -8.87
N ASN E 69 44.10 9.09 -10.10
CA ASN E 69 44.32 7.84 -10.75
C ASN E 69 45.40 7.88 -11.73
N GLN E 70 45.47 8.87 -12.59
CA GLN E 70 46.64 9.08 -13.43
C GLN E 70 47.73 9.90 -12.77
N LEU E 71 48.23 9.32 -11.70
CA LEU E 71 49.23 9.73 -10.75
C LEU E 71 49.95 8.46 -10.32
N GLY E 72 49.35 7.29 -10.56
CA GLY E 72 49.88 5.98 -10.27
C GLY E 72 50.26 5.34 -11.58
N GLU E 73 50.90 6.18 -12.38
CA GLU E 73 51.47 5.97 -13.70
C GLU E 73 52.11 7.29 -14.12
N GLY E 74 52.25 7.53 -15.40
CA GLY E 74 52.88 8.77 -15.84
C GLY E 74 52.23 10.11 -15.45
N ILE E 75 52.96 11.20 -15.57
CA ILE E 75 52.26 12.43 -15.22
C ILE E 75 51.37 12.89 -16.38
N LEU E 76 50.32 13.63 -16.03
CA LEU E 76 49.37 14.15 -17.00
C LEU E 76 49.02 15.58 -16.62
N GLU E 77 47.96 16.10 -17.22
CA GLU E 77 47.69 17.53 -17.18
C GLU E 77 46.62 17.95 -16.17
N TYR E 78 45.80 17.02 -15.69
CA TYR E 78 44.74 17.37 -14.76
C TYR E 78 45.31 17.74 -13.40
N VAL E 79 45.24 19.02 -13.07
CA VAL E 79 45.94 19.57 -11.92
C VAL E 79 45.01 19.53 -10.71
N GLY E 80 45.61 19.62 -9.52
CA GLY E 80 44.86 19.67 -8.30
C GLY E 80 45.27 18.59 -7.35
N PRO E 81 44.88 18.71 -6.07
CA PRO E 81 44.16 19.78 -5.39
C PRO E 81 45.00 21.01 -5.13
N LEU E 82 44.36 22.18 -5.06
CA LEU E 82 45.07 23.41 -4.83
C LEU E 82 45.07 23.84 -3.37
N VAL E 83 44.28 23.17 -2.53
CA VAL E 83 44.29 23.37 -1.09
C VAL E 83 44.79 22.08 -0.46
N GLU E 84 45.54 22.21 0.63
CA GLU E 84 46.02 21.04 1.36
C GLU E 84 44.86 20.29 1.98
N PRO E 85 44.61 19.04 1.60
CA PRO E 85 43.41 18.33 2.04
C PRO E 85 43.61 17.76 3.44
N GLY E 86 42.58 17.07 3.91
CA GLY E 86 42.65 16.34 5.16
C GLY E 86 43.31 14.99 4.94
N LEU E 87 43.09 14.09 5.90
CA LEU E 87 43.62 12.74 5.77
C LEU E 87 42.79 11.93 4.78
N GLN E 88 41.52 11.72 5.08
CA GLN E 88 40.60 11.06 4.16
C GLN E 88 39.48 12.04 3.89
N GLU E 89 39.69 12.88 2.87
CA GLU E 89 38.71 13.88 2.47
C GLU E 89 38.18 13.51 1.11
N LYS E 90 36.86 13.54 0.97
CA LYS E 90 36.24 13.27 -0.31
C LYS E 90 36.58 14.42 -1.26
N PRO E 91 36.79 14.12 -2.55
CA PRO E 91 37.19 15.19 -3.47
C PRO E 91 36.12 16.22 -3.75
N LEU E 92 34.86 15.94 -3.42
CA LEU E 92 33.82 16.95 -3.57
C LEU E 92 33.97 18.05 -2.52
N SER E 93 34.34 17.67 -1.30
CA SER E 93 34.58 18.68 -0.27
C SER E 93 35.86 19.47 -0.55
N ILE E 94 36.86 18.82 -1.15
CA ILE E 94 38.06 19.53 -1.58
C ILE E 94 37.72 20.52 -2.67
N ALA E 95 36.84 20.13 -3.59
CA ALA E 95 36.36 21.03 -4.64
C ALA E 95 35.62 22.22 -4.07
N LEU E 96 34.78 21.99 -3.06
CA LEU E 96 34.04 23.09 -2.46
C LEU E 96 34.95 24.04 -1.70
N ARG E 97 36.00 23.51 -1.06
CA ARG E 97 36.94 24.40 -0.39
C ARG E 97 37.82 25.15 -1.37
N GLU E 98 38.02 24.61 -2.58
CA GLU E 98 38.73 25.36 -3.60
C GLU E 98 37.86 26.46 -4.19
N ILE E 99 36.56 26.19 -4.34
CA ILE E 99 35.62 27.20 -4.83
C ILE E 99 35.51 28.33 -3.82
N HIS E 100 35.45 27.99 -2.53
CA HIS E 100 35.21 28.98 -1.49
C HIS E 100 36.37 29.96 -1.33
N ALA E 101 37.59 29.53 -1.64
CA ALA E 101 38.76 30.37 -1.45
C ALA E 101 39.16 31.13 -2.72
N ASP E 102 38.30 31.14 -3.74
CA ASP E 102 38.49 31.86 -5.01
C ASP E 102 39.78 31.44 -5.71
N LEU E 103 39.84 30.16 -6.06
CA LEU E 103 40.99 29.59 -6.73
C LEU E 103 40.67 29.03 -8.10
N LEU E 104 39.42 29.03 -8.50
CA LEU E 104 39.01 28.51 -9.80
C LEU E 104 38.16 29.54 -10.51
N GLU E 105 38.01 29.36 -11.82
CA GLU E 105 37.11 30.18 -12.61
C GLU E 105 36.24 29.29 -13.49
N HIS E 106 35.14 29.86 -13.98
CA HIS E 106 34.20 29.11 -14.79
C HIS E 106 33.52 30.04 -15.77
N THR E 107 33.02 29.46 -16.86
CA THR E 107 32.23 30.17 -17.85
C THR E 107 30.99 29.35 -18.17
N GLU E 108 29.82 29.97 -18.04
CA GLU E 108 28.59 29.25 -18.36
C GLU E 108 28.44 29.08 -19.86
N GLY E 109 27.80 27.99 -20.26
CA GLY E 109 27.58 27.72 -21.67
C GLY E 109 26.47 28.56 -22.25
N SER F 212 -52.09 -15.47 -38.46
CA SER F 212 -50.69 -15.81 -38.29
C SER F 212 -49.80 -14.90 -39.10
N GLU F 213 -50.15 -13.63 -39.29
CA GLU F 213 -49.27 -12.74 -40.02
C GLU F 213 -48.06 -12.48 -39.13
N ALA F 214 -48.34 -12.24 -37.86
CA ALA F 214 -47.27 -12.05 -36.94
C ALA F 214 -46.50 -13.33 -36.78
N LEU F 215 -47.17 -14.46 -36.66
CA LEU F 215 -46.50 -15.73 -36.49
C LEU F 215 -45.69 -16.08 -37.68
N ARG F 216 -46.09 -15.55 -38.83
CA ARG F 216 -45.47 -15.82 -40.13
C ARG F 216 -44.79 -14.60 -40.62
N GLN F 217 -44.27 -13.89 -39.65
CA GLN F 217 -43.51 -12.71 -39.88
C GLN F 217 -42.32 -12.99 -39.03
N ALA F 218 -42.50 -12.79 -37.74
CA ALA F 218 -41.39 -12.95 -36.80
C ALA F 218 -40.58 -14.19 -37.15
N ARG F 219 -41.17 -15.12 -37.89
CA ARG F 219 -40.38 -16.19 -38.48
C ARG F 219 -39.56 -15.68 -39.64
N LYS F 220 -40.06 -14.65 -40.33
CA LYS F 220 -39.29 -14.03 -41.41
C LYS F 220 -38.25 -13.06 -40.86
N ASP F 221 -38.62 -12.28 -39.84
CA ASP F 221 -37.72 -11.30 -39.27
C ASP F 221 -36.70 -11.91 -38.32
N ALA F 222 -36.69 -13.23 -38.14
CA ALA F 222 -35.73 -13.85 -37.24
C ALA F 222 -34.36 -13.98 -37.87
N GLU F 223 -34.31 -14.27 -39.18
CA GLU F 223 -33.05 -14.62 -39.83
C GLU F 223 -32.28 -13.41 -40.33
N LEU F 224 -32.64 -12.19 -39.91
CA LEU F 224 -31.95 -10.99 -40.35
C LEU F 224 -31.24 -10.28 -39.21
N THR F 225 -31.03 -10.95 -38.08
CA THR F 225 -30.42 -10.34 -36.89
C THR F 225 -28.97 -10.82 -36.77
N ALA F 226 -28.21 -10.16 -35.90
CA ALA F 226 -26.77 -10.36 -35.87
C ALA F 226 -26.37 -11.66 -35.18
N SER F 227 -26.80 -11.84 -33.92
CA SER F 227 -26.43 -12.96 -33.04
C SER F 227 -24.92 -13.04 -32.88
N ALA F 228 -24.34 -12.08 -32.15
CA ALA F 228 -22.91 -11.82 -32.18
C ALA F 228 -22.05 -12.95 -31.60
N ASP F 229 -22.65 -13.91 -30.91
CA ASP F 229 -21.91 -15.10 -30.52
C ASP F 229 -21.70 -15.97 -31.75
N SER F 230 -20.43 -16.25 -32.08
CA SER F 230 -20.09 -16.87 -33.35
C SER F 230 -20.50 -18.33 -33.43
N VAL F 231 -20.54 -19.02 -32.28
CA VAL F 231 -20.99 -20.41 -32.25
C VAL F 231 -22.45 -20.51 -32.66
N ARG F 232 -23.28 -19.63 -32.09
CA ARG F 232 -24.69 -19.58 -32.45
C ARG F 232 -24.88 -19.16 -33.89
N ALA F 233 -24.00 -18.31 -34.42
CA ALA F 233 -24.05 -17.93 -35.83
C ALA F 233 -23.76 -19.12 -36.73
N TYR F 234 -22.79 -19.95 -36.35
CA TYR F 234 -22.48 -21.14 -37.14
C TYR F 234 -23.60 -22.16 -37.08
N LEU F 235 -24.24 -22.31 -35.91
CA LEU F 235 -25.34 -23.26 -35.79
C LEU F 235 -26.55 -22.82 -36.57
N LYS F 236 -26.86 -21.52 -36.55
CA LYS F 236 -27.96 -21.01 -37.37
C LYS F 236 -27.62 -21.08 -38.85
N GLN F 237 -26.34 -20.98 -39.21
CA GLN F 237 -25.96 -21.12 -40.61
C GLN F 237 -26.13 -22.56 -41.10
N ILE F 238 -25.71 -23.54 -40.29
CA ILE F 238 -25.85 -24.93 -40.72
C ILE F 238 -27.26 -25.47 -40.53
N GLY F 239 -28.15 -24.73 -39.87
CA GLY F 239 -29.51 -25.21 -39.72
C GLY F 239 -30.35 -25.15 -40.98
N LYS F 240 -29.87 -24.48 -42.03
CA LYS F 240 -30.69 -24.23 -43.20
C LYS F 240 -30.65 -25.33 -44.25
N VAL F 241 -29.91 -26.40 -44.03
CA VAL F 241 -29.82 -27.50 -44.99
C VAL F 241 -30.46 -28.74 -44.38
N ALA F 242 -31.33 -29.38 -45.15
CA ALA F 242 -32.07 -30.53 -44.66
C ALA F 242 -31.20 -31.79 -44.67
N LEU F 243 -31.69 -32.82 -44.00
CA LEU F 243 -30.97 -34.09 -43.90
C LEU F 243 -31.23 -34.93 -45.14
N LEU F 244 -30.78 -36.18 -45.12
CA LEU F 244 -31.00 -37.10 -46.24
C LEU F 244 -31.54 -38.41 -45.70
N ASN F 245 -32.11 -39.20 -46.58
CA ASN F 245 -32.57 -40.55 -46.24
C ASN F 245 -31.52 -41.57 -46.64
N ALA F 246 -31.90 -42.85 -46.57
CA ALA F 246 -30.92 -43.91 -46.71
C ALA F 246 -30.55 -44.18 -48.17
N GLU F 247 -31.33 -43.66 -49.11
CA GLU F 247 -31.11 -43.94 -50.52
C GLU F 247 -30.78 -42.70 -51.34
N GLU F 248 -30.68 -41.53 -50.70
CA GLU F 248 -30.25 -40.33 -51.43
C GLU F 248 -28.72 -40.25 -51.44
N GLU F 249 -28.09 -40.70 -50.36
CA GLU F 249 -26.64 -40.70 -50.27
C GLU F 249 -26.03 -41.66 -51.29
N VAL F 250 -26.76 -42.71 -51.65
CA VAL F 250 -26.32 -43.62 -52.69
C VAL F 250 -26.26 -42.91 -54.04
N GLU F 251 -27.29 -42.10 -54.34
CA GLU F 251 -27.30 -41.34 -55.58
C GLU F 251 -26.20 -40.29 -55.60
N LEU F 252 -25.97 -39.61 -54.46
CA LEU F 252 -24.91 -38.62 -54.38
C LEU F 252 -23.53 -39.25 -54.52
N ALA F 253 -23.33 -40.43 -53.94
CA ALA F 253 -22.04 -41.10 -54.06
C ALA F 253 -21.81 -41.60 -55.48
N LYS F 254 -22.87 -42.08 -56.15
CA LYS F 254 -22.75 -42.44 -57.56
C LYS F 254 -22.38 -41.25 -58.43
N ARG F 255 -22.99 -40.08 -58.17
CA ARG F 255 -22.64 -38.87 -58.90
C ARG F 255 -21.20 -38.44 -58.65
N ILE F 256 -20.74 -38.56 -57.40
CA ILE F 256 -19.36 -38.21 -57.04
C ILE F 256 -18.36 -39.11 -57.76
N GLU F 257 -18.62 -40.43 -57.75
CA GLU F 257 -17.68 -41.36 -58.36
C GLU F 257 -17.67 -41.23 -59.89
N ALA F 258 -18.84 -40.95 -60.48
CA ALA F 258 -18.88 -40.71 -61.92
C ALA F 258 -18.14 -39.42 -62.29
N GLY F 259 -18.27 -38.38 -61.48
CA GLY F 259 -17.57 -37.14 -61.76
C GLY F 259 -16.07 -37.28 -61.60
N LEU F 260 -15.64 -38.09 -60.64
CA LEU F 260 -14.20 -38.33 -60.45
C LEU F 260 -13.63 -39.13 -61.61
N TYR F 261 -14.37 -40.13 -62.09
CA TYR F 261 -13.92 -40.90 -63.25
C TYR F 261 -13.88 -40.04 -64.50
N ALA F 262 -14.83 -39.13 -64.65
CA ALA F 262 -14.84 -38.25 -65.82
C ALA F 262 -13.70 -37.25 -65.78
N THR F 263 -13.39 -36.72 -64.60
CA THR F 263 -12.26 -35.80 -64.49
C THR F 263 -10.94 -36.52 -64.69
N GLN F 264 -10.88 -37.81 -64.32
CA GLN F 264 -9.66 -38.56 -64.60
C GLN F 264 -9.50 -38.84 -66.09
N LEU F 265 -10.59 -39.21 -66.77
CA LEU F 265 -10.52 -39.45 -68.21
C LEU F 265 -10.24 -38.16 -68.96
N MET F 266 -10.69 -37.02 -68.41
CA MET F 266 -10.37 -35.72 -68.99
C MET F 266 -8.87 -35.45 -68.95
N THR F 267 -8.20 -35.82 -67.87
CA THR F 267 -6.77 -35.61 -67.79
C THR F 267 -6.01 -36.59 -68.67
N GLU F 268 -6.54 -37.80 -68.81
CA GLU F 268 -5.91 -38.82 -69.65
C GLU F 268 -6.12 -38.53 -71.13
N LEU F 269 -7.11 -37.69 -71.46
CA LEU F 269 -7.35 -37.30 -72.84
C LEU F 269 -7.06 -35.82 -73.08
N SER F 270 -6.50 -35.13 -72.09
CA SER F 270 -6.02 -33.76 -72.26
C SER F 270 -4.58 -33.71 -72.76
N GLU F 271 -4.10 -34.79 -73.36
CA GLU F 271 -2.80 -34.90 -73.99
C GLU F 271 -3.02 -35.65 -75.29
N ARG F 272 -1.96 -36.25 -75.84
CA ARG F 272 -2.05 -37.08 -77.03
C ARG F 272 -3.04 -38.22 -76.81
N GLY F 273 -3.73 -38.61 -77.88
CA GLY F 273 -4.66 -39.71 -77.86
C GLY F 273 -5.93 -39.44 -78.63
N GLU F 274 -6.44 -38.20 -78.54
CA GLU F 274 -7.59 -37.71 -79.32
C GLU F 274 -7.83 -36.23 -79.08
N LYS F 275 -8.85 -35.70 -79.77
CA LYS F 275 -9.56 -34.49 -79.37
C LYS F 275 -11.04 -34.80 -79.48
N LEU F 276 -11.82 -34.22 -78.57
CA LEU F 276 -13.21 -34.64 -78.48
C LEU F 276 -14.14 -33.68 -79.20
N PRO F 277 -15.24 -34.18 -79.76
CA PRO F 277 -16.25 -33.29 -80.32
C PRO F 277 -17.01 -32.55 -79.23
N ALA F 278 -17.75 -31.53 -79.64
CA ALA F 278 -18.33 -30.58 -78.68
C ALA F 278 -19.43 -31.20 -77.85
N ALA F 279 -20.08 -32.24 -78.37
CA ALA F 279 -21.15 -32.91 -77.63
C ALA F 279 -20.59 -33.65 -76.42
N GLN F 280 -19.57 -34.47 -76.62
CA GLN F 280 -18.96 -35.23 -75.53
C GLN F 280 -18.24 -34.31 -74.56
N ARG F 281 -17.62 -33.24 -75.07
CA ARG F 281 -17.03 -32.21 -74.21
C ARG F 281 -18.07 -31.57 -73.31
N ARG F 282 -19.23 -31.23 -73.88
CA ARG F 282 -20.28 -30.57 -73.12
C ARG F 282 -20.85 -31.50 -72.06
N ASP F 283 -21.15 -32.75 -72.42
CA ASP F 283 -21.77 -33.64 -71.45
C ASP F 283 -20.77 -34.11 -70.38
N MET F 284 -19.49 -34.30 -70.74
CA MET F 284 -18.54 -34.73 -69.73
C MET F 284 -18.15 -33.57 -68.81
N MET F 285 -18.15 -32.34 -69.32
CA MET F 285 -17.95 -31.19 -68.43
C MET F 285 -19.14 -30.99 -67.51
N TRP F 286 -20.35 -31.26 -68.01
CA TRP F 286 -21.53 -31.17 -67.15
C TRP F 286 -21.54 -32.28 -66.10
N ILE F 287 -21.04 -33.47 -66.45
CA ILE F 287 -20.99 -34.57 -65.50
C ILE F 287 -19.94 -34.29 -64.41
N CYS F 288 -18.82 -33.68 -64.80
CA CYS F 288 -17.81 -33.28 -63.82
C CYS F 288 -18.32 -32.19 -62.90
N ARG F 289 -19.02 -31.20 -63.46
CA ARG F 289 -19.57 -30.11 -62.65
C ARG F 289 -20.66 -30.62 -61.72
N ASP F 290 -21.43 -31.62 -62.16
CA ASP F 290 -22.43 -32.21 -61.27
C ASP F 290 -21.78 -33.06 -60.20
N GLY F 291 -20.65 -33.69 -60.50
CA GLY F 291 -19.95 -34.46 -59.48
C GLY F 291 -19.31 -33.57 -58.43
N ASP F 292 -18.96 -32.35 -58.82
CA ASP F 292 -18.39 -31.43 -57.83
C ASP F 292 -19.46 -30.84 -56.91
N ARG F 293 -20.74 -31.06 -57.22
CA ARG F 293 -21.80 -30.45 -56.42
C ARG F 293 -22.26 -31.37 -55.29
N ALA F 294 -22.30 -32.68 -55.53
CA ALA F 294 -22.73 -33.60 -54.49
C ALA F 294 -21.68 -33.69 -53.38
N LYS F 295 -20.41 -33.46 -53.72
CA LYS F 295 -19.36 -33.41 -52.73
C LYS F 295 -19.54 -32.25 -51.76
N ASN F 296 -20.20 -31.18 -52.18
CA ASN F 296 -20.58 -30.14 -51.25
C ASN F 296 -21.87 -30.47 -50.52
N HIS F 297 -22.83 -31.10 -51.24
CA HIS F 297 -24.15 -31.35 -50.68
C HIS F 297 -24.09 -32.34 -49.51
N LEU F 298 -23.20 -33.33 -49.60
CA LEU F 298 -23.11 -34.33 -48.54
C LEU F 298 -22.51 -33.76 -47.26
N LEU F 299 -21.48 -32.92 -47.40
CA LEU F 299 -20.88 -32.28 -46.24
C LEU F 299 -21.85 -31.29 -45.60
N GLU F 300 -22.57 -30.52 -46.42
CA GLU F 300 -23.59 -29.62 -45.90
C GLU F 300 -24.74 -30.37 -45.25
N ALA F 301 -24.98 -31.61 -45.65
CA ALA F 301 -25.96 -32.43 -44.95
C ALA F 301 -25.46 -32.87 -43.58
N ASN F 302 -24.19 -33.26 -43.48
CA ASN F 302 -23.71 -33.94 -42.28
C ASN F 302 -22.96 -33.03 -41.29
N LEU F 303 -22.96 -31.70 -41.54
CA LEU F 303 -22.40 -30.77 -40.57
C LEU F 303 -23.06 -30.86 -39.19
N ARG F 304 -24.36 -31.16 -39.15
CA ARG F 304 -25.05 -31.31 -37.87
C ARG F 304 -24.58 -32.55 -37.12
N LEU F 305 -24.25 -33.61 -37.84
CA LEU F 305 -23.66 -34.80 -37.22
C LEU F 305 -22.30 -34.49 -36.64
N VAL F 306 -21.51 -33.67 -37.35
CA VAL F 306 -20.21 -33.23 -36.83
C VAL F 306 -20.39 -32.45 -35.53
N VAL F 307 -21.39 -31.56 -35.49
CA VAL F 307 -21.63 -30.76 -34.29
C VAL F 307 -22.09 -31.64 -33.12
N SER F 308 -22.99 -32.59 -33.39
CA SER F 308 -23.49 -33.47 -32.34
C SER F 308 -22.41 -34.39 -31.80
N LEU F 309 -21.45 -34.77 -32.63
CA LEU F 309 -20.33 -35.56 -32.11
C LEU F 309 -19.35 -34.70 -31.34
N ALA F 310 -19.05 -33.50 -31.83
CA ALA F 310 -18.03 -32.67 -31.23
C ALA F 310 -18.48 -31.98 -29.96
N LYS F 311 -19.78 -31.94 -29.67
CA LYS F 311 -20.24 -31.19 -28.52
C LYS F 311 -19.99 -31.88 -27.19
N ARG F 312 -19.51 -33.12 -27.17
CA ARG F 312 -19.29 -33.84 -25.93
C ARG F 312 -17.82 -34.16 -25.72
N TYR F 313 -16.95 -33.30 -26.25
CA TYR F 313 -15.52 -33.35 -25.95
C TYR F 313 -15.04 -32.04 -25.35
N THR F 314 -15.92 -31.05 -25.21
CA THR F 314 -15.52 -29.72 -24.83
C THR F 314 -15.15 -29.67 -23.34
N GLY F 315 -14.56 -28.55 -22.95
CA GLY F 315 -14.19 -28.34 -21.57
C GLY F 315 -12.77 -28.74 -21.23
N ARG F 316 -12.07 -29.45 -22.11
CA ARG F 316 -10.70 -29.88 -21.83
C ARG F 316 -9.81 -29.54 -23.02
N GLY F 317 -9.00 -28.50 -22.86
CA GLY F 317 -7.99 -28.16 -23.84
C GLY F 317 -8.42 -27.21 -24.93
N MET F 318 -9.24 -27.69 -25.86
CA MET F 318 -9.55 -26.95 -27.07
C MET F 318 -10.91 -26.31 -26.99
N ALA F 319 -11.07 -25.20 -27.71
CA ALA F 319 -12.35 -24.53 -27.79
C ALA F 319 -13.30 -25.32 -28.68
N PHE F 320 -14.57 -24.93 -28.65
CA PHE F 320 -15.60 -25.72 -29.30
C PHE F 320 -15.52 -25.61 -30.82
N LEU F 321 -15.21 -24.41 -31.34
CA LEU F 321 -15.14 -24.22 -32.78
C LEU F 321 -13.97 -24.95 -33.41
N ASP F 322 -12.87 -25.10 -32.67
CA ASP F 322 -11.76 -25.88 -33.19
C ASP F 322 -12.11 -27.35 -33.28
N LEU F 323 -12.89 -27.86 -32.33
CA LEU F 323 -13.37 -29.23 -32.41
C LEU F 323 -14.30 -29.42 -33.60
N ILE F 324 -15.15 -28.43 -33.88
CA ILE F 324 -16.03 -28.52 -35.05
C ILE F 324 -15.23 -28.51 -36.34
N GLN F 325 -14.18 -27.69 -36.41
CA GLN F 325 -13.42 -27.62 -37.66
C GLN F 325 -12.58 -28.87 -37.91
N GLU F 326 -12.03 -29.45 -36.85
CA GLU F 326 -11.32 -30.72 -37.03
C GLU F 326 -12.27 -31.85 -37.37
N GLY F 327 -13.49 -31.82 -36.82
CA GLY F 327 -14.51 -32.73 -37.27
C GLY F 327 -14.90 -32.55 -38.72
N ASN F 328 -14.87 -31.30 -39.21
CA ASN F 328 -15.15 -31.05 -40.63
C ASN F 328 -14.06 -31.65 -41.52
N LEU F 329 -12.80 -31.57 -41.08
CA LEU F 329 -11.72 -32.20 -41.83
C LEU F 329 -11.88 -33.73 -41.83
N GLY F 330 -12.31 -34.29 -40.71
CA GLY F 330 -12.61 -35.71 -40.67
C GLY F 330 -13.79 -36.09 -41.55
N LEU F 331 -14.78 -35.21 -41.67
CA LEU F 331 -15.91 -35.47 -42.55
C LEU F 331 -15.48 -35.46 -44.01
N ILE F 332 -14.57 -34.56 -44.38
CA ILE F 332 -14.04 -34.56 -45.74
C ILE F 332 -13.31 -35.86 -46.03
N ARG F 333 -12.52 -36.34 -45.06
CA ARG F 333 -11.86 -37.63 -45.21
C ARG F 333 -12.84 -38.78 -45.33
N ALA F 334 -13.90 -38.76 -44.51
CA ALA F 334 -14.87 -39.85 -44.50
C ALA F 334 -15.69 -39.89 -45.78
N VAL F 335 -16.04 -38.73 -46.32
CA VAL F 335 -16.74 -38.71 -47.60
C VAL F 335 -15.81 -38.99 -48.77
N GLU F 336 -14.50 -38.84 -48.58
CA GLU F 336 -13.55 -39.29 -49.58
C GLU F 336 -13.40 -40.79 -49.58
N LYS F 337 -13.51 -41.43 -48.41
CA LYS F 337 -13.27 -42.88 -48.32
C LYS F 337 -14.55 -43.66 -48.04
N PHE F 338 -15.69 -43.25 -48.58
CA PHE F 338 -16.98 -43.86 -48.29
C PHE F 338 -17.34 -44.82 -49.41
N ASP F 339 -17.84 -46.00 -49.05
CA ASP F 339 -18.27 -47.00 -50.00
C ASP F 339 -19.77 -47.26 -49.82
N TYR F 340 -20.54 -46.96 -50.85
CA TYR F 340 -21.99 -47.16 -50.83
C TYR F 340 -22.40 -48.61 -51.09
N THR F 341 -21.52 -49.41 -51.69
CA THR F 341 -21.83 -50.78 -52.03
C THR F 341 -21.72 -51.74 -50.86
N LYS F 342 -21.28 -51.26 -49.69
CA LYS F 342 -21.30 -52.10 -48.50
C LYS F 342 -22.66 -52.10 -47.82
N GLY F 343 -23.60 -51.31 -48.30
CA GLY F 343 -24.97 -51.39 -47.83
C GLY F 343 -25.19 -50.89 -46.42
N TYR F 344 -24.42 -49.89 -45.99
CA TYR F 344 -24.59 -49.32 -44.66
C TYR F 344 -24.91 -47.84 -44.79
N LYS F 345 -25.40 -47.27 -43.70
CA LYS F 345 -25.68 -45.85 -43.63
C LYS F 345 -24.35 -45.08 -43.59
N PHE F 346 -24.42 -43.79 -43.95
CA PHE F 346 -23.23 -42.97 -43.96
C PHE F 346 -22.74 -42.66 -42.55
N SER F 347 -23.65 -42.53 -41.59
CA SER F 347 -23.26 -42.08 -40.27
C SER F 347 -22.45 -43.12 -39.51
N THR F 348 -22.76 -44.41 -39.73
CA THR F 348 -22.03 -45.48 -39.07
C THR F 348 -20.57 -45.52 -39.48
N TYR F 349 -20.30 -45.25 -40.76
CA TYR F 349 -18.91 -45.18 -41.18
C TYR F 349 -18.26 -43.86 -40.80
N ALA F 350 -18.98 -42.75 -40.93
CA ALA F 350 -18.36 -41.45 -40.74
C ALA F 350 -18.08 -41.10 -39.28
N THR F 351 -18.79 -41.75 -38.34
CA THR F 351 -18.56 -41.52 -36.93
C THR F 351 -17.14 -41.89 -36.53
N TRP F 352 -16.58 -42.94 -37.14
CA TRP F 352 -15.22 -43.36 -36.86
C TRP F 352 -14.21 -42.29 -37.25
N TRP F 353 -14.32 -41.76 -38.47
CA TRP F 353 -13.35 -40.79 -38.94
C TRP F 353 -13.49 -39.45 -38.22
N ILE F 354 -14.73 -39.08 -37.86
CA ILE F 354 -14.93 -37.82 -37.16
C ILE F 354 -14.38 -37.89 -35.73
N ARG F 355 -14.64 -39.02 -35.03
CA ARG F 355 -14.10 -39.19 -33.69
C ARG F 355 -12.58 -39.27 -33.70
N GLN F 356 -12.01 -39.90 -34.73
CA GLN F 356 -10.56 -39.98 -34.86
C GLN F 356 -9.95 -38.60 -35.07
N ALA F 357 -10.59 -37.77 -35.91
CA ALA F 357 -10.06 -36.43 -36.16
C ALA F 357 -10.11 -35.57 -34.91
N ILE F 358 -11.20 -35.66 -34.15
CA ILE F 358 -11.32 -34.86 -32.92
C ILE F 358 -10.31 -35.31 -31.87
N THR F 359 -10.16 -36.62 -31.67
CA THR F 359 -9.23 -37.09 -30.65
C THR F 359 -7.78 -36.88 -31.05
N ARG F 360 -7.46 -37.00 -32.34
CA ARG F 360 -6.10 -36.72 -32.80
C ARG F 360 -5.77 -35.24 -32.67
N ALA F 361 -6.74 -34.36 -32.90
CA ALA F 361 -6.50 -32.94 -32.69
C ALA F 361 -6.31 -32.61 -31.22
N MET F 362 -7.09 -33.26 -30.34
CA MET F 362 -6.89 -33.06 -28.92
C MET F 362 -5.56 -33.65 -28.43
N ALA F 363 -5.02 -34.62 -29.15
CA ALA F 363 -3.67 -35.09 -28.82
C ALA F 363 -2.62 -34.10 -29.29
N ASP F 364 -2.77 -33.56 -30.51
CA ASP F 364 -1.69 -32.78 -31.11
C ASP F 364 -1.65 -31.33 -30.60
N GLN F 365 -2.76 -30.61 -30.69
CA GLN F 365 -2.75 -29.17 -30.51
C GLN F 365 -3.56 -28.74 -29.29
N ALA F 366 -3.37 -29.39 -28.16
CA ALA F 366 -4.05 -28.98 -26.93
C ALA F 366 -3.12 -28.62 -25.79
N ARG F 367 -1.82 -28.92 -25.92
CA ARG F 367 -0.86 -28.61 -24.87
C ARG F 367 0.17 -27.63 -25.40
N THR F 368 0.67 -26.77 -24.51
CA THR F 368 1.66 -25.79 -24.92
C THR F 368 3.00 -26.43 -25.22
N ILE F 369 3.34 -27.53 -24.55
CA ILE F 369 4.47 -28.38 -24.90
C ILE F 369 3.90 -29.59 -25.63
N ARG F 370 4.25 -29.76 -26.90
CA ARG F 370 3.59 -30.75 -27.75
C ARG F 370 4.14 -32.12 -27.43
N ILE F 371 3.25 -33.05 -27.05
CA ILE F 371 3.64 -34.42 -26.77
C ILE F 371 3.21 -35.29 -27.94
N PRO F 372 4.02 -36.28 -28.35
CA PRO F 372 3.59 -37.21 -29.40
C PRO F 372 2.42 -38.07 -28.94
N VAL F 373 1.72 -38.63 -29.92
CA VAL F 373 0.41 -39.23 -29.62
C VAL F 373 0.53 -40.56 -28.89
N HIS F 374 1.68 -41.23 -28.94
CA HIS F 374 1.82 -42.45 -28.15
C HIS F 374 2.00 -42.13 -26.68
N MET F 375 2.68 -41.03 -26.36
CA MET F 375 2.82 -40.65 -24.97
C MET F 375 1.52 -40.07 -24.42
N VAL F 376 0.73 -39.39 -25.26
CA VAL F 376 -0.61 -38.98 -24.85
C VAL F 376 -1.49 -40.21 -24.63
N GLU F 377 -1.30 -41.26 -25.43
CA GLU F 377 -2.05 -42.49 -25.24
C GLU F 377 -1.70 -43.18 -23.93
N VAL F 378 -0.42 -43.27 -23.60
CA VAL F 378 -0.07 -43.92 -22.34
C VAL F 378 -0.42 -43.03 -21.15
N ILE F 379 -0.48 -41.71 -21.33
CA ILE F 379 -0.91 -40.83 -20.25
C ILE F 379 -2.40 -40.99 -19.99
N ASN F 380 -3.20 -41.10 -21.05
CA ASN F 380 -4.63 -41.35 -20.88
C ASN F 380 -4.89 -42.73 -20.26
N LYS F 381 -4.11 -43.73 -20.66
CA LYS F 381 -4.28 -45.07 -20.09
C LYS F 381 -3.90 -45.10 -18.62
N LEU F 382 -2.80 -44.41 -18.25
CA LEU F 382 -2.38 -44.34 -16.86
C LEU F 382 -3.40 -43.59 -16.01
N GLY F 383 -3.96 -42.50 -16.54
CA GLY F 383 -4.96 -41.75 -15.79
C GLY F 383 -6.25 -42.52 -15.60
N ARG F 384 -6.67 -43.26 -16.63
CA ARG F 384 -7.89 -44.07 -16.52
C ARG F 384 -7.70 -45.21 -15.53
N ILE F 385 -6.53 -45.87 -15.56
CA ILE F 385 -6.27 -46.97 -14.64
C ILE F 385 -6.13 -46.44 -13.22
N GLN F 386 -5.59 -45.23 -13.05
CA GLN F 386 -5.47 -44.62 -11.73
C GLN F 386 -6.83 -44.27 -11.16
N ARG F 387 -7.73 -43.73 -11.99
CA ARG F 387 -9.07 -43.39 -11.50
C ARG F 387 -9.88 -44.64 -11.19
N GLU F 388 -9.70 -45.71 -11.99
CA GLU F 388 -10.43 -46.95 -11.73
C GLU F 388 -9.96 -47.62 -10.44
N LEU F 389 -8.64 -47.67 -10.22
CA LEU F 389 -8.14 -48.24 -8.98
C LEU F 389 -8.47 -47.37 -7.78
N LEU F 390 -8.58 -46.05 -7.98
CA LEU F 390 -9.02 -45.18 -6.90
C LEU F 390 -10.46 -45.46 -6.51
N GLN F 391 -11.34 -45.64 -7.51
CA GLN F 391 -12.74 -45.93 -7.22
C GLN F 391 -12.92 -47.30 -6.61
N ASP F 392 -12.10 -48.28 -7.00
CA ASP F 392 -12.16 -49.59 -6.38
C ASP F 392 -11.61 -49.55 -4.96
N LEU F 393 -10.62 -48.72 -4.70
CA LEU F 393 -9.94 -48.72 -3.42
C LEU F 393 -10.48 -47.68 -2.44
N GLY F 394 -11.05 -46.59 -2.94
CA GLY F 394 -11.47 -45.51 -2.07
C GLY F 394 -10.35 -44.64 -1.56
N ARG F 395 -9.19 -44.68 -2.22
CA ARG F 395 -8.02 -43.93 -1.82
C ARG F 395 -7.19 -43.66 -3.06
N GLU F 396 -6.12 -42.91 -2.90
CA GLU F 396 -5.21 -42.70 -4.02
C GLU F 396 -4.24 -43.88 -4.13
N PRO F 397 -4.08 -44.47 -5.31
CA PRO F 397 -3.08 -45.54 -5.48
C PRO F 397 -1.64 -45.06 -5.42
N THR F 398 -0.72 -45.98 -5.59
CA THR F 398 0.71 -45.74 -5.39
C THR F 398 1.44 -46.01 -6.70
N PRO F 399 2.68 -45.52 -6.87
CA PRO F 399 3.41 -45.82 -8.13
C PRO F 399 3.69 -47.30 -8.36
N GLU F 400 4.19 -48.00 -7.34
CA GLU F 400 4.41 -49.44 -7.47
C GLU F 400 3.09 -50.20 -7.56
N GLU F 401 2.01 -49.62 -7.04
CA GLU F 401 0.70 -50.20 -7.25
C GLU F 401 0.21 -49.94 -8.67
N LEU F 402 0.54 -48.78 -9.23
CA LEU F 402 0.06 -48.45 -10.57
C LEU F 402 0.82 -49.22 -11.64
N ALA F 403 2.09 -49.52 -11.39
CA ALA F 403 2.88 -50.24 -12.38
C ALA F 403 2.48 -51.70 -12.45
N LYS F 404 1.84 -52.21 -11.40
CA LYS F 404 1.32 -53.57 -11.42
C LYS F 404 0.16 -53.71 -12.40
N GLU F 405 -0.65 -52.66 -12.52
CA GLU F 405 -1.81 -52.72 -13.39
C GLU F 405 -1.42 -52.49 -14.85
N MET F 406 -0.40 -51.67 -15.08
CA MET F 406 -0.08 -51.20 -16.42
C MET F 406 1.06 -51.97 -17.08
N ASP F 407 1.61 -52.98 -16.39
CA ASP F 407 2.66 -53.87 -16.90
C ASP F 407 3.90 -53.10 -17.31
N ILE F 408 4.38 -52.26 -16.40
CA ILE F 408 5.60 -51.48 -16.58
C ILE F 408 6.33 -51.44 -15.25
N THR F 409 7.46 -50.74 -15.23
CA THR F 409 8.22 -50.57 -14.01
C THR F 409 7.66 -49.39 -13.21
N PRO F 410 7.83 -49.36 -11.88
CA PRO F 410 7.40 -48.19 -11.12
C PRO F 410 8.33 -47.00 -11.27
N GLU F 411 9.52 -47.24 -11.82
CA GLU F 411 10.40 -46.14 -12.18
C GLU F 411 9.93 -45.45 -13.45
N LYS F 412 9.03 -46.10 -14.19
CA LYS F 412 8.48 -45.51 -15.41
C LYS F 412 7.25 -44.67 -15.09
N VAL F 413 6.54 -45.01 -14.01
CA VAL F 413 5.23 -44.43 -13.78
C VAL F 413 5.35 -42.98 -13.31
N LEU F 414 6.27 -42.70 -12.39
CA LEU F 414 6.47 -41.32 -11.96
C LEU F 414 7.14 -40.50 -13.06
N GLU F 415 7.93 -41.14 -13.92
CA GLU F 415 8.53 -40.42 -15.03
C GLU F 415 7.49 -40.06 -16.08
N ILE F 416 6.48 -40.92 -16.27
CA ILE F 416 5.34 -40.59 -17.12
C ILE F 416 4.50 -39.50 -16.47
N GLN F 417 4.33 -39.57 -15.14
CA GLN F 417 3.54 -38.57 -14.43
C GLN F 417 4.20 -37.20 -14.42
N GLN F 418 5.52 -37.15 -14.50
CA GLN F 418 6.24 -35.88 -14.59
C GLN F 418 6.40 -35.40 -16.03
N TYR F 419 5.56 -35.88 -16.94
CA TYR F 419 5.42 -35.32 -18.27
C TYR F 419 4.12 -34.56 -18.45
N ALA F 420 3.07 -34.92 -17.73
CA ALA F 420 1.74 -34.37 -17.92
C ALA F 420 1.46 -33.18 -17.02
N ARG F 421 2.50 -32.44 -16.63
CA ARG F 421 2.34 -31.25 -15.81
C ARG F 421 2.37 -30.03 -16.72
N GLU F 422 1.24 -29.34 -16.81
CA GLU F 422 1.05 -28.23 -17.73
C GLU F 422 1.60 -26.95 -17.11
N PRO F 423 2.13 -26.02 -17.94
CA PRO F 423 2.73 -24.79 -17.40
C PRO F 423 1.74 -23.86 -16.71
N ILE F 424 2.15 -23.32 -15.57
CA ILE F 424 1.34 -22.39 -14.79
C ILE F 424 1.60 -20.99 -15.37
N SER F 425 0.53 -20.25 -15.62
CA SER F 425 0.63 -18.98 -16.34
C SER F 425 1.35 -17.91 -15.53
N LEU F 426 2.25 -17.19 -16.19
CA LEU F 426 3.05 -16.15 -15.57
C LEU F 426 2.29 -14.88 -15.26
N ASP F 427 1.09 -14.71 -15.79
CA ASP F 427 0.42 -13.42 -15.75
C ASP F 427 -0.91 -13.49 -15.00
N GLN F 428 -0.93 -14.16 -13.86
CA GLN F 428 -2.08 -14.16 -12.97
C GLN F 428 -1.70 -13.50 -11.66
N THR F 429 -2.69 -12.90 -11.01
CA THR F 429 -2.47 -12.33 -9.69
C THR F 429 -2.37 -13.45 -8.65
N ILE F 430 -1.35 -13.38 -7.81
CA ILE F 430 -1.07 -14.46 -6.87
C ILE F 430 -1.71 -14.25 -5.50
N GLY F 431 -1.56 -13.09 -4.86
CA GLY F 431 -2.23 -12.84 -3.62
C GLY F 431 -3.55 -12.13 -3.81
N ASP F 432 -4.21 -11.83 -2.69
CA ASP F 432 -5.44 -11.05 -2.75
C ASP F 432 -5.15 -9.61 -3.11
N GLU F 433 -4.00 -9.10 -2.71
CA GLU F 433 -3.54 -7.80 -3.19
C GLU F 433 -3.17 -7.93 -4.67
N GLY F 434 -4.03 -7.38 -5.53
CA GLY F 434 -4.03 -7.75 -6.93
C GLY F 434 -2.96 -7.07 -7.77
N ASP F 435 -2.16 -6.19 -7.18
CA ASP F 435 -1.17 -5.47 -7.96
C ASP F 435 -0.01 -6.38 -8.37
N SER F 436 0.21 -7.46 -7.64
CA SER F 436 1.32 -8.34 -7.95
C SER F 436 0.86 -9.47 -8.85
N GLN F 437 1.76 -9.91 -9.72
CA GLN F 437 1.57 -11.09 -10.56
C GLN F 437 2.65 -12.09 -10.21
N LEU F 438 2.68 -13.20 -10.92
CA LEU F 438 3.68 -14.21 -10.61
C LEU F 438 5.06 -13.79 -11.09
N GLY F 439 5.17 -13.16 -12.25
CA GLY F 439 6.44 -12.79 -12.85
C GLY F 439 7.24 -11.77 -12.07
N ASP F 440 6.64 -11.11 -11.08
CA ASP F 440 7.37 -10.19 -10.22
C ASP F 440 8.05 -10.90 -9.06
N PHE F 441 7.94 -12.23 -8.97
CA PHE F 441 8.52 -12.95 -7.86
C PHE F 441 9.58 -13.96 -8.29
N ILE F 442 9.89 -14.04 -9.57
CA ILE F 442 10.81 -15.06 -10.08
C ILE F 442 12.14 -14.38 -10.34
N GLU F 443 13.16 -14.79 -9.60
CA GLU F 443 14.49 -14.23 -9.74
C GLU F 443 15.14 -14.75 -11.03
N ASP F 444 15.67 -13.84 -11.82
CA ASP F 444 16.38 -14.22 -13.03
C ASP F 444 17.77 -14.75 -12.66
N SER F 445 17.94 -16.07 -12.72
CA SER F 445 19.18 -16.68 -12.29
C SER F 445 20.27 -16.66 -13.35
N GLU F 446 19.91 -16.45 -14.62
CA GLU F 446 20.87 -16.36 -15.71
C GLU F 446 21.35 -14.94 -15.96
N ALA F 447 21.28 -14.07 -14.97
CA ALA F 447 21.71 -12.69 -15.13
C ALA F 447 23.16 -12.53 -14.70
N VAL F 448 23.69 -11.34 -14.89
CA VAL F 448 25.08 -11.04 -14.58
C VAL F 448 25.15 -10.56 -13.13
N VAL F 449 25.77 -11.37 -12.27
CA VAL F 449 26.05 -10.92 -10.91
C VAL F 449 27.19 -9.92 -10.97
N ALA F 450 26.95 -8.71 -10.46
CA ALA F 450 27.85 -7.60 -10.67
C ALA F 450 29.14 -7.68 -9.87
N VAL F 451 29.21 -8.56 -8.87
CA VAL F 451 30.39 -8.62 -8.01
C VAL F 451 31.20 -9.84 -8.42
N ASP F 452 30.76 -10.53 -9.47
CA ASP F 452 31.50 -11.65 -9.99
C ASP F 452 32.23 -11.25 -11.27
N ALA F 453 31.62 -10.37 -12.06
CA ALA F 453 32.23 -9.93 -13.32
C ALA F 453 33.40 -8.99 -13.06
N VAL F 454 33.41 -8.33 -11.90
CA VAL F 454 34.58 -7.57 -11.49
C VAL F 454 35.68 -8.51 -11.00
N SER F 455 35.29 -9.53 -10.25
CA SER F 455 36.25 -10.48 -9.70
C SER F 455 36.94 -11.29 -10.79
N PHE F 456 36.22 -11.61 -11.87
CA PHE F 456 36.84 -12.32 -12.97
C PHE F 456 37.86 -11.46 -13.70
N THR F 457 37.59 -10.16 -13.82
CA THR F 457 38.54 -9.24 -14.44
C THR F 457 39.79 -9.10 -13.59
N LEU F 458 39.62 -8.97 -12.27
CA LEU F 458 40.78 -8.89 -11.39
C LEU F 458 41.54 -10.21 -11.34
N LEU F 459 40.83 -11.32 -11.54
CA LEU F 459 41.50 -12.63 -11.62
C LEU F 459 42.33 -12.74 -12.88
N GLN F 460 41.83 -12.20 -14.00
CA GLN F 460 42.62 -12.19 -15.24
C GLN F 460 43.87 -11.33 -15.09
N ASP F 461 43.72 -10.16 -14.44
CA ASP F 461 44.87 -9.29 -14.24
C ASP F 461 45.90 -9.92 -13.30
N GLN F 462 45.44 -10.57 -12.24
CA GLN F 462 46.37 -11.25 -11.34
C GLN F 462 47.02 -12.45 -12.01
N LEU F 463 46.30 -13.12 -12.92
CA LEU F 463 46.86 -14.24 -13.66
C LEU F 463 47.99 -13.78 -14.57
N GLN F 464 47.78 -12.66 -15.29
CA GLN F 464 48.87 -12.13 -16.11
C GLN F 464 50.02 -11.61 -15.26
N SER F 465 49.73 -11.06 -14.09
CA SER F 465 50.80 -10.58 -13.22
C SER F 465 51.63 -11.71 -12.64
N VAL F 466 51.02 -12.88 -12.41
CA VAL F 466 51.79 -14.02 -11.93
C VAL F 466 52.53 -14.69 -13.08
N LEU F 467 51.90 -14.77 -14.26
CA LEU F 467 52.54 -15.38 -15.40
C LEU F 467 53.67 -14.54 -15.97
N ASP F 468 53.71 -13.24 -15.68
CA ASP F 468 54.83 -12.43 -16.15
C ASP F 468 56.11 -12.65 -15.37
N THR F 469 56.05 -13.24 -14.18
CA THR F 469 57.27 -13.51 -13.43
C THR F 469 57.96 -14.79 -13.88
N LEU F 470 57.36 -15.55 -14.79
CA LEU F 470 57.98 -16.74 -15.34
C LEU F 470 58.87 -16.36 -16.52
N SER F 471 59.41 -17.37 -17.18
CA SER F 471 60.32 -17.12 -18.29
C SER F 471 59.55 -16.79 -19.56
N GLU F 472 60.25 -16.71 -20.68
CA GLU F 472 59.61 -16.35 -21.93
C GLU F 472 58.88 -17.54 -22.55
N ARG F 473 59.49 -18.72 -22.50
CA ARG F 473 58.92 -19.87 -23.20
C ARG F 473 57.87 -20.58 -22.37
N GLU F 474 58.08 -20.67 -21.05
CA GLU F 474 57.13 -21.40 -20.21
C GLU F 474 55.80 -20.67 -20.10
N ALA F 475 55.82 -19.34 -20.12
CA ALA F 475 54.57 -18.59 -20.12
C ALA F 475 53.80 -18.79 -21.41
N GLY F 476 54.51 -18.85 -22.54
CA GLY F 476 53.85 -19.15 -23.80
C GLY F 476 53.32 -20.57 -23.86
N VAL F 477 54.05 -21.52 -23.26
CA VAL F 477 53.61 -22.90 -23.19
C VAL F 477 52.31 -23.01 -22.39
N VAL F 478 52.25 -22.31 -21.26
CA VAL F 478 51.03 -22.34 -20.44
C VAL F 478 49.88 -21.62 -21.15
N ARG F 479 50.15 -20.47 -21.76
CA ARG F 479 49.08 -19.70 -22.41
C ARG F 479 48.54 -20.40 -23.66
N LEU F 480 49.35 -21.22 -24.31
CA LEU F 480 48.80 -22.01 -25.41
C LEU F 480 48.23 -23.33 -24.96
N ARG F 481 48.70 -23.88 -23.84
CA ARG F 481 48.19 -25.15 -23.36
C ARG F 481 46.81 -24.98 -22.76
N PHE F 482 46.55 -23.87 -22.10
CA PHE F 482 45.24 -23.62 -21.51
C PHE F 482 44.41 -22.64 -22.31
N GLY F 483 44.96 -22.04 -23.36
CA GLY F 483 44.20 -21.17 -24.23
C GLY F 483 43.86 -19.83 -23.61
N LEU F 484 44.84 -19.20 -22.97
CA LEU F 484 44.57 -17.95 -22.26
C LEU F 484 44.61 -16.76 -23.21
N THR F 485 45.25 -16.89 -24.36
CA THR F 485 45.35 -15.77 -25.29
C THR F 485 44.26 -15.82 -26.35
N ASP F 486 43.99 -17.00 -26.90
CA ASP F 486 43.07 -17.13 -28.01
C ASP F 486 41.69 -17.63 -27.58
N GLY F 487 41.62 -18.44 -26.53
CA GLY F 487 40.38 -19.03 -26.07
C GLY F 487 40.23 -20.48 -26.45
N GLN F 488 40.89 -20.92 -27.52
CA GLN F 488 40.89 -22.31 -27.96
C GLN F 488 42.15 -23.00 -27.49
N PRO F 489 42.05 -24.09 -26.73
CA PRO F 489 43.26 -24.74 -26.21
C PRO F 489 43.99 -25.49 -27.31
N ARG F 490 45.24 -25.85 -27.00
CA ARG F 490 46.07 -26.58 -27.94
C ARG F 490 46.51 -27.90 -27.33
N THR F 491 47.02 -28.78 -28.18
CA THR F 491 47.61 -30.03 -27.74
C THR F 491 49.12 -29.85 -27.59
N LEU F 492 49.79 -30.91 -27.13
CA LEU F 492 51.25 -30.85 -27.00
C LEU F 492 51.93 -30.87 -28.35
N ASP F 493 51.34 -31.55 -29.33
CA ASP F 493 51.87 -31.50 -30.69
C ASP F 493 51.69 -30.13 -31.31
N GLU F 494 50.63 -29.40 -30.90
CA GLU F 494 50.40 -28.06 -31.44
C GLU F 494 51.44 -27.07 -30.95
N ILE F 495 51.89 -27.22 -29.70
CA ILE F 495 52.95 -26.35 -29.21
C ILE F 495 54.30 -26.82 -29.71
N GLY F 496 54.49 -28.14 -29.86
CA GLY F 496 55.74 -28.64 -30.38
C GLY F 496 55.96 -28.31 -31.84
N GLN F 497 54.87 -28.09 -32.59
CA GLN F 497 54.99 -27.63 -33.96
C GLN F 497 55.54 -26.22 -34.02
N VAL F 498 55.10 -25.35 -33.12
CA VAL F 498 55.55 -23.97 -33.12
C VAL F 498 56.87 -23.77 -32.38
N TYR F 499 57.29 -24.73 -31.56
CA TYR F 499 58.57 -24.65 -30.87
C TYR F 499 59.57 -25.70 -31.36
N GLY F 500 59.21 -26.50 -32.35
CA GLY F 500 60.18 -27.34 -33.02
C GLY F 500 60.66 -28.56 -32.26
N VAL F 501 59.90 -29.03 -31.27
CA VAL F 501 60.28 -30.19 -30.49
C VAL F 501 59.11 -31.18 -30.50
N THR F 502 59.30 -32.31 -29.81
CA THR F 502 58.29 -33.35 -29.76
C THR F 502 57.31 -33.07 -28.63
N ARG F 503 56.41 -34.01 -28.38
CA ARG F 503 55.42 -33.83 -27.32
C ARG F 503 56.04 -34.02 -25.94
N GLU F 504 57.06 -34.87 -25.84
CA GLU F 504 57.67 -35.13 -24.55
C GLU F 504 58.54 -33.97 -24.07
N ARG F 505 59.11 -33.18 -24.99
CA ARG F 505 59.85 -32.00 -24.58
C ARG F 505 58.91 -30.91 -24.08
N ILE F 506 57.76 -30.74 -24.74
CA ILE F 506 56.76 -29.78 -24.30
C ILE F 506 56.16 -30.21 -22.97
N ARG F 507 55.96 -31.52 -22.80
CA ARG F 507 55.30 -32.03 -21.61
C ARG F 507 56.17 -31.86 -20.38
N GLN F 508 57.48 -32.02 -20.50
CA GLN F 508 58.33 -31.84 -19.33
C GLN F 508 58.52 -30.36 -19.01
N ILE F 509 58.46 -29.50 -20.03
CA ILE F 509 58.44 -28.05 -19.79
C ILE F 509 57.21 -27.67 -19.00
N GLU F 510 56.05 -28.21 -19.39
CA GLU F 510 54.81 -27.94 -18.68
C GLU F 510 54.83 -28.54 -17.28
N SER F 511 55.44 -29.72 -17.12
CA SER F 511 55.46 -30.36 -15.81
C SER F 511 56.44 -29.67 -14.87
N LYS F 512 57.43 -28.98 -15.41
CA LYS F 512 58.28 -28.12 -14.58
C LYS F 512 57.62 -26.78 -14.27
N THR F 513 56.87 -26.22 -15.22
CA THR F 513 56.23 -24.93 -14.99
C THR F 513 55.09 -25.06 -13.98
N MET F 514 54.36 -26.17 -13.99
CA MET F 514 53.30 -26.36 -13.03
C MET F 514 53.86 -26.62 -11.63
N SER F 515 55.08 -27.13 -11.55
CA SER F 515 55.72 -27.25 -10.25
C SER F 515 56.24 -25.90 -9.78
N LYS F 516 56.66 -25.05 -10.73
CA LYS F 516 57.09 -23.71 -10.37
C LYS F 516 55.91 -22.84 -9.94
N LEU F 517 54.72 -23.12 -10.46
CA LEU F 517 53.54 -22.35 -10.08
C LEU F 517 52.92 -22.81 -8.78
N ARG F 518 53.27 -23.99 -8.27
CA ARG F 518 52.82 -24.43 -6.96
C ARG F 518 53.71 -23.90 -5.84
N HIS F 519 54.66 -23.06 -6.16
CA HIS F 519 55.46 -22.36 -5.17
C HIS F 519 54.55 -21.42 -4.38
N PRO F 520 54.76 -21.25 -3.06
CA PRO F 520 53.84 -20.42 -2.25
C PRO F 520 53.84 -18.96 -2.64
N SER F 521 54.95 -18.48 -3.20
CA SER F 521 54.98 -17.11 -3.73
C SER F 521 54.12 -16.98 -4.97
N ARG F 522 53.87 -18.08 -5.69
CA ARG F 522 52.98 -18.07 -6.84
C ARG F 522 51.62 -18.68 -6.55
N SER F 523 51.44 -19.28 -5.38
CA SER F 523 50.16 -19.90 -5.02
C SER F 523 49.35 -19.08 -4.03
N GLN F 524 50.01 -18.24 -3.21
CA GLN F 524 49.31 -17.55 -2.14
C GLN F 524 48.40 -16.46 -2.68
N VAL F 525 48.86 -15.73 -3.71
CA VAL F 525 48.04 -14.66 -4.27
C VAL F 525 46.92 -15.18 -5.16
N LEU F 526 46.94 -16.46 -5.52
CA LEU F 526 45.87 -17.06 -6.32
C LEU F 526 44.95 -17.97 -5.52
N ARG F 527 45.33 -18.34 -4.30
CA ARG F 527 44.53 -19.30 -3.53
C ARG F 527 43.19 -18.72 -3.11
N ASP F 528 43.09 -17.39 -3.02
CA ASP F 528 41.85 -16.76 -2.59
C ASP F 528 40.76 -16.83 -3.65
N TYR F 529 41.11 -17.07 -4.92
CA TYR F 529 40.13 -17.07 -5.99
C TYR F 529 39.47 -18.42 -6.23
N LEU F 530 39.69 -19.40 -5.35
CA LEU F 530 39.00 -20.67 -5.46
C LEU F 530 38.42 -21.11 -4.11
N ARG G 4 10.09 -17.43 0.75
CA ARG G 4 10.83 -18.20 -0.24
C ARG G 4 11.05 -17.36 -1.50
N VAL G 5 11.98 -17.77 -2.33
CA VAL G 5 12.25 -17.04 -3.55
C VAL G 5 12.23 -18.21 -4.47
N LEU G 6 11.82 -18.03 -5.72
CA LEU G 6 11.80 -19.15 -6.61
C LEU G 6 12.50 -18.92 -7.88
N ARG G 7 13.80 -18.83 -7.84
CA ARG G 7 14.61 -18.63 -9.02
C ARG G 7 14.18 -19.49 -10.15
N GLY G 8 14.39 -19.07 -11.38
CA GLY G 8 14.13 -19.80 -12.61
C GLY G 8 15.08 -19.35 -13.69
N SER G 9 15.17 -20.15 -14.74
CA SER G 9 16.04 -19.83 -15.85
C SER G 9 15.43 -20.32 -17.15
N ARG G 10 15.41 -19.45 -18.15
CA ARG G 10 15.30 -19.90 -19.52
C ARG G 10 16.58 -20.65 -19.84
N LEU G 11 16.45 -21.84 -20.42
CA LEU G 11 17.57 -22.77 -20.47
C LEU G 11 18.63 -22.29 -21.47
N GLY G 12 19.80 -22.00 -20.94
CA GLY G 12 20.87 -21.44 -21.72
C GLY G 12 22.04 -21.11 -20.82
N ALA G 13 23.01 -20.40 -21.39
CA ALA G 13 24.23 -20.12 -20.64
C ALA G 13 24.72 -18.72 -20.96
N VAL G 14 25.53 -18.19 -20.05
CA VAL G 14 26.21 -16.91 -20.21
C VAL G 14 27.69 -17.18 -20.03
N SER G 15 28.47 -16.98 -21.10
CA SER G 15 29.90 -17.18 -21.04
C SER G 15 30.62 -15.84 -20.86
N TYR G 16 31.84 -15.93 -20.33
CA TYR G 16 32.58 -14.74 -19.94
C TYR G 16 33.83 -14.51 -20.78
N GLU G 17 33.81 -14.78 -22.08
CA GLU G 17 34.98 -14.44 -22.87
C GLU G 17 34.81 -12.98 -23.13
N THR G 18 35.85 -12.18 -22.97
CA THR G 18 35.75 -10.79 -23.29
C THR G 18 35.68 -10.85 -24.79
N ASP G 19 34.86 -9.98 -25.33
CA ASP G 19 34.58 -9.93 -26.71
C ASP G 19 35.74 -9.43 -27.46
N ARG G 20 35.78 -9.77 -28.74
CA ARG G 20 36.87 -9.42 -29.65
C ARG G 20 36.34 -8.99 -30.95
N ASN G 21 37.18 -8.32 -31.70
CA ASN G 21 36.79 -7.97 -33.02
C ASN G 21 37.80 -7.89 -34.12
N HIS G 22 38.86 -8.64 -34.00
CA HIS G 22 39.88 -8.64 -35.01
C HIS G 22 40.26 -9.98 -35.62
N ASP G 23 40.54 -11.01 -34.83
CA ASP G 23 40.86 -12.29 -35.45
C ASP G 23 39.68 -13.19 -35.32
N LEU G 24 39.03 -13.57 -36.41
CA LEU G 24 37.87 -14.44 -36.38
C LEU G 24 38.00 -15.30 -37.57
N ALA G 25 37.71 -16.59 -37.51
CA ALA G 25 37.91 -17.39 -38.71
C ALA G 25 37.05 -16.82 -39.78
N PRO G 26 37.62 -16.78 -40.97
CA PRO G 26 37.21 -16.19 -42.24
C PRO G 26 35.97 -16.85 -42.81
N ARG G 27 35.17 -16.04 -43.50
CA ARG G 27 33.86 -16.46 -43.96
C ARG G 27 33.67 -16.09 -45.41
N GLN G 28 32.81 -16.84 -46.09
CA GLN G 28 32.44 -16.57 -47.47
C GLN G 28 30.92 -16.46 -47.54
N ILE G 29 30.44 -15.72 -48.53
CA ILE G 29 29.03 -15.36 -48.63
C ILE G 29 28.41 -16.08 -49.82
N ALA G 30 27.30 -16.71 -49.60
CA ALA G 30 26.58 -17.37 -50.62
C ALA G 30 25.46 -16.46 -50.92
N ARG G 31 24.63 -16.73 -51.90
CA ARG G 31 23.50 -15.88 -52.23
C ARG G 31 22.47 -16.77 -52.76
N TYR G 32 21.27 -16.76 -52.24
CA TYR G 32 20.23 -17.61 -52.71
C TYR G 32 19.19 -16.82 -53.28
N ARG G 33 18.41 -17.42 -54.05
CA ARG G 33 17.32 -16.73 -54.74
C ARG G 33 16.04 -17.51 -54.56
N THR G 34 15.03 -16.87 -53.98
CA THR G 34 13.75 -17.51 -53.73
C THR G 34 12.88 -17.47 -54.97
N ASP G 35 11.60 -17.80 -54.82
CA ASP G 35 10.74 -17.92 -55.97
C ASP G 35 10.22 -16.56 -56.46
N ASN G 36 9.95 -15.63 -55.54
CA ASN G 36 9.46 -14.32 -55.95
C ASN G 36 10.58 -13.30 -56.09
N GLY G 37 11.64 -13.69 -56.79
CA GLY G 37 12.76 -12.82 -57.15
C GLY G 37 13.44 -12.04 -56.04
N GLU G 38 13.72 -12.69 -54.91
CA GLU G 38 14.40 -12.03 -53.80
C GLU G 38 15.78 -12.64 -53.65
N GLU G 39 16.71 -11.84 -53.11
CA GLU G 39 18.10 -12.24 -52.98
C GLU G 39 18.49 -12.19 -51.52
N PHE G 40 19.10 -13.28 -51.03
CA PHE G 40 19.48 -13.38 -49.63
C PHE G 40 20.93 -13.79 -49.51
N GLU G 41 21.69 -13.06 -48.71
CA GLU G 41 23.11 -13.31 -48.52
C GLU G 41 23.32 -14.03 -47.19
N VAL G 42 23.98 -15.18 -47.24
CA VAL G 42 24.20 -16.03 -46.08
C VAL G 42 25.70 -16.20 -45.89
N PRO G 43 26.26 -15.84 -44.73
CA PRO G 43 27.66 -16.17 -44.47
C PRO G 43 27.84 -17.62 -44.11
N PHE G 44 29.04 -18.13 -44.37
CA PHE G 44 29.38 -19.50 -44.08
C PHE G 44 30.86 -19.57 -43.77
N ALA G 45 31.25 -20.62 -43.05
CA ALA G 45 32.66 -20.89 -42.86
C ALA G 45 33.28 -21.37 -44.17
N ASP G 46 34.59 -21.20 -44.30
CA ASP G 46 35.27 -21.57 -45.53
C ASP G 46 35.36 -23.09 -45.66
N ASP G 47 35.49 -23.79 -44.53
CA ASP G 47 35.47 -25.25 -44.52
C ASP G 47 34.04 -25.71 -44.28
N ALA G 48 33.21 -25.50 -45.30
CA ALA G 48 31.79 -25.82 -45.22
C ALA G 48 31.23 -26.04 -46.62
N GLU G 49 30.50 -27.14 -46.80
CA GLU G 49 29.89 -27.46 -48.07
C GLU G 49 28.62 -26.62 -48.22
N ILE G 50 28.66 -25.66 -49.13
CA ILE G 50 27.56 -24.70 -49.31
C ILE G 50 26.39 -25.42 -49.97
N PRO G 51 25.23 -25.51 -49.33
CA PRO G 51 24.13 -26.29 -49.88
C PRO G 51 23.39 -25.57 -50.99
N GLY G 52 22.64 -26.34 -51.77
CA GLY G 52 21.97 -25.77 -52.93
C GLY G 52 20.73 -24.99 -52.56
N THR G 53 19.89 -25.56 -51.70
CA THR G 53 18.65 -24.91 -51.29
C THR G 53 18.77 -24.47 -49.83
N TRP G 54 18.17 -23.32 -49.54
CA TRP G 54 18.24 -22.73 -48.20
C TRP G 54 16.89 -22.15 -47.86
N LEU G 55 16.44 -22.38 -46.63
CA LEU G 55 15.17 -21.84 -46.16
C LEU G 55 15.43 -20.39 -45.76
N CYS G 56 15.02 -19.47 -46.62
CA CYS G 56 15.45 -18.09 -46.48
C CYS G 56 14.61 -17.36 -45.43
N ARG G 57 14.98 -16.09 -45.23
CA ARG G 57 14.29 -15.20 -44.31
C ARG G 57 12.87 -14.90 -44.73
N ASN G 58 12.57 -15.03 -46.03
CA ASN G 58 11.24 -14.77 -46.53
C ASN G 58 10.22 -15.79 -46.05
N GLY G 59 10.66 -16.98 -45.67
CA GLY G 59 9.78 -18.06 -45.27
C GLY G 59 9.62 -19.15 -46.30
N MET G 60 10.15 -18.96 -47.50
CA MET G 60 10.04 -19.94 -48.57
C MET G 60 11.43 -20.31 -49.04
N GLU G 61 11.55 -21.52 -49.60
CA GLU G 61 12.85 -22.05 -49.96
C GLU G 61 13.43 -21.36 -51.18
N GLY G 62 14.73 -21.14 -51.17
CA GLY G 62 15.41 -20.52 -52.29
C GLY G 62 16.65 -21.31 -52.68
N THR G 63 16.80 -21.54 -53.97
CA THR G 63 17.95 -22.27 -54.47
C THR G 63 19.14 -21.34 -54.62
N LEU G 64 20.30 -21.94 -54.86
CA LEU G 64 21.51 -21.16 -55.07
C LEU G 64 21.45 -20.47 -56.43
N ILE G 65 22.35 -19.49 -56.62
CA ILE G 65 22.33 -18.69 -57.84
C ILE G 65 22.99 -19.41 -59.01
N GLU G 66 23.66 -20.54 -58.77
CA GLU G 66 24.31 -21.29 -59.84
C GLU G 66 23.28 -22.19 -60.53
N GLY G 67 23.77 -23.04 -61.44
CA GLY G 67 22.91 -23.90 -62.24
C GLY G 67 23.13 -25.36 -61.98
N ASP G 68 23.26 -25.73 -60.70
CA ASP G 68 23.54 -27.11 -60.34
C ASP G 68 22.34 -28.01 -60.58
N LEU G 69 21.15 -27.55 -60.19
CA LEU G 69 19.91 -28.33 -60.22
C LEU G 69 20.06 -29.69 -59.52
N PRO G 70 20.12 -29.70 -58.18
CA PRO G 70 20.49 -30.95 -57.49
C PRO G 70 19.45 -32.06 -57.54
N GLU G 71 18.21 -31.80 -57.12
CA GLU G 71 17.26 -32.88 -56.91
C GLU G 71 15.84 -32.35 -56.91
N PRO G 72 14.93 -32.98 -57.66
CA PRO G 72 13.50 -32.86 -57.35
C PRO G 72 13.06 -33.95 -56.39
N LYS G 73 13.91 -34.99 -56.26
CA LYS G 73 13.83 -36.06 -55.26
C LYS G 73 12.61 -36.97 -55.42
N LYS G 74 11.89 -36.83 -56.55
CA LYS G 74 10.75 -37.68 -56.93
C LYS G 74 9.66 -37.71 -55.87
N VAL G 75 9.32 -36.58 -55.26
CA VAL G 75 8.31 -36.59 -54.21
C VAL G 75 6.94 -36.64 -54.80
N LYS G 76 6.03 -37.46 -54.30
CA LYS G 76 4.69 -37.49 -54.93
C LYS G 76 3.57 -36.56 -54.37
N PRO G 77 2.32 -36.80 -54.78
CA PRO G 77 1.11 -36.02 -54.47
C PRO G 77 0.81 -35.97 -53.06
N PRO G 78 0.33 -37.07 -52.46
CA PRO G 78 -0.18 -38.27 -51.79
C PRO G 78 -1.40 -38.98 -52.33
N ARG G 79 -2.52 -38.84 -51.65
CA ARG G 79 -3.76 -39.48 -52.06
C ARG G 79 -4.62 -38.46 -52.78
N THR G 80 -5.00 -38.69 -53.95
CA THR G 80 -5.57 -37.54 -54.45
C THR G 80 -6.91 -37.95 -54.74
N HIS G 81 -7.72 -38.21 -53.73
CA HIS G 81 -9.07 -38.77 -53.90
C HIS G 81 -9.01 -39.98 -54.73
N TRP G 82 -9.15 -39.81 -56.08
CA TRP G 82 -9.03 -40.77 -57.16
C TRP G 82 -8.30 -41.91 -56.67
N ASP G 83 -7.11 -41.60 -56.26
CA ASP G 83 -6.42 -42.81 -55.81
C ASP G 83 -7.25 -43.57 -54.80
N MET G 84 -7.95 -42.84 -53.91
CA MET G 84 -8.84 -43.50 -52.95
C MET G 84 -10.09 -44.03 -53.62
N LEU G 85 -10.40 -43.58 -54.84
CA LEU G 85 -11.48 -44.21 -55.58
C LEU G 85 -10.99 -45.42 -56.35
N LEU G 86 -9.78 -45.34 -56.92
CA LEU G 86 -9.28 -46.41 -57.77
C LEU G 86 -8.82 -47.60 -56.94
N GLU G 87 -8.49 -47.36 -55.67
CA GLU G 87 -8.00 -48.46 -54.85
C GLU G 87 -9.14 -49.33 -54.34
N ARG G 88 -10.36 -48.79 -54.29
CA ARG G 88 -11.50 -49.55 -53.78
C ARG G 88 -12.46 -49.97 -54.88
N ARG G 89 -12.44 -49.29 -56.02
CA ARG G 89 -13.33 -49.60 -57.13
C ARG G 89 -12.52 -49.64 -58.41
N SER G 90 -12.81 -50.63 -59.25
CA SER G 90 -12.01 -50.90 -60.43
C SER G 90 -12.59 -50.19 -61.65
N ILE G 91 -11.84 -50.26 -62.75
CA ILE G 91 -12.14 -49.46 -63.93
C ILE G 91 -13.37 -49.99 -64.67
N GLU G 92 -13.57 -51.31 -64.67
CA GLU G 92 -14.74 -51.87 -65.35
C GLU G 92 -16.03 -51.51 -64.63
N GLU G 93 -15.98 -51.38 -63.31
CA GLU G 93 -17.17 -51.02 -62.56
C GLU G 93 -17.49 -49.54 -62.72
N LEU G 94 -16.48 -48.73 -63.03
CA LEU G 94 -16.72 -47.30 -63.22
C LEU G 94 -17.17 -47.00 -64.64
N GLU G 95 -16.55 -47.66 -65.62
CA GLU G 95 -16.89 -47.43 -67.03
C GLU G 95 -18.31 -47.91 -67.34
N GLU G 96 -18.73 -48.99 -66.71
CA GLU G 96 -20.11 -49.44 -66.83
C GLU G 96 -21.05 -48.66 -65.92
N LEU G 97 -20.54 -47.74 -65.11
CA LEU G 97 -21.38 -46.83 -64.33
C LEU G 97 -21.48 -45.45 -64.95
N LEU G 98 -20.33 -44.87 -65.32
CA LEU G 98 -20.27 -43.51 -65.86
C LEU G 98 -21.11 -43.38 -67.13
N LYS G 99 -20.95 -44.33 -68.06
CA LYS G 99 -21.76 -44.38 -69.26
C LYS G 99 -23.25 -44.48 -68.91
N GLU G 100 -23.56 -45.27 -67.88
CA GLU G 100 -24.90 -45.37 -67.30
C GLU G 100 -25.41 -43.99 -66.93
N ARG G 101 -24.60 -43.25 -66.16
CA ARG G 101 -24.95 -41.89 -65.78
C ARG G 101 -25.02 -41.00 -67.01
N LEU G 102 -24.16 -41.27 -68.00
CA LEU G 102 -24.17 -40.52 -69.24
C LEU G 102 -25.48 -40.72 -69.99
N GLU G 103 -26.03 -41.94 -69.94
CA GLU G 103 -27.29 -42.19 -70.60
C GLU G 103 -28.44 -41.53 -69.85
N LEU G 104 -28.25 -41.30 -68.54
CA LEU G 104 -29.25 -40.54 -67.79
C LEU G 104 -29.22 -39.07 -68.17
N ILE G 105 -28.12 -38.60 -68.77
CA ILE G 105 -28.13 -37.23 -69.30
C ILE G 105 -28.90 -37.19 -70.61
N ARG G 106 -29.02 -38.33 -71.29
CA ARG G 106 -29.69 -38.34 -72.58
C ARG G 106 -31.20 -38.48 -72.41
N SER G 107 -31.63 -39.28 -71.43
CA SER G 107 -33.04 -39.55 -71.25
C SER G 107 -33.75 -38.44 -70.48
N ARG G 108 -33.06 -37.83 -69.52
CA ARG G 108 -33.69 -36.79 -68.71
C ARG G 108 -33.82 -35.48 -69.50
N ARG G 109 -32.97 -35.29 -70.51
CA ARG G 109 -32.95 -34.03 -71.25
C ARG G 109 -34.19 -33.88 -72.13
N ARG G 110 -34.69 -35.00 -72.66
CA ARG G 110 -35.87 -34.98 -73.51
C ARG G 110 -37.10 -35.60 -72.85
N GLY G 111 -36.92 -36.29 -71.73
CA GLY G 111 -38.03 -36.95 -71.06
C GLY G 111 -38.44 -38.26 -71.69
#